data_6B44
#
_entry.id   6B44
#
_cell.length_a   1
_cell.length_b   1
_cell.length_c   1
_cell.angle_alpha   90.00
_cell.angle_beta   90.00
_cell.angle_gamma   90.00
#
_symmetry.space_group_name_H-M   'P 1'
#
loop_
_entity.id
_entity.type
_entity.pdbx_description
1 polymer 'CRISPR-associated protein Csy1'
2 polymer 'CRISPR-associated protein Csy2'
3 polymer 'CRISPR-associated protein Csy3'
4 polymer 'CRISPR-associated endonuclease Cas6/Csy4'
5 polymer 'Pseudomonas aeruginosa strain SMC4485 CRISPR repeat sequence'
6 polymer 'Target DNA strand (41-MER)'
7 polymer "Non-target DNA strand (5'-D(P*CP*AP*GP*TP*CP*AP*TP*CP*AP*CP*CP*AP*A)-3')"
#
loop_
_entity_poly.entity_id
_entity_poly.type
_entity_poly.pdbx_seq_one_letter_code
_entity_poly.pdbx_strand_id
1 'polypeptide(L)'
;GSMTSPLPTPTWQELRQFIESFIQERLQGKLDKLQPDEDDKRQTLLATHRREAWLADAARRVGQLQLVTHTLKPIHPDAR
GSNLHSLPQAPGQPGLAGSHELGDRLVSDVVGNAAALDVFKFLSLQYQGKNLLNWLTEDSAEALQALSDNAEQAREWRQA
FIGITTVKGAPASHSLAKQLYFPLPGSGYHLLAPLFPTSLVHHVHALLREARFGDAAKAAREARSRQESWPHGFSEYPNL
AIQKFGGTKPQNISQLNNERRGENWLLPSLPPNWQRQNVNAPMRHSSVFEHDFGRTPEVSRLTRTLQRFLAKTVHNNLAI
RQRRAQLVAQICDEALQYAARLRELEPGWSATPGCQLHDAEQLWLDPLRAQTDETFLQRRLRGDWPAEVGNRFANWLNRA
VSSDSQILGSPEAAQWSQELSKELTMFKEILEDERD
;
A
2 'polypeptide(L)'
;MAMSVTDPEALLLLPRLSIQNANAISSPLTWGFPSPGAFTGFVHALQRRVGISLDIELDGVGIVCHRFEAQISQPAGKRT
KVFNLTRNPLNRDGSTAAIVEEGRAHLEVSLLLGVHGDGLDDHPAQEIARQVQEQAGAMRLAGGSILPWCNERFPAPNAE
LLMLGGSDEQRRKNQRRLTRRLLPGFALVSREALLQQHLETLRTTLPEATTLDALLDLCRINFEPPATSSEEEASPPDAA
WQVRDKPGWLVPIPAGYNALSPLYLPGEVRNARDRETPLRFVENLFGLGEWLSPHRVAALSDLLWYHHAEPDKGLYRWST
PRFVEHAIA
;
B
3 'polypeptide(L)'
;MAMSKPILSTASVLAFERKLDPSDALMSAGAWAQRDASQEWPAVTVREKSVRGTISNRLKTKDRDPAKLDASIQSPNLQT
VDVANLPSDADTLKVRFTLRVLGGAGTPSACNDAAYRDKLLQTVATYVNDQGFAELARRYAHNLANARFLWRNRVGAEAV
EVRINHIRQGEVARAWRFDALAIGLRDFKADAELDALAELIASGLSGSGHVLLEVVAFARIGDGQEVFPSQELILDKGDK
KGQKSKTLYSVRDAAAIHSQKIGNALRTIDTWYPDEDGLGPIAVEPYGSVTSQGKAYRQPKQKLDFYTLLDNWVLRDEAP
AVEQQHYVIANLIRGGVFGEAEEK
;
C,D,E,F,G,H
4 'polypeptide(L)'
;MAMDHYLDIRLRPDPEFPPAQLMSVLFGKLHQALVAQGGDRIGVSFPDLDESRSRLGERLRIHASADDLRALLARPWLEG
LRDHLQFGEPAVVPHPTPYRQVSRVQAKSNPERLRRRLMRRHDLSEEEARKRIPDTVARALDLPFVTLRSQSTGQHFRLF
IRHGPLQVTAEEGGFTCYGLSKGGFVPWF
;
L
5 'polyribonucleotide' CUAAGAAAUUCACGGCGGGCUUGAUGUCCGCGUCUACCUGGUUCACUGCCGUGUAGGCAG M
6 'polydeoxyribonucleotide'
;(DC)(DA)(DG)(DG)(DT)(DA)(DG)(DA)(DC)(DG)(DC)(DG)(DG)(DA)(DC)(DA)(DT)(DC)(DA)(DA)
(DG)(DC)(DC)(DC)(DG)(DC)(DC)(DG)(DT)(DG)(DA)(DA)(DG)(DG)(DT)(DG)(DA)(DT)(DG)(DA)
(DC)(DT)(DG)(DC)(DA)(DC)(DA)(DG)(DA)
;
N
7 'polydeoxyribonucleotide'
;(DT)(DC)(DT)(DG)(DT)(DG)(DC)(DA)(DG)(DT)(DC)(DA)(DT)(DC)(DA)(DC)(DC)(DA)(DA)(DT)
(DT)(DT)(DA)(DT)(DT)(DT)(DA)
;
O
#
loop_
_chem_comp.id
_chem_comp.type
_chem_comp.name
_chem_comp.formula
A RNA linking ADENOSINE-5'-MONOPHOSPHATE 'C10 H14 N5 O7 P'
C RNA linking CYTIDINE-5'-MONOPHOSPHATE 'C9 H14 N3 O8 P'
DA DNA linking 2'-DEOXYADENOSINE-5'-MONOPHOSPHATE 'C10 H14 N5 O6 P'
DC DNA linking 2'-DEOXYCYTIDINE-5'-MONOPHOSPHATE 'C9 H14 N3 O7 P'
DG DNA linking 2'-DEOXYGUANOSINE-5'-MONOPHOSPHATE 'C10 H14 N5 O7 P'
DT DNA linking THYMIDINE-5'-MONOPHOSPHATE 'C10 H15 N2 O8 P'
G RNA linking GUANOSINE-5'-MONOPHOSPHATE 'C10 H14 N5 O8 P'
U RNA linking URIDINE-5'-MONOPHOSPHATE 'C9 H13 N2 O9 P'
#
# COMPACT_ATOMS: atom_id res chain seq x y z
N GLN A 13 -29.43 32.90 76.79
CA GLN A 13 -28.34 31.99 76.50
C GLN A 13 -28.85 30.68 75.94
N GLU A 14 -29.41 30.74 74.72
CA GLU A 14 -30.01 29.60 74.03
C GLU A 14 -29.00 28.85 73.16
N LEU A 15 -27.72 28.87 73.54
CA LEU A 15 -26.64 28.23 72.80
C LEU A 15 -25.87 27.27 73.71
N ARG A 16 -26.59 26.44 74.44
CA ARG A 16 -26.02 25.30 75.14
C ARG A 16 -26.47 23.97 74.55
N GLN A 17 -27.49 23.98 73.68
CA GLN A 17 -27.92 22.78 72.98
C GLN A 17 -26.88 22.27 72.00
N PHE A 18 -25.94 23.11 71.58
CA PHE A 18 -24.78 22.62 70.84
C PHE A 18 -23.90 21.74 71.72
N ILE A 19 -23.74 22.12 73.00
CA ILE A 19 -23.02 21.28 73.95
C ILE A 19 -23.79 20.01 74.23
N GLU A 20 -25.13 20.11 74.26
CA GLU A 20 -25.96 18.92 74.44
C GLU A 20 -25.85 17.96 73.26
N SER A 21 -25.89 18.48 72.03
CA SER A 21 -25.75 17.65 70.84
C SER A 21 -24.32 17.16 70.62
N PHE A 22 -23.33 17.80 71.25
CA PHE A 22 -21.98 17.26 71.20
C PHE A 22 -21.78 16.15 72.24
N ILE A 23 -22.40 16.27 73.41
CA ILE A 23 -22.21 15.28 74.45
C ILE A 23 -23.14 14.08 74.24
N GLN A 24 -24.45 14.33 74.32
CA GLN A 24 -25.43 13.25 74.24
C GLN A 24 -25.52 12.66 72.84
N GLU A 25 -25.16 13.42 71.81
CA GLU A 25 -25.15 12.87 70.45
C GLU A 25 -24.06 11.81 70.29
N ARG A 26 -22.87 12.07 70.84
CA ARG A 26 -21.81 11.08 70.82
C ARG A 26 -22.08 9.93 71.79
N LEU A 27 -22.77 10.22 72.91
CA LEU A 27 -23.10 9.16 73.86
C LEU A 27 -24.15 8.21 73.33
N GLN A 28 -25.13 8.73 72.58
CA GLN A 28 -26.11 7.88 71.91
C GLN A 28 -25.59 7.28 70.62
N GLY A 29 -24.57 7.88 70.01
CA GLY A 29 -23.89 7.26 68.88
C GLY A 29 -23.10 6.02 69.25
N LYS A 30 -22.77 5.87 70.53
CA LYS A 30 -22.20 4.63 71.06
C LYS A 30 -23.29 3.66 71.52
N LEU A 31 -24.25 3.39 70.63
CA LEU A 31 -25.26 2.36 70.85
C LEU A 31 -24.98 1.11 70.04
N ASP A 32 -24.23 1.22 68.95
CA ASP A 32 -23.77 0.06 68.20
C ASP A 32 -22.58 -0.62 68.84
N LYS A 33 -21.84 0.10 69.69
CA LYS A 33 -20.71 -0.47 70.41
C LYS A 33 -21.24 -1.27 71.61
N LEU A 34 -21.76 -2.46 71.30
CA LEU A 34 -22.38 -3.33 72.30
C LEU A 34 -21.56 -4.61 72.38
N GLN A 35 -20.94 -4.83 73.54
CA GLN A 35 -20.19 -6.05 73.80
C GLN A 35 -20.73 -6.69 75.06
N PRO A 36 -21.52 -7.76 74.96
CA PRO A 36 -22.16 -8.32 76.17
C PRO A 36 -21.26 -9.21 77.02
N ASP A 37 -19.94 -9.21 76.79
CA ASP A 37 -19.03 -10.04 77.55
C ASP A 37 -18.18 -9.24 78.54
N GLU A 38 -17.76 -8.03 78.17
CA GLU A 38 -16.90 -7.23 79.03
C GLU A 38 -17.22 -5.74 79.00
N ASP A 39 -18.48 -5.37 78.78
CA ASP A 39 -18.87 -3.96 78.77
C ASP A 39 -19.32 -3.46 80.13
N ASP A 40 -19.22 -4.28 81.19
CA ASP A 40 -19.81 -3.98 82.49
C ASP A 40 -19.17 -2.81 83.22
N LYS A 41 -18.00 -2.36 82.77
CA LYS A 41 -17.44 -1.09 83.22
C LYS A 41 -17.34 -0.07 82.09
N ARG A 42 -17.23 -0.54 80.85
CA ARG A 42 -17.05 0.36 79.71
C ARG A 42 -18.31 1.17 79.44
N GLN A 43 -19.49 0.55 79.53
CA GLN A 43 -20.74 1.25 79.28
C GLN A 43 -21.02 2.28 80.37
N THR A 44 -20.79 1.90 81.63
CA THR A 44 -21.00 2.81 82.75
C THR A 44 -20.03 3.99 82.70
N LEU A 45 -18.75 3.72 82.43
CA LEU A 45 -17.77 4.78 82.34
C LEU A 45 -18.02 5.68 81.12
N LEU A 46 -18.53 5.11 80.02
CA LEU A 46 -18.85 5.92 78.86
C LEU A 46 -20.03 6.84 79.13
N ALA A 47 -21.06 6.33 79.84
CA ALA A 47 -22.20 7.17 80.18
C ALA A 47 -21.82 8.24 81.21
N THR A 48 -20.89 7.94 82.11
CA THR A 48 -20.49 8.91 83.13
C THR A 48 -19.56 9.97 82.55
N HIS A 49 -18.41 9.56 82.03
CA HIS A 49 -17.39 10.49 81.55
C HIS A 49 -17.63 10.99 80.13
N ARG A 50 -18.65 10.47 79.44
CA ARG A 50 -18.97 10.98 78.11
C ARG A 50 -19.56 12.38 78.16
N ARG A 51 -20.24 12.72 79.25
CA ARG A 51 -20.79 14.06 79.41
C ARG A 51 -19.88 14.94 80.26
N GLU A 52 -19.67 14.56 81.52
CA GLU A 52 -19.01 15.43 82.48
C GLU A 52 -17.50 15.51 82.21
N ALA A 53 -16.86 14.37 81.97
CA ALA A 53 -15.44 14.32 81.66
C ALA A 53 -15.14 14.64 80.20
N TRP A 54 -16.16 14.95 79.41
CA TRP A 54 -15.94 15.33 78.01
C TRP A 54 -15.27 16.69 77.90
N LEU A 55 -15.60 17.61 78.81
CA LEU A 55 -14.88 18.88 78.85
C LEU A 55 -13.43 18.69 79.29
N ALA A 56 -13.18 17.71 80.18
CA ALA A 56 -11.80 17.41 80.57
C ALA A 56 -11.02 16.80 79.42
N ASP A 57 -11.66 15.91 78.66
CA ASP A 57 -11.03 15.33 77.47
C ASP A 57 -10.80 16.36 76.38
N ALA A 58 -11.72 17.32 76.24
CA ALA A 58 -11.58 18.40 75.26
C ALA A 58 -10.69 19.52 75.76
N ALA A 59 -10.26 19.49 77.01
CA ALA A 59 -9.22 20.39 77.48
C ALA A 59 -7.84 19.75 77.36
N ARG A 60 -7.70 18.49 77.77
CA ARG A 60 -6.41 17.81 77.70
C ARG A 60 -6.06 17.44 76.27
N ARG A 61 -7.05 17.11 75.45
CA ARG A 61 -6.89 16.82 74.04
C ARG A 61 -7.27 18.01 73.17
N VAL A 62 -7.13 19.23 73.69
CA VAL A 62 -7.21 20.43 72.87
C VAL A 62 -5.83 20.97 72.54
N GLY A 63 -4.77 20.44 73.14
CA GLY A 63 -3.42 20.90 72.94
C GLY A 63 -2.53 20.01 72.11
N GLN A 64 -3.10 19.05 71.38
CA GLN A 64 -2.31 18.23 70.48
C GLN A 64 -2.26 18.76 69.05
N LEU A 65 -3.11 19.74 68.72
CA LEU A 65 -3.30 20.22 67.36
C LEU A 65 -2.91 21.68 67.23
N GLN A 66 -3.00 22.18 66.01
CA GLN A 66 -2.74 23.59 65.70
C GLN A 66 -3.38 23.91 64.36
N LEU A 67 -3.56 25.21 64.11
CA LEU A 67 -4.04 25.67 62.81
C LEU A 67 -2.85 25.84 61.89
N VAL A 68 -3.08 25.63 60.58
CA VAL A 68 -1.99 25.54 59.63
C VAL A 68 -2.34 26.20 58.31
N THR A 69 -1.31 26.62 57.59
CA THR A 69 -1.40 26.98 56.19
C THR A 69 -0.19 26.54 55.40
N HIS A 70 0.77 25.85 56.04
CA HIS A 70 2.01 25.39 55.42
C HIS A 70 2.36 23.99 55.95
N THR A 71 1.40 23.07 55.90
CA THR A 71 1.58 21.75 56.50
C THR A 71 2.69 20.96 55.79
N LEU A 72 3.35 20.09 56.56
CA LEU A 72 4.42 19.23 56.05
C LEU A 72 4.10 17.75 56.17
N LYS A 73 2.96 17.40 56.77
CA LYS A 73 2.48 16.03 56.86
C LYS A 73 2.09 15.52 55.49
N PRO A 74 1.72 16.41 54.55
CA PRO A 74 1.32 15.96 53.22
C PRO A 74 2.47 15.79 52.25
N ILE A 75 3.71 15.74 52.74
CA ILE A 75 4.88 15.58 51.90
C ILE A 75 5.78 14.41 52.30
N HIS A 76 5.40 13.66 53.33
CA HIS A 76 6.16 12.53 53.85
C HIS A 76 5.25 11.87 54.87
N PRO A 77 5.35 10.56 55.08
CA PRO A 77 4.40 9.86 55.97
C PRO A 77 4.50 10.28 57.44
N ASP A 78 5.67 10.11 58.04
CA ASP A 78 5.87 10.38 59.46
C ASP A 78 6.89 11.48 59.72
N ALA A 79 6.95 12.48 58.86
CA ALA A 79 7.92 13.57 59.02
C ALA A 79 7.46 14.54 60.09
N ARG A 80 7.78 14.23 61.34
CA ARG A 80 7.42 15.05 62.48
C ARG A 80 8.26 16.32 62.48
N GLY A 81 7.62 17.45 62.16
CA GLY A 81 8.30 18.71 62.14
C GLY A 81 7.44 19.85 62.66
N SER A 82 7.68 21.06 62.16
CA SER A 82 6.89 22.23 62.53
C SER A 82 6.18 22.76 61.28
N ASN A 83 4.88 22.97 61.38
CA ASN A 83 4.07 23.44 60.28
C ASN A 83 3.89 24.95 60.38
N LEU A 84 3.80 25.61 59.24
CA LEU A 84 3.59 27.06 59.22
C LEU A 84 2.14 27.37 59.59
N HIS A 85 1.89 28.64 59.94
CA HIS A 85 0.56 29.04 60.37
C HIS A 85 0.14 30.41 59.85
N SER A 86 0.96 31.05 59.01
CA SER A 86 0.68 32.39 58.52
C SER A 86 0.74 32.41 56.99
N LEU A 87 -0.06 33.30 56.39
CA LEU A 87 -0.13 33.39 54.95
C LEU A 87 1.13 34.04 54.38
N PRO A 88 1.54 33.66 53.17
CA PRO A 88 2.70 34.31 52.54
C PRO A 88 2.36 35.72 52.07
N GLN A 89 3.41 36.47 51.77
CA GLN A 89 3.26 37.89 51.41
C GLN A 89 2.80 38.08 49.97
N ALA A 90 2.90 39.31 49.46
CA ALA A 90 2.55 39.58 48.07
C ALA A 90 3.80 39.54 47.20
N PRO A 91 3.78 38.86 46.06
CA PRO A 91 4.96 38.86 45.18
C PRO A 91 5.10 40.20 44.46
N GLY A 92 6.31 40.75 44.48
CA GLY A 92 6.55 42.10 43.99
C GLY A 92 6.74 42.26 42.50
N GLN A 93 6.57 41.22 41.72
CA GLN A 93 6.70 41.29 40.27
C GLN A 93 5.33 41.15 39.61
N PRO A 94 5.21 41.55 38.36
CA PRO A 94 3.92 41.36 37.66
C PRO A 94 3.85 40.08 36.85
N GLY A 95 2.81 39.28 37.07
CA GLY A 95 2.55 38.13 36.22
C GLY A 95 2.67 36.77 36.88
N LEU A 96 2.55 36.64 38.19
CA LEU A 96 2.67 35.34 38.84
C LEU A 96 2.09 35.44 40.24
N ALA A 97 1.02 34.70 40.50
CA ALA A 97 0.29 34.78 41.76
C ALA A 97 -0.04 33.36 42.22
N GLY A 98 -0.13 33.19 43.53
CA GLY A 98 -0.24 31.88 44.14
C GLY A 98 -0.87 31.92 45.51
N SER A 99 -0.30 31.17 46.45
CA SER A 99 -0.91 30.91 47.76
C SER A 99 -0.76 32.05 48.75
N HIS A 100 -0.47 33.27 48.30
CA HIS A 100 -0.45 34.44 49.16
C HIS A 100 -1.49 35.48 48.77
N GLU A 101 -1.73 35.68 47.47
CA GLU A 101 -2.77 36.58 46.99
C GLU A 101 -4.12 35.90 46.85
N LEU A 102 -4.35 34.83 47.61
CA LEU A 102 -5.66 34.19 47.65
C LEU A 102 -6.60 35.02 48.50
N GLY A 103 -7.90 34.79 48.34
CA GLY A 103 -8.91 35.61 48.99
C GLY A 103 -9.01 35.46 50.49
N ASP A 104 -9.92 36.23 51.08
CA ASP A 104 -10.17 36.20 52.52
C ASP A 104 -11.16 35.11 52.92
N ARG A 105 -11.52 34.23 52.00
CA ARG A 105 -12.35 33.06 52.27
C ARG A 105 -11.52 31.81 52.52
N LEU A 106 -10.33 31.96 53.10
CA LEU A 106 -9.43 30.86 53.33
C LEU A 106 -9.91 29.97 54.46
N VAL A 107 -9.36 28.76 54.51
CA VAL A 107 -9.74 27.77 55.52
C VAL A 107 -8.45 27.12 56.02
N SER A 108 -8.19 27.26 57.32
CA SER A 108 -7.00 26.68 57.94
C SER A 108 -7.32 25.26 58.38
N ASP A 109 -6.62 24.28 57.80
CA ASP A 109 -6.74 22.90 58.24
C ASP A 109 -6.08 22.74 59.62
N VAL A 110 -6.49 21.69 60.33
CA VAL A 110 -6.08 21.48 61.70
C VAL A 110 -5.26 20.19 61.74
N VAL A 111 -3.94 20.32 61.66
CA VAL A 111 -3.03 19.18 61.80
C VAL A 111 -2.76 18.94 63.26
N GLY A 112 -2.64 17.67 63.65
CA GLY A 112 -2.39 17.36 65.05
C GLY A 112 -2.42 15.86 65.28
N ASN A 113 -2.86 15.49 66.48
CA ASN A 113 -2.98 14.08 66.84
C ASN A 113 -4.17 13.48 66.10
N ALA A 114 -3.93 12.35 65.43
CA ALA A 114 -4.97 11.74 64.60
C ALA A 114 -6.09 11.17 65.46
N ALA A 115 -5.75 10.62 66.63
CA ALA A 115 -6.76 10.13 67.55
C ALA A 115 -7.20 11.20 68.55
N ALA A 116 -7.14 12.47 68.18
CA ALA A 116 -7.61 13.57 69.01
C ALA A 116 -8.33 14.63 68.21
N LEU A 117 -8.58 14.40 66.93
CA LEU A 117 -9.24 15.36 66.06
C LEU A 117 -10.76 15.25 66.07
N ASP A 118 -11.33 14.72 67.15
CA ASP A 118 -12.77 14.64 67.31
C ASP A 118 -13.30 15.75 68.21
N VAL A 119 -12.50 16.17 69.20
CA VAL A 119 -12.86 17.32 70.01
C VAL A 119 -12.72 18.62 69.23
N PHE A 120 -11.97 18.61 68.13
CA PHE A 120 -11.87 19.77 67.26
C PHE A 120 -13.19 20.07 66.58
N LYS A 121 -14.01 19.04 66.31
CA LYS A 121 -15.35 19.27 65.76
C LYS A 121 -16.25 19.97 66.76
N PHE A 122 -16.16 19.57 68.04
CA PHE A 122 -16.94 20.23 69.07
C PHE A 122 -16.44 21.64 69.36
N LEU A 123 -15.14 21.88 69.18
CA LEU A 123 -14.60 23.22 69.37
C LEU A 123 -14.89 24.12 68.18
N SER A 124 -15.07 23.56 66.98
CA SER A 124 -15.27 24.34 65.77
C SER A 124 -16.69 24.33 65.26
N LEU A 125 -17.63 23.69 65.98
CA LEU A 125 -19.04 23.84 65.66
C LEU A 125 -19.61 25.21 66.03
N GLN A 126 -18.85 26.05 66.75
CA GLN A 126 -19.29 27.39 67.12
C GLN A 126 -19.21 28.38 65.97
N TYR A 127 -18.63 28.00 64.85
CA TYR A 127 -18.74 28.75 63.60
C TYR A 127 -19.87 28.22 62.72
N GLN A 128 -20.75 27.41 63.29
CA GLN A 128 -21.95 26.91 62.62
C GLN A 128 -23.16 27.37 63.44
N GLY A 129 -24.10 28.02 62.78
CA GLY A 129 -25.30 28.49 63.44
C GLY A 129 -25.22 29.91 63.93
N LYS A 130 -24.44 30.14 64.97
CA LYS A 130 -24.28 31.48 65.52
C LYS A 130 -23.12 32.19 64.80
N ASN A 131 -22.67 33.31 65.37
CA ASN A 131 -21.43 33.96 64.98
C ASN A 131 -20.43 33.93 66.12
N LEU A 132 -20.52 32.92 66.99
CA LEU A 132 -19.76 32.85 68.23
C LEU A 132 -18.62 31.84 68.16
N LEU A 133 -18.00 31.69 66.99
CA LEU A 133 -16.75 30.95 66.91
C LEU A 133 -15.62 31.70 67.59
N ASN A 134 -15.64 33.03 67.52
CA ASN A 134 -14.71 33.88 68.26
C ASN A 134 -15.31 34.35 69.56
N TRP A 135 -16.09 33.49 70.22
CA TRP A 135 -16.62 33.74 71.55
C TRP A 135 -16.06 32.79 72.60
N LEU A 136 -15.43 31.69 72.19
CA LEU A 136 -14.95 30.71 73.14
C LEU A 136 -13.67 31.17 73.84
N THR A 137 -12.64 31.56 73.09
CA THR A 137 -11.39 32.00 73.68
C THR A 137 -11.51 33.43 74.23
N GLU A 138 -11.73 34.39 73.35
CA GLU A 138 -11.95 35.77 73.76
C GLU A 138 -13.41 36.12 73.52
N ASP A 139 -13.91 37.08 74.30
CA ASP A 139 -15.34 37.44 74.31
C ASP A 139 -16.19 36.29 74.82
N SER A 140 -15.87 35.87 76.05
CA SER A 140 -16.54 34.75 76.69
C SER A 140 -17.90 35.12 77.28
N ALA A 141 -18.43 36.31 76.99
CA ALA A 141 -19.82 36.61 77.26
C ALA A 141 -20.74 35.72 76.43
N GLU A 142 -20.30 35.27 75.26
CA GLU A 142 -20.98 34.22 74.50
C GLU A 142 -20.58 32.82 74.93
N ALA A 143 -19.87 32.69 76.06
CA ALA A 143 -19.54 31.40 76.65
C ALA A 143 -19.82 31.35 78.14
N LEU A 144 -20.51 32.34 78.69
CA LEU A 144 -20.88 32.32 80.09
C LEU A 144 -22.36 31.96 80.28
N GLN A 145 -23.23 32.45 79.41
CA GLN A 145 -24.68 32.30 79.58
C GLN A 145 -25.21 30.96 79.10
N ALA A 146 -24.62 30.39 78.06
CA ALA A 146 -25.08 29.10 77.57
C ALA A 146 -24.02 28.02 77.78
N LEU A 147 -22.84 28.42 78.26
CA LEU A 147 -21.86 27.44 78.70
C LEU A 147 -22.32 26.73 79.97
N SER A 148 -22.71 27.50 80.99
CA SER A 148 -23.18 26.95 82.26
C SER A 148 -22.05 26.29 83.04
N ASP A 149 -20.90 26.95 83.10
CA ASP A 149 -19.77 26.49 83.89
C ASP A 149 -19.33 27.57 84.86
N ASN A 150 -18.50 27.18 85.82
CA ASN A 150 -18.00 28.09 86.83
C ASN A 150 -16.83 28.91 86.28
N ALA A 151 -16.20 29.70 87.15
CA ALA A 151 -15.09 30.55 86.71
C ALA A 151 -13.86 29.73 86.38
N GLU A 152 -13.62 28.64 87.12
CA GLU A 152 -12.53 27.72 86.79
C GLU A 152 -12.73 27.03 85.45
N GLN A 153 -13.95 26.57 85.16
CA GLN A 153 -14.27 25.95 83.88
C GLN A 153 -14.24 26.93 82.72
N ALA A 154 -14.77 28.14 82.91
CA ALA A 154 -14.73 29.15 81.85
C ALA A 154 -13.31 29.61 81.56
N ARG A 155 -12.50 29.78 82.61
CA ARG A 155 -11.09 30.14 82.43
C ARG A 155 -10.29 29.00 81.79
N GLU A 156 -10.58 27.75 82.16
CA GLU A 156 -9.87 26.62 81.57
C GLU A 156 -10.24 26.44 80.10
N TRP A 157 -11.51 26.68 79.75
CA TRP A 157 -11.90 26.62 78.35
C TRP A 157 -11.27 27.74 77.54
N ARG A 158 -11.25 28.97 78.09
CA ARG A 158 -10.65 30.09 77.38
C ARG A 158 -9.13 29.98 77.28
N GLN A 159 -8.51 29.22 78.18
CA GLN A 159 -7.07 28.98 78.08
C GLN A 159 -6.76 27.86 77.10
N ALA A 160 -7.53 26.77 77.14
CA ALA A 160 -7.27 25.63 76.27
C ALA A 160 -7.66 25.89 74.82
N PHE A 161 -8.62 26.78 74.56
CA PHE A 161 -9.04 27.09 73.21
C PHE A 161 -8.10 28.06 72.50
N ILE A 162 -7.13 28.63 73.21
CA ILE A 162 -6.14 29.50 72.58
C ILE A 162 -4.96 28.72 72.01
N GLY A 163 -4.79 27.46 72.39
CA GLY A 163 -3.72 26.62 71.90
C GLY A 163 -3.94 26.04 70.53
N ILE A 164 -5.07 26.34 69.88
CA ILE A 164 -5.28 25.93 68.51
C ILE A 164 -4.64 26.92 67.55
N THR A 165 -5.10 28.17 67.58
CA THR A 165 -4.63 29.19 66.64
C THR A 165 -3.22 29.68 66.96
N THR A 166 -2.78 29.55 68.21
CA THR A 166 -1.44 29.95 68.59
C THR A 166 -0.47 28.82 68.28
N VAL A 167 0.76 28.93 68.80
CA VAL A 167 1.77 27.92 68.54
C VAL A 167 1.47 26.66 69.33
N LYS A 168 1.76 25.51 68.73
CA LYS A 168 1.65 24.22 69.39
C LYS A 168 3.00 23.69 69.85
N GLY A 169 4.03 23.83 69.01
CA GLY A 169 5.37 23.36 69.35
C GLY A 169 6.45 24.29 68.85
N ALA A 170 7.70 23.83 68.92
CA ALA A 170 8.86 24.63 68.55
C ALA A 170 9.05 24.65 67.03
N PRO A 171 9.55 25.78 66.48
CA PRO A 171 9.83 25.83 65.04
C PRO A 171 11.06 25.06 64.62
N ALA A 172 10.88 24.07 63.73
CA ALA A 172 11.92 23.13 63.38
C ALA A 172 11.66 22.62 61.97
N SER A 173 12.38 21.56 61.61
CA SER A 173 12.25 20.90 60.31
C SER A 173 12.47 19.42 60.53
N HIS A 174 12.73 18.67 59.45
CA HIS A 174 12.90 17.23 59.57
C HIS A 174 13.84 16.76 58.46
N SER A 175 14.39 15.56 58.65
CA SER A 175 15.32 14.99 57.68
C SER A 175 14.63 14.55 56.40
N LEU A 176 13.33 14.27 56.48
CA LEU A 176 12.55 13.89 55.30
C LEU A 176 11.94 15.10 54.61
N ALA A 177 12.33 16.30 54.99
CA ALA A 177 11.91 17.51 54.29
C ALA A 177 12.84 17.79 53.12
N LYS A 178 12.48 18.76 52.30
CA LYS A 178 13.22 18.99 51.05
C LYS A 178 14.43 19.89 51.25
N GLN A 179 14.20 21.16 51.61
CA GLN A 179 15.26 22.14 51.94
C GLN A 179 16.24 22.32 50.76
N LEU A 180 15.73 22.94 49.70
CA LEU A 180 16.52 23.18 48.51
C LEU A 180 17.53 24.31 48.75
N TYR A 181 18.55 24.37 47.89
CA TYR A 181 19.49 25.48 47.85
C TYR A 181 19.14 26.45 46.73
N PHE A 182 19.49 27.72 46.93
CA PHE A 182 19.22 28.72 45.91
C PHE A 182 20.47 29.60 45.83
N PRO A 183 21.02 29.84 44.65
CA PRO A 183 22.21 30.68 44.54
C PRO A 183 21.87 32.16 44.63
N LEU A 184 22.65 32.87 45.40
CA LEU A 184 22.36 34.29 45.56
C LEU A 184 23.15 35.11 44.54
N PRO A 185 22.64 36.30 44.19
CA PRO A 185 23.38 37.19 43.27
C PRO A 185 24.60 37.81 43.92
N GLY A 186 25.69 37.06 43.97
CA GLY A 186 26.94 37.55 44.52
C GLY A 186 27.20 37.17 45.96
N SER A 187 26.67 36.04 46.42
CA SER A 187 26.80 35.61 47.80
C SER A 187 26.75 34.08 47.83
N GLY A 188 26.44 33.53 48.99
CA GLY A 188 26.33 32.09 49.13
C GLY A 188 24.94 31.60 48.78
N TYR A 189 24.28 30.95 49.73
CA TYR A 189 23.02 30.26 49.48
C TYR A 189 22.06 30.49 50.63
N HIS A 190 20.78 30.42 50.32
CA HIS A 190 19.74 30.24 51.33
C HIS A 190 19.13 28.85 51.17
N LEU A 191 18.89 28.18 52.29
CA LEU A 191 18.08 26.96 52.26
C LEU A 191 16.61 27.31 52.21
N LEU A 192 15.91 26.76 51.21
CA LEU A 192 14.49 26.99 51.02
C LEU A 192 13.77 25.68 51.32
N ALA A 193 13.05 25.64 52.44
CA ALA A 193 12.27 24.46 52.81
C ALA A 193 10.81 24.71 52.45
N PRO A 194 10.30 24.14 51.36
CA PRO A 194 8.92 24.41 50.96
C PRO A 194 7.93 23.57 51.74
N LEU A 195 6.68 24.04 51.72
CA LEU A 195 5.59 23.47 52.49
C LEU A 195 4.41 23.21 51.57
N PHE A 196 3.43 22.47 52.08
CA PHE A 196 2.28 22.10 51.28
C PHE A 196 1.14 23.07 51.53
N PRO A 197 0.68 23.81 50.53
CA PRO A 197 -0.38 24.80 50.75
C PRO A 197 -1.76 24.16 50.91
N THR A 198 -2.07 23.76 52.14
CA THR A 198 -3.34 23.10 52.45
C THR A 198 -4.53 24.03 52.19
N SER A 199 -4.38 25.32 52.53
CA SER A 199 -5.44 26.30 52.29
C SER A 199 -5.67 26.52 50.81
N LEU A 200 -4.58 26.65 50.05
CA LEU A 200 -4.69 26.89 48.61
C LEU A 200 -5.22 25.66 47.88
N VAL A 201 -4.81 24.46 48.32
CA VAL A 201 -5.29 23.28 47.62
C VAL A 201 -6.75 23.01 47.97
N HIS A 202 -7.18 23.41 49.18
CA HIS A 202 -8.61 23.34 49.50
C HIS A 202 -9.41 24.31 48.65
N HIS A 203 -8.89 25.52 48.45
CA HIS A 203 -9.62 26.51 47.66
C HIS A 203 -9.69 26.11 46.19
N VAL A 204 -8.59 25.65 45.60
CA VAL A 204 -8.63 25.25 44.19
C VAL A 204 -9.39 23.95 44.01
N HIS A 205 -9.45 23.11 45.05
CA HIS A 205 -10.17 21.85 44.95
C HIS A 205 -11.68 22.08 44.99
N ALA A 206 -12.13 22.96 45.89
CA ALA A 206 -13.53 23.38 45.87
C ALA A 206 -13.85 24.22 44.63
N LEU A 207 -12.87 24.93 44.08
CA LEU A 207 -13.11 25.70 42.86
C LEU A 207 -13.27 24.79 41.66
N LEU A 208 -12.56 23.67 41.63
CA LEU A 208 -12.64 22.79 40.47
C LEU A 208 -13.78 21.78 40.59
N ARG A 209 -14.25 21.49 41.81
CA ARG A 209 -15.39 20.58 41.93
C ARG A 209 -16.71 21.21 41.52
N GLU A 210 -16.79 22.53 41.39
CA GLU A 210 -17.94 23.18 40.79
C GLU A 210 -17.72 23.50 39.32
N ALA A 211 -16.50 23.32 38.81
CA ALA A 211 -16.20 23.58 37.41
C ALA A 211 -16.19 22.32 36.56
N ARG A 212 -15.84 21.17 37.14
CA ARG A 212 -15.93 19.95 36.36
C ARG A 212 -17.32 19.32 36.46
N PHE A 213 -17.91 19.30 37.66
CA PHE A 213 -19.30 18.90 37.82
C PHE A 213 -20.05 19.98 38.58
N GLY A 214 -21.28 19.68 39.00
CA GLY A 214 -22.10 20.67 39.68
C GLY A 214 -23.40 20.94 38.97
N ASP A 215 -24.09 22.02 39.33
CA ASP A 215 -25.38 22.31 38.69
C ASP A 215 -25.20 22.87 37.30
N ALA A 216 -24.58 24.05 37.19
CA ALA A 216 -24.54 24.77 35.92
C ALA A 216 -23.58 24.10 34.94
N ALA A 217 -22.45 23.58 35.44
CA ALA A 217 -21.46 22.94 34.60
C ALA A 217 -21.90 21.57 34.09
N LYS A 218 -23.01 21.04 34.57
CA LYS A 218 -23.62 19.84 34.00
C LYS A 218 -24.96 20.11 33.33
N ALA A 219 -25.72 21.12 33.78
CA ALA A 219 -26.94 21.48 33.08
C ALA A 219 -26.64 22.13 31.74
N ALA A 220 -25.50 22.82 31.62
CA ALA A 220 -25.05 23.27 30.31
C ALA A 220 -24.64 22.09 29.43
N ARG A 221 -24.16 21.01 30.03
CA ARG A 221 -23.85 19.81 29.26
C ARG A 221 -25.11 19.09 28.80
N GLU A 222 -26.17 19.06 29.62
CA GLU A 222 -27.45 18.56 29.10
C GLU A 222 -28.05 19.51 28.06
N ALA A 223 -27.81 20.82 28.19
CA ALA A 223 -28.25 21.76 27.16
C ALA A 223 -27.52 21.52 25.85
N ARG A 224 -26.25 21.14 25.90
CA ARG A 224 -25.57 20.65 24.71
C ARG A 224 -26.17 19.34 24.23
N SER A 225 -26.56 18.47 25.17
CA SER A 225 -27.17 17.18 24.83
C SER A 225 -28.58 17.32 24.27
N ARG A 226 -29.25 18.45 24.51
CA ARG A 226 -30.53 18.74 23.89
C ARG A 226 -30.38 19.56 22.62
N GLN A 227 -29.15 19.94 22.25
CA GLN A 227 -28.78 20.58 20.99
C GLN A 227 -29.47 21.93 20.76
N GLU A 228 -29.85 22.62 21.83
CA GLU A 228 -30.65 23.82 21.74
C GLU A 228 -30.10 24.97 22.59
N SER A 229 -28.83 24.91 22.97
CA SER A 229 -28.31 25.76 24.02
C SER A 229 -28.09 27.20 23.56
N TRP A 230 -28.44 28.13 24.44
CA TRP A 230 -28.04 29.53 24.46
C TRP A 230 -26.69 29.63 25.17
N PRO A 231 -25.90 30.68 24.90
CA PRO A 231 -24.55 30.78 25.50
C PRO A 231 -24.57 30.85 27.02
N HIS A 232 -23.98 29.84 27.65
CA HIS A 232 -23.70 29.82 29.08
C HIS A 232 -22.47 28.95 29.31
N GLY A 233 -21.58 29.43 30.17
CA GLY A 233 -20.27 28.81 30.31
C GLY A 233 -20.18 27.63 31.26
N PHE A 234 -19.74 26.49 30.73
CA PHE A 234 -19.32 25.36 31.54
C PHE A 234 -17.82 25.15 31.35
N SER A 235 -17.25 24.27 32.17
CA SER A 235 -15.83 24.02 32.11
C SER A 235 -15.55 22.53 32.03
N GLU A 236 -14.45 22.19 31.37
CA GLU A 236 -14.02 20.81 31.20
C GLU A 236 -12.52 20.73 31.43
N TYR A 237 -12.10 19.88 32.36
CA TYR A 237 -10.68 19.66 32.63
C TYR A 237 -10.28 18.27 32.16
N PRO A 238 -9.70 18.13 30.97
CA PRO A 238 -9.23 16.83 30.52
C PRO A 238 -7.89 16.49 31.16
N ASN A 239 -7.51 15.21 30.99
CA ASN A 239 -6.27 14.53 31.36
C ASN A 239 -5.55 15.04 32.62
N LEU A 240 -6.26 15.03 33.75
CA LEU A 240 -5.67 15.35 35.04
C LEU A 240 -4.90 14.16 35.58
N ALA A 241 -4.40 14.28 36.81
CA ALA A 241 -3.89 13.15 37.57
C ALA A 241 -4.32 13.31 39.02
N ILE A 242 -4.38 12.19 39.72
CA ILE A 242 -4.81 12.15 41.11
C ILE A 242 -3.62 11.69 41.95
N GLN A 243 -3.53 12.22 43.16
CA GLN A 243 -2.49 11.84 44.10
C GLN A 243 -3.14 11.60 45.45
N LYS A 244 -2.68 10.56 46.15
CA LYS A 244 -3.24 10.19 47.44
C LYS A 244 -2.27 10.52 48.56
N PHE A 245 -2.81 11.01 49.66
CA PHE A 245 -2.02 11.35 50.84
C PHE A 245 -2.50 10.51 52.00
N GLY A 246 -1.57 9.91 52.74
CA GLY A 246 -1.95 8.91 53.70
C GLY A 246 -1.98 7.55 53.05
N GLY A 247 -3.16 7.16 52.57
CA GLY A 247 -3.34 5.85 51.99
C GLY A 247 -4.75 5.37 52.23
N THR A 248 -4.89 4.22 52.88
CA THR A 248 -6.21 3.73 53.24
C THR A 248 -6.83 4.56 54.35
N LYS A 249 -6.02 5.23 55.17
CA LYS A 249 -6.50 6.11 56.23
C LYS A 249 -5.86 7.49 56.11
N PRO A 250 -6.56 8.47 55.57
CA PRO A 250 -6.01 9.82 55.43
C PRO A 250 -6.28 10.75 56.61
N GLN A 251 -6.86 10.28 57.71
CA GLN A 251 -7.15 11.17 58.83
C GLN A 251 -5.94 11.42 59.72
N ASN A 252 -4.85 10.68 59.51
CA ASN A 252 -3.62 10.99 60.21
C ASN A 252 -3.00 12.29 59.69
N ILE A 253 -3.25 12.61 58.42
CA ILE A 253 -2.88 13.89 57.84
C ILE A 253 -4.00 14.85 58.26
N SER A 254 -3.80 16.16 58.08
CA SER A 254 -4.40 17.23 58.88
C SER A 254 -5.92 17.20 59.02
N GLN A 255 -6.65 17.48 57.96
CA GLN A 255 -8.04 17.04 57.90
C GLN A 255 -8.26 16.09 56.73
N LEU A 256 -8.08 16.57 55.49
CA LEU A 256 -8.01 15.77 54.26
C LEU A 256 -9.22 14.83 54.12
N ASN A 257 -10.36 15.22 54.70
CA ASN A 257 -11.50 14.31 54.79
C ASN A 257 -12.84 14.96 54.50
N ASN A 258 -12.97 16.29 54.60
CA ASN A 258 -14.31 16.91 54.57
C ASN A 258 -14.92 16.79 53.18
N GLU A 259 -14.20 17.23 52.14
CA GLU A 259 -14.47 16.68 50.81
C GLU A 259 -13.17 16.53 50.02
N ARG A 260 -12.04 16.31 50.69
CA ARG A 260 -10.79 16.03 50.00
C ARG A 260 -10.56 14.55 49.81
N ARG A 261 -10.61 13.78 50.91
CA ARG A 261 -10.43 12.32 50.93
C ARG A 261 -9.09 11.88 50.34
N GLY A 262 -8.06 12.71 50.48
CA GLY A 262 -6.75 12.40 49.94
C GLY A 262 -6.72 12.38 48.43
N GLU A 263 -7.32 13.39 47.79
CA GLU A 263 -7.44 13.43 46.33
C GLU A 263 -7.16 14.82 45.77
N ASN A 264 -5.99 15.39 46.04
CA ASN A 264 -5.65 16.64 45.35
C ASN A 264 -5.52 16.43 43.85
N TRP A 265 -6.27 17.22 43.09
CA TRP A 265 -6.40 17.06 41.64
C TRP A 265 -5.31 17.89 40.98
N LEU A 266 -4.48 17.25 40.18
CA LEU A 266 -3.30 17.89 39.60
C LEU A 266 -3.57 18.27 38.16
N LEU A 267 -3.33 19.53 37.83
CA LEU A 267 -3.54 20.00 36.47
C LEU A 267 -2.43 19.50 35.55
N PRO A 268 -2.74 19.22 34.29
CA PRO A 268 -1.70 18.77 33.36
C PRO A 268 -0.80 19.91 32.95
N SER A 269 0.48 19.60 32.79
CA SER A 269 1.46 20.56 32.32
C SER A 269 2.44 19.90 31.36
N LEU A 270 1.92 19.11 30.45
CA LEU A 270 2.75 18.21 29.66
C LEU A 270 3.35 18.94 28.46
N PRO A 271 4.38 18.35 27.85
CA PRO A 271 4.88 18.89 26.59
C PRO A 271 3.94 18.53 25.46
N PRO A 272 4.05 19.19 24.32
CA PRO A 272 3.10 18.92 23.24
C PRO A 272 3.34 17.63 22.47
N ASN A 273 4.61 17.26 22.30
CA ASN A 273 5.02 16.26 21.32
C ASN A 273 5.48 14.94 21.93
N TRP A 274 4.78 14.46 22.96
CA TRP A 274 5.15 13.23 23.64
C TRP A 274 4.13 12.11 23.46
N GLN A 275 3.31 12.16 22.43
CA GLN A 275 2.32 11.11 22.16
C GLN A 275 2.23 10.84 20.66
N ARG A 276 3.38 10.72 20.01
CA ARG A 276 3.44 10.72 18.56
C ARG A 276 3.02 9.36 17.97
N GLN A 277 2.94 9.33 16.65
CA GLN A 277 2.67 8.13 15.87
C GLN A 277 3.96 7.62 15.22
N ASN A 278 3.82 6.67 14.29
CA ASN A 278 4.96 6.08 13.58
C ASN A 278 5.09 6.67 12.18
N VAL A 279 6.33 6.74 11.71
CA VAL A 279 6.66 7.32 10.41
C VAL A 279 6.71 6.19 9.38
N ASN A 280 5.73 6.18 8.47
CA ASN A 280 5.63 5.16 7.42
C ASN A 280 5.52 5.89 6.09
N ALA A 281 6.67 6.21 5.49
CA ALA A 281 6.72 6.77 4.15
C ALA A 281 7.46 5.77 3.27
N PRO A 282 6.88 4.60 3.02
CA PRO A 282 7.61 3.56 2.28
C PRO A 282 7.51 3.70 0.77
N MET A 283 8.02 2.70 0.05
CA MET A 283 7.95 2.69 -1.41
C MET A 283 6.59 2.16 -1.86
N ARG A 284 5.57 3.01 -1.69
CA ARG A 284 4.19 2.65 -2.00
C ARG A 284 3.72 3.38 -3.25
N HIS A 285 2.69 2.83 -3.89
CA HIS A 285 2.12 3.44 -5.10
C HIS A 285 1.33 4.69 -4.79
N SER A 286 0.94 4.90 -3.53
CA SER A 286 0.43 6.16 -3.06
C SER A 286 1.12 6.62 -1.78
N SER A 287 2.02 5.81 -1.24
CA SER A 287 2.79 6.14 -0.06
C SER A 287 4.13 6.76 -0.45
N VAL A 288 4.26 7.14 -1.71
CA VAL A 288 5.45 7.81 -2.21
C VAL A 288 5.07 9.11 -2.89
N PHE A 289 4.11 9.03 -3.82
CA PHE A 289 3.67 10.19 -4.59
C PHE A 289 2.49 10.91 -3.95
N GLU A 290 1.54 10.16 -3.40
CA GLU A 290 0.40 10.75 -2.71
C GLU A 290 0.74 11.27 -1.31
N HIS A 291 1.97 11.01 -0.84
CA HIS A 291 2.44 11.50 0.46
C HIS A 291 3.18 12.83 0.35
N ASP A 292 2.79 13.68 -0.60
CA ASP A 292 3.41 14.99 -0.78
C ASP A 292 2.62 16.10 -0.10
N PHE A 293 1.88 15.79 0.96
CA PHE A 293 1.06 16.79 1.64
C PHE A 293 1.32 16.79 3.14
N GLY A 294 1.69 15.65 3.70
CA GLY A 294 1.94 15.56 5.12
C GLY A 294 0.67 15.30 5.92
N ARG A 295 -0.02 14.21 5.60
CA ARG A 295 -1.31 13.90 6.20
C ARG A 295 -1.10 13.42 7.62
N THR A 296 -1.12 14.35 8.57
CA THR A 296 -0.94 14.05 9.99
C THR A 296 -2.27 14.16 10.71
N PRO A 297 -2.34 13.78 11.98
CA PRO A 297 -3.60 13.82 12.73
C PRO A 297 -3.83 15.07 13.56
N GLU A 298 -2.85 15.96 13.67
CA GLU A 298 -2.96 17.16 14.49
C GLU A 298 -3.15 18.43 13.67
N VAL A 299 -3.39 18.32 12.37
CA VAL A 299 -3.64 19.50 11.53
C VAL A 299 -5.12 19.76 11.32
N SER A 300 -5.99 18.90 11.84
CA SER A 300 -7.43 19.09 11.70
C SER A 300 -7.90 20.32 12.47
N ARG A 301 -7.31 20.58 13.65
CA ARG A 301 -7.66 21.76 14.42
C ARG A 301 -7.21 23.04 13.71
N LEU A 302 -6.03 23.00 13.07
CA LEU A 302 -5.54 24.16 12.34
C LEU A 302 -6.37 24.44 11.09
N THR A 303 -6.75 23.37 10.37
CA THR A 303 -7.62 23.52 9.20
C THR A 303 -9.01 24.03 9.60
N ARG A 304 -9.55 23.52 10.70
CA ARG A 304 -10.85 23.98 11.19
C ARG A 304 -10.79 25.42 11.68
N THR A 305 -9.67 25.84 12.25
CA THR A 305 -9.53 27.22 12.71
C THR A 305 -9.40 28.18 11.55
N LEU A 306 -8.60 27.81 10.54
CA LEU A 306 -8.46 28.65 9.35
C LEU A 306 -9.76 28.68 8.54
N GLN A 307 -10.58 27.64 8.64
CA GLN A 307 -11.89 27.67 7.99
C GLN A 307 -12.86 28.57 8.74
N ARG A 308 -13.06 28.30 10.04
CA ARG A 308 -14.08 28.97 10.83
C ARG A 308 -13.68 30.35 11.33
N PHE A 309 -12.48 30.83 11.00
CA PHE A 309 -12.09 32.21 11.30
C PHE A 309 -12.00 33.07 10.04
N LEU A 310 -12.73 32.70 8.99
CA LEU A 310 -12.66 33.41 7.72
C LEU A 310 -13.98 34.08 7.32
N ALA A 311 -15.01 33.99 8.16
CA ALA A 311 -16.31 34.57 7.84
C ALA A 311 -16.58 35.90 8.53
N LYS A 312 -15.87 36.22 9.60
CA LYS A 312 -16.11 37.46 10.33
C LYS A 312 -15.54 38.65 9.56
N THR A 313 -16.23 39.78 9.67
CA THR A 313 -15.86 41.00 8.96
C THR A 313 -14.83 41.78 9.80
N VAL A 314 -14.59 43.04 9.41
CA VAL A 314 -13.62 43.88 10.08
C VAL A 314 -14.30 44.91 10.96
N HIS A 315 -15.54 44.62 11.38
CA HIS A 315 -16.26 45.52 12.30
C HIS A 315 -15.76 45.40 13.73
N ASN A 316 -15.00 44.37 14.05
CA ASN A 316 -14.33 44.20 15.34
C ASN A 316 -12.88 43.75 15.11
N ASN A 317 -12.19 44.45 14.21
CA ASN A 317 -10.95 43.98 13.61
C ASN A 317 -9.70 44.54 14.29
N LEU A 318 -9.72 44.68 15.62
CA LEU A 318 -8.54 45.10 16.36
C LEU A 318 -7.79 43.93 16.98
N ALA A 319 -8.27 42.71 16.80
CA ALA A 319 -7.63 41.53 17.37
C ALA A 319 -7.43 40.41 16.37
N ILE A 320 -8.34 40.25 15.39
CA ILE A 320 -8.28 39.12 14.46
C ILE A 320 -7.22 39.30 13.38
N ARG A 321 -6.63 40.49 13.25
CA ARG A 321 -5.61 40.74 12.24
C ARG A 321 -4.20 40.49 12.74
N GLN A 322 -4.03 39.63 13.74
CA GLN A 322 -2.72 39.32 14.31
C GLN A 322 -2.61 37.84 14.61
N ARG A 323 -3.35 37.02 13.87
CA ARG A 323 -3.30 35.57 14.09
C ARG A 323 -2.81 34.84 12.85
N ARG A 324 -3.16 35.32 11.66
CA ARG A 324 -2.66 34.74 10.43
C ARG A 324 -1.21 35.09 10.15
N ALA A 325 -0.65 36.06 10.88
CA ALA A 325 0.76 36.40 10.72
C ALA A 325 1.65 35.33 11.33
N GLN A 326 1.14 34.54 12.27
CA GLN A 326 1.89 33.44 12.85
C GLN A 326 1.47 32.08 12.34
N LEU A 327 0.30 31.98 11.68
CA LEU A 327 -0.22 30.69 11.24
C LEU A 327 0.59 30.10 10.08
N VAL A 328 1.23 30.96 9.29
CA VAL A 328 2.09 30.49 8.20
C VAL A 328 3.28 29.72 8.76
N ALA A 329 3.93 30.28 9.79
CA ALA A 329 5.00 29.56 10.46
C ALA A 329 4.46 28.37 11.25
N GLN A 330 3.27 28.51 11.85
CA GLN A 330 2.69 27.43 12.65
C GLN A 330 2.24 26.25 11.80
N ILE A 331 2.07 26.44 10.49
CA ILE A 331 1.80 25.33 9.57
C ILE A 331 3.03 24.89 8.80
N CYS A 332 4.03 25.75 8.62
CA CYS A 332 5.26 25.35 7.94
C CYS A 332 6.17 24.57 8.87
N ASP A 333 6.23 24.95 10.14
CA ASP A 333 7.02 24.22 11.12
C ASP A 333 6.43 22.85 11.41
N GLU A 334 5.11 22.66 11.22
CA GLU A 334 4.52 21.33 11.30
C GLU A 334 5.03 20.42 10.20
N ALA A 335 5.12 20.93 8.96
CA ALA A 335 5.68 20.15 7.87
C ALA A 335 7.18 19.92 8.06
N LEU A 336 7.87 20.89 8.64
CA LEU A 336 9.28 20.72 8.97
C LEU A 336 9.48 19.62 10.02
N GLN A 337 8.63 19.61 11.05
CA GLN A 337 8.73 18.60 12.08
C GLN A 337 8.34 17.23 11.56
N TYR A 338 7.37 17.16 10.64
CA TYR A 338 7.01 15.88 10.03
C TYR A 338 8.14 15.34 9.16
N ALA A 339 8.71 16.19 8.30
CA ALA A 339 9.78 15.74 7.41
C ALA A 339 11.09 15.49 8.13
N ALA A 340 11.26 16.03 9.34
CA ALA A 340 12.48 15.78 10.09
C ALA A 340 12.31 14.75 11.20
N ARG A 341 11.07 14.35 11.50
CA ARG A 341 10.85 13.26 12.43
C ARG A 341 10.46 11.97 11.73
N LEU A 342 10.20 12.03 10.43
CA LEU A 342 9.87 10.83 9.66
C LEU A 342 11.06 10.32 8.85
N ARG A 343 11.71 11.21 8.10
CA ARG A 343 12.80 10.80 7.23
C ARG A 343 14.09 10.55 8.02
N GLU A 344 14.60 11.58 8.70
CA GLU A 344 15.79 11.42 9.51
C GLU A 344 15.50 10.65 10.79
N LEU A 345 14.32 10.84 11.38
CA LEU A 345 13.93 10.10 12.58
C LEU A 345 13.66 8.62 12.32
N GLU A 346 13.14 8.27 11.14
CA GLU A 346 13.07 6.88 10.77
C GLU A 346 14.45 6.43 10.27
N PRO A 347 14.75 5.14 10.35
CA PRO A 347 16.05 4.64 9.89
C PRO A 347 16.09 4.23 8.42
N GLY A 348 15.07 4.53 7.64
CA GLY A 348 15.05 4.11 6.25
C GLY A 348 14.20 4.95 5.33
N TRP A 349 14.62 5.03 4.06
CA TRP A 349 13.80 5.67 3.02
C TRP A 349 14.26 5.07 1.70
N SER A 350 13.49 4.11 1.19
CA SER A 350 13.88 3.35 0.02
C SER A 350 13.36 4.00 -1.26
N ALA A 351 13.56 3.30 -2.38
CA ALA A 351 13.07 3.77 -3.66
C ALA A 351 11.55 3.62 -3.73
N THR A 352 10.89 4.60 -4.35
CA THR A 352 9.44 4.66 -4.31
C THR A 352 8.81 3.59 -5.21
N PRO A 353 7.74 2.95 -4.75
CA PRO A 353 7.01 1.98 -5.59
C PRO A 353 6.21 2.75 -6.64
N GLY A 354 6.50 2.47 -7.90
CA GLY A 354 6.03 3.32 -8.97
C GLY A 354 6.79 4.63 -8.94
N CYS A 355 8.10 4.56 -9.20
CA CYS A 355 9.01 5.68 -9.01
C CYS A 355 8.82 6.83 -10.00
N GLN A 356 7.99 6.65 -11.03
CA GLN A 356 7.69 7.75 -11.94
C GLN A 356 6.83 8.83 -11.30
N LEU A 357 6.16 8.52 -10.19
CA LEU A 357 5.43 9.51 -9.39
C LEU A 357 5.81 9.50 -7.93
N HIS A 358 6.27 8.37 -7.39
CA HIS A 358 6.65 8.23 -6.00
C HIS A 358 8.11 8.59 -5.72
N ASP A 359 8.72 9.45 -6.55
CA ASP A 359 10.12 9.80 -6.40
C ASP A 359 10.34 11.23 -5.91
N ALA A 360 9.38 12.13 -6.10
CA ALA A 360 9.56 13.52 -5.65
C ALA A 360 9.52 13.62 -4.14
N GLU A 361 8.67 12.80 -3.50
CA GLU A 361 8.64 12.77 -2.04
C GLU A 361 9.90 12.13 -1.47
N GLN A 362 10.48 11.17 -2.21
CA GLN A 362 11.77 10.61 -1.81
C GLN A 362 12.90 11.61 -2.04
N LEU A 363 12.68 12.57 -2.96
CA LEU A 363 13.65 13.64 -3.14
C LEU A 363 13.59 14.66 -2.02
N TRP A 364 12.38 15.10 -1.65
CA TRP A 364 12.26 16.21 -0.71
C TRP A 364 12.48 15.75 0.73
N LEU A 365 11.58 14.92 1.25
CA LEU A 365 11.65 14.47 2.64
C LEU A 365 12.33 13.11 2.78
N ASP A 366 13.52 12.98 2.20
CA ASP A 366 14.16 11.68 2.16
C ASP A 366 15.44 11.66 2.98
N PRO A 367 15.86 10.50 3.49
CA PRO A 367 17.12 10.42 4.22
C PRO A 367 18.33 10.40 3.31
N LEU A 368 19.50 10.13 3.85
CA LEU A 368 20.74 10.06 3.07
C LEU A 368 20.83 8.72 2.34
N ARG A 369 22.00 8.43 1.80
CA ARG A 369 22.23 7.22 1.02
C ARG A 369 22.36 5.99 1.93
N ALA A 370 22.25 4.82 1.31
CA ALA A 370 22.29 3.55 2.03
C ALA A 370 23.06 2.48 1.27
N GLN A 371 22.88 1.21 1.66
CA GLN A 371 23.56 0.08 1.06
C GLN A 371 23.21 -0.14 -0.41
N THR A 372 22.05 0.34 -0.88
CA THR A 372 21.72 0.35 -2.29
C THR A 372 22.21 1.61 -2.99
N ASP A 373 23.20 2.30 -2.42
CA ASP A 373 23.77 3.51 -2.98
C ASP A 373 24.71 3.14 -4.12
N GLU A 374 24.23 3.31 -5.35
CA GLU A 374 25.04 3.15 -6.56
C GLU A 374 25.85 4.40 -6.82
N THR A 375 26.33 4.56 -8.06
CA THR A 375 27.02 5.79 -8.44
C THR A 375 26.09 6.99 -8.37
N PHE A 376 24.96 6.95 -9.07
CA PHE A 376 24.05 8.09 -9.16
C PHE A 376 23.04 8.12 -8.01
N LEU A 377 23.58 8.27 -6.80
CA LEU A 377 22.79 8.49 -5.60
C LEU A 377 23.14 9.79 -4.89
N GLN A 378 24.43 10.05 -4.66
CA GLN A 378 24.90 11.33 -4.15
C GLN A 378 25.30 12.29 -5.27
N ARG A 379 24.66 12.16 -6.44
CA ARG A 379 24.93 13.05 -7.56
C ARG A 379 23.64 13.52 -8.24
N ARG A 380 22.48 13.29 -7.63
CA ARG A 380 21.20 13.80 -8.11
C ARG A 380 20.62 14.85 -7.17
N LEU A 381 20.46 14.52 -5.89
CA LEU A 381 19.99 15.48 -4.89
C LEU A 381 21.11 16.38 -4.39
N ARG A 382 22.37 16.07 -4.71
CA ARG A 382 23.49 16.93 -4.33
C ARG A 382 23.77 18.02 -5.37
N GLY A 383 23.15 17.94 -6.54
CA GLY A 383 23.33 18.95 -7.57
C GLY A 383 22.03 19.43 -8.18
N ASP A 384 20.94 18.72 -7.90
CA ASP A 384 19.63 19.12 -8.40
C ASP A 384 19.14 20.34 -7.63
N TRP A 385 18.38 21.19 -8.32
CA TRP A 385 17.83 22.40 -7.71
C TRP A 385 16.75 22.03 -6.72
N PRO A 386 17.01 22.14 -5.40
CA PRO A 386 15.99 21.85 -4.38
C PRO A 386 15.02 23.01 -4.14
N ALA A 387 14.27 23.37 -5.17
CA ALA A 387 13.30 24.44 -5.11
C ALA A 387 12.00 24.09 -5.85
N GLU A 388 11.77 22.80 -6.10
CA GLU A 388 10.55 22.37 -6.75
C GLU A 388 9.41 22.11 -5.76
N VAL A 389 9.72 21.98 -4.47
CA VAL A 389 8.69 21.75 -3.46
C VAL A 389 8.06 23.04 -2.96
N GLY A 390 8.40 24.19 -3.56
CA GLY A 390 7.75 25.42 -3.19
C GLY A 390 6.38 25.57 -3.82
N ASN A 391 6.30 25.29 -5.12
CA ASN A 391 5.02 25.43 -5.83
C ASN A 391 4.03 24.35 -5.42
N ARG A 392 4.52 23.12 -5.19
CA ARG A 392 3.62 22.06 -4.74
C ARG A 392 3.14 22.30 -3.32
N PHE A 393 3.98 22.89 -2.47
CA PHE A 393 3.56 23.25 -1.12
C PHE A 393 2.56 24.40 -1.15
N ALA A 394 2.74 25.36 -2.07
CA ALA A 394 1.79 26.46 -2.21
C ALA A 394 0.46 25.98 -2.76
N ASN A 395 0.48 24.95 -3.62
CA ASN A 395 -0.77 24.39 -4.11
C ASN A 395 -1.46 23.56 -3.04
N TRP A 396 -0.69 22.88 -2.18
CA TRP A 396 -1.29 22.06 -1.13
C TRP A 396 -1.88 22.93 -0.03
N LEU A 397 -1.08 23.84 0.53
CA LEU A 397 -1.55 24.77 1.55
C LEU A 397 -2.53 25.79 1.01
N ASN A 398 -2.53 26.05 -0.29
CA ASN A 398 -3.53 26.88 -0.94
C ASN A 398 -4.81 26.10 -1.27
N ARG A 399 -4.88 24.83 -0.93
CA ARG A 399 -6.14 24.07 -0.94
C ARG A 399 -6.89 24.21 0.38
N ALA A 400 -6.16 24.40 1.49
CA ALA A 400 -6.79 24.69 2.77
C ALA A 400 -7.03 26.17 2.94
N VAL A 401 -6.20 27.02 2.34
CA VAL A 401 -6.56 28.43 2.15
C VAL A 401 -7.22 28.50 0.78
N SER A 402 -8.50 28.12 0.74
CA SER A 402 -9.20 27.97 -0.52
C SER A 402 -9.63 29.33 -1.06
N SER A 403 -9.71 29.43 -2.38
CA SER A 403 -10.13 30.65 -3.06
C SER A 403 -11.64 30.63 -3.20
N ASP A 404 -12.24 31.81 -3.35
CA ASP A 404 -13.69 31.95 -3.50
C ASP A 404 -14.00 33.12 -4.44
N SER A 405 -15.17 33.04 -5.07
CA SER A 405 -15.66 34.14 -5.89
C SER A 405 -16.03 35.36 -5.05
N GLN A 406 -16.43 35.15 -3.80
CA GLN A 406 -16.62 36.22 -2.83
C GLN A 406 -15.35 36.49 -2.02
N ILE A 407 -14.30 35.72 -2.25
CA ILE A 407 -13.00 35.99 -1.65
C ILE A 407 -12.01 36.58 -2.65
N LEU A 408 -12.00 36.10 -3.89
CA LEU A 408 -11.10 36.65 -4.89
C LEU A 408 -11.59 38.01 -5.39
N GLY A 409 -12.90 38.16 -5.56
CA GLY A 409 -13.45 39.43 -6.02
C GLY A 409 -13.49 40.51 -4.95
N SER A 410 -13.30 40.15 -3.69
CA SER A 410 -13.28 41.09 -2.60
C SER A 410 -11.85 41.58 -2.36
N PRO A 411 -11.64 42.43 -1.36
CA PRO A 411 -10.27 42.90 -1.05
C PRO A 411 -9.53 42.01 -0.07
N GLU A 412 -10.01 40.79 0.13
CA GLU A 412 -9.36 39.87 1.06
C GLU A 412 -8.51 38.82 0.35
N ALA A 413 -8.62 38.73 -0.99
CA ALA A 413 -7.91 37.68 -1.73
C ALA A 413 -6.42 37.96 -1.80
N ALA A 414 -6.04 39.20 -2.11
CA ALA A 414 -4.62 39.57 -2.09
C ALA A 414 -4.08 39.61 -0.66
N GLN A 415 -4.88 40.09 0.29
CA GLN A 415 -4.49 40.17 1.70
C GLN A 415 -4.48 38.82 2.40
N TRP A 416 -4.94 37.76 1.74
CA TRP A 416 -4.79 36.39 2.24
C TRP A 416 -3.90 35.51 1.35
N SER A 417 -3.57 35.95 0.14
CA SER A 417 -2.61 35.23 -0.69
C SER A 417 -1.18 35.72 -0.51
N GLN A 418 -1.00 36.97 -0.06
CA GLN A 418 0.33 37.46 0.26
C GLN A 418 0.96 36.68 1.42
N GLU A 419 0.13 36.19 2.35
CA GLU A 419 0.65 35.38 3.45
C GLU A 419 1.12 34.02 2.97
N LEU A 420 0.41 33.43 2.02
CA LEU A 420 0.84 32.15 1.44
C LEU A 420 2.11 32.31 0.62
N SER A 421 2.23 33.44 -0.10
CA SER A 421 3.47 33.72 -0.83
C SER A 421 4.65 33.92 0.10
N LYS A 422 4.46 34.69 1.18
CA LYS A 422 5.54 34.92 2.14
C LYS A 422 5.89 33.68 2.94
N GLU A 423 4.95 32.74 3.11
CA GLU A 423 5.28 31.46 3.70
C GLU A 423 6.06 30.58 2.74
N LEU A 424 5.64 30.52 1.47
CA LEU A 424 6.33 29.71 0.48
C LEU A 424 7.69 30.26 0.07
N THR A 425 7.98 31.52 0.40
CA THR A 425 9.26 32.12 0.01
C THR A 425 10.42 31.53 0.79
N MET A 426 10.27 31.34 2.10
CA MET A 426 11.40 31.01 2.96
C MET A 426 11.59 29.52 3.20
N PHE A 427 10.56 28.70 2.97
CA PHE A 427 10.71 27.26 3.19
C PHE A 427 11.64 26.63 2.16
N LYS A 428 11.65 27.16 0.94
CA LYS A 428 12.58 26.67 -0.07
C LYS A 428 14.01 27.05 0.27
N GLU A 429 14.22 28.24 0.82
CA GLU A 429 15.56 28.63 1.26
C GLU A 429 15.99 27.84 2.49
N ILE A 430 15.03 27.41 3.32
CA ILE A 430 15.37 26.59 4.48
C ILE A 430 15.75 25.18 4.07
N LEU A 431 14.96 24.56 3.19
CA LEU A 431 15.20 23.19 2.77
C LEU A 431 16.09 23.08 1.54
N GLU A 432 16.69 24.19 1.10
CA GLU A 432 17.62 24.17 -0.02
C GLU A 432 19.08 24.15 0.41
N ASP A 433 19.36 23.92 1.69
CA ASP A 433 20.72 23.90 2.20
C ASP A 433 21.11 22.57 2.83
N GLU A 434 20.19 21.60 2.86
CA GLU A 434 20.54 20.28 3.37
C GLU A 434 21.45 19.55 2.37
N ARG A 435 20.96 19.33 1.15
CA ARG A 435 21.79 18.76 0.11
C ARG A 435 22.62 19.85 -0.56
N ASP A 436 21.95 20.77 -1.24
CA ASP A 436 22.63 21.87 -1.91
C ASP A 436 22.86 23.04 -0.95
N VAL B 5 21.49 37.85 32.78
CA VAL B 5 21.79 39.26 32.56
C VAL B 5 22.90 39.41 31.52
N THR B 6 24.06 38.85 31.82
CA THR B 6 25.21 38.98 30.93
C THR B 6 25.04 38.06 29.73
N ASP B 7 24.99 38.64 28.55
CA ASP B 7 24.79 37.84 27.35
C ASP B 7 26.05 37.06 27.01
N PRO B 8 25.96 35.75 26.81
CA PRO B 8 27.15 34.96 26.49
C PRO B 8 27.61 35.21 25.07
N GLU B 9 28.86 34.79 24.81
CA GLU B 9 29.43 34.87 23.47
C GLU B 9 29.15 33.60 22.69
N ALA B 10 29.39 32.44 23.31
CA ALA B 10 29.23 31.14 22.66
C ALA B 10 28.21 30.32 23.40
N LEU B 11 27.43 29.54 22.67
CA LEU B 11 26.43 28.67 23.26
C LEU B 11 26.92 27.22 23.15
N LEU B 12 26.63 26.44 24.19
CA LEU B 12 27.10 25.06 24.28
C LEU B 12 25.89 24.13 24.18
N LEU B 13 25.85 23.37 23.09
CA LEU B 13 24.78 22.40 22.88
C LEU B 13 25.16 21.07 23.54
N LEU B 14 24.27 20.58 24.40
CA LEU B 14 24.31 19.23 24.94
C LEU B 14 23.23 18.43 24.22
N PRO B 15 23.56 17.75 23.10
CA PRO B 15 22.55 17.42 22.09
C PRO B 15 21.46 16.42 22.49
N ARG B 16 21.85 15.25 22.95
CA ARG B 16 20.89 14.22 23.34
C ARG B 16 21.15 13.86 24.79
N LEU B 17 20.15 14.03 25.64
CA LEU B 17 20.23 13.65 27.04
C LEU B 17 19.00 12.80 27.33
N SER B 18 19.08 11.51 27.03
CA SER B 18 18.02 10.57 27.39
C SER B 18 18.15 10.28 28.88
N ILE B 19 17.23 10.78 29.68
CA ILE B 19 17.30 10.61 31.13
C ILE B 19 16.08 9.81 31.57
N GLN B 20 16.25 9.05 32.64
CA GLN B 20 15.20 8.18 33.13
C GLN B 20 14.83 8.50 34.56
N ASN B 21 13.56 8.23 34.88
CA ASN B 21 13.02 8.22 36.24
C ASN B 21 13.01 9.61 36.89
N ALA B 22 12.73 10.64 36.10
CA ALA B 22 12.65 11.98 36.65
C ALA B 22 11.38 12.17 37.46
N ASN B 23 11.39 13.19 38.31
CA ASN B 23 10.21 13.53 39.07
C ASN B 23 9.15 14.13 38.14
N ALA B 24 7.88 13.91 38.48
CA ALA B 24 6.80 14.37 37.62
C ALA B 24 5.64 14.98 38.39
N ILE B 25 5.86 15.49 39.59
CA ILE B 25 4.85 16.23 40.33
C ILE B 25 5.15 17.71 40.32
N SER B 26 6.35 18.10 40.77
CA SER B 26 7.02 19.37 40.51
C SER B 26 6.43 20.58 41.19
N SER B 27 5.23 20.44 41.79
CA SER B 27 4.50 21.43 42.56
C SER B 27 3.25 20.76 43.12
N PRO B 28 2.58 21.33 44.12
CA PRO B 28 1.32 20.73 44.57
C PRO B 28 0.13 20.89 43.64
N LEU B 29 0.27 21.53 42.47
CA LEU B 29 -0.89 21.78 41.62
C LEU B 29 -0.66 21.41 40.16
N THR B 30 0.45 20.77 39.82
CA THR B 30 0.79 20.48 38.44
C THR B 30 1.28 19.03 38.37
N TRP B 31 1.37 18.47 37.17
CA TRP B 31 2.13 17.25 36.93
C TRP B 31 2.60 17.28 35.49
N GLY B 32 3.52 16.37 35.16
CA GLY B 32 3.95 16.24 33.79
C GLY B 32 5.43 16.42 33.59
N PHE B 33 5.82 17.49 32.91
CA PHE B 33 7.22 17.80 32.71
C PHE B 33 7.77 18.46 33.97
N PRO B 34 9.01 18.16 34.36
CA PRO B 34 9.57 18.72 35.59
C PRO B 34 9.82 20.22 35.51
N SER B 35 10.03 20.82 36.67
CA SER B 35 10.21 22.26 36.78
C SER B 35 11.56 22.68 36.19
N PRO B 36 11.63 23.87 35.60
CA PRO B 36 12.94 24.38 35.15
C PRO B 36 13.86 24.79 36.29
N GLY B 37 13.35 24.87 37.52
CA GLY B 37 14.21 24.97 38.68
C GLY B 37 15.20 23.82 38.78
N ALA B 38 14.78 22.63 38.38
CA ALA B 38 15.69 21.49 38.31
C ALA B 38 16.80 21.72 37.30
N PHE B 39 16.48 22.37 36.18
CA PHE B 39 17.47 22.58 35.13
C PHE B 39 18.47 23.67 35.49
N THR B 40 18.02 24.76 36.11
CA THR B 40 18.97 25.77 36.54
C THR B 40 19.77 25.33 37.77
N GLY B 41 19.18 24.47 38.62
CA GLY B 41 19.98 23.83 39.65
C GLY B 41 21.01 22.89 39.08
N PHE B 42 20.67 22.21 37.99
CA PHE B 42 21.63 21.35 37.30
C PHE B 42 22.76 22.15 36.70
N VAL B 43 22.47 23.33 36.14
CA VAL B 43 23.56 24.06 35.51
C VAL B 43 24.43 24.75 36.56
N HIS B 44 23.89 25.14 37.72
CA HIS B 44 24.82 25.65 38.71
C HIS B 44 25.57 24.53 39.40
N ALA B 45 25.03 23.30 39.40
CA ALA B 45 25.80 22.18 39.88
C ALA B 45 26.89 21.78 38.90
N LEU B 46 26.71 22.09 37.61
CA LEU B 46 27.84 22.06 36.69
C LEU B 46 28.83 23.17 36.98
N GLN B 47 28.34 24.34 37.42
CA GLN B 47 29.23 25.47 37.72
C GLN B 47 30.15 25.17 38.89
N ARG B 48 29.66 24.49 39.92
CA ARG B 48 30.52 24.26 41.06
C ARG B 48 31.48 23.10 40.88
N ARG B 49 31.59 22.49 39.70
CA ARG B 49 32.48 21.35 39.61
C ARG B 49 33.38 21.41 38.38
N VAL B 50 32.93 22.11 37.34
CA VAL B 50 33.67 22.18 36.08
C VAL B 50 34.13 23.60 35.77
N GLY B 51 33.23 24.59 35.94
CA GLY B 51 33.46 25.96 35.50
C GLY B 51 34.58 26.71 36.19
N ILE B 52 35.15 26.15 37.28
CA ILE B 52 36.27 26.79 37.92
C ILE B 52 37.62 26.23 37.46
N SER B 53 37.64 25.00 36.92
CA SER B 53 38.86 24.48 36.32
C SER B 53 38.96 24.82 34.84
N LEU B 54 37.90 25.34 34.25
CA LEU B 54 37.95 25.91 32.92
C LEU B 54 37.95 27.43 32.93
N ASP B 55 37.74 28.03 34.11
CA ASP B 55 37.62 29.47 34.32
C ASP B 55 36.57 30.08 33.40
N ILE B 56 35.43 29.38 33.29
CA ILE B 56 34.28 29.85 32.51
C ILE B 56 33.09 30.00 33.45
N GLU B 57 31.96 30.39 32.90
CA GLU B 57 30.70 30.37 33.63
C GLU B 57 29.63 29.75 32.75
N LEU B 58 28.59 29.20 33.39
CA LEU B 58 27.50 28.55 32.70
C LEU B 58 26.20 28.89 33.43
N ASP B 59 25.41 29.78 32.85
CA ASP B 59 24.28 30.39 33.55
C ASP B 59 22.91 29.94 33.06
N GLY B 60 22.72 29.78 31.75
CA GLY B 60 21.40 29.58 31.22
C GLY B 60 21.27 28.27 30.46
N VAL B 61 20.04 27.80 30.37
CA VAL B 61 19.71 26.47 29.86
C VAL B 61 18.64 26.59 28.78
N GLY B 62 18.87 25.97 27.63
CA GLY B 62 17.84 25.84 26.62
C GLY B 62 17.08 24.54 26.69
N ILE B 63 15.90 24.56 27.32
CA ILE B 63 15.10 23.37 27.57
C ILE B 63 14.24 23.08 26.34
N VAL B 64 14.43 21.91 25.73
CA VAL B 64 13.91 21.63 24.41
C VAL B 64 12.89 20.48 24.42
N CYS B 65 13.16 19.40 25.16
CA CYS B 65 12.20 18.32 25.42
C CYS B 65 11.70 17.61 24.15
N HIS B 66 12.54 16.79 23.54
CA HIS B 66 12.14 16.03 22.35
C HIS B 66 10.98 15.08 22.63
N ARG B 67 11.19 14.10 23.51
CA ARG B 67 10.20 13.10 23.85
C ARG B 67 9.64 13.34 25.24
N PHE B 68 8.61 12.58 25.59
CA PHE B 68 7.99 12.58 26.91
C PHE B 68 7.08 11.37 27.07
N GLU B 69 7.24 10.63 28.15
CA GLU B 69 6.24 9.65 28.55
C GLU B 69 6.24 9.54 30.06
N ALA B 70 5.06 9.42 30.65
CA ALA B 70 4.92 9.36 32.09
C ALA B 70 4.38 7.99 32.50
N GLN B 71 4.90 7.47 33.60
CA GLN B 71 4.44 6.19 34.14
C GLN B 71 3.09 6.42 34.80
N ILE B 72 2.06 6.50 33.96
CA ILE B 72 0.69 6.72 34.39
C ILE B 72 -0.19 5.65 33.79
N SER B 73 -1.41 5.53 34.32
CA SER B 73 -2.36 4.56 33.82
C SER B 73 -3.75 5.19 33.81
N GLN B 74 -4.53 4.79 32.81
CA GLN B 74 -5.91 5.25 32.69
C GLN B 74 -6.84 4.25 33.37
N PRO B 75 -7.50 4.61 34.47
CA PRO B 75 -8.39 3.65 35.14
C PRO B 75 -9.70 3.42 34.40
N ALA B 76 -10.57 2.59 34.98
CA ALA B 76 -11.79 2.16 34.32
C ALA B 76 -12.97 2.96 34.85
N GLY B 77 -13.70 3.61 33.95
CA GLY B 77 -14.78 4.48 34.34
C GLY B 77 -14.37 5.90 34.66
N LYS B 78 -13.09 6.23 34.47
CA LYS B 78 -12.56 7.54 34.77
C LYS B 78 -11.85 8.08 33.54
N ARG B 79 -11.79 9.40 33.42
CA ARG B 79 -10.98 10.07 32.40
C ARG B 79 -9.75 10.74 32.99
N THR B 80 -9.44 10.44 34.25
CA THR B 80 -8.25 10.94 34.91
C THR B 80 -7.13 9.92 34.82
N LYS B 81 -6.04 10.16 35.54
CA LYS B 81 -4.90 9.27 35.59
C LYS B 81 -4.56 8.98 37.04
N VAL B 82 -3.76 7.93 37.25
CA VAL B 82 -3.01 7.74 38.49
C VAL B 82 -1.56 7.47 38.10
N PHE B 83 -0.69 7.33 39.10
CA PHE B 83 0.72 7.11 38.87
C PHE B 83 1.10 5.67 39.18
N ASN B 84 2.08 5.15 38.45
CA ASN B 84 2.63 3.85 38.79
C ASN B 84 3.67 4.02 39.88
N LEU B 85 3.59 3.17 40.90
CA LEU B 85 4.39 3.30 42.10
C LEU B 85 5.57 2.33 42.09
N THR B 86 6.45 2.51 43.07
CA THR B 86 7.45 1.53 43.44
C THR B 86 6.96 0.76 44.66
N ARG B 87 7.59 -0.37 44.91
CA ARG B 87 7.30 -1.15 46.11
C ARG B 87 8.47 -0.97 47.06
N ASN B 88 8.19 -0.38 48.21
CA ASN B 88 9.20 -0.05 49.18
C ASN B 88 9.46 -1.27 50.06
N PRO B 89 10.63 -1.36 50.70
CA PRO B 89 10.89 -2.51 51.58
C PRO B 89 10.06 -2.47 52.85
N LEU B 90 10.09 -3.59 53.56
CA LEU B 90 9.22 -3.79 54.70
C LEU B 90 9.73 -3.04 55.93
N ASN B 91 8.83 -2.86 56.89
CA ASN B 91 9.18 -2.33 58.20
C ASN B 91 9.92 -3.40 59.01
N ARG B 92 10.47 -2.98 60.16
CA ARG B 92 11.30 -3.87 60.95
C ARG B 92 10.51 -4.97 61.65
N ASP B 93 9.19 -4.86 61.75
CA ASP B 93 8.37 -5.94 62.26
C ASP B 93 7.94 -6.93 61.18
N GLY B 94 8.41 -6.75 59.95
CA GLY B 94 8.01 -7.60 58.85
C GLY B 94 6.78 -7.16 58.11
N SER B 95 6.02 -6.21 58.64
CA SER B 95 4.82 -5.72 57.98
C SER B 95 5.18 -4.80 56.82
N THR B 96 4.17 -4.43 56.03
CA THR B 96 4.37 -3.61 54.86
C THR B 96 4.35 -2.15 55.23
N ALA B 97 5.17 -1.36 54.54
CA ALA B 97 5.29 0.06 54.82
C ALA B 97 4.11 0.83 54.25
N ALA B 98 4.07 2.12 54.53
CA ALA B 98 3.04 2.97 53.98
C ALA B 98 3.39 3.37 52.55
N ILE B 99 2.54 4.15 51.92
CA ILE B 99 2.70 4.53 50.53
C ILE B 99 2.89 6.03 50.45
N VAL B 100 4.08 6.44 50.06
CA VAL B 100 4.33 7.80 49.58
C VAL B 100 4.43 7.76 48.06
N GLU B 101 3.77 8.71 47.42
CA GLU B 101 3.57 8.68 45.97
C GLU B 101 4.58 9.60 45.30
N GLU B 102 5.40 9.02 44.42
CA GLU B 102 6.36 9.76 43.61
C GLU B 102 6.02 9.48 42.16
N GLY B 103 5.54 10.50 41.46
CA GLY B 103 5.36 10.39 40.03
C GLY B 103 6.68 10.24 39.31
N ARG B 104 6.63 9.65 38.12
CA ARG B 104 7.86 9.27 37.48
C ARG B 104 7.68 9.27 35.97
N ALA B 105 8.72 9.69 35.25
CA ALA B 105 8.63 9.87 33.82
C ALA B 105 10.01 9.78 33.20
N HIS B 106 10.06 9.33 31.96
CA HIS B 106 11.29 9.38 31.17
C HIS B 106 11.26 10.60 30.25
N LEU B 107 12.44 11.08 29.91
CA LEU B 107 12.57 12.29 29.09
C LEU B 107 13.67 12.09 28.05
N GLU B 108 13.61 12.90 27.01
CA GLU B 108 14.74 13.12 26.14
C GLU B 108 14.84 14.61 25.89
N VAL B 109 16.02 15.18 26.15
CA VAL B 109 16.20 16.61 26.38
C VAL B 109 17.47 17.06 25.64
N SER B 110 17.40 18.22 25.00
CA SER B 110 18.57 18.96 24.56
C SER B 110 18.77 20.19 25.46
N LEU B 111 20.01 20.70 25.48
CA LEU B 111 20.39 21.79 26.35
C LEU B 111 21.21 22.81 25.59
N LEU B 112 21.05 24.09 25.94
CA LEU B 112 21.86 25.17 25.37
C LEU B 112 22.43 25.99 26.51
N LEU B 113 23.75 25.97 26.67
CA LEU B 113 24.40 26.65 27.77
C LEU B 113 24.96 28.00 27.33
N GLY B 114 25.49 28.78 28.27
CA GLY B 114 26.07 30.07 27.96
C GLY B 114 27.39 30.35 28.66
N VAL B 115 28.48 30.54 27.89
CA VAL B 115 29.82 30.66 28.44
C VAL B 115 30.21 32.12 28.54
N HIS B 116 31.04 32.45 29.53
CA HIS B 116 31.39 33.84 29.80
C HIS B 116 32.85 34.05 30.22
N GLY B 117 33.68 33.02 30.18
CA GLY B 117 34.98 33.05 30.82
C GLY B 117 36.16 33.16 29.88
N ASP B 118 37.32 33.35 30.51
CA ASP B 118 38.59 33.50 29.80
C ASP B 118 39.09 32.18 29.23
N GLY B 119 38.49 31.05 29.63
CA GLY B 119 38.90 29.77 29.08
C GLY B 119 38.51 29.59 27.63
N LEU B 120 37.55 30.38 27.15
CA LEU B 120 37.18 30.31 25.73
C LEU B 120 38.29 30.88 24.85
N ASP B 121 39.14 31.74 25.40
CA ASP B 121 40.34 32.17 24.69
C ASP B 121 41.62 31.56 25.25
N ASP B 122 41.53 30.84 26.37
CA ASP B 122 42.66 30.08 26.88
C ASP B 122 42.70 28.65 26.35
N HIS B 123 41.65 28.19 25.70
CA HIS B 123 41.52 26.82 25.25
C HIS B 123 40.81 26.76 23.90
N PRO B 124 40.83 25.63 23.22
CA PRO B 124 39.76 25.34 22.27
C PRO B 124 38.47 25.07 23.02
N ALA B 125 37.34 25.39 22.36
CA ALA B 125 36.04 25.17 22.97
C ALA B 125 35.66 23.69 23.00
N GLN B 126 36.35 22.85 22.22
CA GLN B 126 36.12 21.41 22.25
C GLN B 126 36.51 20.82 23.59
N GLU B 127 37.53 21.39 24.25
CA GLU B 127 37.87 20.99 25.61
C GLU B 127 36.74 21.27 26.58
N ILE B 128 36.12 22.46 26.45
CA ILE B 128 34.99 22.82 27.29
C ILE B 128 33.81 21.88 27.06
N ALA B 129 33.51 21.61 25.79
CA ALA B 129 32.40 20.73 25.43
C ALA B 129 32.60 19.31 25.97
N ARG B 130 33.77 18.73 25.72
CA ARG B 130 34.07 17.37 26.15
C ARG B 130 34.08 17.24 27.67
N GLN B 131 34.71 18.20 28.37
CA GLN B 131 34.78 18.09 29.82
C GLN B 131 33.41 18.30 30.47
N VAL B 132 32.62 19.24 29.95
CA VAL B 132 31.28 19.48 30.50
C VAL B 132 30.36 18.28 30.25
N GLN B 133 30.45 17.66 29.07
CA GLN B 133 29.58 16.51 28.81
C GLN B 133 30.03 15.28 29.60
N GLU B 134 31.34 15.03 29.67
CA GLU B 134 31.86 13.89 30.41
C GLU B 134 31.69 14.04 31.91
N GLN B 135 31.53 15.26 32.42
CA GLN B 135 31.18 15.34 33.83
C GLN B 135 29.67 15.33 34.04
N ALA B 136 28.89 15.94 33.14
CA ALA B 136 27.44 15.97 33.30
C ALA B 136 26.81 14.61 33.06
N GLY B 137 27.53 13.69 32.41
CA GLY B 137 27.07 12.32 32.30
C GLY B 137 27.34 11.46 33.53
N ALA B 138 27.43 12.09 34.71
CA ALA B 138 27.56 11.40 35.98
C ALA B 138 26.69 12.07 37.04
N MET B 139 25.64 12.75 36.61
CA MET B 139 24.80 13.57 37.50
C MET B 139 23.35 13.18 37.31
N ARG B 140 22.43 13.93 37.92
CA ARG B 140 21.01 13.62 37.86
C ARG B 140 20.25 14.83 37.36
N LEU B 141 19.51 14.68 36.27
CA LEU B 141 19.07 15.85 35.51
C LEU B 141 17.89 16.55 36.17
N ALA B 142 16.85 15.81 36.56
CA ALA B 142 15.75 16.41 37.30
C ALA B 142 15.56 15.76 38.67
N GLY B 143 15.33 14.47 38.72
CA GLY B 143 15.35 13.71 39.94
C GLY B 143 15.89 12.32 39.65
N GLY B 144 16.24 12.10 38.38
CA GLY B 144 16.60 10.78 37.91
C GLY B 144 17.88 10.82 37.09
N SER B 145 18.36 9.63 36.76
CA SER B 145 19.70 9.49 36.25
C SER B 145 19.77 9.84 34.77
N ILE B 146 21.00 10.00 34.29
CA ILE B 146 21.30 10.38 32.92
C ILE B 146 21.90 9.17 32.22
N LEU B 147 21.29 8.77 31.13
CA LEU B 147 21.68 7.45 30.66
C LEU B 147 22.86 7.52 29.69
N PRO B 148 23.69 6.48 29.71
CA PRO B 148 24.70 6.32 28.66
C PRO B 148 24.10 5.89 27.33
N TRP B 149 24.96 5.52 26.39
CA TRP B 149 24.55 5.48 25.00
C TRP B 149 24.20 4.07 24.56
N CYS B 150 23.71 3.99 23.31
CA CYS B 150 22.93 2.89 22.77
C CYS B 150 23.16 2.83 21.28
N ASN B 151 22.16 2.36 20.53
CA ASN B 151 22.06 2.60 19.09
C ASN B 151 22.25 4.06 18.69
N GLU B 152 21.93 5.00 19.59
CA GLU B 152 22.09 6.44 19.37
C GLU B 152 23.47 6.94 19.79
N ARG B 153 24.53 6.13 19.66
CA ARG B 153 25.88 6.55 20.01
C ARG B 153 26.57 7.39 18.92
N PHE B 154 25.86 7.79 17.87
CA PHE B 154 26.34 8.72 16.86
C PHE B 154 26.17 10.21 17.22
N PRO B 155 25.04 10.68 17.85
CA PRO B 155 25.01 12.09 18.30
C PRO B 155 25.69 12.39 19.62
N ALA B 156 26.56 11.49 20.09
CA ALA B 156 27.21 11.65 21.40
C ALA B 156 28.05 12.93 21.58
N PRO B 157 28.92 13.38 20.65
CA PRO B 157 29.69 14.59 20.92
C PRO B 157 28.85 15.86 20.82
N ASN B 158 29.42 16.96 21.34
CA ASN B 158 28.72 18.22 21.47
C ASN B 158 29.00 19.11 20.25
N ALA B 159 28.69 20.39 20.38
CA ALA B 159 29.17 21.45 19.51
C ALA B 159 29.21 22.74 20.31
N GLU B 160 30.02 23.68 19.84
CA GLU B 160 30.06 25.01 20.46
C GLU B 160 30.60 26.00 19.44
N LEU B 161 29.97 27.18 19.40
CA LEU B 161 30.32 28.21 18.43
C LEU B 161 29.97 29.56 19.02
N LEU B 162 30.80 30.56 18.73
CA LEU B 162 30.56 31.92 19.18
C LEU B 162 29.56 32.63 18.27
N MET B 163 29.26 33.88 18.61
CA MET B 163 28.39 34.71 17.77
C MET B 163 28.91 36.11 17.53
N LEU B 164 29.90 36.59 18.29
CA LEU B 164 30.39 37.95 18.12
C LEU B 164 31.50 38.05 17.07
N GLY B 165 32.46 37.14 17.12
CA GLY B 165 33.52 37.14 16.13
C GLY B 165 33.15 36.36 14.90
N GLY B 166 32.70 37.06 13.86
CA GLY B 166 32.32 36.41 12.63
C GLY B 166 31.53 37.35 11.74
N SER B 167 31.17 36.84 10.57
CA SER B 167 30.34 37.56 9.62
C SER B 167 28.92 37.67 10.14
N ASP B 168 28.12 38.50 9.48
CA ASP B 168 26.74 38.75 9.90
C ASP B 168 25.74 38.38 8.82
N GLU B 169 26.11 37.43 7.95
CA GLU B 169 25.21 36.91 6.93
C GLU B 169 24.89 35.44 7.16
N GLN B 170 25.90 34.58 7.24
CA GLN B 170 25.72 33.14 7.30
C GLN B 170 25.53 32.63 8.72
N ARG B 171 25.42 33.53 9.71
CA ARG B 171 25.01 33.12 11.04
C ARG B 171 23.57 32.63 11.07
N ARG B 172 22.75 33.05 10.12
CA ARG B 172 21.46 32.41 9.90
C ARG B 172 21.64 30.95 9.51
N LYS B 173 22.57 30.67 8.60
CA LYS B 173 22.88 29.28 8.25
C LYS B 173 23.48 28.53 9.44
N ASN B 174 24.20 29.23 10.32
CA ASN B 174 24.79 28.59 11.49
C ASN B 174 23.74 28.22 12.53
N GLN B 175 22.86 29.16 12.90
CA GLN B 175 21.85 28.83 13.90
C GLN B 175 20.74 27.96 13.35
N ARG B 176 20.47 27.98 12.04
CA ARG B 176 19.57 27.00 11.49
C ARG B 176 20.28 25.68 11.15
N ARG B 177 21.61 25.63 11.23
CA ARG B 177 22.32 24.37 11.28
C ARG B 177 22.24 23.77 12.68
N LEU B 178 22.30 24.63 13.70
CA LEU B 178 22.01 24.21 15.07
C LEU B 178 20.59 23.69 15.19
N THR B 179 19.63 24.38 14.57
CA THR B 179 18.22 23.98 14.61
C THR B 179 17.99 22.65 13.91
N ARG B 180 18.90 22.24 13.00
CA ARG B 180 18.83 20.90 12.42
C ARG B 180 19.15 19.81 13.44
N ARG B 181 19.74 20.15 14.58
CA ARG B 181 20.05 19.16 15.60
C ARG B 181 19.05 19.15 16.76
N LEU B 182 18.18 20.16 16.84
CA LEU B 182 17.10 20.19 17.82
C LEU B 182 15.75 20.39 17.15
N LEU B 183 15.62 19.93 15.91
CA LEU B 183 14.40 20.14 15.13
C LEU B 183 13.09 19.48 15.59
N PRO B 184 13.02 18.33 16.27
CA PRO B 184 11.70 17.85 16.68
C PRO B 184 11.22 18.30 18.06
N GLY B 185 11.94 19.18 18.75
CA GLY B 185 11.59 19.57 20.10
C GLY B 185 10.72 20.82 20.17
N PHE B 186 10.18 21.05 21.36
CA PHE B 186 9.31 22.19 21.68
C PHE B 186 9.94 22.94 22.85
N ALA B 187 10.51 24.12 22.60
CA ALA B 187 11.18 24.84 23.67
C ALA B 187 10.18 25.40 24.68
N LEU B 188 10.67 25.71 25.87
CA LEU B 188 9.83 26.13 27.00
C LEU B 188 10.31 27.47 27.52
N VAL B 189 9.47 28.50 27.39
CA VAL B 189 9.82 29.85 27.79
C VAL B 189 8.84 30.34 28.84
N SER B 190 9.02 31.58 29.29
CA SER B 190 8.19 32.20 30.33
C SER B 190 7.29 33.23 29.68
N ARG B 191 5.98 33.02 29.81
CA ARG B 191 4.99 33.81 29.07
C ARG B 191 4.02 34.39 30.08
N GLU B 192 4.57 35.03 31.11
CA GLU B 192 3.78 35.49 32.25
C GLU B 192 3.06 36.81 32.00
N ALA B 193 3.23 37.44 30.83
CA ALA B 193 2.48 38.65 30.53
C ALA B 193 1.02 38.34 30.26
N LEU B 194 0.73 37.14 29.75
CA LEU B 194 -0.67 36.80 29.48
C LEU B 194 -1.45 36.53 30.76
N LEU B 195 -0.77 36.21 31.87
CA LEU B 195 -1.46 36.12 33.15
C LEU B 195 -1.94 37.49 33.62
N GLN B 196 -1.17 38.54 33.31
CA GLN B 196 -1.68 39.90 33.45
C GLN B 196 -2.81 40.16 32.48
N GLN B 197 -2.65 39.69 31.24
CA GLN B 197 -3.55 40.07 30.14
C GLN B 197 -4.94 39.46 30.30
N HIS B 198 -5.05 38.32 30.95
CA HIS B 198 -6.35 37.68 31.16
C HIS B 198 -7.05 38.12 32.44
N LEU B 199 -6.62 39.22 33.06
CA LEU B 199 -7.39 39.83 34.12
C LEU B 199 -8.40 40.83 33.60
N GLU B 200 -8.14 41.41 32.43
CA GLU B 200 -9.08 42.35 31.83
C GLU B 200 -10.31 41.65 31.28
N THR B 201 -10.17 40.37 30.93
CA THR B 201 -11.34 39.56 30.63
C THR B 201 -12.15 39.22 31.88
N LEU B 202 -11.53 39.30 33.06
CA LEU B 202 -12.20 39.10 34.33
C LEU B 202 -12.35 40.40 35.11
N ARG B 203 -11.92 41.53 34.55
CA ARG B 203 -12.09 42.83 35.20
C ARG B 203 -13.55 43.24 35.28
N THR B 204 -14.42 42.66 34.43
CA THR B 204 -15.85 42.82 34.58
C THR B 204 -16.40 42.09 35.82
N THR B 205 -15.66 41.12 36.35
CA THR B 205 -16.08 40.40 37.54
C THR B 205 -15.41 40.92 38.81
N LEU B 206 -14.08 40.84 38.89
CA LEU B 206 -13.36 41.21 40.09
C LEU B 206 -11.91 41.45 39.73
N PRO B 207 -11.15 42.12 40.60
CA PRO B 207 -9.70 42.27 40.37
C PRO B 207 -8.88 41.13 40.98
N GLU B 208 -9.52 39.98 41.20
CA GLU B 208 -8.87 38.80 41.74
C GLU B 208 -7.85 38.24 40.75
N ALA B 209 -7.01 37.33 41.24
CA ALA B 209 -5.87 36.85 40.45
C ALA B 209 -5.59 35.36 40.55
N THR B 210 -6.16 34.62 41.49
CA THR B 210 -5.76 33.24 41.74
C THR B 210 -6.47 32.23 40.84
N THR B 211 -7.55 32.63 40.16
CA THR B 211 -8.29 31.74 39.27
C THR B 211 -8.05 32.08 37.80
N LEU B 212 -7.14 32.99 37.51
CA LEU B 212 -6.85 33.38 36.14
C LEU B 212 -6.01 32.35 35.41
N ASP B 213 -5.08 31.73 36.13
CA ASP B 213 -4.21 30.73 35.52
C ASP B 213 -4.96 29.44 35.26
N ALA B 214 -6.00 29.16 36.02
CA ALA B 214 -6.83 27.97 35.86
C ALA B 214 -7.87 28.10 34.76
N LEU B 215 -7.72 29.10 33.88
CA LEU B 215 -8.66 29.34 32.79
C LEU B 215 -8.09 28.99 31.43
N LEU B 216 -6.77 28.83 31.32
CA LEU B 216 -6.14 28.82 30.00
C LEU B 216 -5.75 27.43 29.53
N ASP B 217 -5.44 26.49 30.42
CA ASP B 217 -5.03 25.15 29.99
C ASP B 217 -6.20 24.17 29.91
N LEU B 218 -7.30 24.57 29.29
CA LEU B 218 -8.46 23.70 29.17
C LEU B 218 -9.29 24.13 27.97
N CYS B 219 -10.44 23.52 27.82
CA CYS B 219 -11.37 23.79 26.72
C CYS B 219 -12.59 24.48 27.31
N ARG B 220 -12.66 25.80 27.14
CA ARG B 220 -13.81 26.60 27.54
C ARG B 220 -14.79 26.64 26.39
N ILE B 221 -16.05 26.27 26.64
CA ILE B 221 -17.08 26.21 25.61
C ILE B 221 -18.36 26.84 26.14
N ASN B 222 -18.90 27.80 25.38
CA ASN B 222 -20.25 28.32 25.53
C ASN B 222 -21.05 27.93 24.29
N PHE B 223 -22.28 28.42 24.18
CA PHE B 223 -23.10 28.09 23.01
C PHE B 223 -23.17 29.27 22.05
N GLU B 224 -24.05 29.15 21.05
CA GLU B 224 -24.04 30.04 19.89
C GLU B 224 -24.77 31.34 20.19
N PRO B 225 -24.14 32.51 20.05
CA PRO B 225 -24.84 33.79 20.24
C PRO B 225 -25.54 34.29 18.99
N TRP B 241 -22.08 25.72 20.55
CA TRP B 241 -20.70 25.31 20.75
C TRP B 241 -19.76 26.47 20.49
N GLN B 242 -18.73 26.61 21.33
CA GLN B 242 -17.73 27.68 21.22
C GLN B 242 -16.36 27.07 21.48
N VAL B 243 -15.71 26.60 20.41
CA VAL B 243 -14.30 26.21 20.46
C VAL B 243 -13.51 27.26 19.69
N ARG B 244 -12.29 27.52 20.15
CA ARG B 244 -11.45 28.50 19.49
C ARG B 244 -10.01 28.01 19.51
N ASP B 245 -9.19 28.62 18.66
CA ASP B 245 -7.76 28.34 18.66
C ASP B 245 -7.12 29.02 19.86
N LYS B 246 -6.60 28.21 20.77
CA LYS B 246 -5.84 28.73 21.89
C LYS B 246 -4.55 29.38 21.37
N PRO B 247 -4.14 30.53 21.93
CA PRO B 247 -3.02 31.27 21.33
C PRO B 247 -1.63 30.67 21.55
N GLY B 248 -1.54 29.42 21.97
CA GLY B 248 -0.26 28.75 22.03
C GLY B 248 -0.41 27.38 22.67
N TRP B 249 0.73 26.82 23.07
CA TRP B 249 0.75 25.64 23.92
C TRP B 249 0.91 26.04 25.39
N LEU B 250 -0.08 26.78 25.88
CA LEU B 250 0.06 27.52 27.11
C LEU B 250 -0.23 26.62 28.32
N VAL B 251 0.77 26.46 29.19
CA VAL B 251 0.69 25.52 30.32
C VAL B 251 1.09 26.21 31.63
N PRO B 252 0.54 25.77 32.77
CA PRO B 252 0.94 26.34 34.07
C PRO B 252 2.22 25.68 34.57
N ILE B 253 3.27 26.48 34.74
CA ILE B 253 4.53 25.97 35.27
C ILE B 253 4.73 26.58 36.65
N PRO B 254 5.57 25.99 37.52
CA PRO B 254 5.97 26.69 38.75
C PRO B 254 7.12 27.65 38.49
N ALA B 255 7.11 28.75 39.24
CA ALA B 255 8.03 29.85 38.96
C ALA B 255 8.57 30.47 40.24
N GLY B 256 8.98 29.66 41.19
CA GLY B 256 9.76 30.15 42.30
C GLY B 256 9.07 30.01 43.63
N TYR B 257 9.69 30.59 44.66
CA TYR B 257 9.30 30.42 46.05
C TYR B 257 9.06 31.76 46.72
N ASN B 258 8.03 31.83 47.56
CA ASN B 258 7.74 33.04 48.32
C ASN B 258 7.78 32.72 49.81
N ALA B 259 8.33 33.64 50.59
CA ALA B 259 8.64 33.37 51.99
C ALA B 259 7.40 33.43 52.89
N LEU B 260 7.25 32.40 53.72
CA LEU B 260 6.28 32.41 54.80
C LEU B 260 6.87 32.94 56.09
N SER B 261 8.16 32.67 56.31
CA SER B 261 8.83 32.81 57.59
C SER B 261 10.10 33.62 57.42
N PRO B 262 10.51 34.37 58.43
CA PRO B 262 11.76 35.13 58.34
C PRO B 262 12.99 34.25 58.24
N LEU B 263 14.09 34.87 57.84
CA LEU B 263 15.34 34.16 57.62
C LEU B 263 15.95 33.78 58.96
N TYR B 264 16.33 32.51 59.11
CA TYR B 264 16.85 32.00 60.37
C TYR B 264 18.37 31.92 60.31
N LEU B 265 19.00 32.19 61.45
CA LEU B 265 20.44 32.10 61.56
C LEU B 265 20.86 30.63 61.48
N PRO B 266 22.08 30.33 60.97
CA PRO B 266 22.41 28.94 60.59
C PRO B 266 22.57 27.94 61.72
N GLY B 267 22.24 28.31 62.96
CA GLY B 267 22.22 27.34 64.03
C GLY B 267 20.87 27.21 64.68
N GLU B 268 19.85 27.82 64.08
CA GLU B 268 18.56 27.95 64.74
C GLU B 268 17.61 26.79 64.45
N VAL B 269 17.41 26.48 63.18
CA VAL B 269 16.39 25.51 62.79
C VAL B 269 16.89 24.10 63.06
N ARG B 270 16.12 23.35 63.83
CA ARG B 270 16.42 21.95 64.08
C ARG B 270 16.21 21.13 62.80
N ASN B 271 17.13 20.20 62.57
CA ASN B 271 17.12 19.25 61.44
C ASN B 271 17.19 19.98 60.10
N ALA B 272 18.27 20.71 59.90
CA ALA B 272 18.56 21.31 58.60
C ALA B 272 19.59 20.46 57.87
N ARG B 273 19.69 20.66 56.55
CA ARG B 273 20.70 19.97 55.77
C ARG B 273 22.10 20.42 56.14
N ASP B 274 22.25 21.70 56.43
CA ASP B 274 23.55 22.32 56.60
C ASP B 274 23.58 23.05 57.94
N ARG B 275 24.77 23.21 58.48
CA ARG B 275 24.99 24.06 59.64
C ARG B 275 25.76 25.31 59.26
N GLU B 276 25.66 25.72 57.99
CA GLU B 276 26.32 26.92 57.51
C GLU B 276 25.38 27.92 56.88
N THR B 277 24.39 27.49 56.13
CA THR B 277 23.54 28.40 55.38
C THR B 277 22.32 28.82 56.17
N PRO B 278 21.78 30.01 55.92
CA PRO B 278 20.52 30.40 56.56
C PRO B 278 19.31 29.83 55.83
N LEU B 279 18.19 29.75 56.56
CA LEU B 279 17.02 28.99 56.14
C LEU B 279 15.75 29.83 56.24
N ARG B 280 14.91 29.72 55.21
CA ARG B 280 13.53 30.20 55.22
C ARG B 280 12.57 29.03 55.06
N PHE B 281 11.33 29.26 55.45
CA PHE B 281 10.21 28.40 55.08
C PHE B 281 9.42 29.08 53.98
N VAL B 282 9.33 28.45 52.82
CA VAL B 282 8.73 29.06 51.64
C VAL B 282 7.61 28.18 51.08
N GLU B 283 7.03 28.59 49.96
CA GLU B 283 6.07 27.78 49.22
C GLU B 283 6.05 28.27 47.78
N ASN B 284 5.44 27.48 46.91
CA ASN B 284 5.55 27.67 45.48
C ASN B 284 4.72 28.83 44.98
N LEU B 285 5.19 29.46 43.90
CA LEU B 285 4.42 30.41 43.12
C LEU B 285 4.35 29.92 41.68
N PHE B 286 3.23 30.20 41.01
CA PHE B 286 2.91 29.56 39.75
C PHE B 286 2.85 30.60 38.64
N GLY B 287 3.53 30.32 37.53
CA GLY B 287 3.54 31.21 36.40
C GLY B 287 2.85 30.62 35.20
N LEU B 288 3.46 30.75 34.02
CA LEU B 288 2.89 30.23 32.79
C LEU B 288 4.01 30.10 31.76
N GLY B 289 3.87 29.10 30.89
CA GLY B 289 4.84 28.85 29.85
C GLY B 289 4.17 28.42 28.56
N GLU B 290 4.99 28.19 27.54
CA GLU B 290 4.47 27.69 26.28
C GLU B 290 5.49 26.80 25.59
N TRP B 291 5.00 25.76 24.93
CA TRP B 291 5.86 24.77 24.29
C TRP B 291 6.04 25.09 22.81
N LEU B 292 6.63 26.26 22.55
CA LEU B 292 6.84 26.69 21.18
C LEU B 292 8.01 25.98 20.55
N SER B 293 7.91 25.74 19.25
CA SER B 293 9.03 25.25 18.47
C SER B 293 10.11 26.32 18.39
N PRO B 294 11.38 25.92 18.34
CA PRO B 294 12.48 26.92 18.31
C PRO B 294 12.55 27.78 17.06
N HIS B 295 11.81 27.45 15.99
CA HIS B 295 11.75 28.31 14.81
C HIS B 295 11.11 29.66 15.12
N ARG B 296 10.15 29.67 16.05
CA ARG B 296 9.33 30.87 16.29
C ARG B 296 10.07 32.01 16.96
N VAL B 297 11.31 31.77 17.39
CA VAL B 297 12.16 32.79 17.97
C VAL B 297 13.44 32.84 17.15
N ALA B 298 13.85 34.06 16.76
CA ALA B 298 15.00 34.27 15.89
C ALA B 298 16.32 33.87 16.54
N ALA B 299 16.68 34.54 17.63
CA ALA B 299 17.95 34.29 18.31
C ALA B 299 17.77 33.22 19.38
N LEU B 300 18.65 32.23 19.37
CA LEU B 300 18.56 31.14 20.32
C LEU B 300 18.94 31.54 21.73
N SER B 301 19.66 32.66 21.90
CA SER B 301 20.01 33.14 23.23
C SER B 301 18.83 33.77 23.97
N ASP B 302 17.66 33.82 23.34
CA ASP B 302 16.46 34.32 24.01
C ASP B 302 15.89 33.30 24.98
N LEU B 303 16.13 32.01 24.73
CA LEU B 303 15.42 30.94 25.42
C LEU B 303 15.92 30.71 26.85
N LEU B 304 17.13 31.16 27.17
CA LEU B 304 17.87 30.69 28.33
C LEU B 304 17.24 31.12 29.65
N TRP B 305 17.19 30.20 30.60
CA TRP B 305 16.58 30.40 31.91
C TRP B 305 17.64 30.80 32.94
N TYR B 306 17.31 31.77 33.78
CA TYR B 306 18.24 32.34 34.74
C TYR B 306 17.63 32.37 36.14
N HIS B 307 18.47 32.14 37.14
CA HIS B 307 18.14 32.47 38.52
C HIS B 307 18.41 33.93 38.81
N HIS B 308 17.43 34.60 39.42
CA HIS B 308 17.58 35.98 39.88
C HIS B 308 16.52 36.20 40.94
N ALA B 309 16.95 36.47 42.17
CA ALA B 309 16.03 36.58 43.29
C ALA B 309 16.62 37.48 44.36
N GLU B 310 15.80 38.42 44.87
CA GLU B 310 16.30 39.33 45.88
C GLU B 310 16.13 38.73 47.27
N PRO B 311 17.16 38.79 48.11
CA PRO B 311 17.19 37.94 49.31
C PRO B 311 16.42 38.43 50.51
N ASP B 312 16.38 39.75 50.72
CA ASP B 312 15.97 40.30 52.02
C ASP B 312 14.48 40.14 52.28
N LYS B 313 13.65 40.71 51.42
CA LYS B 313 12.25 40.28 51.39
C LYS B 313 12.17 39.02 50.56
N GLY B 314 11.53 37.99 51.10
CA GLY B 314 11.73 36.66 50.57
C GLY B 314 10.94 36.32 49.32
N LEU B 315 11.37 36.83 48.17
CA LEU B 315 10.81 36.45 46.89
C LEU B 315 11.91 35.75 46.11
N TYR B 316 11.71 34.47 45.84
CA TYR B 316 12.64 33.66 45.07
C TYR B 316 11.96 33.25 43.78
N ARG B 317 12.65 33.41 42.66
CA ARG B 317 12.00 33.27 41.38
C ARG B 317 13.04 32.97 40.31
N TRP B 318 12.62 32.19 39.33
CA TRP B 318 13.37 31.97 38.11
C TRP B 318 12.45 32.24 36.94
N SER B 319 13.03 32.73 35.86
CA SER B 319 12.32 32.99 34.61
C SER B 319 13.34 32.93 33.49
N THR B 320 12.88 33.18 32.26
CA THR B 320 13.80 33.44 31.19
C THR B 320 13.73 34.91 30.80
N PRO B 321 14.86 35.62 30.81
CA PRO B 321 14.90 36.96 30.23
C PRO B 321 15.10 36.89 28.73
N ARG B 322 15.04 38.06 28.10
CA ARG B 322 15.30 38.28 26.67
C ARG B 322 14.31 37.55 25.77
N PHE B 323 13.14 37.17 26.27
CA PHE B 323 12.14 36.56 25.41
C PHE B 323 11.22 37.59 24.77
N VAL B 324 10.57 38.41 25.60
CA VAL B 324 9.52 39.42 25.30
C VAL B 324 8.34 38.93 24.46
N LEU C 8 8.19 37.00 -38.76
CA LEU C 8 8.81 36.01 -39.63
C LEU C 8 9.99 35.32 -38.93
N SER C 9 10.05 34.00 -39.05
CA SER C 9 11.08 33.18 -38.42
C SER C 9 11.18 31.87 -39.18
N THR C 10 11.79 30.88 -38.55
CA THR C 10 12.13 29.61 -39.19
C THR C 10 10.89 28.72 -39.33
N ALA C 11 11.11 27.46 -39.70
CA ALA C 11 10.03 26.51 -39.96
C ALA C 11 10.17 25.32 -39.02
N SER C 12 9.17 25.14 -38.14
CA SER C 12 9.25 24.13 -37.08
C SER C 12 9.23 22.71 -37.63
N VAL C 13 8.53 22.47 -38.74
CA VAL C 13 8.58 21.20 -39.44
C VAL C 13 8.82 21.45 -40.92
N LEU C 14 9.64 20.60 -41.55
CA LEU C 14 9.84 20.60 -42.98
C LEU C 14 10.05 19.18 -43.47
N ALA C 15 9.50 18.88 -44.63
CA ALA C 15 9.60 17.55 -45.22
C ALA C 15 9.66 17.70 -46.73
N PHE C 16 10.77 17.28 -47.32
CA PHE C 16 10.98 17.33 -48.76
C PHE C 16 11.00 15.91 -49.29
N GLU C 17 10.69 15.75 -50.57
CA GLU C 17 10.57 14.43 -51.19
C GLU C 17 11.74 14.15 -52.12
N ARG C 18 12.19 12.90 -52.14
CA ARG C 18 13.43 12.50 -52.80
C ARG C 18 13.29 12.46 -54.30
N LYS C 19 14.42 12.64 -54.99
CA LYS C 19 14.51 12.53 -56.43
C LYS C 19 15.66 11.60 -56.77
N LEU C 20 15.58 11.00 -57.96
CA LEU C 20 16.47 9.94 -58.46
C LEU C 20 16.61 8.80 -57.44
N ASP C 21 15.47 8.15 -57.18
CA ASP C 21 15.60 7.01 -56.28
C ASP C 21 15.88 5.74 -57.07
N PRO C 22 16.89 4.97 -56.69
CA PRO C 22 17.15 3.68 -57.35
C PRO C 22 16.48 2.52 -56.62
N SER C 23 16.53 1.36 -57.27
CA SER C 23 16.15 0.09 -56.64
C SER C 23 17.40 -0.54 -56.03
N ASP C 24 17.32 -1.81 -55.65
CA ASP C 24 18.51 -2.51 -55.17
C ASP C 24 19.34 -3.03 -56.33
N ALA C 25 20.65 -2.77 -56.28
CA ALA C 25 21.58 -3.17 -57.32
C ALA C 25 22.05 -4.58 -57.04
N LEU C 26 21.32 -5.56 -57.57
CA LEU C 26 21.69 -6.96 -57.41
C LEU C 26 22.94 -7.26 -58.21
N MET C 27 23.83 -8.04 -57.62
CA MET C 27 24.95 -8.57 -58.39
C MET C 27 24.56 -9.89 -59.03
N SER C 28 25.22 -10.17 -60.16
CA SER C 28 25.01 -11.37 -60.95
C SER C 28 26.20 -11.49 -61.89
N ALA C 29 26.41 -12.68 -62.43
CA ALA C 29 27.62 -12.96 -63.19
C ALA C 29 27.29 -13.30 -64.64
N GLY C 30 28.31 -13.77 -65.36
CA GLY C 30 28.17 -14.22 -66.73
C GLY C 30 29.50 -14.40 -67.44
N ALA C 31 29.58 -13.94 -68.68
CA ALA C 31 30.82 -13.98 -69.47
C ALA C 31 30.80 -12.82 -70.46
N TRP C 32 31.67 -12.88 -71.46
CA TRP C 32 31.75 -11.89 -72.52
C TRP C 32 31.36 -12.51 -73.86
N ALA C 33 30.83 -11.66 -74.74
CA ALA C 33 30.11 -11.96 -75.99
C ALA C 33 28.78 -12.69 -75.75
N GLN C 34 28.35 -12.82 -74.50
CA GLN C 34 26.96 -13.10 -74.19
C GLN C 34 26.29 -11.92 -73.51
N ARG C 35 26.97 -10.77 -73.47
CA ARG C 35 26.46 -9.57 -72.83
C ARG C 35 25.32 -8.92 -73.63
N ASP C 36 25.10 -9.36 -74.87
CA ASP C 36 23.92 -8.99 -75.65
C ASP C 36 22.79 -10.01 -75.50
N ALA C 37 23.03 -11.09 -74.76
CA ALA C 37 21.99 -12.06 -74.42
C ALA C 37 21.83 -12.17 -72.90
N SER C 38 21.79 -11.03 -72.21
CA SER C 38 21.79 -10.98 -70.75
C SER C 38 20.39 -10.81 -70.16
N GLN C 39 19.35 -11.20 -70.89
CA GLN C 39 18.04 -11.33 -70.25
C GLN C 39 17.99 -12.57 -69.37
N GLU C 40 18.46 -13.70 -69.90
CA GLU C 40 18.61 -14.95 -69.17
C GLU C 40 20.09 -15.10 -68.84
N TRP C 41 20.45 -14.81 -67.59
CA TRP C 41 21.79 -14.93 -67.04
C TRP C 41 21.77 -15.42 -65.60
N PRO C 42 22.87 -16.07 -65.12
CA PRO C 42 22.92 -16.51 -63.72
C PRO C 42 23.13 -15.38 -62.72
N ALA C 43 23.37 -15.73 -61.47
CA ALA C 43 23.50 -14.80 -60.37
C ALA C 43 24.80 -15.03 -59.62
N VAL C 44 24.93 -14.37 -58.47
CA VAL C 44 26.06 -14.57 -57.57
C VAL C 44 25.60 -15.37 -56.35
N THR C 45 26.56 -15.96 -55.65
CA THR C 45 26.30 -16.81 -54.50
C THR C 45 26.80 -16.15 -53.23
N VAL C 46 26.29 -16.63 -52.09
CA VAL C 46 26.66 -16.16 -50.76
C VAL C 46 27.02 -17.37 -49.92
N ARG C 47 28.20 -17.33 -49.30
CA ARG C 47 28.71 -18.43 -48.49
C ARG C 47 29.49 -17.83 -47.32
N GLU C 48 29.68 -18.64 -46.27
CA GLU C 48 30.45 -18.22 -45.11
C GLU C 48 31.51 -19.26 -44.80
N LYS C 49 32.62 -18.80 -44.23
CA LYS C 49 33.81 -19.60 -43.98
C LYS C 49 34.18 -19.51 -42.49
N SER C 50 35.36 -20.00 -42.16
CA SER C 50 35.84 -19.95 -40.79
C SER C 50 36.59 -18.66 -40.50
N GLN C 79 35.94 -17.17 -35.47
CA GLN C 79 34.82 -16.28 -35.74
C GLN C 79 33.92 -16.90 -36.82
N THR C 80 32.74 -16.33 -37.03
CA THR C 80 31.77 -16.85 -38.00
C THR C 80 31.26 -15.70 -38.86
N VAL C 81 31.95 -15.45 -39.98
CA VAL C 81 31.69 -14.29 -40.83
C VAL C 81 31.44 -14.74 -42.25
N ASP C 82 30.90 -13.82 -43.06
CA ASP C 82 30.56 -14.08 -44.46
C ASP C 82 31.63 -13.52 -45.40
N VAL C 83 31.90 -14.27 -46.47
CA VAL C 83 32.74 -13.85 -47.59
C VAL C 83 32.41 -14.69 -48.81
N ALA C 84 32.19 -14.03 -49.96
CA ALA C 84 31.74 -14.71 -51.16
C ALA C 84 32.72 -14.48 -52.30
N ASN C 85 32.42 -15.05 -53.47
CA ASN C 85 33.43 -15.18 -54.50
C ASN C 85 32.76 -15.47 -55.85
N LEU C 86 33.38 -14.95 -56.92
CA LEU C 86 33.01 -15.27 -58.29
C LEU C 86 33.47 -16.67 -58.65
N PRO C 87 32.96 -17.26 -59.73
CA PRO C 87 33.52 -18.54 -60.20
C PRO C 87 34.77 -18.36 -61.04
N SER C 88 35.25 -19.45 -61.62
CA SER C 88 36.43 -19.44 -62.47
C SER C 88 36.14 -19.05 -63.91
N ASP C 89 34.89 -19.17 -64.36
CA ASP C 89 34.54 -18.83 -65.73
C ASP C 89 34.32 -17.35 -65.96
N ALA C 90 34.32 -16.55 -64.89
CA ALA C 90 33.76 -15.21 -64.94
C ALA C 90 34.72 -14.18 -64.38
N ASP C 91 35.09 -13.20 -65.21
CA ASP C 91 35.55 -11.90 -64.75
C ASP C 91 34.41 -10.93 -64.53
N THR C 92 33.20 -11.24 -65.00
CA THR C 92 32.09 -10.32 -65.06
C THR C 92 31.35 -10.20 -63.72
N LEU C 93 30.79 -9.01 -63.49
CA LEU C 93 29.83 -8.76 -62.43
C LEU C 93 28.84 -7.73 -62.96
N LYS C 94 27.60 -7.79 -62.49
CA LYS C 94 26.48 -7.09 -63.13
C LYS C 94 25.70 -6.28 -62.10
N VAL C 95 25.13 -5.17 -62.56
CA VAL C 95 24.40 -4.19 -61.74
C VAL C 95 22.99 -4.05 -62.31
N ARG C 96 22.00 -3.79 -61.45
CA ARG C 96 20.59 -3.68 -61.89
C ARG C 96 19.89 -2.63 -61.03
N PHE C 97 19.65 -1.43 -61.57
CA PHE C 97 18.73 -0.50 -60.91
C PHE C 97 18.16 0.48 -61.93
N THR C 98 17.09 1.19 -61.50
CA THR C 98 16.35 2.11 -62.34
C THR C 98 15.91 3.32 -61.52
N LEU C 99 15.63 4.43 -62.21
CA LEU C 99 15.58 5.75 -61.57
C LEU C 99 14.19 6.39 -61.65
N ARG C 100 14.07 7.52 -60.95
CA ARG C 100 12.76 8.13 -60.69
C ARG C 100 12.96 9.62 -60.41
N VAL C 101 12.66 10.47 -61.38
CA VAL C 101 12.53 11.89 -61.10
C VAL C 101 11.09 12.18 -60.76
N LEU C 102 10.84 13.35 -60.17
CA LEU C 102 9.46 13.72 -59.90
C LEU C 102 9.12 15.05 -60.55
N GLY C 103 9.89 16.08 -60.27
CA GLY C 103 9.63 17.40 -60.82
C GLY C 103 8.99 18.34 -59.81
N GLY C 104 9.41 19.61 -59.82
CA GLY C 104 8.88 20.59 -58.90
C GLY C 104 9.25 20.33 -57.46
N ALA C 105 10.54 20.47 -57.15
CA ALA C 105 11.05 20.11 -55.83
C ALA C 105 11.13 21.28 -54.88
N GLY C 106 10.88 22.51 -55.35
CA GLY C 106 10.91 23.64 -54.45
C GLY C 106 9.73 23.66 -53.49
N THR C 107 8.56 23.24 -53.97
CA THR C 107 7.34 23.33 -53.17
C THR C 107 7.32 22.25 -52.10
N PRO C 108 7.23 22.59 -50.83
CA PRO C 108 7.36 21.60 -49.76
C PRO C 108 6.04 20.98 -49.35
N SER C 109 6.13 19.94 -48.51
CA SER C 109 4.99 19.11 -48.17
C SER C 109 4.65 19.08 -46.70
N ALA C 110 5.34 19.84 -45.85
CA ALA C 110 5.02 19.89 -44.42
C ALA C 110 5.53 21.18 -43.83
N CYS C 111 4.64 21.96 -43.24
CA CYS C 111 5.01 23.17 -42.52
C CYS C 111 3.94 23.51 -41.50
N ASN C 112 4.25 24.47 -40.64
CA ASN C 112 3.26 25.07 -39.76
C ASN C 112 2.94 26.53 -40.09
N ASP C 113 3.84 27.25 -40.75
CA ASP C 113 3.64 28.65 -41.08
C ASP C 113 3.21 28.78 -42.54
N ALA C 114 2.03 29.37 -42.76
CA ALA C 114 1.63 29.70 -44.12
C ALA C 114 2.50 30.83 -44.68
N ALA C 115 2.91 31.75 -43.82
CA ALA C 115 3.80 32.83 -44.22
C ALA C 115 5.17 32.33 -44.62
N TYR C 116 5.63 31.19 -44.09
CA TYR C 116 6.92 30.65 -44.52
C TYR C 116 6.82 30.13 -45.96
N ARG C 117 5.66 29.57 -46.33
CA ARG C 117 5.41 29.23 -47.73
C ARG C 117 5.32 30.48 -48.59
N ASP C 118 4.66 31.52 -48.09
CA ASP C 118 4.49 32.76 -48.84
C ASP C 118 5.80 33.53 -48.95
N LYS C 119 6.80 33.21 -48.13
CA LYS C 119 8.14 33.78 -48.25
C LYS C 119 9.13 32.86 -48.97
N LEU C 120 8.83 31.57 -49.07
CA LEU C 120 9.66 30.60 -49.78
C LEU C 120 9.34 30.50 -51.26
N LEU C 121 8.10 30.83 -51.65
CA LEU C 121 7.70 30.71 -53.05
C LEU C 121 8.46 31.69 -53.95
N GLN C 122 8.70 32.92 -53.47
CA GLN C 122 9.43 33.90 -54.28
C GLN C 122 10.87 33.46 -54.50
N THR C 123 11.48 32.87 -53.46
CA THR C 123 12.87 32.44 -53.56
C THR C 123 13.03 31.25 -54.50
N VAL C 124 12.15 30.25 -54.39
CA VAL C 124 12.27 29.08 -55.27
C VAL C 124 11.93 29.46 -56.71
N ALA C 125 10.96 30.36 -56.92
CA ALA C 125 10.65 30.79 -58.28
C ALA C 125 11.75 31.67 -58.85
N THR C 126 12.42 32.44 -57.99
CA THR C 126 13.54 33.27 -58.42
C THR C 126 14.70 32.42 -58.88
N TYR C 127 14.97 31.32 -58.18
CA TYR C 127 16.01 30.41 -58.65
C TYR C 127 15.59 29.64 -59.89
N VAL C 128 14.30 29.35 -60.05
CA VAL C 128 13.85 28.58 -61.22
C VAL C 128 13.92 29.43 -62.49
N ASN C 129 13.34 30.64 -62.46
CA ASN C 129 13.03 31.32 -63.72
C ASN C 129 14.23 31.96 -64.39
N ASP C 130 15.28 32.29 -63.65
CA ASP C 130 16.36 33.09 -64.23
C ASP C 130 17.44 32.26 -64.91
N GLN C 131 17.44 30.94 -64.73
CA GLN C 131 18.49 30.09 -65.28
C GLN C 131 18.00 28.64 -65.34
N GLY C 132 18.56 27.88 -66.28
CA GLY C 132 18.21 26.48 -66.43
C GLY C 132 19.00 25.59 -65.50
N PHE C 133 18.46 24.39 -65.26
CA PHE C 133 18.97 23.48 -64.24
C PHE C 133 20.04 22.54 -64.76
N ALA C 134 20.66 22.84 -65.90
CA ALA C 134 21.61 21.93 -66.52
C ALA C 134 22.92 21.82 -65.77
N GLU C 135 23.23 22.79 -64.88
CA GLU C 135 24.45 22.72 -64.10
C GLU C 135 24.38 21.61 -63.07
N LEU C 136 23.20 21.39 -62.49
CA LEU C 136 22.95 20.19 -61.70
C LEU C 136 23.02 18.95 -62.58
N ALA C 137 22.53 19.07 -63.82
CA ALA C 137 22.22 17.90 -64.62
C ALA C 137 23.49 17.27 -65.20
N ARG C 138 24.49 18.10 -65.53
CA ARG C 138 25.79 17.56 -65.95
C ARG C 138 26.45 16.78 -64.83
N ARG C 139 26.37 17.31 -63.62
CA ARG C 139 27.04 16.72 -62.47
C ARG C 139 26.26 15.52 -61.90
N TYR C 140 24.99 15.39 -62.27
CA TYR C 140 24.25 14.14 -62.09
C TYR C 140 24.62 13.13 -63.17
N ALA C 141 24.55 13.54 -64.43
CA ALA C 141 24.59 12.62 -65.55
C ALA C 141 25.98 12.13 -65.89
N HIS C 142 27.04 12.81 -65.43
CA HIS C 142 28.36 12.22 -65.63
C HIS C 142 28.63 11.14 -64.58
N ASN C 143 28.09 11.30 -63.37
CA ASN C 143 28.13 10.20 -62.39
C ASN C 143 27.27 9.03 -62.86
N LEU C 144 26.22 9.34 -63.62
CA LEU C 144 25.55 8.27 -64.37
C LEU C 144 26.48 7.66 -65.42
N ALA C 145 27.25 8.51 -66.12
CA ALA C 145 28.09 8.03 -67.21
C ALA C 145 29.38 7.39 -66.72
N ASN C 146 29.96 7.91 -65.64
CA ASN C 146 31.21 7.37 -65.12
C ASN C 146 30.94 6.18 -64.23
N ALA C 147 31.97 5.76 -63.50
CA ALA C 147 31.88 4.68 -62.51
C ALA C 147 31.90 5.26 -61.10
N ARG C 148 31.17 6.36 -60.89
CA ARG C 148 31.00 6.89 -59.53
C ARG C 148 30.14 5.96 -58.69
N PHE C 149 29.17 5.29 -59.32
CA PHE C 149 28.36 4.27 -58.65
C PHE C 149 29.07 2.93 -58.57
N LEU C 150 29.99 2.65 -59.48
CA LEU C 150 30.93 1.54 -59.35
C LEU C 150 32.14 2.02 -58.53
N TRP C 151 31.88 2.21 -57.23
CA TRP C 151 32.83 2.81 -56.30
C TRP C 151 34.07 1.93 -56.14
N ARG C 152 33.85 0.74 -55.58
CA ARG C 152 34.90 -0.22 -55.31
C ARG C 152 34.84 -1.39 -56.29
N ASN C 153 34.30 -1.13 -57.48
CA ASN C 153 34.29 -2.05 -58.61
C ASN C 153 35.34 -1.69 -59.65
N ARG C 154 36.23 -0.76 -59.35
CA ARG C 154 37.39 -0.51 -60.19
C ARG C 154 38.62 -0.28 -59.32
N VAL C 155 38.73 -1.03 -58.23
CA VAL C 155 39.96 -1.06 -57.44
C VAL C 155 40.81 -2.17 -58.05
N GLY C 156 41.48 -1.83 -59.14
CA GLY C 156 42.26 -2.82 -59.88
C GLY C 156 41.57 -3.42 -61.09
N ALA C 157 40.84 -2.60 -61.85
CA ALA C 157 40.19 -3.02 -63.07
C ALA C 157 40.97 -2.52 -64.29
N GLU C 158 40.49 -2.87 -65.49
CA GLU C 158 41.24 -2.49 -66.69
C GLU C 158 40.39 -1.83 -67.77
N ALA C 159 39.15 -2.26 -67.96
CA ALA C 159 38.29 -1.73 -69.03
C ALA C 159 36.86 -1.67 -68.54
N VAL C 160 36.30 -0.46 -68.47
CA VAL C 160 34.98 -0.21 -67.87
C VAL C 160 34.02 0.16 -68.99
N GLU C 161 32.88 -0.51 -69.02
CA GLU C 161 31.86 -0.30 -70.06
C GLU C 161 30.50 -0.34 -69.38
N VAL C 162 29.74 0.75 -69.47
CA VAL C 162 28.45 0.89 -68.81
C VAL C 162 27.40 1.16 -69.88
N ARG C 163 26.18 0.64 -69.67
CA ARG C 163 25.10 0.76 -70.64
C ARG C 163 23.82 1.19 -69.92
N ILE C 164 23.20 2.27 -70.39
CA ILE C 164 22.12 2.95 -69.67
C ILE C 164 20.94 3.14 -70.61
N ASN C 165 19.73 2.81 -70.15
CA ASN C 165 18.54 2.80 -70.98
C ASN C 165 17.56 3.89 -70.56
N HIS C 166 16.85 4.45 -71.54
CA HIS C 166 15.76 5.41 -71.34
C HIS C 166 14.45 4.74 -71.73
N ILE C 167 13.70 4.32 -70.72
CA ILE C 167 12.58 3.41 -70.92
C ILE C 167 11.28 4.21 -70.86
N ARG C 168 10.54 4.22 -71.96
CA ARG C 168 9.17 4.75 -71.92
C ARG C 168 8.18 3.65 -71.56
N GLN C 169 8.28 2.50 -72.23
CA GLN C 169 7.27 1.45 -72.21
C GLN C 169 7.98 0.09 -72.28
N GLY C 170 7.29 -0.94 -72.78
CA GLY C 170 7.81 -2.31 -72.78
C GLY C 170 9.08 -2.55 -73.59
N GLU C 171 9.56 -1.55 -74.34
CA GLU C 171 10.87 -1.61 -74.98
C GLU C 171 11.66 -0.37 -74.57
N VAL C 172 12.80 -0.15 -75.24
CA VAL C 172 13.59 1.05 -75.08
C VAL C 172 13.56 1.80 -76.41
N ALA C 173 13.71 3.13 -76.34
CA ALA C 173 13.68 3.92 -77.57
C ALA C 173 14.78 4.97 -77.67
N ARG C 174 15.51 5.26 -76.59
CA ARG C 174 16.69 6.12 -76.62
C ARG C 174 17.77 5.39 -75.82
N ALA C 175 18.58 4.61 -76.51
CA ALA C 175 19.59 3.80 -75.85
C ALA C 175 20.95 4.50 -75.86
N TRP C 176 21.72 4.26 -74.80
CA TRP C 176 23.08 4.73 -74.69
C TRP C 176 23.98 3.58 -74.30
N ARG C 177 25.28 3.86 -74.29
CA ARG C 177 26.27 2.94 -73.73
C ARG C 177 27.50 3.77 -73.41
N PHE C 178 27.79 3.98 -72.14
CA PHE C 178 28.73 4.99 -71.69
C PHE C 178 30.06 4.36 -71.26
N ASP C 179 31.01 5.23 -70.95
CA ASP C 179 32.38 4.83 -70.65
C ASP C 179 32.88 5.64 -69.47
N ALA C 180 33.63 4.99 -68.58
CA ALA C 180 34.15 5.61 -67.39
C ALA C 180 35.66 5.83 -67.45
N LEU C 181 36.31 5.42 -68.53
CA LEU C 181 37.73 5.74 -68.69
C LEU C 181 37.93 7.19 -69.09
N ALA C 182 36.99 7.74 -69.87
CA ALA C 182 37.22 9.01 -70.56
C ALA C 182 37.17 10.19 -69.62
N ILE C 183 36.02 10.44 -68.99
CA ILE C 183 35.89 11.56 -68.07
C ILE C 183 36.49 11.18 -66.72
N GLY C 184 37.51 11.92 -66.29
CA GLY C 184 38.19 11.59 -65.06
C GLY C 184 37.32 11.87 -63.84
N LEU C 185 37.36 10.95 -62.87
CA LEU C 185 36.45 10.86 -61.74
C LEU C 185 36.56 12.00 -60.77
N ARG C 186 37.33 13.07 -60.97
CA ARG C 186 37.28 14.22 -60.09
C ARG C 186 36.90 15.53 -60.79
N ASP C 187 36.90 15.58 -62.11
CA ASP C 187 36.48 16.77 -62.83
C ASP C 187 35.16 16.54 -63.57
N PHE C 188 34.56 17.65 -64.00
CA PHE C 188 33.19 17.68 -64.51
C PHE C 188 33.15 18.01 -65.99
N LYS C 189 34.23 17.75 -66.72
CA LYS C 189 34.36 18.20 -68.10
C LYS C 189 33.48 17.36 -69.02
N ALA C 190 32.55 18.03 -69.69
CA ALA C 190 31.45 17.40 -70.40
C ALA C 190 31.90 16.84 -71.75
N ASP C 191 31.11 15.88 -72.26
CA ASP C 191 31.32 15.35 -73.61
C ASP C 191 30.02 15.38 -74.42
N ALA C 192 30.02 14.75 -75.59
CA ALA C 192 28.92 14.90 -76.54
C ALA C 192 27.66 14.16 -76.10
N GLU C 193 27.82 13.03 -75.41
CA GLU C 193 26.68 12.29 -74.91
C GLU C 193 25.96 13.00 -73.79
N LEU C 194 26.64 13.92 -73.09
CA LEU C 194 26.18 14.36 -71.78
C LEU C 194 25.07 15.40 -71.88
N ASP C 195 25.02 16.18 -72.96
CA ASP C 195 24.08 17.30 -73.03
C ASP C 195 22.64 16.83 -73.24
N ALA C 196 22.43 15.77 -74.03
CA ALA C 196 21.08 15.28 -74.26
C ALA C 196 20.50 14.66 -73.00
N LEU C 197 21.31 13.88 -72.28
CA LEU C 197 20.88 13.31 -71.01
C LEU C 197 20.69 14.41 -69.97
N ALA C 198 21.51 15.47 -70.04
CA ALA C 198 21.38 16.58 -69.11
C ALA C 198 20.09 17.36 -69.33
N GLU C 199 19.76 17.65 -70.59
CA GLU C 199 18.53 18.38 -70.86
C GLU C 199 17.30 17.50 -70.63
N LEU C 200 17.44 16.18 -70.79
CA LEU C 200 16.36 15.26 -70.45
C LEU C 200 16.08 15.24 -68.95
N ILE C 201 17.14 15.11 -68.14
CA ILE C 201 16.96 15.09 -66.69
C ILE C 201 16.57 16.46 -66.16
N ALA C 202 17.00 17.53 -66.82
CA ALA C 202 16.57 18.87 -66.44
C ALA C 202 15.13 19.16 -66.86
N SER C 203 14.64 18.49 -67.91
CA SER C 203 13.20 18.45 -68.12
C SER C 203 12.52 17.64 -67.02
N GLY C 204 13.20 16.59 -66.55
CA GLY C 204 12.71 15.74 -65.48
C GLY C 204 12.45 16.45 -64.16
N LEU C 205 13.50 16.92 -63.49
CA LEU C 205 13.33 17.40 -62.12
C LEU C 205 12.72 18.79 -62.03
N SER C 206 12.51 19.46 -63.17
CA SER C 206 11.85 20.76 -63.19
C SER C 206 10.37 20.67 -63.51
N GLY C 207 9.86 19.50 -63.86
CA GLY C 207 8.45 19.33 -64.14
C GLY C 207 8.08 19.38 -65.61
N SER C 208 9.03 19.28 -66.52
CA SER C 208 8.78 19.31 -67.96
C SER C 208 8.73 17.93 -68.57
N GLY C 209 8.39 16.91 -67.78
CA GLY C 209 8.25 15.56 -68.31
C GLY C 209 8.92 14.50 -67.45
N HIS C 210 8.15 13.50 -67.05
CA HIS C 210 8.67 12.45 -66.18
C HIS C 210 9.61 11.53 -66.95
N VAL C 211 10.80 11.30 -66.40
CA VAL C 211 11.76 10.39 -67.02
C VAL C 211 11.93 9.17 -66.14
N LEU C 212 12.29 8.05 -66.79
CA LEU C 212 12.54 6.78 -66.10
C LEU C 212 13.81 6.19 -66.70
N LEU C 213 14.93 6.40 -66.04
CA LEU C 213 16.19 5.79 -66.44
C LEU C 213 16.28 4.37 -65.89
N GLU C 214 17.07 3.53 -66.56
CA GLU C 214 17.56 2.27 -65.99
C GLU C 214 19.07 2.23 -66.13
N VAL C 215 19.79 2.38 -65.03
CA VAL C 215 21.25 2.44 -65.06
C VAL C 215 21.78 1.12 -64.53
N VAL C 216 22.44 0.37 -65.42
CA VAL C 216 22.96 -0.96 -65.14
C VAL C 216 24.40 -1.01 -65.63
N ALA C 217 25.19 -1.92 -65.06
CA ALA C 217 26.60 -1.98 -65.40
C ALA C 217 27.07 -3.43 -65.54
N PHE C 218 28.19 -3.58 -66.26
CA PHE C 218 28.86 -4.86 -66.43
C PHE C 218 30.32 -4.68 -66.04
N ALA C 219 30.83 -5.53 -65.15
CA ALA C 219 32.14 -5.30 -64.55
C ALA C 219 33.18 -6.28 -65.07
N ARG C 220 34.43 -5.99 -64.71
CA ARG C 220 35.58 -6.87 -64.94
C ARG C 220 36.29 -6.96 -63.60
N ILE C 221 36.13 -8.09 -62.93
CA ILE C 221 36.51 -8.22 -61.53
C ILE C 221 37.78 -9.05 -61.41
N GLY C 222 37.70 -10.32 -61.83
CA GLY C 222 38.80 -11.24 -61.62
C GLY C 222 38.32 -12.66 -61.45
N ASP C 223 39.02 -13.60 -62.08
CA ASP C 223 38.57 -14.99 -62.17
C ASP C 223 38.80 -15.65 -60.82
N GLY C 224 37.76 -15.60 -59.98
CA GLY C 224 37.89 -16.08 -58.61
C GLY C 224 38.25 -14.96 -57.66
N GLN C 225 37.42 -13.93 -57.60
CA GLN C 225 37.73 -12.72 -56.86
C GLN C 225 36.68 -12.44 -55.79
N GLU C 226 37.14 -11.96 -54.64
CA GLU C 226 36.28 -11.64 -53.50
C GLU C 226 35.42 -10.41 -53.77
N VAL C 227 34.17 -10.47 -53.30
CA VAL C 227 33.18 -9.41 -53.55
C VAL C 227 33.04 -8.55 -52.30
N PHE C 228 32.55 -7.32 -52.50
CA PHE C 228 32.25 -6.40 -51.41
C PHE C 228 30.84 -5.86 -51.58
N PRO C 229 29.81 -6.59 -51.13
CA PRO C 229 28.46 -5.98 -51.07
C PRO C 229 28.25 -5.18 -49.81
N SER C 230 27.01 -4.76 -49.56
CA SER C 230 26.68 -3.93 -48.41
C SER C 230 26.50 -4.79 -47.16
N GLN C 231 26.17 -4.12 -46.06
CA GLN C 231 25.80 -4.78 -44.81
C GLN C 231 24.62 -4.00 -44.23
N GLU C 232 24.17 -4.43 -43.06
CA GLU C 232 23.28 -3.64 -42.21
C GLU C 232 24.15 -2.81 -41.26
N LEU C 233 23.55 -2.30 -40.19
CA LEU C 233 24.28 -1.73 -39.06
C LEU C 233 25.34 -2.67 -38.48
N LYS C 246 30.25 -10.91 -38.79
CA LYS C 246 29.93 -10.10 -39.95
C LYS C 246 28.90 -10.81 -40.82
N THR C 247 28.05 -10.02 -41.48
CA THR C 247 27.08 -10.54 -42.42
C THR C 247 26.94 -9.56 -43.57
N LEU C 248 27.42 -9.95 -44.75
CA LEU C 248 27.19 -9.17 -45.95
C LEU C 248 25.70 -9.20 -46.31
N TYR C 249 25.16 -8.06 -46.74
CA TYR C 249 23.72 -7.88 -46.88
C TYR C 249 23.22 -8.72 -48.05
N SER C 250 22.52 -9.80 -47.74
CA SER C 250 22.18 -10.84 -48.69
C SER C 250 20.69 -10.76 -49.01
N VAL C 251 20.37 -10.28 -50.21
CA VAL C 251 19.06 -10.58 -50.78
C VAL C 251 19.09 -12.04 -51.22
N ARG C 252 17.92 -12.69 -51.20
CA ARG C 252 17.86 -14.14 -51.30
C ARG C 252 18.24 -14.62 -52.69
N ASP C 253 19.19 -15.57 -52.73
CA ASP C 253 19.78 -16.16 -53.94
C ASP C 253 20.44 -15.13 -54.86
N ALA C 254 20.93 -14.03 -54.31
CA ALA C 254 21.69 -13.02 -55.04
C ALA C 254 22.51 -12.23 -54.02
N ALA C 255 23.02 -11.06 -54.43
CA ALA C 255 23.68 -10.14 -53.52
C ALA C 255 23.49 -8.73 -54.02
N ALA C 256 22.97 -7.85 -53.16
CA ALA C 256 22.62 -6.49 -53.54
C ALA C 256 23.14 -5.48 -52.54
N ILE C 257 23.27 -4.24 -53.01
CA ILE C 257 23.57 -3.07 -52.18
C ILE C 257 22.34 -2.18 -52.22
N HIS C 258 22.07 -1.49 -51.09
CA HIS C 258 20.81 -0.81 -50.81
C HIS C 258 20.52 0.39 -51.70
N SER C 259 19.45 1.10 -51.40
CA SER C 259 19.06 2.26 -52.21
C SER C 259 19.95 3.46 -51.93
N GLN C 260 20.28 3.69 -50.65
CA GLN C 260 20.93 4.93 -50.23
C GLN C 260 22.36 5.06 -50.74
N LYS C 261 23.03 3.96 -51.09
CA LYS C 261 24.38 4.08 -51.59
C LYS C 261 24.42 4.66 -53.00
N ILE C 262 23.47 4.29 -53.84
CA ILE C 262 23.40 4.86 -55.18
C ILE C 262 22.68 6.22 -55.18
N GLY C 263 21.68 6.38 -54.31
CA GLY C 263 21.08 7.69 -54.07
C GLY C 263 22.03 8.68 -53.43
N ASN C 264 23.13 8.18 -52.83
CA ASN C 264 24.29 8.99 -52.50
C ASN C 264 25.16 9.23 -53.73
N ALA C 265 25.48 8.15 -54.45
CA ALA C 265 26.51 8.18 -55.49
C ALA C 265 26.16 9.07 -56.65
N LEU C 266 24.87 9.25 -56.92
CA LEU C 266 24.45 10.04 -58.07
C LEU C 266 24.26 11.51 -57.75
N ARG C 267 24.66 11.96 -56.56
CA ARG C 267 24.58 13.37 -56.19
C ARG C 267 25.87 13.83 -55.52
N THR C 268 27.00 13.52 -56.14
CA THR C 268 28.29 14.09 -55.72
C THR C 268 28.42 15.47 -56.36
N ILE C 269 27.73 16.44 -55.76
CA ILE C 269 27.56 17.76 -56.34
C ILE C 269 28.30 18.83 -55.54
N ASP C 270 28.62 18.58 -54.27
CA ASP C 270 29.40 19.52 -53.47
C ASP C 270 30.82 19.55 -53.98
N THR C 271 31.13 20.56 -54.80
CA THR C 271 32.50 20.97 -55.04
C THR C 271 32.57 22.49 -54.97
N TRP C 272 31.77 23.08 -54.09
CA TRP C 272 31.99 24.44 -53.60
C TRP C 272 32.29 24.46 -52.11
N TYR C 273 32.69 23.32 -51.55
CA TYR C 273 33.04 23.26 -50.14
C TYR C 273 34.32 24.08 -49.90
N PRO C 274 34.43 24.76 -48.74
CA PRO C 274 35.26 25.97 -48.70
C PRO C 274 36.76 25.76 -48.83
N ASP C 275 37.32 24.74 -48.17
CA ASP C 275 38.74 24.74 -47.81
C ASP C 275 39.64 24.56 -49.04
N GLU C 276 39.51 23.44 -49.75
CA GLU C 276 40.39 23.13 -50.87
C GLU C 276 39.58 22.47 -51.98
N ASP C 277 39.56 23.10 -53.15
CA ASP C 277 38.74 22.64 -54.26
C ASP C 277 39.50 21.83 -55.30
N GLY C 278 40.78 21.54 -55.06
CA GLY C 278 41.52 20.66 -55.95
C GLY C 278 41.28 19.18 -55.71
N LEU C 279 40.61 18.83 -54.62
CA LEU C 279 40.43 17.43 -54.25
C LEU C 279 39.42 16.72 -55.14
N GLY C 280 38.18 17.22 -55.21
CA GLY C 280 37.17 16.62 -56.06
C GLY C 280 35.78 16.68 -55.46
N PRO C 281 34.81 16.03 -56.11
CA PRO C 281 33.43 16.08 -55.62
C PRO C 281 33.15 15.12 -54.47
N ILE C 282 32.57 15.66 -53.41
CA ILE C 282 31.92 14.86 -52.36
C ILE C 282 30.43 15.22 -52.42
N ALA C 283 29.59 14.41 -51.77
CA ALA C 283 28.15 14.55 -51.87
C ALA C 283 27.65 15.75 -51.05
N VAL C 284 26.33 15.94 -51.08
CA VAL C 284 25.67 17.15 -50.60
C VAL C 284 24.91 16.81 -49.32
N GLU C 285 25.37 17.38 -48.20
CA GLU C 285 24.75 17.13 -46.89
C GLU C 285 24.64 18.43 -46.10
N PRO C 286 23.49 18.73 -45.50
CA PRO C 286 23.44 19.77 -44.47
C PRO C 286 24.15 19.27 -43.23
N TYR C 287 25.07 20.10 -42.71
CA TYR C 287 26.08 19.69 -41.72
C TYR C 287 26.89 18.50 -42.23
N GLY C 288 27.61 18.73 -43.32
CA GLY C 288 28.22 17.64 -44.05
C GLY C 288 29.45 17.04 -43.39
N SER C 289 29.33 15.84 -42.86
CA SER C 289 30.46 15.11 -42.29
C SER C 289 30.67 13.82 -43.06
N VAL C 290 31.94 13.49 -43.32
CA VAL C 290 32.35 12.34 -44.12
C VAL C 290 33.35 11.53 -43.30
N THR C 291 33.14 10.22 -43.24
CA THR C 291 34.05 9.35 -42.50
C THR C 291 35.34 9.11 -43.28
N SER C 292 35.22 8.86 -44.59
CA SER C 292 36.33 8.39 -45.42
C SER C 292 37.42 9.44 -45.60
N GLN C 293 37.07 10.68 -45.94
CA GLN C 293 38.05 11.76 -45.88
C GLN C 293 38.17 12.35 -44.49
N GLY C 294 37.40 11.86 -43.53
CA GLY C 294 37.54 12.24 -42.13
C GLY C 294 37.02 13.60 -41.79
N LYS C 295 37.64 14.65 -42.35
CA LYS C 295 37.28 16.01 -42.00
C LYS C 295 35.94 16.41 -42.57
N ALA C 296 35.13 17.06 -41.74
CA ALA C 296 33.80 17.50 -42.13
C ALA C 296 33.93 18.87 -42.81
N TYR C 297 33.50 18.94 -44.06
CA TYR C 297 33.43 20.20 -44.76
C TYR C 297 32.27 21.01 -44.22
N ARG C 298 32.33 22.32 -44.46
CA ARG C 298 31.21 23.26 -44.30
C ARG C 298 30.74 23.32 -42.83
N GLN C 299 31.66 23.77 -41.98
CA GLN C 299 31.41 23.81 -40.54
C GLN C 299 30.39 24.89 -40.19
N PRO C 300 29.58 24.68 -39.15
CA PRO C 300 28.57 25.67 -38.76
C PRO C 300 29.09 26.90 -38.02
N LYS C 301 30.30 26.90 -37.48
CA LYS C 301 30.83 28.09 -36.82
C LYS C 301 31.36 29.14 -37.78
N GLN C 302 31.35 28.88 -39.08
CA GLN C 302 31.48 29.94 -40.07
C GLN C 302 30.32 29.82 -41.05
N LYS C 303 29.96 30.95 -41.65
CA LYS C 303 28.68 31.09 -42.34
C LYS C 303 28.68 30.55 -43.76
N LEU C 304 28.72 29.24 -43.94
CA LEU C 304 28.32 28.66 -45.22
C LEU C 304 27.56 27.34 -45.09
N ASP C 305 27.19 26.94 -43.87
CA ASP C 305 26.36 25.75 -43.71
C ASP C 305 24.94 26.02 -44.21
N PHE C 306 24.19 24.92 -44.44
CA PHE C 306 22.87 24.99 -45.06
C PHE C 306 21.86 25.73 -44.19
N TYR C 307 21.96 25.61 -42.88
CA TYR C 307 20.96 26.15 -41.95
C TYR C 307 21.04 27.66 -41.77
N THR C 308 22.01 28.34 -42.35
CA THR C 308 22.01 29.80 -42.33
C THR C 308 21.86 30.40 -43.72
N LEU C 309 22.46 29.78 -44.74
CA LEU C 309 22.20 30.22 -46.11
C LEU C 309 20.76 29.96 -46.52
N LEU C 310 20.10 28.94 -45.97
CA LEU C 310 18.67 28.77 -46.22
C LEU C 310 17.88 29.91 -45.60
N ASP C 311 18.24 30.30 -44.37
CA ASP C 311 17.63 31.43 -43.68
C ASP C 311 17.78 32.72 -44.48
N ASN C 312 18.94 32.92 -45.09
CA ASN C 312 19.20 34.18 -45.79
C ASN C 312 18.65 34.17 -47.22
N TRP C 313 18.92 33.10 -47.97
CA TRP C 313 18.47 32.97 -49.36
C TRP C 313 16.95 32.91 -49.45
N VAL C 314 16.30 32.26 -48.49
CA VAL C 314 14.84 32.11 -48.56
C VAL C 314 14.13 33.35 -48.02
N LEU C 315 14.37 33.71 -46.76
CA LEU C 315 13.42 34.58 -46.09
C LEU C 315 13.56 36.04 -46.51
N ARG C 316 14.64 36.71 -46.12
CA ARG C 316 14.68 38.16 -46.30
C ARG C 316 15.26 38.59 -47.64
N ASP C 317 15.34 37.66 -48.60
CA ASP C 317 15.62 37.90 -50.02
C ASP C 317 17.01 38.50 -50.26
N GLU C 318 17.96 38.22 -49.38
CA GLU C 318 19.36 38.54 -49.66
C GLU C 318 20.04 37.26 -50.11
N ALA C 319 21.00 37.39 -51.01
CA ALA C 319 21.48 36.22 -51.71
C ALA C 319 22.84 35.78 -51.21
N PRO C 320 22.96 34.54 -50.78
CA PRO C 320 24.25 33.85 -50.85
C PRO C 320 24.72 33.65 -52.29
N ALA C 321 25.94 33.16 -52.43
CA ALA C 321 26.69 33.30 -53.67
C ALA C 321 26.13 32.43 -54.80
N VAL C 322 26.47 32.82 -56.03
CA VAL C 322 26.13 32.03 -57.21
C VAL C 322 27.04 30.80 -57.28
N GLU C 323 28.15 30.81 -56.54
CA GLU C 323 28.91 29.61 -56.24
C GLU C 323 28.38 28.88 -55.00
N GLN C 324 27.08 29.03 -54.69
CA GLN C 324 26.43 28.22 -53.66
C GLN C 324 25.10 27.64 -54.12
N GLN C 325 24.54 28.12 -55.25
CA GLN C 325 23.13 27.94 -55.57
C GLN C 325 22.78 26.50 -55.89
N HIS C 326 23.62 25.83 -56.67
CA HIS C 326 23.32 24.45 -57.03
C HIS C 326 23.52 23.50 -55.85
N TYR C 327 24.36 23.88 -54.87
CA TYR C 327 24.41 23.17 -53.60
C TYR C 327 23.13 23.38 -52.78
N VAL C 328 22.58 24.61 -52.81
CA VAL C 328 21.31 24.89 -52.12
C VAL C 328 20.18 24.02 -52.68
N ILE C 329 20.04 24.05 -54.01
CA ILE C 329 18.96 23.29 -54.63
C ILE C 329 19.22 21.79 -54.58
N ALA C 330 20.49 21.35 -54.46
CA ALA C 330 20.75 19.93 -54.23
C ALA C 330 20.34 19.50 -52.82
N ASN C 331 20.51 20.39 -51.83
CA ASN C 331 19.95 20.15 -50.50
C ASN C 331 18.43 20.07 -50.55
N LEU C 332 17.79 20.92 -51.38
CA LEU C 332 16.34 20.81 -51.56
C LEU C 332 15.94 19.52 -52.29
N ILE C 333 16.85 18.96 -53.10
CA ILE C 333 16.59 17.69 -53.76
C ILE C 333 16.69 16.54 -52.76
N ARG C 334 17.67 16.59 -51.84
CA ARG C 334 17.91 15.48 -50.92
C ARG C 334 16.74 15.28 -49.95
N GLY C 335 16.44 16.28 -49.13
CA GLY C 335 15.32 16.19 -48.23
C GLY C 335 15.72 15.81 -46.82
N GLY C 336 14.85 16.12 -45.87
CA GLY C 336 15.11 15.85 -44.47
C GLY C 336 14.17 16.64 -43.60
N VAL C 337 14.39 16.53 -42.29
CA VAL C 337 13.58 17.22 -41.28
C VAL C 337 14.36 18.44 -40.81
N PHE C 338 13.89 19.61 -41.21
CA PHE C 338 14.63 20.85 -41.11
C PHE C 338 13.77 21.75 -40.22
N GLY C 339 13.97 21.63 -38.91
CA GLY C 339 13.01 22.16 -37.96
C GLY C 339 13.37 23.43 -37.21
N GLU C 340 13.27 23.37 -35.89
CA GLU C 340 13.41 24.54 -35.04
C GLU C 340 14.29 24.26 -33.82
N LEU D 8 -36.23 25.91 -28.82
CA LEU D 8 -35.43 25.12 -29.75
C LEU D 8 -33.94 25.32 -29.48
N SER D 9 -33.23 24.24 -29.17
CA SER D 9 -31.82 24.32 -28.82
C SER D 9 -31.13 23.03 -29.24
N THR D 10 -29.81 23.12 -29.41
CA THR D 10 -29.02 21.97 -29.84
C THR D 10 -28.85 20.98 -28.69
N ALA D 11 -28.93 19.69 -29.02
CA ALA D 11 -28.79 18.64 -28.03
C ALA D 11 -27.34 18.48 -27.62
N SER D 12 -27.11 18.26 -26.32
CA SER D 12 -25.76 18.24 -25.78
C SER D 12 -25.02 16.95 -26.07
N VAL D 13 -25.68 15.93 -26.61
CA VAL D 13 -25.02 14.73 -27.11
C VAL D 13 -25.56 14.48 -28.51
N LEU D 14 -24.74 14.71 -29.53
CA LEU D 14 -25.01 14.28 -30.90
C LEU D 14 -23.96 13.29 -31.33
N ALA D 15 -24.27 12.55 -32.40
CA ALA D 15 -23.41 11.54 -32.97
C ALA D 15 -23.94 11.19 -34.34
N PHE D 16 -23.03 10.90 -35.26
CA PHE D 16 -23.41 10.58 -36.64
C PHE D 16 -22.58 9.41 -37.14
N GLU D 17 -23.27 8.32 -37.44
CA GLU D 17 -22.66 7.20 -38.14
C GLU D 17 -22.19 7.64 -39.51
N ARG D 18 -20.95 7.29 -39.84
CA ARG D 18 -20.40 7.68 -41.12
C ARG D 18 -20.97 6.82 -42.24
N LYS D 19 -20.96 7.38 -43.43
CA LYS D 19 -21.29 6.69 -44.66
C LYS D 19 -20.03 6.72 -45.52
N LEU D 20 -20.07 5.99 -46.64
CA LEU D 20 -18.90 5.75 -47.50
C LEU D 20 -17.78 5.10 -46.68
N ASP D 21 -18.02 3.86 -46.28
CA ASP D 21 -17.09 3.09 -45.45
C ASP D 21 -16.04 2.41 -46.29
N PRO D 22 -14.78 2.79 -46.21
CA PRO D 22 -13.74 2.02 -46.89
C PRO D 22 -13.13 1.00 -45.94
N SER D 23 -12.31 0.14 -46.51
CA SER D 23 -11.58 -0.85 -45.74
C SER D 23 -10.08 -0.59 -45.89
N ASP D 24 -9.28 -1.51 -45.38
CA ASP D 24 -7.85 -1.45 -45.63
C ASP D 24 -7.55 -1.97 -47.02
N ALA D 25 -6.65 -1.28 -47.72
CA ALA D 25 -6.26 -1.66 -49.07
C ALA D 25 -5.06 -2.58 -49.02
N LEU D 26 -4.93 -3.46 -50.00
CA LEU D 26 -3.87 -4.46 -49.99
C LEU D 26 -3.11 -4.43 -51.31
N MET D 27 -1.79 -4.28 -51.21
CA MET D 27 -0.94 -4.13 -52.38
C MET D 27 -0.49 -5.47 -52.94
N SER D 28 -0.56 -5.60 -54.26
CA SER D 28 0.09 -6.71 -54.94
C SER D 28 0.94 -6.15 -56.07
N ALA D 29 1.47 -7.01 -56.93
CA ALA D 29 2.45 -6.54 -57.91
C ALA D 29 2.45 -7.45 -59.13
N GLY D 30 2.69 -6.85 -60.29
CA GLY D 30 2.73 -7.61 -61.53
C GLY D 30 2.84 -6.68 -62.72
N ALA D 31 2.72 -7.28 -63.90
CA ALA D 31 2.94 -6.58 -65.16
C ALA D 31 1.63 -6.24 -65.85
N TRP D 32 1.69 -5.25 -66.73
CA TRP D 32 0.54 -4.87 -67.55
C TRP D 32 0.22 -5.97 -68.55
N ALA D 33 -1.07 -6.03 -68.93
CA ALA D 33 -1.72 -6.92 -69.90
C ALA D 33 -1.80 -8.38 -69.44
N GLN D 34 -1.36 -8.71 -68.22
CA GLN D 34 -1.77 -9.95 -67.58
C GLN D 34 -2.97 -9.76 -66.67
N ARG D 35 -3.81 -8.77 -66.99
CA ARG D 35 -4.95 -8.41 -66.17
C ARG D 35 -6.23 -9.09 -66.63
N ASP D 36 -6.14 -9.98 -67.61
CA ASP D 36 -7.19 -10.96 -67.80
C ASP D 36 -7.13 -12.03 -66.72
N ALA D 37 -5.95 -12.26 -66.18
CA ALA D 37 -5.70 -13.29 -65.19
C ALA D 37 -4.81 -12.74 -64.06
N SER D 38 -5.18 -11.60 -63.51
CA SER D 38 -4.38 -10.97 -62.46
C SER D 38 -4.96 -11.22 -61.07
N GLN D 39 -5.70 -12.31 -60.89
CA GLN D 39 -6.28 -12.62 -59.59
C GLN D 39 -5.37 -13.49 -58.73
N GLU D 40 -4.09 -13.58 -59.08
CA GLU D 40 -3.15 -14.40 -58.32
C GLU D 40 -1.81 -13.72 -58.11
N TRP D 41 -1.75 -12.39 -58.14
CA TRP D 41 -0.48 -11.71 -57.94
C TRP D 41 -0.04 -11.77 -56.49
N PRO D 42 1.24 -11.98 -56.22
CA PRO D 42 1.72 -12.00 -54.84
C PRO D 42 1.75 -10.59 -54.27
N ALA D 43 1.66 -10.51 -52.95
CA ALA D 43 1.60 -9.21 -52.28
C ALA D 43 3.00 -8.66 -52.10
N VAL D 44 3.10 -7.52 -51.42
CA VAL D 44 4.37 -6.90 -51.12
C VAL D 44 4.67 -7.12 -49.64
N THR D 45 5.95 -7.00 -49.30
CA THR D 45 6.45 -7.38 -47.98
C THR D 45 7.02 -6.17 -47.27
N VAL D 46 6.53 -5.90 -46.07
CA VAL D 46 7.14 -4.90 -45.21
C VAL D 46 8.47 -5.46 -44.72
N ARG D 47 9.54 -4.71 -44.96
CA ARG D 47 10.90 -5.19 -44.67
C ARG D 47 11.52 -4.25 -43.63
N GLU D 48 11.68 -4.76 -42.41
CA GLU D 48 12.30 -4.02 -41.32
C GLU D 48 13.79 -4.35 -41.28
N LYS D 49 14.62 -3.38 -41.66
CA LYS D 49 16.07 -3.51 -41.66
C LYS D 49 16.68 -2.36 -40.86
N SER D 50 18.01 -2.26 -40.91
CA SER D 50 18.75 -1.23 -40.20
C SER D 50 19.67 -0.53 -41.20
N VAL D 51 19.51 0.78 -41.34
CA VAL D 51 20.24 1.58 -42.33
C VAL D 51 20.76 2.83 -41.64
N ARG D 52 22.07 3.06 -41.75
CA ARG D 52 22.69 4.26 -41.18
C ARG D 52 22.22 5.53 -41.89
N GLY D 53 22.27 6.63 -41.16
CA GLY D 53 21.93 7.92 -41.69
C GLY D 53 23.07 8.92 -41.58
N THR D 54 22.71 10.19 -41.64
CA THR D 54 23.64 11.29 -41.43
C THR D 54 23.26 12.05 -40.16
N ILE D 55 24.14 12.95 -39.75
CA ILE D 55 23.87 13.87 -38.65
C ILE D 55 23.57 15.20 -39.33
N SER D 56 22.28 15.46 -39.57
CA SER D 56 21.90 16.54 -40.47
C SER D 56 20.74 17.37 -39.92
N ASN D 57 20.58 17.43 -38.61
CA ASN D 57 19.54 18.25 -38.01
C ASN D 57 20.14 19.48 -37.34
N ARG D 58 19.25 20.38 -36.92
CA ARG D 58 19.65 21.61 -36.24
C ARG D 58 20.23 21.29 -34.87
N LEU D 59 21.50 21.61 -34.69
CA LEU D 59 22.10 21.55 -33.37
C LEU D 59 21.55 22.70 -32.53
N LYS D 60 21.29 22.42 -31.25
CA LYS D 60 20.52 23.31 -30.40
C LYS D 60 21.29 24.60 -30.08
N THR D 61 20.55 25.59 -29.63
CA THR D 61 21.09 26.84 -29.13
C THR D 61 20.99 26.94 -27.62
N LYS D 62 20.40 25.93 -26.97
CA LYS D 62 20.21 25.92 -25.53
C LYS D 62 21.52 25.77 -24.79
N ASP D 63 22.21 24.65 -25.00
CA ASP D 63 23.45 24.31 -24.33
C ASP D 63 24.48 23.82 -25.34
N ARG D 64 24.66 24.56 -26.43
CA ARG D 64 25.55 24.14 -27.50
C ARG D 64 27.01 24.19 -27.05
N ASP D 65 27.79 23.24 -27.55
CA ASP D 65 29.16 23.06 -27.14
C ASP D 65 29.89 22.24 -28.19
N PRO D 66 31.01 22.74 -28.74
CA PRO D 66 31.82 21.91 -29.65
C PRO D 66 32.45 20.68 -29.00
N ALA D 67 32.40 20.55 -27.68
CA ALA D 67 32.73 19.32 -27.00
C ALA D 67 31.62 18.28 -27.10
N LYS D 68 30.43 18.66 -27.58
CA LYS D 68 29.40 17.65 -27.85
C LYS D 68 28.62 17.90 -29.14
N LEU D 69 29.02 18.87 -29.98
CA LEU D 69 28.42 18.86 -31.32
C LEU D 69 29.46 18.84 -32.44
N ASP D 70 30.53 19.62 -32.33
CA ASP D 70 31.57 19.59 -33.35
C ASP D 70 32.44 18.35 -33.26
N ALA D 71 32.46 17.68 -32.11
CA ALA D 71 33.13 16.40 -32.01
C ALA D 71 32.22 15.25 -32.40
N SER D 72 30.91 15.39 -32.23
CA SER D 72 29.97 14.32 -32.53
C SER D 72 29.42 14.37 -33.95
N ILE D 73 29.61 15.48 -34.67
CA ILE D 73 29.11 15.59 -36.04
C ILE D 73 29.80 14.60 -36.97
N GLN D 74 31.09 14.32 -36.73
CA GLN D 74 31.86 13.43 -37.58
C GLN D 74 31.70 11.96 -37.17
N SER D 75 30.72 11.66 -36.32
CA SER D 75 30.32 10.30 -35.99
C SER D 75 28.93 10.06 -36.57
N PRO D 76 28.80 9.25 -37.63
CA PRO D 76 27.51 9.17 -38.37
C PRO D 76 26.37 8.51 -37.60
N ASN D 77 25.18 8.51 -38.20
CA ASN D 77 23.96 8.09 -37.53
C ASN D 77 23.74 6.59 -37.71
N LEU D 78 22.85 6.04 -36.89
CA LEU D 78 22.62 4.60 -36.81
C LEU D 78 21.11 4.42 -36.65
N GLN D 79 20.41 4.02 -37.71
CA GLN D 79 18.96 3.99 -37.68
C GLN D 79 18.42 2.70 -38.28
N THR D 80 17.11 2.50 -38.14
CA THR D 80 16.40 1.32 -38.63
C THR D 80 15.24 1.76 -39.51
N VAL D 81 15.49 1.96 -40.81
CA VAL D 81 14.42 2.36 -41.72
C VAL D 81 13.67 1.09 -42.12
N ASP D 82 12.35 1.23 -42.29
CA ASP D 82 11.50 0.12 -42.73
C ASP D 82 10.84 0.51 -44.04
N VAL D 83 11.29 -0.11 -45.12
CA VAL D 83 10.87 0.25 -46.47
C VAL D 83 10.45 -1.01 -47.20
N ALA D 84 9.28 -0.98 -47.83
CA ALA D 84 8.81 -2.03 -48.73
C ALA D 84 9.08 -1.62 -50.17
N ASN D 85 9.49 -2.59 -51.00
CA ASN D 85 9.85 -2.34 -52.38
C ASN D 85 9.23 -3.40 -53.27
N LEU D 86 9.11 -3.08 -54.55
CA LEU D 86 8.58 -4.01 -55.53
C LEU D 86 9.60 -5.07 -55.91
N PRO D 87 9.14 -6.21 -56.45
CA PRO D 87 10.09 -7.17 -57.05
C PRO D 87 10.65 -6.68 -58.38
N SER D 88 11.57 -7.47 -58.96
CA SER D 88 12.31 -7.04 -60.15
C SER D 88 11.43 -7.07 -61.39
N ASP D 89 10.83 -8.22 -61.68
CA ASP D 89 9.96 -8.32 -62.85
C ASP D 89 8.65 -7.57 -62.68
N ALA D 90 8.23 -7.31 -61.44
CA ALA D 90 7.01 -6.56 -61.18
C ALA D 90 7.24 -5.09 -61.42
N ASP D 91 6.23 -4.41 -61.98
CA ASP D 91 6.36 -2.98 -62.26
C ASP D 91 5.09 -2.18 -62.00
N THR D 92 4.07 -2.74 -61.36
CA THR D 92 2.81 -2.02 -61.17
C THR D 92 2.16 -2.44 -59.85
N LEU D 93 1.79 -1.45 -59.03
CA LEU D 93 1.03 -1.72 -57.82
C LEU D 93 -0.45 -1.88 -58.11
N LYS D 94 -1.03 -2.95 -57.59
CA LYS D 94 -2.47 -3.15 -57.56
C LYS D 94 -2.93 -2.87 -56.14
N VAL D 95 -3.70 -1.80 -55.97
CA VAL D 95 -4.19 -1.37 -54.67
C VAL D 95 -5.70 -1.63 -54.64
N ARG D 96 -6.12 -2.57 -53.81
CA ARG D 96 -7.47 -3.11 -53.87
C ARG D 96 -8.14 -3.01 -52.51
N PHE D 97 -9.34 -2.42 -52.49
CA PHE D 97 -10.16 -2.37 -51.29
C PHE D 97 -11.62 -2.38 -51.73
N THR D 98 -12.53 -2.39 -50.75
CA THR D 98 -13.95 -2.32 -51.01
C THR D 98 -14.54 -1.10 -50.32
N LEU D 99 -15.77 -0.77 -50.69
CA LEU D 99 -16.40 0.46 -50.22
C LEU D 99 -17.90 0.25 -50.15
N ARG D 100 -18.51 0.63 -49.02
CA ARG D 100 -19.94 0.51 -48.83
C ARG D 100 -20.54 1.91 -48.74
N VAL D 101 -21.33 2.27 -49.75
CA VAL D 101 -22.11 3.49 -49.70
C VAL D 101 -23.40 3.12 -48.98
N LEU D 102 -23.47 3.46 -47.69
CA LEU D 102 -24.58 2.99 -46.86
C LEU D 102 -25.89 3.70 -47.19
N GLY D 103 -25.95 5.01 -46.97
CA GLY D 103 -27.20 5.72 -47.03
C GLY D 103 -27.88 5.75 -45.67
N GLY D 104 -28.98 6.49 -45.61
CA GLY D 104 -29.55 6.87 -44.35
C GLY D 104 -28.79 8.01 -43.71
N ALA D 105 -28.37 8.97 -44.52
CA ALA D 105 -27.35 9.95 -44.16
C ALA D 105 -27.93 11.28 -43.69
N GLY D 106 -29.05 11.25 -42.98
CA GLY D 106 -29.61 12.48 -42.44
C GLY D 106 -30.16 12.30 -41.04
N THR D 107 -30.08 11.08 -40.51
CA THR D 107 -30.60 10.81 -39.19
C THR D 107 -29.46 10.48 -38.24
N PRO D 108 -29.38 11.13 -37.08
CA PRO D 108 -28.29 10.85 -36.15
C PRO D 108 -28.53 9.59 -35.36
N SER D 109 -27.44 9.03 -34.83
CA SER D 109 -27.54 7.85 -34.00
C SER D 109 -27.94 8.21 -32.58
N ALA D 110 -27.31 9.23 -32.01
CA ALA D 110 -27.63 9.70 -30.67
C ALA D 110 -28.28 11.08 -30.72
N CYS D 111 -28.93 11.44 -29.62
CA CYS D 111 -29.64 12.70 -29.48
C CYS D 111 -29.96 12.91 -28.00
N ASN D 112 -30.56 14.05 -27.69
CA ASN D 112 -31.16 14.25 -26.37
C ASN D 112 -32.53 14.89 -26.45
N ASP D 113 -32.79 15.71 -27.47
CA ASP D 113 -34.03 16.45 -27.59
C ASP D 113 -34.63 16.10 -28.94
N ALA D 114 -35.75 15.39 -28.92
CA ALA D 114 -36.43 15.01 -30.15
C ALA D 114 -37.06 16.19 -30.88
N ALA D 115 -37.21 17.34 -30.23
CA ALA D 115 -37.60 18.55 -30.97
C ALA D 115 -36.48 19.00 -31.90
N TYR D 116 -35.23 18.97 -31.41
CA TYR D 116 -34.09 19.26 -32.27
C TYR D 116 -33.93 18.22 -33.35
N ARG D 117 -34.27 16.97 -33.07
CA ARG D 117 -34.19 15.94 -34.11
C ARG D 117 -35.31 16.08 -35.12
N ASP D 118 -36.50 16.50 -34.69
CA ASP D 118 -37.58 16.83 -35.62
C ASP D 118 -37.23 18.04 -36.47
N LYS D 119 -36.37 18.91 -35.97
CA LYS D 119 -35.96 20.02 -36.82
C LYS D 119 -34.85 19.61 -37.79
N LEU D 120 -33.91 18.78 -37.32
CA LEU D 120 -32.78 18.35 -38.14
C LEU D 120 -33.22 17.44 -39.28
N LEU D 121 -34.21 16.57 -39.04
CA LEU D 121 -34.71 15.68 -40.08
C LEU D 121 -35.39 16.45 -41.20
N GLN D 122 -36.27 17.39 -40.86
CA GLN D 122 -36.94 18.17 -41.89
C GLN D 122 -35.99 19.16 -42.56
N THR D 123 -34.93 19.59 -41.87
CA THR D 123 -33.93 20.43 -42.52
C THR D 123 -33.14 19.65 -43.56
N VAL D 124 -32.66 18.44 -43.22
CA VAL D 124 -31.90 17.66 -44.19
C VAL D 124 -32.81 17.11 -45.29
N ALA D 125 -34.11 16.92 -45.00
CA ALA D 125 -35.02 16.49 -46.05
C ALA D 125 -35.34 17.62 -47.02
N THR D 126 -35.44 18.86 -46.51
CA THR D 126 -35.63 20.00 -47.38
C THR D 126 -34.35 20.27 -48.18
N TYR D 127 -33.19 19.88 -47.65
CA TYR D 127 -31.97 19.86 -48.47
C TYR D 127 -32.08 18.87 -49.62
N VAL D 128 -32.46 17.63 -49.32
CA VAL D 128 -32.39 16.58 -50.33
C VAL D 128 -33.44 16.81 -51.42
N ASN D 129 -34.63 17.29 -51.05
CA ASN D 129 -35.73 17.34 -52.00
C ASN D 129 -35.67 18.51 -52.99
N ASP D 130 -34.53 19.21 -53.14
CA ASP D 130 -34.36 20.00 -54.36
C ASP D 130 -33.08 19.68 -55.10
N GLN D 131 -31.97 19.51 -54.38
CA GLN D 131 -30.76 18.90 -54.92
C GLN D 131 -30.51 17.66 -54.09
N GLY D 132 -30.44 16.51 -54.74
CA GLY D 132 -30.31 15.28 -53.99
C GLY D 132 -28.87 15.02 -53.57
N PHE D 133 -28.43 13.79 -53.74
CA PHE D 133 -27.03 13.44 -53.57
C PHE D 133 -26.32 13.36 -54.91
N ALA D 134 -26.76 14.14 -55.88
CA ALA D 134 -26.27 14.02 -57.25
C ALA D 134 -24.85 14.56 -57.38
N GLU D 135 -24.65 15.85 -57.08
CA GLU D 135 -23.35 16.48 -57.30
C GLU D 135 -22.30 16.00 -56.30
N LEU D 136 -22.72 15.70 -55.07
CA LEU D 136 -21.82 15.09 -54.09
C LEU D 136 -21.31 13.75 -54.60
N ALA D 137 -22.18 12.95 -55.19
CA ALA D 137 -21.74 11.67 -55.74
C ALA D 137 -20.95 11.87 -57.03
N ARG D 138 -21.16 12.97 -57.75
CA ARG D 138 -20.28 13.32 -58.87
C ARG D 138 -18.85 13.50 -58.38
N ARG D 139 -18.68 14.25 -57.30
CA ARG D 139 -17.31 14.51 -56.87
C ARG D 139 -16.71 13.34 -56.09
N TYR D 140 -17.53 12.52 -55.42
CA TYR D 140 -17.00 11.27 -54.88
C TYR D 140 -16.64 10.29 -55.98
N ALA D 141 -17.40 10.27 -57.08
CA ALA D 141 -17.02 9.44 -58.22
C ALA D 141 -15.76 9.95 -58.89
N HIS D 142 -15.53 11.26 -58.82
CA HIS D 142 -14.26 11.79 -59.31
C HIS D 142 -13.10 11.36 -58.44
N ASN D 143 -13.28 11.39 -57.11
CA ASN D 143 -12.21 10.95 -56.22
C ASN D 143 -11.99 9.44 -56.29
N LEU D 144 -13.02 8.67 -56.63
CA LEU D 144 -12.85 7.27 -56.94
C LEU D 144 -12.31 7.04 -58.34
N ALA D 145 -12.40 8.04 -59.22
CA ALA D 145 -11.89 7.90 -60.57
C ALA D 145 -10.39 8.09 -60.62
N ASN D 146 -9.93 9.28 -60.24
CA ASN D 146 -8.50 9.48 -60.09
C ASN D 146 -7.99 8.69 -58.89
N ALA D 147 -6.68 8.50 -58.85
CA ALA D 147 -6.09 7.63 -57.83
C ALA D 147 -5.64 8.41 -56.61
N ARG D 148 -6.47 9.40 -56.21
CA ARG D 148 -6.21 10.24 -55.05
C ARG D 148 -5.93 9.44 -53.79
N PHE D 149 -6.58 8.28 -53.62
CA PHE D 149 -6.30 7.41 -52.50
C PHE D 149 -4.94 6.71 -52.60
N LEU D 150 -4.25 6.81 -53.74
CA LEU D 150 -2.81 6.60 -53.76
C LEU D 150 -2.20 7.97 -53.50
N TRP D 151 -1.92 8.25 -52.23
CA TRP D 151 -1.46 9.58 -51.83
C TRP D 151 -0.09 9.91 -52.38
N ARG D 152 0.77 8.91 -52.55
CA ARG D 152 2.08 9.15 -53.13
C ARG D 152 2.46 8.11 -54.18
N ASN D 153 1.84 6.94 -54.19
CA ASN D 153 2.17 5.88 -55.13
C ASN D 153 1.73 6.18 -56.56
N ARG D 154 0.96 7.25 -56.80
CA ARG D 154 0.66 7.70 -58.15
C ARG D 154 1.56 8.83 -58.62
N VAL D 155 2.30 9.47 -57.72
CA VAL D 155 2.99 10.71 -58.05
C VAL D 155 4.18 10.40 -58.94
N GLY D 156 4.04 10.68 -60.23
CA GLY D 156 5.06 10.33 -61.20
C GLY D 156 4.80 8.96 -61.79
N ALA D 157 3.60 8.74 -62.33
CA ALA D 157 3.24 7.47 -62.94
C ALA D 157 3.12 7.60 -64.44
N GLU D 158 3.19 6.45 -65.12
CA GLU D 158 3.08 6.40 -66.57
C GLU D 158 1.63 6.22 -67.01
N ALA D 159 0.94 5.26 -66.42
CA ALA D 159 -0.48 5.05 -66.67
C ALA D 159 -1.11 4.46 -65.43
N VAL D 160 -2.34 4.86 -65.13
CA VAL D 160 -3.13 4.26 -64.07
C VAL D 160 -4.42 3.73 -64.67
N GLU D 161 -4.89 2.60 -64.15
CA GLU D 161 -6.11 1.97 -64.62
C GLU D 161 -6.98 1.63 -63.42
N VAL D 162 -8.20 2.15 -63.42
CA VAL D 162 -9.08 2.07 -62.27
C VAL D 162 -10.32 1.29 -62.67
N ARG D 163 -10.45 0.07 -62.17
CA ARG D 163 -11.58 -0.80 -62.43
C ARG D 163 -12.46 -0.84 -61.19
N ILE D 164 -13.66 -0.27 -61.29
CA ILE D 164 -14.61 -0.27 -60.19
C ILE D 164 -15.71 -1.27 -60.52
N ASN D 165 -15.85 -2.28 -59.67
CA ASN D 165 -16.82 -3.35 -59.87
C ASN D 165 -17.95 -3.20 -58.87
N HIS D 166 -19.18 -3.21 -59.37
CA HIS D 166 -20.35 -3.22 -58.53
C HIS D 166 -20.84 -4.64 -58.33
N ILE D 167 -21.18 -4.99 -57.10
CA ILE D 167 -21.35 -6.37 -56.67
C ILE D 167 -22.73 -6.54 -56.06
N ARG D 168 -23.52 -7.49 -56.59
CA ARG D 168 -24.81 -7.83 -56.03
C ARG D 168 -24.86 -9.20 -55.38
N GLN D 169 -23.95 -10.11 -55.76
CA GLN D 169 -23.96 -11.51 -55.37
C GLN D 169 -22.51 -11.95 -55.25
N GLY D 170 -22.25 -13.25 -55.42
CA GLY D 170 -20.87 -13.72 -55.43
C GLY D 170 -19.96 -13.06 -56.45
N GLU D 171 -20.50 -12.63 -57.58
CA GLU D 171 -19.69 -12.13 -58.69
C GLU D 171 -20.09 -10.69 -59.06
N VAL D 172 -19.40 -10.19 -60.09
CA VAL D 172 -19.53 -8.80 -60.51
C VAL D 172 -20.82 -8.59 -61.30
N ALA D 173 -21.49 -7.45 -61.05
CA ALA D 173 -22.69 -7.09 -61.78
C ALA D 173 -22.50 -5.93 -62.75
N ARG D 174 -21.44 -5.14 -62.59
CA ARG D 174 -21.22 -3.96 -63.42
C ARG D 174 -19.75 -3.59 -63.35
N ALA D 175 -19.17 -3.21 -64.48
CA ALA D 175 -17.75 -2.92 -64.57
C ALA D 175 -17.52 -1.45 -64.92
N TRP D 176 -16.26 -1.05 -64.84
CA TRP D 176 -15.79 0.27 -65.24
C TRP D 176 -14.30 0.16 -65.56
N ARG D 177 -13.85 1.07 -66.41
CA ARG D 177 -12.43 1.32 -66.63
C ARG D 177 -12.24 2.81 -66.84
N PHE D 178 -11.39 3.41 -66.03
CA PHE D 178 -11.15 4.86 -66.06
C PHE D 178 -9.68 5.12 -66.36
N ASP D 179 -9.43 5.89 -67.41
CA ASP D 179 -8.15 6.57 -67.51
C ASP D 179 -8.13 7.72 -66.51
N ALA D 180 -7.07 7.79 -65.71
CA ALA D 180 -7.11 8.75 -64.61
C ALA D 180 -5.86 9.57 -64.38
N LEU D 181 -4.75 9.33 -65.08
CA LEU D 181 -3.72 10.36 -65.09
C LEU D 181 -4.10 11.51 -66.00
N ALA D 182 -5.00 11.28 -66.96
CA ALA D 182 -5.58 12.38 -67.71
C ALA D 182 -6.49 13.22 -66.82
N ILE D 183 -7.29 12.57 -65.96
CA ILE D 183 -8.15 13.30 -65.03
C ILE D 183 -7.28 13.92 -63.94
N GLY D 184 -7.53 15.19 -63.64
CA GLY D 184 -6.70 15.94 -62.73
C GLY D 184 -7.19 15.91 -61.30
N LEU D 185 -6.62 16.81 -60.50
CA LEU D 185 -6.91 16.90 -59.08
C LEU D 185 -7.54 18.22 -58.67
N ARG D 186 -7.66 19.19 -59.57
CA ARG D 186 -8.29 20.47 -59.28
C ARG D 186 -9.52 20.72 -60.15
N ASP D 187 -9.39 20.63 -61.47
CA ASP D 187 -10.53 20.85 -62.36
C ASP D 187 -11.40 19.61 -62.39
N PHE D 188 -12.66 19.76 -62.02
CA PHE D 188 -13.60 18.64 -61.99
C PHE D 188 -14.49 18.66 -63.23
N LYS D 189 -13.87 18.23 -64.33
CA LYS D 189 -14.61 17.86 -65.53
C LYS D 189 -15.22 16.47 -65.31
N ALA D 190 -16.11 16.07 -66.20
CA ALA D 190 -16.80 14.80 -65.98
C ALA D 190 -17.01 14.10 -67.32
N ASP D 191 -17.70 12.96 -67.28
CA ASP D 191 -17.97 12.14 -68.45
C ASP D 191 -19.23 11.33 -68.15
N ALA D 192 -19.77 10.68 -69.19
CA ALA D 192 -21.03 9.97 -69.05
C ALA D 192 -20.90 8.70 -68.21
N GLU D 193 -19.76 8.02 -68.25
CA GLU D 193 -19.58 6.85 -67.40
C GLU D 193 -19.16 7.25 -65.99
N LEU D 194 -18.47 8.38 -65.84
CA LEU D 194 -18.33 9.00 -64.54
C LEU D 194 -19.70 9.38 -63.96
N ASP D 195 -20.60 9.83 -64.83
CA ASP D 195 -21.99 10.08 -64.43
C ASP D 195 -22.72 8.78 -64.09
N ALA D 196 -22.39 7.67 -64.76
CA ALA D 196 -23.03 6.40 -64.45
C ALA D 196 -22.56 5.85 -63.11
N LEU D 197 -21.31 6.12 -62.74
CA LEU D 197 -20.85 5.81 -61.39
C LEU D 197 -21.50 6.71 -60.35
N ALA D 198 -21.64 7.99 -60.68
CA ALA D 198 -22.21 8.95 -59.75
C ALA D 198 -23.70 8.71 -59.51
N GLU D 199 -24.42 8.21 -60.51
CA GLU D 199 -25.81 7.85 -60.31
C GLU D 199 -25.96 6.68 -59.36
N LEU D 200 -25.01 5.74 -59.41
CA LEU D 200 -25.00 4.61 -58.50
C LEU D 200 -24.73 5.07 -57.07
N ILE D 201 -23.73 5.94 -56.88
CA ILE D 201 -23.42 6.43 -55.53
C ILE D 201 -24.54 7.31 -54.99
N ALA D 202 -25.20 8.08 -55.86
CA ALA D 202 -26.34 8.88 -55.42
C ALA D 202 -27.54 8.02 -55.06
N SER D 203 -27.71 6.88 -55.73
CA SER D 203 -28.72 5.92 -55.29
C SER D 203 -28.35 5.31 -53.95
N GLY D 204 -27.05 5.13 -53.71
CA GLY D 204 -26.60 4.60 -52.43
C GLY D 204 -26.87 5.55 -51.27
N LEU D 205 -26.46 6.81 -51.41
CA LEU D 205 -26.61 7.78 -50.33
C LEU D 205 -28.05 8.17 -50.08
N SER D 206 -28.95 7.97 -51.04
CA SER D 206 -30.34 8.32 -50.88
C SER D 206 -31.18 7.22 -50.25
N GLY D 207 -30.54 6.13 -49.81
CA GLY D 207 -31.27 5.03 -49.22
C GLY D 207 -32.15 4.29 -50.21
N SER D 208 -31.66 4.11 -51.43
CA SER D 208 -32.45 3.51 -52.51
C SER D 208 -31.85 2.21 -53.02
N GLY D 209 -31.02 1.57 -52.22
CA GLY D 209 -30.41 0.31 -52.63
C GLY D 209 -29.05 0.15 -52.00
N HIS D 210 -28.46 -1.01 -52.24
CA HIS D 210 -27.16 -1.35 -51.71
C HIS D 210 -26.10 -1.13 -52.77
N VAL D 211 -24.96 -0.57 -52.35
CA VAL D 211 -23.81 -0.35 -53.21
C VAL D 211 -22.60 -0.96 -52.53
N LEU D 212 -21.91 -1.85 -53.24
CA LEU D 212 -20.67 -2.46 -52.74
C LEU D 212 -19.63 -2.39 -53.84
N LEU D 213 -18.77 -1.38 -53.80
CA LEU D 213 -17.81 -1.15 -54.88
C LEU D 213 -16.47 -1.77 -54.53
N GLU D 214 -16.15 -2.87 -55.19
CA GLU D 214 -14.79 -3.40 -55.19
C GLU D 214 -13.93 -2.53 -56.09
N VAL D 215 -12.91 -1.88 -55.51
CA VAL D 215 -12.12 -0.88 -56.21
C VAL D 215 -10.75 -1.47 -56.46
N VAL D 216 -10.44 -1.72 -57.73
CA VAL D 216 -9.11 -2.14 -58.16
C VAL D 216 -8.45 -0.96 -58.84
N ALA D 217 -7.27 -0.56 -58.37
CA ALA D 217 -6.59 0.62 -58.88
C ALA D 217 -5.14 0.28 -59.18
N PHE D 218 -4.82 0.12 -60.45
CA PHE D 218 -3.45 -0.12 -60.89
C PHE D 218 -2.73 1.20 -61.07
N ALA D 219 -1.40 1.16 -60.92
CA ALA D 219 -0.58 2.36 -61.11
C ALA D 219 0.83 1.92 -61.45
N ARG D 220 1.27 2.19 -62.67
CA ARG D 220 2.63 1.85 -63.07
C ARG D 220 3.62 2.80 -62.43
N ILE D 221 4.62 2.24 -61.77
CA ILE D 221 5.70 3.02 -61.18
C ILE D 221 7.04 2.65 -61.81
N GLY D 222 7.33 1.37 -61.94
CA GLY D 222 8.57 0.89 -62.51
C GLY D 222 9.04 -0.38 -61.85
N ASP D 223 10.10 -0.98 -62.38
CA ASP D 223 10.63 -2.23 -61.85
C ASP D 223 11.31 -1.99 -60.51
N GLY D 224 10.87 -2.71 -59.49
CA GLY D 224 11.57 -2.71 -58.22
C GLY D 224 11.54 -1.41 -57.46
N GLN D 225 10.58 -0.54 -57.76
CA GLN D 225 10.54 0.80 -57.19
C GLN D 225 10.10 0.75 -55.72
N GLU D 226 9.90 1.92 -55.14
CA GLU D 226 9.55 2.06 -53.75
C GLU D 226 8.05 2.27 -53.65
N VAL D 227 7.42 1.67 -52.64
CA VAL D 227 5.99 1.76 -52.45
C VAL D 227 5.71 2.51 -51.16
N PHE D 228 4.52 3.12 -51.09
CA PHE D 228 4.16 3.99 -49.97
C PHE D 228 2.92 3.49 -49.24
N PRO D 229 3.07 2.57 -48.28
CA PRO D 229 1.97 2.27 -47.35
C PRO D 229 1.80 3.33 -46.28
N SER D 230 0.96 3.07 -45.29
CA SER D 230 0.65 4.03 -44.25
C SER D 230 1.56 3.82 -43.03
N GLN D 231 1.41 4.70 -42.03
CA GLN D 231 2.31 4.75 -40.88
C GLN D 231 1.53 4.80 -39.58
N GLU D 232 2.24 4.70 -38.46
CA GLU D 232 1.65 4.46 -37.15
C GLU D 232 1.97 5.56 -36.15
N LEU D 233 1.64 5.29 -34.90
CA LEU D 233 2.01 6.13 -33.76
C LEU D 233 2.55 5.20 -32.68
N ILE D 234 3.86 5.22 -32.47
CA ILE D 234 4.45 4.26 -31.55
C ILE D 234 5.00 5.00 -30.34
N LEU D 235 4.18 5.16 -29.31
CA LEU D 235 4.52 5.89 -28.09
C LEU D 235 3.45 5.56 -27.06
N ASP D 236 3.62 6.09 -25.84
CA ASP D 236 2.65 6.31 -24.77
C ASP D 236 2.24 5.04 -23.99
N LYS D 237 2.65 3.85 -24.42
CA LYS D 237 2.27 2.62 -23.73
C LYS D 237 3.46 1.69 -23.63
N GLY D 238 4.58 2.20 -23.13
CA GLY D 238 5.82 1.45 -23.18
C GLY D 238 6.93 2.22 -23.87
N ASP D 239 6.89 3.54 -23.75
CA ASP D 239 7.85 4.43 -24.39
C ASP D 239 9.20 4.28 -23.70
N LYS D 240 10.05 3.43 -24.27
CA LYS D 240 11.40 3.19 -23.80
C LYS D 240 12.34 4.21 -24.44
N LYS D 241 13.65 3.96 -24.40
CA LYS D 241 14.68 4.87 -24.90
C LYS D 241 14.62 5.18 -26.39
N GLY D 242 13.75 4.51 -27.15
CA GLY D 242 13.41 4.96 -28.49
C GLY D 242 14.15 4.27 -29.63
N GLN D 243 14.15 2.94 -29.62
CA GLN D 243 14.86 2.18 -30.64
C GLN D 243 13.93 1.65 -31.72
N LYS D 244 12.92 2.43 -32.10
CA LYS D 244 11.92 2.05 -33.09
C LYS D 244 11.62 3.30 -33.92
N SER D 245 12.16 3.35 -35.13
CA SER D 245 12.10 4.61 -35.88
C SER D 245 10.76 4.81 -36.58
N LYS D 246 10.43 3.95 -37.54
CA LYS D 246 9.23 4.10 -38.34
C LYS D 246 8.93 2.79 -39.04
N THR D 247 7.76 2.22 -38.82
CA THR D 247 7.36 0.97 -39.46
C THR D 247 6.18 1.21 -40.40
N LEU D 248 5.71 0.13 -41.01
CA LEU D 248 4.70 0.20 -42.07
C LEU D 248 3.51 -0.68 -41.70
N TYR D 249 2.32 -0.20 -42.07
CA TYR D 249 1.07 -0.82 -41.66
C TYR D 249 0.82 -2.12 -42.42
N SER D 250 0.19 -3.08 -41.74
CA SER D 250 -0.01 -4.38 -42.34
C SER D 250 -1.23 -5.08 -41.73
N VAL D 251 -2.07 -5.60 -42.63
CA VAL D 251 -2.87 -6.80 -42.40
C VAL D 251 -1.92 -7.95 -42.67
N ARG D 252 -2.38 -9.19 -42.42
CA ARG D 252 -1.55 -10.41 -42.33
C ARG D 252 -0.50 -10.56 -43.43
N ASP D 253 0.77 -10.44 -43.00
CA ASP D 253 2.05 -10.40 -43.72
C ASP D 253 2.01 -9.76 -45.11
N ALA D 254 1.38 -8.59 -45.21
CA ALA D 254 1.33 -7.83 -46.46
C ALA D 254 1.04 -6.37 -46.13
N ALA D 255 1.61 -5.46 -46.91
CA ALA D 255 1.51 -4.03 -46.60
C ALA D 255 0.13 -3.50 -46.94
N ALA D 256 -0.23 -2.40 -46.29
CA ALA D 256 -1.62 -1.95 -46.30
C ALA D 256 -1.74 -0.47 -45.98
N ILE D 257 -2.71 0.19 -46.62
CA ILE D 257 -3.15 1.52 -46.23
C ILE D 257 -4.25 1.36 -45.20
N HIS D 258 -4.29 2.27 -44.22
CA HIS D 258 -5.42 2.35 -43.31
C HIS D 258 -6.71 2.73 -44.03
N SER D 259 -7.82 2.62 -43.30
CA SER D 259 -9.11 2.99 -43.87
C SER D 259 -9.38 4.47 -43.78
N GLN D 260 -8.89 5.12 -42.74
CA GLN D 260 -9.16 6.54 -42.55
C GLN D 260 -8.40 7.41 -43.53
N LYS D 261 -7.27 6.97 -44.03
CA LYS D 261 -6.54 7.74 -45.03
C LYS D 261 -7.23 7.65 -46.40
N ILE D 262 -7.78 6.49 -46.73
CA ILE D 262 -8.57 6.36 -47.95
C ILE D 262 -9.88 7.15 -47.84
N GLY D 263 -10.49 7.13 -46.65
CA GLY D 263 -11.66 7.96 -46.43
C GLY D 263 -11.37 9.45 -46.55
N ASN D 264 -10.24 9.89 -46.00
CA ASN D 264 -9.71 11.23 -46.20
C ASN D 264 -9.59 11.58 -47.67
N ALA D 265 -8.91 10.73 -48.44
CA ALA D 265 -8.68 11.01 -49.85
C ALA D 265 -9.94 10.93 -50.69
N LEU D 266 -10.97 10.25 -50.18
CA LEU D 266 -12.26 10.25 -50.87
C LEU D 266 -13.13 11.45 -50.53
N ARG D 267 -13.00 12.03 -49.35
CA ARG D 267 -13.83 13.21 -49.05
C ARG D 267 -13.07 14.51 -49.28
N THR D 268 -12.23 14.58 -50.30
CA THR D 268 -11.69 15.86 -50.77
C THR D 268 -12.70 16.49 -51.71
N ILE D 269 -13.70 17.13 -51.11
CA ILE D 269 -14.82 17.72 -51.84
C ILE D 269 -14.81 19.25 -51.75
N ASP D 270 -14.20 19.83 -50.72
CA ASP D 270 -14.38 21.21 -50.32
C ASP D 270 -13.72 22.16 -51.32
N THR D 271 -14.53 22.96 -52.02
CA THR D 271 -14.02 24.05 -52.85
C THR D 271 -14.76 25.36 -52.63
N TRP D 272 -15.41 25.53 -51.50
CA TRP D 272 -16.19 26.73 -51.26
C TRP D 272 -15.69 27.46 -50.02
N TYR D 273 -14.37 27.60 -49.91
CA TYR D 273 -13.64 28.31 -48.90
C TYR D 273 -12.81 29.42 -49.55
N PRO D 274 -12.70 30.59 -48.91
CA PRO D 274 -12.12 31.75 -49.60
C PRO D 274 -10.61 31.89 -49.53
N ASP D 275 -9.89 30.83 -49.19
CA ASP D 275 -8.44 30.95 -49.02
C ASP D 275 -7.69 30.72 -50.34
N GLU D 276 -7.84 29.54 -50.93
CA GLU D 276 -7.22 29.19 -52.21
C GLU D 276 -8.27 28.54 -53.09
N ASP D 277 -9.05 29.37 -53.79
CA ASP D 277 -10.21 28.87 -54.53
C ASP D 277 -9.79 28.15 -55.80
N GLY D 278 -8.94 28.79 -56.60
CA GLY D 278 -8.45 28.18 -57.83
C GLY D 278 -7.46 27.06 -57.58
N LEU D 279 -6.77 27.08 -56.44
CA LEU D 279 -5.76 26.09 -56.12
C LEU D 279 -6.33 24.75 -55.70
N GLY D 280 -7.65 24.59 -55.65
CA GLY D 280 -8.24 23.27 -55.69
C GLY D 280 -8.86 22.78 -54.40
N PRO D 281 -9.35 21.54 -54.42
CA PRO D 281 -10.07 21.00 -53.28
C PRO D 281 -9.16 20.50 -52.18
N ILE D 282 -9.72 20.47 -50.97
CA ILE D 282 -9.13 19.83 -49.82
C ILE D 282 -10.19 18.94 -49.19
N ALA D 283 -9.80 18.25 -48.12
CA ALA D 283 -10.69 17.35 -47.41
C ALA D 283 -11.77 18.12 -46.66
N VAL D 284 -12.91 17.46 -46.48
CA VAL D 284 -14.02 18.06 -45.73
C VAL D 284 -13.79 17.76 -44.26
N GLU D 285 -13.53 18.81 -43.47
CA GLU D 285 -13.40 18.71 -42.04
C GLU D 285 -14.08 19.92 -41.43
N PRO D 286 -14.72 19.78 -40.27
CA PRO D 286 -15.15 20.96 -39.53
C PRO D 286 -13.92 21.68 -39.00
N TYR D 287 -13.96 23.01 -39.03
CA TYR D 287 -12.79 23.88 -38.97
C TYR D 287 -11.75 23.42 -39.99
N GLY D 288 -12.12 23.57 -41.27
CA GLY D 288 -11.47 22.89 -42.39
C GLY D 288 -9.98 23.12 -42.53
N SER D 289 -9.21 22.10 -42.17
CA SER D 289 -7.79 22.27 -41.92
C SER D 289 -7.00 21.17 -42.61
N VAL D 290 -5.98 21.56 -43.36
CA VAL D 290 -4.92 20.65 -43.76
C VAL D 290 -3.81 20.83 -42.74
N THR D 291 -3.63 19.85 -41.86
CA THR D 291 -2.71 20.03 -40.75
C THR D 291 -1.26 19.90 -41.22
N SER D 292 -1.02 19.16 -42.31
CA SER D 292 0.31 19.14 -42.91
C SER D 292 0.67 20.48 -43.54
N GLN D 293 -0.34 21.22 -44.00
CA GLN D 293 -0.12 22.61 -44.38
C GLN D 293 0.13 23.47 -43.15
N GLY D 294 -0.56 23.19 -42.06
CA GLY D 294 -0.36 23.89 -40.82
C GLY D 294 -1.29 25.05 -40.55
N LYS D 295 -2.17 25.37 -41.50
CA LYS D 295 -3.06 26.53 -41.36
C LYS D 295 -4.48 26.10 -41.65
N ALA D 296 -5.35 26.30 -40.68
CA ALA D 296 -6.76 25.92 -40.79
C ALA D 296 -7.52 26.97 -41.58
N TYR D 297 -8.05 26.57 -42.73
CA TYR D 297 -9.01 27.39 -43.45
C TYR D 297 -10.32 27.44 -42.67
N ARG D 298 -11.22 28.32 -43.10
CA ARG D 298 -12.62 28.36 -42.65
C ARG D 298 -12.71 28.59 -41.14
N GLN D 299 -12.17 29.73 -40.73
CA GLN D 299 -12.06 30.07 -39.32
C GLN D 299 -13.43 30.33 -38.70
N PRO D 300 -13.55 30.19 -37.38
CA PRO D 300 -14.74 30.69 -36.69
C PRO D 300 -14.74 32.21 -36.51
N LYS D 301 -13.65 32.89 -36.84
CA LYS D 301 -13.65 34.35 -36.89
C LYS D 301 -14.58 34.85 -37.99
N GLN D 302 -14.69 34.10 -39.07
CA GLN D 302 -15.68 34.39 -40.10
C GLN D 302 -16.96 33.60 -39.82
N LYS D 303 -17.84 33.54 -40.81
CA LYS D 303 -19.14 32.93 -40.67
C LYS D 303 -19.24 31.59 -41.39
N LEU D 304 -18.10 30.96 -41.67
CA LEU D 304 -18.08 29.90 -42.68
C LEU D 304 -17.99 28.48 -42.14
N ASP D 305 -17.61 28.27 -40.88
CA ASP D 305 -17.37 26.90 -40.42
C ASP D 305 -18.69 26.15 -40.18
N PHE D 306 -18.55 24.83 -40.00
CA PHE D 306 -19.72 23.95 -39.89
C PHE D 306 -20.53 24.20 -38.63
N TYR D 307 -19.86 24.50 -37.51
CA TYR D 307 -20.54 24.69 -36.23
C TYR D 307 -21.28 26.02 -36.14
N THR D 308 -21.18 26.89 -37.14
CA THR D 308 -21.99 28.09 -37.23
C THR D 308 -23.06 27.99 -38.30
N LEU D 309 -22.72 27.37 -39.44
CA LEU D 309 -23.68 27.07 -40.49
C LEU D 309 -24.80 26.17 -40.01
N LEU D 310 -24.45 25.12 -39.25
CA LEU D 310 -25.42 24.11 -38.82
C LEU D 310 -26.50 24.71 -37.94
N ASP D 311 -26.10 25.44 -36.90
CA ASP D 311 -27.09 26.00 -36.01
C ASP D 311 -27.64 27.35 -36.47
N ASN D 312 -27.09 27.95 -37.53
CA ASN D 312 -27.87 29.00 -38.19
C ASN D 312 -29.00 28.38 -39.02
N TRP D 313 -28.71 27.28 -39.71
CA TRP D 313 -29.66 26.71 -40.65
C TRP D 313 -30.74 25.88 -39.95
N VAL D 314 -30.43 25.29 -38.80
CA VAL D 314 -31.40 24.45 -38.10
C VAL D 314 -32.26 25.30 -37.16
N LEU D 315 -31.63 26.05 -36.26
CA LEU D 315 -32.35 26.78 -35.22
C LEU D 315 -33.17 27.93 -35.82
N ARG D 316 -32.50 28.89 -36.43
CA ARG D 316 -33.08 30.17 -36.79
C ARG D 316 -33.53 30.22 -38.23
N ASP D 317 -33.55 29.07 -38.92
CA ASP D 317 -34.04 28.87 -40.28
C ASP D 317 -33.25 29.63 -41.33
N GLU D 318 -32.12 30.23 -40.96
CA GLU D 318 -31.31 31.00 -41.89
C GLU D 318 -30.58 30.03 -42.80
N ALA D 319 -31.26 29.66 -43.87
CA ALA D 319 -30.72 28.76 -44.87
C ALA D 319 -29.54 29.42 -45.58
N PRO D 320 -28.35 28.83 -45.53
CA PRO D 320 -27.19 29.46 -46.15
C PRO D 320 -27.18 29.30 -47.66
N ALA D 321 -26.08 29.71 -48.28
CA ALA D 321 -25.93 29.63 -49.73
C ALA D 321 -25.96 28.18 -50.21
N VAL D 322 -26.11 28.02 -51.52
CA VAL D 322 -26.39 26.73 -52.13
C VAL D 322 -25.14 25.90 -52.36
N GLU D 323 -24.02 26.33 -51.76
CA GLU D 323 -22.83 25.51 -51.62
C GLU D 323 -22.48 25.23 -50.18
N GLN D 324 -22.92 26.08 -49.26
CA GLN D 324 -22.75 25.81 -47.84
C GLN D 324 -23.66 24.68 -47.40
N GLN D 325 -24.78 24.51 -48.09
CA GLN D 325 -25.60 23.31 -47.94
C GLN D 325 -24.81 22.06 -48.29
N HIS D 326 -24.09 22.08 -49.43
CA HIS D 326 -23.21 20.96 -49.81
C HIS D 326 -22.16 20.68 -48.75
N TYR D 327 -21.58 21.74 -48.17
CA TYR D 327 -20.53 21.54 -47.17
C TYR D 327 -21.08 20.94 -45.88
N VAL D 328 -22.23 21.43 -45.41
CA VAL D 328 -22.87 20.89 -44.21
C VAL D 328 -23.25 19.43 -44.40
N ILE D 329 -23.72 19.08 -45.60
CA ILE D 329 -24.11 17.69 -45.81
C ILE D 329 -22.88 16.78 -45.99
N ALA D 330 -21.78 17.31 -46.52
CA ALA D 330 -20.53 16.55 -46.49
C ALA D 330 -20.05 16.30 -45.06
N ASN D 331 -20.31 17.24 -44.15
CA ASN D 331 -20.00 16.99 -42.75
C ASN D 331 -20.93 15.94 -42.16
N LEU D 332 -22.20 15.96 -42.51
CA LEU D 332 -23.13 14.99 -41.95
C LEU D 332 -22.92 13.58 -42.51
N ILE D 333 -22.27 13.47 -43.67
CA ILE D 333 -21.80 12.16 -44.12
C ILE D 333 -20.47 11.80 -43.44
N ARG D 334 -19.68 12.79 -43.02
CA ARG D 334 -18.42 12.52 -42.32
C ARG D 334 -18.66 11.85 -40.96
N GLY D 335 -19.52 12.44 -40.13
CA GLY D 335 -19.77 11.97 -38.78
C GLY D 335 -19.11 12.86 -37.75
N GLY D 336 -19.12 12.39 -36.50
CA GLY D 336 -18.43 13.06 -35.42
C GLY D 336 -19.34 13.37 -34.25
N VAL D 337 -18.72 13.90 -33.21
CA VAL D 337 -19.41 14.28 -31.98
C VAL D 337 -19.69 15.78 -32.05
N PHE D 338 -20.95 16.13 -32.18
CA PHE D 338 -21.41 17.50 -32.32
C PHE D 338 -22.10 17.88 -31.02
N GLY D 339 -22.78 19.02 -31.02
CA GLY D 339 -23.65 19.31 -29.89
C GLY D 339 -23.17 20.37 -28.91
N GLU D 340 -22.60 19.94 -27.80
CA GLU D 340 -21.93 20.87 -26.91
C GLU D 340 -20.45 20.48 -26.89
N ILE E 7 -56.66 -4.14 4.27
CA ILE E 7 -55.91 -3.15 3.52
C ILE E 7 -54.80 -3.84 2.73
N LEU E 8 -55.01 -4.01 1.42
CA LEU E 8 -53.99 -4.59 0.57
C LEU E 8 -53.09 -3.50 0.03
N SER E 9 -51.78 -3.74 0.10
CA SER E 9 -50.78 -2.83 -0.43
C SER E 9 -49.80 -3.64 -1.24
N THR E 10 -48.87 -2.94 -1.90
CA THR E 10 -47.81 -3.62 -2.62
C THR E 10 -46.76 -4.11 -1.65
N ALA E 11 -45.83 -4.90 -2.16
CA ALA E 11 -44.73 -5.41 -1.35
C ALA E 11 -43.50 -4.54 -1.53
N SER E 12 -42.82 -4.25 -0.43
CA SER E 12 -41.69 -3.33 -0.49
C SER E 12 -40.43 -3.98 -1.07
N VAL E 13 -40.36 -5.30 -1.16
CA VAL E 13 -39.27 -6.00 -1.84
C VAL E 13 -39.91 -6.96 -2.82
N LEU E 14 -39.92 -6.61 -4.10
CA LEU E 14 -40.30 -7.53 -5.15
C LEU E 14 -39.09 -7.85 -6.00
N ALA E 15 -39.12 -9.02 -6.63
CA ALA E 15 -37.99 -9.49 -7.42
C ALA E 15 -38.50 -10.51 -8.42
N PHE E 16 -38.27 -10.26 -9.69
CA PHE E 16 -38.63 -11.19 -10.75
C PHE E 16 -37.36 -11.59 -11.49
N GLU E 17 -37.09 -12.88 -11.53
CA GLU E 17 -36.05 -13.42 -12.38
C GLU E 17 -36.42 -13.19 -13.84
N ARG E 18 -35.42 -13.08 -14.71
CA ARG E 18 -35.76 -12.88 -16.10
C ARG E 18 -36.01 -14.22 -16.76
N LYS E 19 -36.96 -14.23 -17.68
CA LYS E 19 -37.22 -15.36 -18.55
C LYS E 19 -36.83 -14.91 -19.94
N LEU E 20 -36.48 -15.88 -20.79
CA LEU E 20 -35.88 -15.64 -22.10
C LEU E 20 -34.58 -14.84 -21.94
N ASP E 21 -33.60 -15.51 -21.36
CA ASP E 21 -32.28 -14.92 -21.14
C ASP E 21 -31.25 -15.44 -22.12
N PRO E 22 -30.57 -14.56 -22.85
CA PRO E 22 -29.54 -14.99 -23.79
C PRO E 22 -28.16 -15.01 -23.15
N SER E 23 -27.20 -15.50 -23.91
CA SER E 23 -25.81 -15.48 -23.53
C SER E 23 -25.08 -14.38 -24.30
N ASP E 24 -23.77 -14.33 -24.16
CA ASP E 24 -22.96 -13.43 -24.98
C ASP E 24 -22.79 -14.01 -26.37
N ALA E 25 -22.95 -13.18 -27.38
CA ALA E 25 -22.70 -13.63 -28.74
C ALA E 25 -21.21 -13.70 -28.99
N LEU E 26 -20.83 -14.58 -29.89
CA LEU E 26 -19.45 -14.67 -30.36
C LEU E 26 -19.42 -14.49 -31.86
N MET E 27 -18.56 -13.61 -32.33
CA MET E 27 -18.42 -13.33 -33.75
C MET E 27 -17.37 -14.22 -34.36
N SER E 28 -17.61 -14.64 -35.61
CA SER E 28 -16.65 -15.40 -36.38
C SER E 28 -16.84 -15.04 -37.84
N ALA E 29 -15.89 -15.47 -38.67
CA ALA E 29 -15.80 -14.96 -40.03
C ALA E 29 -15.55 -16.08 -41.03
N GLY E 30 -16.34 -16.10 -42.10
CA GLY E 30 -16.14 -17.01 -43.18
C GLY E 30 -16.71 -16.45 -44.46
N ALA E 31 -16.66 -17.26 -45.51
CA ALA E 31 -17.18 -16.88 -46.80
C ALA E 31 -18.55 -17.49 -47.03
N TRP E 32 -19.37 -16.80 -47.81
CA TRP E 32 -20.74 -17.23 -48.05
C TRP E 32 -20.75 -18.50 -48.90
N ALA E 33 -21.81 -19.28 -48.74
CA ALA E 33 -21.99 -20.63 -49.27
C ALA E 33 -20.96 -21.62 -48.74
N GLN E 34 -20.28 -21.30 -47.65
CA GLN E 34 -19.67 -22.27 -46.76
C GLN E 34 -20.34 -22.24 -45.40
N ARG E 35 -21.60 -21.80 -45.38
CA ARG E 35 -22.37 -21.64 -44.16
C ARG E 35 -22.92 -22.96 -43.63
N ASP E 36 -22.65 -24.07 -44.30
CA ASP E 36 -22.98 -25.38 -43.78
C ASP E 36 -21.83 -25.97 -42.97
N ALA E 37 -20.59 -25.69 -43.35
CA ALA E 37 -19.42 -26.15 -42.63
C ALA E 37 -18.84 -25.08 -41.74
N SER E 38 -19.68 -24.24 -41.15
CA SER E 38 -19.19 -23.18 -40.27
C SER E 38 -19.08 -23.64 -38.82
N GLN E 39 -18.39 -24.76 -38.63
CA GLN E 39 -18.08 -25.25 -37.29
C GLN E 39 -16.63 -25.01 -36.93
N GLU E 40 -15.85 -24.52 -37.89
CA GLU E 40 -14.42 -24.28 -37.73
C GLU E 40 -14.03 -22.90 -38.24
N TRP E 41 -15.00 -22.01 -38.45
CA TRP E 41 -14.71 -20.64 -38.86
C TRP E 41 -13.94 -19.92 -37.76
N PRO E 42 -12.88 -19.20 -38.09
CA PRO E 42 -12.04 -18.56 -37.06
C PRO E 42 -12.71 -17.34 -36.47
N ALA E 43 -12.16 -16.90 -35.34
CA ALA E 43 -12.76 -15.82 -34.58
C ALA E 43 -12.36 -14.46 -35.12
N VAL E 44 -13.28 -13.51 -35.07
CA VAL E 44 -12.98 -12.12 -35.39
C VAL E 44 -12.30 -11.50 -34.19
N THR E 45 -11.05 -11.08 -34.37
CA THR E 45 -10.23 -10.61 -33.27
C THR E 45 -10.31 -9.09 -33.16
N VAL E 46 -10.11 -8.59 -31.95
CA VAL E 46 -10.11 -7.16 -31.68
C VAL E 46 -8.66 -6.67 -31.72
N ARG E 47 -8.34 -5.83 -32.70
CA ARG E 47 -7.02 -5.24 -32.80
C ARG E 47 -7.06 -3.85 -32.18
N GLU E 48 -5.93 -3.15 -32.27
CA GLU E 48 -5.84 -1.82 -31.68
C GLU E 48 -4.90 -0.96 -32.51
N LYS E 49 -5.32 0.26 -32.78
CA LYS E 49 -4.59 1.17 -33.64
C LYS E 49 -4.59 2.56 -33.02
N SER E 50 -3.51 3.30 -33.26
CA SER E 50 -3.41 4.71 -32.89
C SER E 50 -3.51 5.54 -34.16
N VAL E 51 -4.44 6.49 -34.17
CA VAL E 51 -4.83 7.18 -35.40
C VAL E 51 -4.74 8.69 -35.15
N ARG E 52 -4.00 9.39 -36.01
CA ARG E 52 -3.95 10.84 -35.96
C ARG E 52 -5.22 11.44 -36.56
N GLY E 53 -5.92 12.22 -35.76
CA GLY E 53 -7.08 12.90 -36.29
C GLY E 53 -6.85 14.39 -36.40
N THR E 54 -7.93 15.16 -36.36
CA THR E 54 -7.86 16.61 -36.26
C THR E 54 -8.79 17.06 -35.14
N ILE E 55 -8.58 18.29 -34.68
CA ILE E 55 -9.53 18.89 -33.75
C ILE E 55 -10.80 19.21 -34.53
N SER E 56 -11.88 18.51 -34.20
CA SER E 56 -13.14 18.63 -34.91
C SER E 56 -14.32 18.79 -33.96
N ASN E 57 -14.05 19.19 -32.72
CA ASN E 57 -15.08 19.37 -31.71
C ASN E 57 -15.32 20.85 -31.44
N ARG E 58 -16.43 21.14 -30.77
CA ARG E 58 -16.80 22.52 -30.48
C ARG E 58 -15.89 23.08 -29.40
N LEU E 59 -15.17 24.14 -29.74
CA LEU E 59 -14.45 24.91 -28.74
C LEU E 59 -15.35 25.99 -28.14
N LYS E 60 -15.15 26.25 -26.86
CA LYS E 60 -15.91 27.28 -26.18
C LYS E 60 -15.16 28.61 -26.21
N THR E 61 -15.92 29.68 -26.04
CA THR E 61 -15.38 31.02 -25.89
C THR E 61 -15.14 31.39 -24.43
N LYS E 62 -15.13 30.40 -23.53
CA LYS E 62 -14.95 30.67 -22.12
C LYS E 62 -13.51 31.09 -21.80
N ASP E 63 -12.55 30.61 -22.57
CA ASP E 63 -11.14 30.98 -22.40
C ASP E 63 -10.49 31.18 -23.76
N ARG E 64 -11.16 31.93 -24.64
CA ARG E 64 -10.74 32.06 -26.03
C ARG E 64 -9.51 32.95 -26.18
N ASP E 65 -8.34 32.33 -26.06
CA ASP E 65 -7.07 33.00 -26.33
C ASP E 65 -6.50 32.44 -27.63
N PRO E 66 -6.30 33.27 -28.66
CA PRO E 66 -5.95 32.73 -29.99
C PRO E 66 -4.54 32.19 -30.10
N ALA E 67 -3.65 32.48 -29.14
CA ALA E 67 -2.29 31.98 -29.22
C ALA E 67 -2.21 30.47 -29.01
N LYS E 68 -3.17 29.89 -28.30
CA LYS E 68 -3.21 28.46 -28.09
C LYS E 68 -4.49 27.79 -28.58
N LEU E 69 -5.62 28.51 -28.65
CA LEU E 69 -6.86 27.89 -29.12
C LEU E 69 -7.04 28.01 -30.63
N ASP E 70 -6.76 29.17 -31.22
CA ASP E 70 -6.71 29.25 -32.67
C ASP E 70 -5.50 28.47 -33.21
N ALA E 71 -4.45 28.30 -32.40
CA ALA E 71 -3.41 27.35 -32.74
C ALA E 71 -3.83 25.91 -32.48
N SER E 72 -4.83 25.69 -31.62
CA SER E 72 -5.30 24.33 -31.37
C SER E 72 -6.23 23.86 -32.47
N ILE E 73 -6.93 24.79 -33.12
CA ILE E 73 -7.65 24.48 -34.35
C ILE E 73 -6.70 23.91 -35.39
N GLN E 74 -5.55 24.55 -35.57
CA GLN E 74 -4.52 24.10 -36.49
C GLN E 74 -3.77 22.88 -35.97
N SER E 75 -3.91 22.56 -34.69
CA SER E 75 -3.18 21.46 -34.07
C SER E 75 -3.85 20.12 -34.42
N PRO E 76 -3.06 19.06 -34.59
CA PRO E 76 -3.64 17.73 -34.82
C PRO E 76 -4.12 17.07 -33.53
N ASN E 77 -4.55 15.82 -33.65
CA ASN E 77 -5.06 15.08 -32.49
C ASN E 77 -4.66 13.62 -32.67
N LEU E 78 -3.97 13.06 -31.67
CA LEU E 78 -3.36 11.74 -31.75
C LEU E 78 -4.09 10.79 -30.83
N GLN E 79 -4.91 9.89 -31.40
CA GLN E 79 -5.82 9.07 -30.61
C GLN E 79 -5.64 7.58 -30.91
N THR E 80 -5.80 6.76 -29.88
CA THR E 80 -5.73 5.31 -29.97
C THR E 80 -7.14 4.74 -29.79
N VAL E 81 -7.53 3.81 -30.67
CA VAL E 81 -8.85 3.20 -30.66
C VAL E 81 -8.73 1.69 -30.84
N ASP E 82 -9.84 1.00 -30.56
CA ASP E 82 -10.00 -0.40 -30.90
C ASP E 82 -10.93 -0.53 -32.09
N VAL E 83 -10.64 -1.49 -32.96
CA VAL E 83 -11.44 -1.70 -34.16
C VAL E 83 -11.46 -3.20 -34.45
N ALA E 84 -12.57 -3.67 -35.00
CA ALA E 84 -12.74 -5.06 -35.36
C ALA E 84 -13.11 -5.15 -36.83
N ASN E 85 -12.53 -6.13 -37.52
CA ASN E 85 -12.66 -6.24 -38.96
C ASN E 85 -12.87 -7.68 -39.38
N LEU E 86 -13.60 -7.86 -40.46
CA LEU E 86 -13.52 -9.13 -41.17
C LEU E 86 -12.17 -9.22 -41.85
N PRO E 87 -11.68 -10.43 -42.10
CA PRO E 87 -10.44 -10.58 -42.87
C PRO E 87 -10.62 -10.14 -44.31
N SER E 88 -9.49 -9.97 -44.99
CA SER E 88 -9.45 -9.51 -46.37
C SER E 88 -9.87 -10.57 -47.38
N ASP E 89 -10.26 -11.76 -46.95
CA ASP E 89 -10.71 -12.81 -47.84
C ASP E 89 -12.11 -13.34 -47.51
N ALA E 90 -12.69 -12.99 -46.37
CA ALA E 90 -14.00 -13.46 -45.97
C ALA E 90 -14.97 -12.29 -45.93
N ASP E 91 -16.27 -12.58 -46.11
CA ASP E 91 -17.26 -11.51 -46.19
C ASP E 91 -18.57 -11.81 -45.47
N THR E 92 -18.66 -12.86 -44.67
CA THR E 92 -19.89 -13.21 -43.97
C THR E 92 -19.65 -13.15 -42.48
N LEU E 93 -20.51 -12.44 -41.77
CA LEU E 93 -20.43 -12.34 -40.31
C LEU E 93 -21.33 -13.40 -39.69
N LYS E 94 -20.75 -14.27 -38.88
CA LYS E 94 -21.48 -15.29 -38.15
C LYS E 94 -21.57 -14.88 -36.69
N VAL E 95 -22.77 -14.86 -36.16
CA VAL E 95 -23.04 -14.47 -34.78
C VAL E 95 -23.85 -15.57 -34.13
N ARG E 96 -23.33 -16.15 -33.05
CA ARG E 96 -23.91 -17.32 -32.42
C ARG E 96 -24.10 -17.08 -30.94
N PHE E 97 -25.29 -17.39 -30.43
CA PHE E 97 -25.57 -17.29 -29.01
C PHE E 97 -26.68 -18.27 -28.67
N THR E 98 -26.73 -18.69 -27.41
CA THR E 98 -27.77 -19.58 -26.94
C THR E 98 -28.80 -18.82 -26.11
N LEU E 99 -30.02 -19.33 -26.11
CA LEU E 99 -31.14 -18.71 -25.43
C LEU E 99 -31.88 -19.78 -24.62
N ARG E 100 -32.40 -19.41 -23.46
CA ARG E 100 -33.21 -20.33 -22.66
C ARG E 100 -34.53 -19.66 -22.32
N VAL E 101 -35.63 -20.30 -22.68
CA VAL E 101 -36.95 -19.87 -22.28
C VAL E 101 -37.36 -20.67 -21.06
N LEU E 102 -37.62 -19.98 -19.94
CA LEU E 102 -37.69 -20.62 -18.63
C LEU E 102 -39.10 -20.97 -18.19
N GLY E 103 -40.03 -20.03 -18.21
CA GLY E 103 -41.38 -20.34 -17.82
C GLY E 103 -41.67 -20.18 -16.33
N GLY E 104 -42.89 -19.77 -16.00
CA GLY E 104 -43.23 -19.42 -14.65
C GLY E 104 -43.11 -17.93 -14.43
N ALA E 105 -43.75 -17.15 -15.29
CA ALA E 105 -43.37 -15.75 -15.48
C ALA E 105 -43.85 -14.85 -14.34
N GLY E 106 -45.01 -15.14 -13.78
CA GLY E 106 -45.62 -14.20 -12.85
C GLY E 106 -45.32 -14.39 -11.39
N THR E 107 -44.51 -15.36 -11.02
CA THR E 107 -44.28 -15.56 -9.59
C THR E 107 -43.01 -14.85 -9.17
N PRO E 108 -43.05 -14.04 -8.14
CA PRO E 108 -41.83 -13.35 -7.70
C PRO E 108 -40.90 -14.28 -6.95
N SER E 109 -39.60 -14.14 -7.23
CA SER E 109 -38.60 -14.91 -6.50
C SER E 109 -38.46 -14.42 -5.05
N ALA E 110 -38.81 -13.18 -4.78
CA ALA E 110 -38.80 -12.65 -3.43
C ALA E 110 -40.01 -11.76 -3.24
N CYS E 111 -40.50 -11.67 -2.00
CA CYS E 111 -41.69 -10.91 -1.68
C CYS E 111 -41.71 -10.65 -0.18
N ASN E 112 -42.53 -9.68 0.23
CA ASN E 112 -42.87 -9.49 1.64
C ASN E 112 -44.34 -9.71 1.91
N ASP E 113 -45.21 -8.95 1.26
CA ASP E 113 -46.64 -9.02 1.53
C ASP E 113 -47.18 -10.27 0.87
N ALA E 114 -47.56 -11.26 1.69
CA ALA E 114 -47.97 -12.54 1.14
C ALA E 114 -49.34 -12.46 0.47
N ALA E 115 -50.24 -11.60 0.97
CA ALA E 115 -51.53 -11.41 0.33
C ALA E 115 -51.38 -10.71 -1.02
N TYR E 116 -50.38 -9.84 -1.15
CA TYR E 116 -50.08 -9.23 -2.44
C TYR E 116 -49.65 -10.27 -3.46
N ARG E 117 -48.79 -11.22 -3.04
CA ARG E 117 -48.39 -12.31 -3.92
C ARG E 117 -49.57 -13.22 -4.25
N ASP E 118 -50.49 -13.40 -3.30
CA ASP E 118 -51.67 -14.21 -3.54
C ASP E 118 -52.66 -13.54 -4.49
N LYS E 119 -52.62 -12.21 -4.58
CA LYS E 119 -53.43 -11.55 -5.60
C LYS E 119 -52.71 -11.50 -6.95
N LEU E 120 -51.39 -11.35 -6.92
CA LEU E 120 -50.61 -11.22 -8.15
C LEU E 120 -50.58 -12.52 -8.95
N LEU E 121 -50.49 -13.66 -8.26
CA LEU E 121 -50.53 -14.92 -8.98
C LEU E 121 -51.90 -15.19 -9.59
N GLN E 122 -52.97 -14.70 -8.97
CA GLN E 122 -54.30 -14.82 -9.57
C GLN E 122 -54.43 -13.94 -10.80
N THR E 123 -53.82 -12.76 -10.77
CA THR E 123 -53.84 -11.87 -11.94
C THR E 123 -53.09 -12.48 -13.12
N VAL E 124 -51.88 -13.01 -12.88
CA VAL E 124 -51.14 -13.66 -13.95
C VAL E 124 -51.82 -14.96 -14.38
N ALA E 125 -52.50 -15.64 -13.45
CA ALA E 125 -53.22 -16.87 -13.77
C ALA E 125 -54.40 -16.60 -14.67
N THR E 126 -55.16 -15.53 -14.42
CA THR E 126 -56.28 -15.25 -15.31
C THR E 126 -55.81 -14.70 -16.65
N TYR E 127 -54.62 -14.05 -16.69
CA TYR E 127 -54.04 -13.69 -17.98
C TYR E 127 -53.70 -14.92 -18.79
N VAL E 128 -53.19 -15.97 -18.15
CA VAL E 128 -52.86 -17.17 -18.92
C VAL E 128 -54.13 -17.97 -19.25
N ASN E 129 -55.16 -17.86 -18.40
CA ASN E 129 -56.37 -18.64 -18.62
C ASN E 129 -57.22 -18.07 -19.76
N ASP E 130 -57.35 -16.75 -19.86
CA ASP E 130 -58.21 -16.25 -20.93
C ASP E 130 -57.52 -16.24 -22.29
N GLN E 131 -56.18 -16.22 -22.33
CA GLN E 131 -55.43 -16.24 -23.58
C GLN E 131 -54.02 -16.71 -23.29
N GLY E 132 -53.35 -17.23 -24.32
CA GLY E 132 -52.04 -17.79 -24.13
C GLY E 132 -50.95 -16.75 -24.10
N PHE E 133 -49.71 -17.23 -24.15
CA PHE E 133 -48.54 -16.41 -24.43
C PHE E 133 -48.29 -16.24 -25.92
N ALA E 134 -49.28 -16.52 -26.76
CA ALA E 134 -49.05 -16.62 -28.20
C ALA E 134 -48.79 -15.27 -28.84
N GLU E 135 -49.44 -14.21 -28.35
CA GLU E 135 -49.20 -12.87 -28.88
C GLU E 135 -47.79 -12.40 -28.52
N LEU E 136 -47.32 -12.70 -27.33
CA LEU E 136 -45.96 -12.34 -26.97
C LEU E 136 -44.95 -13.26 -27.64
N ALA E 137 -45.28 -14.53 -27.80
CA ALA E 137 -44.32 -15.46 -28.38
C ALA E 137 -44.15 -15.23 -29.87
N ARG E 138 -45.19 -14.78 -30.57
CA ARG E 138 -45.01 -14.51 -31.99
C ARG E 138 -44.17 -13.28 -32.22
N ARG E 139 -44.16 -12.32 -31.29
CA ARG E 139 -43.34 -11.14 -31.46
C ARG E 139 -41.91 -11.35 -30.99
N TYR E 140 -41.72 -12.19 -29.97
CA TYR E 140 -40.39 -12.69 -29.64
C TYR E 140 -39.81 -13.50 -30.79
N ALA E 141 -40.63 -14.32 -31.44
CA ALA E 141 -40.17 -15.10 -32.58
C ALA E 141 -39.94 -14.22 -33.80
N HIS E 142 -40.63 -13.08 -33.90
CA HIS E 142 -40.27 -12.11 -34.95
C HIS E 142 -38.90 -11.53 -34.71
N ASN E 143 -38.62 -11.06 -33.49
CA ASN E 143 -37.30 -10.49 -33.22
C ASN E 143 -36.18 -11.52 -33.27
N LEU E 144 -36.49 -12.80 -33.09
CA LEU E 144 -35.51 -13.82 -33.46
C LEU E 144 -35.43 -13.97 -34.98
N ALA E 145 -36.57 -13.87 -35.66
CA ALA E 145 -36.65 -14.23 -37.07
C ALA E 145 -35.93 -13.21 -37.94
N ASN E 146 -36.23 -11.93 -37.76
CA ASN E 146 -35.30 -10.97 -38.32
C ASN E 146 -34.09 -10.84 -37.40
N ALA E 147 -33.08 -10.15 -37.88
CA ALA E 147 -31.80 -10.16 -37.19
C ALA E 147 -31.64 -8.90 -36.37
N ARG E 148 -32.71 -8.50 -35.66
CA ARG E 148 -32.72 -7.32 -34.81
C ARG E 148 -31.57 -7.31 -33.80
N PHE E 149 -31.12 -8.49 -33.36
CA PHE E 149 -29.97 -8.58 -32.48
C PHE E 149 -28.65 -8.19 -33.15
N LEU E 150 -28.59 -8.19 -34.47
CA LEU E 150 -27.50 -7.52 -35.17
C LEU E 150 -27.86 -6.05 -35.23
N TRP E 151 -27.17 -5.21 -34.46
CA TRP E 151 -27.65 -3.83 -34.32
C TRP E 151 -27.21 -2.96 -35.49
N ARG E 152 -25.91 -2.72 -35.59
CA ARG E 152 -25.35 -1.99 -36.72
C ARG E 152 -24.80 -2.95 -37.76
N ASN E 153 -24.62 -4.22 -37.38
CA ASN E 153 -24.03 -5.21 -38.25
C ASN E 153 -24.94 -5.64 -39.38
N ARG E 154 -26.25 -5.45 -39.26
CA ARG E 154 -27.12 -5.82 -40.35
C ARG E 154 -27.33 -4.70 -41.35
N VAL E 155 -26.92 -3.47 -41.04
CA VAL E 155 -27.26 -2.32 -41.86
C VAL E 155 -26.40 -2.32 -43.11
N GLY E 156 -27.06 -2.32 -44.27
CA GLY E 156 -26.36 -2.40 -45.53
C GLY E 156 -25.74 -3.75 -45.75
N ALA E 157 -26.59 -4.77 -45.92
CA ALA E 157 -26.13 -6.13 -46.15
C ALA E 157 -26.93 -6.72 -47.30
N GLU E 158 -26.26 -7.54 -48.12
CA GLU E 158 -26.94 -8.18 -49.24
C GLU E 158 -27.90 -9.24 -48.75
N ALA E 159 -27.40 -10.22 -48.01
CA ALA E 159 -28.18 -11.36 -47.57
C ALA E 159 -27.96 -11.58 -46.08
N VAL E 160 -29.05 -11.77 -45.33
CA VAL E 160 -28.99 -12.07 -43.91
C VAL E 160 -29.90 -13.27 -43.63
N GLU E 161 -29.32 -14.37 -43.19
CA GLU E 161 -30.05 -15.60 -42.89
C GLU E 161 -29.88 -15.98 -41.42
N VAL E 162 -30.98 -16.39 -40.79
CA VAL E 162 -31.00 -16.81 -39.39
C VAL E 162 -31.32 -18.30 -39.33
N ARG E 163 -30.52 -19.05 -38.58
CA ARG E 163 -30.73 -20.48 -38.38
C ARG E 163 -30.95 -20.74 -36.89
N ILE E 164 -32.11 -21.30 -36.56
CA ILE E 164 -32.51 -21.53 -35.17
C ILE E 164 -32.70 -23.03 -34.97
N ASN E 165 -32.00 -23.58 -33.99
CA ASN E 165 -31.96 -25.02 -33.74
C ASN E 165 -32.46 -25.29 -32.34
N HIS E 166 -33.53 -26.07 -32.23
CA HIS E 166 -34.03 -26.49 -30.92
C HIS E 166 -33.22 -27.67 -30.42
N ILE E 167 -32.71 -27.55 -29.21
CA ILE E 167 -31.85 -28.55 -28.60
C ILE E 167 -32.58 -29.16 -27.42
N ARG E 168 -32.91 -30.45 -27.52
CA ARG E 168 -33.69 -31.12 -26.49
C ARG E 168 -32.92 -32.27 -25.85
N GLN E 169 -31.75 -32.61 -26.38
CA GLN E 169 -30.83 -33.61 -25.85
C GLN E 169 -29.44 -33.11 -26.20
N GLY E 170 -28.46 -34.00 -26.33
CA GLY E 170 -27.27 -33.62 -27.08
C GLY E 170 -27.59 -33.23 -28.52
N GLU E 171 -28.60 -33.85 -29.11
CA GLU E 171 -29.00 -33.69 -30.50
C GLU E 171 -29.99 -32.54 -30.69
N VAL E 172 -30.07 -32.06 -31.93
CA VAL E 172 -31.01 -31.01 -32.30
C VAL E 172 -32.33 -31.63 -32.75
N ALA E 173 -33.43 -31.10 -32.23
CA ALA E 173 -34.73 -31.72 -32.39
C ALA E 173 -35.56 -31.11 -33.51
N ARG E 174 -35.11 -30.00 -34.09
CA ARG E 174 -35.90 -29.17 -35.00
C ARG E 174 -34.95 -28.15 -35.61
N ALA E 175 -35.23 -27.66 -36.83
CA ALA E 175 -34.31 -26.74 -37.48
C ALA E 175 -35.08 -25.78 -38.37
N TRP E 176 -35.03 -24.50 -38.03
CA TRP E 176 -35.63 -23.44 -38.83
C TRP E 176 -34.56 -22.72 -39.64
N ARG E 177 -35.00 -22.06 -40.71
CA ARG E 177 -34.21 -21.11 -41.45
C ARG E 177 -35.10 -19.95 -41.84
N PHE E 178 -34.53 -18.76 -41.92
CA PHE E 178 -35.29 -17.56 -42.21
C PHE E 178 -34.53 -16.66 -43.16
N ASP E 179 -35.28 -15.90 -43.94
CA ASP E 179 -34.74 -14.76 -44.69
C ASP E 179 -35.04 -13.53 -43.84
N ALA E 180 -34.02 -13.03 -43.15
CA ALA E 180 -34.25 -11.98 -42.16
C ALA E 180 -34.57 -10.64 -42.80
N LEU E 181 -34.04 -10.38 -43.99
CA LEU E 181 -34.35 -9.14 -44.67
C LEU E 181 -35.73 -9.17 -45.34
N ALA E 182 -36.22 -10.37 -45.69
CA ALA E 182 -37.59 -10.47 -46.21
C ALA E 182 -38.60 -10.23 -45.11
N ILE E 183 -38.38 -10.82 -43.94
CA ILE E 183 -39.23 -10.56 -42.79
C ILE E 183 -39.02 -9.11 -42.35
N GLY E 184 -40.12 -8.42 -42.07
CA GLY E 184 -40.04 -6.98 -41.87
C GLY E 184 -39.41 -6.62 -40.54
N LEU E 185 -38.64 -5.54 -40.54
CA LEU E 185 -38.10 -4.98 -39.31
C LEU E 185 -39.17 -4.24 -38.53
N ARG E 186 -40.28 -3.89 -39.17
CA ARG E 186 -41.34 -3.10 -38.55
C ARG E 186 -42.56 -3.94 -38.18
N ASP E 187 -43.10 -4.70 -39.12
CA ASP E 187 -44.38 -5.36 -38.94
C ASP E 187 -44.22 -6.77 -38.39
N PHE E 188 -45.11 -7.14 -37.49
CA PHE E 188 -45.16 -8.49 -36.93
C PHE E 188 -46.15 -9.36 -37.69
N LYS E 189 -46.04 -9.40 -39.01
CA LYS E 189 -46.91 -10.24 -39.81
C LYS E 189 -46.56 -11.72 -39.63
N ALA E 190 -47.51 -12.59 -39.94
CA ALA E 190 -47.41 -13.99 -39.57
C ALA E 190 -47.45 -14.91 -40.78
N ASP E 191 -46.87 -16.09 -40.60
CA ASP E 191 -46.79 -17.16 -41.58
C ASP E 191 -46.53 -18.47 -40.83
N ALA E 192 -46.26 -19.54 -41.57
CA ALA E 192 -46.36 -20.90 -41.02
C ALA E 192 -45.08 -21.38 -40.33
N GLU E 193 -43.91 -21.17 -40.95
CA GLU E 193 -42.70 -21.64 -40.31
C GLU E 193 -42.30 -20.74 -39.14
N LEU E 194 -42.84 -19.54 -39.04
CA LEU E 194 -42.54 -18.65 -37.92
C LEU E 194 -43.45 -18.91 -36.73
N ASP E 195 -44.75 -19.19 -36.93
CA ASP E 195 -45.48 -19.58 -35.74
C ASP E 195 -45.27 -21.04 -35.38
N ALA E 196 -44.61 -21.82 -36.25
CA ALA E 196 -43.99 -23.07 -35.84
C ALA E 196 -42.88 -22.86 -34.81
N LEU E 197 -42.26 -21.69 -34.76
CA LEU E 197 -41.31 -21.30 -33.71
C LEU E 197 -42.01 -20.65 -32.52
N ALA E 198 -43.03 -19.85 -32.81
CA ALA E 198 -43.80 -19.19 -31.75
C ALA E 198 -44.52 -20.19 -30.86
N GLU E 199 -44.92 -21.35 -31.41
CA GLU E 199 -45.52 -22.37 -30.56
C GLU E 199 -44.52 -22.99 -29.59
N LEU E 200 -43.27 -23.13 -30.02
CA LEU E 200 -42.23 -23.65 -29.12
C LEU E 200 -41.91 -22.66 -28.01
N ILE E 201 -41.79 -21.38 -28.38
CA ILE E 201 -41.52 -20.35 -27.37
C ILE E 201 -42.71 -20.19 -26.42
N ALA E 202 -43.93 -20.33 -26.94
CA ALA E 202 -45.10 -20.22 -26.07
C ALA E 202 -45.26 -21.44 -25.18
N SER E 203 -44.79 -22.62 -25.62
CA SER E 203 -44.77 -23.75 -24.72
C SER E 203 -43.73 -23.58 -23.63
N GLY E 204 -42.61 -22.93 -23.96
CA GLY E 204 -41.59 -22.66 -22.95
C GLY E 204 -42.03 -21.64 -21.91
N LEU E 205 -42.73 -20.58 -22.34
CA LEU E 205 -43.09 -19.49 -21.43
C LEU E 205 -44.15 -19.90 -20.43
N SER E 206 -45.05 -20.79 -20.80
CA SER E 206 -46.15 -21.18 -19.92
C SER E 206 -45.77 -22.31 -18.98
N GLY E 207 -44.51 -22.74 -18.97
CA GLY E 207 -44.05 -23.80 -18.10
C GLY E 207 -44.56 -25.16 -18.53
N SER E 208 -44.25 -25.55 -19.76
CA SER E 208 -44.78 -26.81 -20.27
C SER E 208 -43.75 -27.59 -21.10
N GLY E 209 -42.46 -27.32 -20.93
CA GLY E 209 -41.46 -27.98 -21.72
C GLY E 209 -40.08 -27.41 -21.46
N HIS E 210 -39.16 -27.77 -22.34
CA HIS E 210 -37.75 -27.36 -22.25
C HIS E 210 -37.31 -26.78 -23.58
N VAL E 211 -37.00 -25.48 -23.58
CA VAL E 211 -36.59 -24.77 -24.78
C VAL E 211 -35.14 -24.36 -24.62
N LEU E 212 -34.27 -24.88 -25.47
CA LEU E 212 -32.86 -24.48 -25.51
C LEU E 212 -32.52 -24.20 -26.98
N LEU E 213 -32.51 -22.92 -27.32
CA LEU E 213 -32.32 -22.48 -28.69
C LEU E 213 -30.89 -21.97 -28.86
N GLU E 214 -30.20 -22.48 -29.88
CA GLU E 214 -29.01 -21.82 -30.39
C GLU E 214 -29.39 -21.05 -31.64
N VAL E 215 -28.99 -19.79 -31.71
CA VAL E 215 -29.43 -18.87 -32.75
C VAL E 215 -28.21 -18.40 -33.50
N VAL E 216 -28.19 -18.61 -34.82
CA VAL E 216 -27.03 -18.30 -35.65
C VAL E 216 -27.48 -17.39 -36.78
N ALA E 217 -26.85 -16.22 -36.89
CA ALA E 217 -27.10 -15.28 -37.97
C ALA E 217 -25.95 -15.30 -38.96
N PHE E 218 -26.26 -14.99 -40.22
CA PHE E 218 -25.26 -14.97 -41.29
C PHE E 218 -25.47 -13.71 -42.12
N ALA E 219 -24.73 -12.65 -41.80
CA ALA E 219 -24.84 -11.38 -42.53
C ALA E 219 -23.64 -11.24 -43.46
N ARG E 220 -23.91 -11.15 -44.76
CA ARG E 220 -22.86 -10.84 -45.73
C ARG E 220 -22.61 -9.34 -45.73
N ILE E 221 -21.34 -8.96 -45.53
CA ILE E 221 -20.97 -7.57 -45.29
C ILE E 221 -20.08 -7.02 -46.40
N GLY E 222 -19.05 -7.78 -46.77
CA GLY E 222 -18.04 -7.32 -47.71
C GLY E 222 -16.67 -7.73 -47.19
N ASP E 223 -15.74 -7.90 -48.12
CA ASP E 223 -14.41 -8.43 -47.82
C ASP E 223 -13.59 -7.44 -47.02
N GLY E 224 -13.53 -7.62 -45.71
CA GLY E 224 -12.68 -6.80 -44.88
C GLY E 224 -13.32 -5.57 -44.29
N GLN E 225 -14.63 -5.58 -44.08
CA GLN E 225 -15.33 -4.42 -43.56
C GLN E 225 -15.32 -4.43 -42.03
N GLU E 226 -15.62 -3.28 -41.45
CA GLU E 226 -15.68 -3.16 -40.00
C GLU E 226 -16.96 -3.79 -39.47
N VAL E 227 -16.81 -4.84 -38.67
CA VAL E 227 -17.91 -5.33 -37.86
C VAL E 227 -17.94 -4.48 -36.61
N PHE E 228 -19.03 -4.55 -35.86
CA PHE E 228 -19.26 -3.65 -34.74
C PHE E 228 -19.61 -4.47 -33.50
N PRO E 229 -18.63 -4.83 -32.69
CA PRO E 229 -18.93 -5.51 -31.43
C PRO E 229 -19.44 -4.55 -30.38
N SER E 230 -19.56 -5.01 -29.15
CA SER E 230 -20.07 -4.16 -28.09
C SER E 230 -18.91 -3.44 -27.42
N GLN E 231 -19.22 -2.30 -26.81
CA GLN E 231 -18.23 -1.39 -26.27
C GLN E 231 -18.42 -1.23 -24.77
N GLU E 232 -17.33 -1.28 -24.01
CA GLU E 232 -17.43 -1.19 -22.56
C GLU E 232 -17.64 0.24 -22.11
N LEU E 233 -18.31 0.37 -20.96
CA LEU E 233 -18.15 1.54 -20.10
C LEU E 233 -16.79 1.43 -19.45
N ILE E 234 -15.82 2.18 -19.95
CA ILE E 234 -14.60 2.43 -19.18
C ILE E 234 -14.90 3.70 -18.39
N LEU E 235 -15.62 3.51 -17.28
CA LEU E 235 -15.86 4.54 -16.28
C LEU E 235 -15.97 3.86 -14.93
N ASP E 236 -16.39 4.63 -13.93
CA ASP E 236 -16.28 4.32 -12.50
C ASP E 236 -14.86 3.95 -12.11
N LYS E 237 -13.88 4.58 -12.76
CA LYS E 237 -12.47 4.23 -12.65
C LYS E 237 -11.64 5.48 -12.42
N GLY E 238 -12.09 6.62 -12.94
CA GLY E 238 -11.24 7.79 -12.97
C GLY E 238 -10.22 7.74 -14.10
N ASP E 239 -10.70 7.90 -15.34
CA ASP E 239 -9.86 8.04 -16.52
C ASP E 239 -8.79 9.11 -16.32
N LYS E 240 -7.53 8.67 -16.33
CA LYS E 240 -6.45 9.48 -15.76
C LYS E 240 -5.92 10.54 -16.73
N LYS E 241 -5.24 10.11 -17.79
CA LYS E 241 -4.66 11.10 -18.70
C LYS E 241 -5.09 10.98 -20.16
N GLY E 242 -4.90 9.81 -20.77
CA GLY E 242 -5.02 9.68 -22.21
C GLY E 242 -5.47 8.32 -22.70
N GLN E 243 -6.07 7.51 -21.84
CA GLN E 243 -6.43 6.14 -22.21
C GLN E 243 -7.53 6.14 -23.27
N LYS E 244 -7.64 5.02 -23.97
CA LYS E 244 -8.42 4.95 -25.19
C LYS E 244 -9.92 5.02 -24.91
N SER E 245 -10.62 5.77 -25.74
CA SER E 245 -12.02 6.10 -25.52
C SER E 245 -12.98 5.11 -26.16
N LYS E 246 -12.48 4.07 -26.83
CA LYS E 246 -13.33 3.02 -27.37
C LYS E 246 -12.62 1.68 -27.16
N THR E 247 -13.04 0.95 -26.15
CA THR E 247 -12.59 -0.41 -25.87
C THR E 247 -13.67 -1.38 -26.33
N LEU E 248 -13.30 -2.36 -27.13
CA LEU E 248 -14.25 -3.31 -27.68
C LEU E 248 -14.29 -4.58 -26.84
N TYR E 249 -15.50 -5.05 -26.57
CA TYR E 249 -15.71 -6.20 -25.69
C TYR E 249 -15.36 -7.50 -26.38
N SER E 250 -14.68 -8.37 -25.65
CA SER E 250 -14.25 -9.66 -26.17
C SER E 250 -14.26 -10.66 -25.03
N VAL E 251 -14.67 -11.90 -25.33
CA VAL E 251 -14.79 -12.90 -24.28
C VAL E 251 -13.45 -13.55 -23.99
N ARG E 252 -12.87 -14.25 -24.98
CA ARG E 252 -11.52 -14.77 -24.83
C ARG E 252 -10.60 -14.23 -25.92
N ASP E 253 -10.95 -14.44 -27.18
CA ASP E 253 -10.24 -13.86 -28.30
C ASP E 253 -11.26 -13.21 -29.21
N ALA E 254 -12.43 -13.83 -29.32
CA ALA E 254 -13.44 -13.41 -30.28
C ALA E 254 -14.08 -12.12 -29.82
N ALA E 255 -14.38 -11.25 -30.78
CA ALA E 255 -15.20 -10.08 -30.50
C ALA E 255 -16.60 -10.52 -30.09
N ALA E 256 -17.26 -9.71 -29.29
CA ALA E 256 -18.47 -10.20 -28.66
C ALA E 256 -19.46 -9.07 -28.47
N ILE E 257 -20.70 -9.47 -28.27
CA ILE E 257 -21.80 -8.57 -27.96
C ILE E 257 -22.30 -8.98 -26.59
N HIS E 258 -22.61 -7.98 -25.74
CA HIS E 258 -23.11 -8.25 -24.40
C HIS E 258 -24.43 -9.02 -24.44
N SER E 259 -24.71 -9.71 -23.34
CA SER E 259 -25.96 -10.46 -23.27
C SER E 259 -27.15 -9.53 -23.06
N GLN E 260 -26.94 -8.39 -22.41
CA GLN E 260 -28.05 -7.47 -22.19
C GLN E 260 -28.42 -6.70 -23.45
N LYS E 261 -27.52 -6.58 -24.41
CA LYS E 261 -27.89 -5.86 -25.63
C LYS E 261 -28.67 -6.76 -26.58
N ILE E 262 -28.27 -8.02 -26.70
CA ILE E 262 -29.07 -9.03 -27.41
C ILE E 262 -30.41 -9.21 -26.73
N GLY E 263 -30.41 -9.27 -25.40
CA GLY E 263 -31.65 -9.35 -24.67
C GLY E 263 -32.53 -8.13 -24.87
N ASN E 264 -31.92 -6.97 -25.07
CA ASN E 264 -32.68 -5.76 -25.37
C ASN E 264 -33.30 -5.85 -26.75
N ALA E 265 -32.57 -6.37 -27.72
CA ALA E 265 -33.10 -6.48 -29.07
C ALA E 265 -34.20 -7.53 -29.16
N LEU E 266 -34.17 -8.54 -28.31
CA LEU E 266 -35.20 -9.57 -28.36
C LEU E 266 -36.50 -9.18 -27.67
N ARG E 267 -36.58 -7.99 -27.06
CA ARG E 267 -37.80 -7.56 -26.40
C ARG E 267 -38.26 -6.21 -26.90
N THR E 268 -37.94 -5.86 -28.14
CA THR E 268 -38.52 -4.69 -28.78
C THR E 268 -39.87 -5.13 -29.35
N ILE E 269 -40.87 -5.11 -28.48
CA ILE E 269 -42.19 -5.68 -28.75
C ILE E 269 -43.18 -4.53 -28.76
N ASP E 270 -42.85 -3.48 -28.01
CA ASP E 270 -43.81 -2.46 -27.59
C ASP E 270 -44.21 -1.61 -28.78
N THR E 271 -45.38 -1.92 -29.34
CA THR E 271 -46.02 -1.06 -30.32
C THR E 271 -47.35 -0.59 -29.77
N TRP E 272 -47.39 -0.18 -28.52
CA TRP E 272 -48.63 0.27 -27.92
C TRP E 272 -48.49 1.58 -27.15
N TYR E 273 -47.32 2.22 -27.22
CA TYR E 273 -47.12 3.48 -26.54
C TYR E 273 -47.92 4.58 -27.26
N PRO E 274 -48.48 5.53 -26.50
CA PRO E 274 -49.58 6.35 -27.03
C PRO E 274 -49.18 7.39 -28.05
N ASP E 275 -47.90 7.61 -28.33
CA ASP E 275 -47.49 8.63 -29.28
C ASP E 275 -47.93 8.27 -30.69
N GLU E 276 -47.40 7.16 -31.20
CA GLU E 276 -47.84 6.48 -32.41
C GLU E 276 -47.14 5.14 -32.44
N ASP E 277 -47.90 4.07 -32.67
CA ASP E 277 -47.29 2.76 -32.86
C ASP E 277 -46.60 2.64 -34.21
N GLY E 278 -47.05 3.38 -35.22
CA GLY E 278 -46.61 3.33 -36.59
C GLY E 278 -45.23 3.86 -36.89
N LEU E 279 -44.45 4.25 -35.89
CA LEU E 279 -43.05 4.56 -36.10
C LEU E 279 -42.12 3.40 -35.78
N GLY E 280 -42.66 2.28 -35.30
CA GLY E 280 -41.85 1.12 -35.02
C GLY E 280 -41.91 0.73 -33.57
N PRO E 281 -41.47 -0.50 -33.25
CA PRO E 281 -41.46 -0.95 -31.87
C PRO E 281 -40.31 -0.37 -31.08
N ILE E 282 -40.55 -0.17 -29.79
CA ILE E 282 -39.51 0.17 -28.84
C ILE E 282 -39.36 -1.01 -27.88
N ALA E 283 -38.32 -0.95 -27.06
CA ALA E 283 -38.08 -2.02 -26.11
C ALA E 283 -39.06 -1.98 -24.96
N VAL E 284 -39.33 -3.13 -24.36
CA VAL E 284 -40.25 -3.21 -23.24
C VAL E 284 -39.47 -2.83 -21.99
N GLU E 285 -39.76 -1.66 -21.45
CA GLU E 285 -39.14 -1.10 -20.27
C GLU E 285 -40.20 -0.29 -19.56
N PRO E 286 -40.14 -0.19 -18.24
CA PRO E 286 -41.01 0.76 -17.55
C PRO E 286 -40.61 2.17 -17.90
N TYR E 287 -41.61 3.05 -17.98
CA TYR E 287 -41.52 4.43 -18.46
C TYR E 287 -41.01 4.51 -19.90
N GLY E 288 -41.16 3.46 -20.70
CA GLY E 288 -40.93 3.43 -22.15
C GLY E 288 -39.68 4.03 -22.73
N SER E 289 -38.65 4.23 -21.91
CA SER E 289 -37.62 5.24 -22.17
C SER E 289 -36.56 4.70 -23.10
N VAL E 290 -36.57 5.15 -24.34
CA VAL E 290 -35.45 4.95 -25.25
C VAL E 290 -34.44 6.04 -24.96
N THR E 291 -33.17 5.68 -24.84
CA THR E 291 -32.20 6.61 -24.30
C THR E 291 -31.32 7.24 -25.37
N SER E 292 -30.97 6.51 -26.43
CA SER E 292 -30.11 7.07 -27.47
C SER E 292 -30.82 8.16 -28.26
N GLN E 293 -32.13 8.08 -28.42
CA GLN E 293 -32.86 9.18 -29.03
C GLN E 293 -33.35 10.19 -28.01
N GLY E 294 -33.14 9.93 -26.72
CA GLY E 294 -33.23 10.94 -25.71
C GLY E 294 -34.62 11.27 -25.20
N LYS E 295 -35.66 10.59 -25.68
CA LYS E 295 -37.01 10.86 -25.20
C LYS E 295 -37.62 9.59 -24.62
N ALA E 296 -38.51 9.77 -23.66
CA ALA E 296 -39.14 8.67 -22.96
C ALA E 296 -40.62 8.66 -23.33
N TYR E 297 -41.03 7.63 -24.05
CA TYR E 297 -42.44 7.40 -24.25
C TYR E 297 -43.04 6.88 -22.96
N ARG E 298 -44.37 6.94 -22.88
CA ARG E 298 -45.15 6.32 -21.79
C ARG E 298 -44.79 6.95 -20.44
N GLN E 299 -45.04 8.26 -20.34
CA GLN E 299 -44.69 9.06 -19.17
C GLN E 299 -45.59 8.72 -17.98
N PRO E 300 -45.12 8.93 -16.74
CA PRO E 300 -45.96 8.64 -15.58
C PRO E 300 -47.13 9.59 -15.37
N LYS E 301 -47.18 10.73 -16.07
CA LYS E 301 -48.30 11.66 -15.90
C LYS E 301 -49.59 11.12 -16.50
N GLN E 302 -49.52 10.21 -17.46
CA GLN E 302 -50.71 9.60 -18.03
C GLN E 302 -51.02 8.31 -17.29
N LYS E 303 -51.93 7.52 -17.86
CA LYS E 303 -52.34 6.23 -17.28
C LYS E 303 -51.70 5.10 -18.06
N LEU E 304 -50.43 5.26 -18.45
CA LEU E 304 -49.82 4.36 -19.41
C LEU E 304 -48.63 3.57 -18.89
N ASP E 305 -47.93 4.04 -17.87
CA ASP E 305 -46.70 3.34 -17.52
C ASP E 305 -46.99 2.08 -16.70
N PHE E 306 -45.93 1.30 -16.49
CA PHE E 306 -46.04 -0.01 -15.85
C PHE E 306 -46.42 0.10 -14.38
N TYR E 307 -45.83 1.05 -13.66
CA TYR E 307 -46.01 1.17 -12.22
C TYR E 307 -47.39 1.68 -11.83
N THR E 308 -48.20 2.14 -12.78
CA THR E 308 -49.58 2.54 -12.52
C THR E 308 -50.58 1.53 -13.05
N LEU E 309 -50.33 1.00 -14.25
CA LEU E 309 -51.18 -0.06 -14.80
C LEU E 309 -51.13 -1.32 -13.94
N LEU E 310 -49.95 -1.66 -13.41
CA LEU E 310 -49.80 -2.82 -12.55
C LEU E 310 -50.54 -2.63 -11.23
N ASP E 311 -50.37 -1.46 -10.60
CA ASP E 311 -51.04 -1.18 -9.35
C ASP E 311 -52.54 -0.99 -9.52
N ASN E 312 -53.00 -0.72 -10.73
CA ASN E 312 -54.44 -0.72 -10.95
C ASN E 312 -54.96 -2.13 -11.21
N TRP E 313 -54.22 -2.93 -11.98
CA TRP E 313 -54.71 -4.26 -12.37
C TRP E 313 -54.61 -5.25 -11.23
N VAL E 314 -53.80 -4.98 -10.21
CA VAL E 314 -53.72 -5.85 -9.04
C VAL E 314 -54.55 -5.33 -7.88
N LEU E 315 -54.36 -4.07 -7.49
CA LEU E 315 -54.98 -3.56 -6.27
C LEU E 315 -56.42 -3.13 -6.50
N ARG E 316 -56.62 -2.14 -7.38
CA ARG E 316 -57.95 -1.60 -7.62
C ARG E 316 -58.77 -2.45 -8.57
N ASP E 317 -58.17 -3.49 -9.16
CA ASP E 317 -58.85 -4.52 -9.96
C ASP E 317 -59.53 -3.94 -11.19
N GLU E 318 -58.97 -2.88 -11.77
CA GLU E 318 -59.38 -2.46 -13.10
C GLU E 318 -58.42 -3.07 -14.11
N ALA E 319 -58.91 -4.05 -14.85
CA ALA E 319 -58.12 -4.64 -15.91
C ALA E 319 -57.96 -3.64 -17.04
N PRO E 320 -56.76 -3.51 -17.61
CA PRO E 320 -56.59 -2.63 -18.76
C PRO E 320 -57.06 -3.30 -20.04
N ALA E 321 -57.00 -2.54 -21.12
CA ALA E 321 -57.22 -3.11 -22.44
C ALA E 321 -56.14 -4.13 -22.75
N VAL E 322 -56.48 -5.09 -23.63
CA VAL E 322 -55.72 -6.32 -23.80
C VAL E 322 -54.28 -6.04 -24.22
N GLU E 323 -54.10 -5.08 -25.11
CA GLU E 323 -52.76 -4.71 -25.55
C GLU E 323 -51.93 -4.05 -24.46
N GLN E 324 -52.55 -3.53 -23.39
CA GLN E 324 -51.79 -3.10 -22.24
C GLN E 324 -51.46 -4.25 -21.31
N GLN E 325 -52.31 -5.29 -21.29
CA GLN E 325 -52.00 -6.49 -20.54
C GLN E 325 -50.77 -7.19 -21.11
N HIS E 326 -50.64 -7.18 -22.44
CA HIS E 326 -49.43 -7.71 -23.06
C HIS E 326 -48.19 -6.94 -22.64
N TYR E 327 -48.31 -5.62 -22.46
CA TYR E 327 -47.18 -4.81 -22.00
C TYR E 327 -46.79 -5.14 -20.58
N VAL E 328 -47.77 -5.29 -19.69
CA VAL E 328 -47.48 -5.61 -18.29
C VAL E 328 -46.85 -6.99 -18.16
N ILE E 329 -47.34 -7.97 -18.92
CA ILE E 329 -46.75 -9.30 -18.83
C ILE E 329 -45.36 -9.34 -19.45
N ALA E 330 -45.11 -8.55 -20.50
CA ALA E 330 -43.76 -8.47 -21.04
C ALA E 330 -42.79 -7.81 -20.05
N ASN E 331 -43.28 -6.86 -19.25
CA ASN E 331 -42.45 -6.35 -18.15
C ASN E 331 -42.20 -7.41 -17.09
N LEU E 332 -43.16 -8.31 -16.85
CA LEU E 332 -42.90 -9.35 -15.86
C LEU E 332 -41.96 -10.42 -16.38
N ILE E 333 -41.95 -10.68 -17.69
CA ILE E 333 -40.92 -11.52 -18.28
C ILE E 333 -39.56 -10.84 -18.20
N ARG E 334 -39.51 -9.51 -18.32
CA ARG E 334 -38.23 -8.81 -18.21
C ARG E 334 -37.65 -8.91 -16.80
N GLY E 335 -38.45 -8.58 -15.79
CA GLY E 335 -38.01 -8.69 -14.42
C GLY E 335 -37.36 -7.41 -13.91
N GLY E 336 -37.30 -7.29 -12.59
CA GLY E 336 -36.71 -6.12 -11.98
C GLY E 336 -37.10 -6.00 -10.52
N VAL E 337 -36.82 -4.83 -9.97
CA VAL E 337 -37.11 -4.51 -8.58
C VAL E 337 -38.31 -3.57 -8.57
N PHE E 338 -39.46 -4.07 -8.13
CA PHE E 338 -40.71 -3.35 -8.23
C PHE E 338 -41.28 -3.00 -6.86
N GLY E 339 -40.43 -2.55 -5.94
CA GLY E 339 -40.77 -2.41 -4.54
C GLY E 339 -41.65 -1.22 -4.23
N GLU E 340 -41.46 -0.68 -3.03
CA GLU E 340 -42.32 0.37 -2.51
C GLU E 340 -41.55 1.32 -1.61
N ILE F 7 -41.12 -25.63 40.57
CA ILE F 7 -39.76 -26.13 40.44
C ILE F 7 -39.49 -26.45 38.97
N LEU F 8 -38.22 -26.69 38.66
CA LEU F 8 -37.74 -27.12 37.33
C LEU F 8 -38.12 -26.09 36.25
N SER F 9 -37.44 -24.95 36.33
CA SER F 9 -37.49 -23.97 35.26
C SER F 9 -36.46 -24.31 34.17
N THR F 10 -36.47 -23.55 33.09
CA THR F 10 -35.56 -23.78 31.98
C THR F 10 -34.18 -23.20 32.29
N ALA F 11 -33.18 -23.71 31.59
CA ALA F 11 -31.82 -23.22 31.74
C ALA F 11 -31.68 -21.85 31.12
N SER F 12 -30.91 -20.98 31.79
CA SER F 12 -30.69 -19.64 31.27
C SER F 12 -29.66 -19.60 30.15
N VAL F 13 -28.80 -20.61 30.07
CA VAL F 13 -27.84 -20.76 28.99
C VAL F 13 -28.01 -22.15 28.41
N LEU F 14 -28.39 -22.22 27.14
CA LEU F 14 -28.40 -23.48 26.39
C LEU F 14 -27.70 -23.30 25.07
N ALA F 15 -27.07 -24.37 24.60
CA ALA F 15 -26.34 -24.33 23.35
C ALA F 15 -26.30 -25.72 22.77
N PHE F 16 -26.53 -25.83 21.47
CA PHE F 16 -26.47 -27.09 20.76
C PHE F 16 -25.59 -26.92 19.54
N GLU F 17 -24.53 -27.72 19.46
CA GLU F 17 -23.67 -27.72 18.29
C GLU F 17 -24.44 -28.29 17.11
N ARG F 18 -24.05 -27.87 15.91
CA ARG F 18 -24.80 -28.31 14.74
C ARG F 18 -24.46 -29.75 14.41
N LYS F 19 -25.41 -30.42 13.79
CA LYS F 19 -25.17 -31.66 13.08
C LYS F 19 -25.48 -31.40 11.61
N LEU F 20 -24.94 -32.25 10.74
CA LEU F 20 -24.95 -32.06 9.29
C LEU F 20 -24.26 -30.75 8.90
N ASP F 21 -22.94 -30.73 9.07
CA ASP F 21 -22.14 -29.57 8.70
C ASP F 21 -21.60 -29.71 7.28
N PRO F 22 -22.04 -28.88 6.33
CA PRO F 22 -21.47 -28.91 4.98
C PRO F 22 -20.35 -27.89 4.81
N SER F 23 -19.62 -28.05 3.72
CA SER F 23 -18.56 -27.12 3.36
C SER F 23 -19.05 -26.18 2.26
N ASP F 24 -18.15 -25.35 1.75
CA ASP F 24 -18.50 -24.47 0.63
C ASP F 24 -18.49 -25.26 -0.67
N ALA F 25 -19.51 -25.07 -1.49
CA ALA F 25 -19.62 -25.76 -2.76
C ALA F 25 -18.91 -24.96 -3.83
N LEU F 26 -17.83 -25.51 -4.38
CA LEU F 26 -17.09 -24.85 -5.44
C LEU F 26 -17.62 -25.28 -6.80
N MET F 27 -17.78 -24.30 -7.69
CA MET F 27 -18.31 -24.52 -9.02
C MET F 27 -17.18 -24.78 -10.02
N SER F 28 -17.49 -25.61 -11.01
CA SER F 28 -16.61 -25.83 -12.15
C SER F 28 -17.48 -26.26 -13.32
N ALA F 29 -16.88 -26.33 -14.51
CA ALA F 29 -17.70 -26.43 -15.70
C ALA F 29 -17.02 -27.29 -16.75
N GLY F 30 -17.83 -27.95 -17.56
CA GLY F 30 -17.33 -28.87 -18.55
C GLY F 30 -18.47 -29.41 -19.38
N ALA F 31 -18.16 -30.45 -20.16
CA ALA F 31 -19.13 -31.05 -21.06
C ALA F 31 -19.84 -32.22 -20.40
N TRP F 32 -21.15 -32.32 -20.64
CA TRP F 32 -21.91 -33.51 -20.28
C TRP F 32 -21.38 -34.70 -21.07
N ALA F 33 -21.51 -35.89 -20.49
CA ALA F 33 -20.93 -37.18 -20.84
C ALA F 33 -19.41 -37.23 -20.63
N GLN F 34 -18.78 -36.14 -20.23
CA GLN F 34 -17.47 -36.17 -19.58
C GLN F 34 -17.61 -36.11 -18.06
N ARG F 35 -18.75 -36.58 -17.53
CA ARG F 35 -19.04 -36.48 -16.12
C ARG F 35 -18.13 -37.36 -15.27
N ASP F 36 -17.81 -38.55 -15.77
CA ASP F 36 -16.98 -39.48 -15.02
C ASP F 36 -15.49 -39.29 -15.27
N ALA F 37 -15.11 -38.22 -15.96
CA ALA F 37 -13.72 -37.82 -16.09
C ALA F 37 -13.52 -36.41 -15.55
N SER F 38 -14.43 -35.95 -14.70
CA SER F 38 -14.52 -34.56 -14.27
C SER F 38 -13.70 -34.30 -13.02
N GLN F 39 -12.42 -34.67 -13.03
CA GLN F 39 -11.53 -34.37 -11.92
C GLN F 39 -10.70 -33.12 -12.15
N GLU F 40 -10.59 -32.66 -13.39
CA GLU F 40 -9.72 -31.55 -13.73
C GLU F 40 -10.47 -30.48 -14.53
N TRP F 41 -11.78 -30.39 -14.35
CA TRP F 41 -12.54 -29.34 -15.01
C TRP F 41 -12.14 -27.98 -14.45
N PRO F 42 -11.98 -26.96 -15.29
CA PRO F 42 -11.66 -25.63 -14.79
C PRO F 42 -12.86 -25.00 -14.10
N ALA F 43 -12.55 -24.08 -13.19
CA ALA F 43 -13.58 -23.51 -12.35
C ALA F 43 -14.36 -22.44 -13.09
N VAL F 44 -15.54 -22.14 -12.56
CA VAL F 44 -16.32 -21.00 -13.01
C VAL F 44 -15.79 -19.77 -12.30
N THR F 45 -15.28 -18.81 -13.06
CA THR F 45 -14.66 -17.62 -12.49
C THR F 45 -15.66 -16.46 -12.46
N VAL F 46 -15.57 -15.65 -11.41
CA VAL F 46 -16.40 -14.46 -11.28
C VAL F 46 -15.79 -13.34 -12.11
N ARG F 47 -16.62 -12.60 -12.82
CA ARG F 47 -16.16 -11.54 -13.70
C ARG F 47 -16.86 -10.23 -13.36
N GLU F 48 -16.11 -9.16 -13.45
CA GLU F 48 -16.61 -7.81 -13.23
C GLU F 48 -17.06 -7.22 -14.55
N LYS F 49 -18.26 -6.62 -14.59
CA LYS F 49 -18.69 -5.94 -15.79
C LYS F 49 -19.44 -4.66 -15.45
N SER F 50 -19.40 -3.73 -16.39
CA SER F 50 -20.11 -2.46 -16.31
C SER F 50 -21.25 -2.46 -17.31
N VAL F 51 -22.36 -1.81 -16.93
CA VAL F 51 -23.59 -1.95 -17.69
C VAL F 51 -24.23 -0.57 -17.82
N ARG F 52 -25.01 -0.38 -18.89
CA ARG F 52 -25.70 0.87 -19.17
C ARG F 52 -27.20 0.57 -19.23
N GLY F 53 -27.88 0.66 -18.10
CA GLY F 53 -29.31 0.46 -18.07
C GLY F 53 -30.05 1.76 -18.28
N THR F 54 -31.36 1.68 -18.14
CA THR F 54 -32.18 2.86 -18.00
C THR F 54 -32.61 2.99 -16.55
N ILE F 55 -33.26 4.10 -16.24
CA ILE F 55 -33.92 4.20 -14.95
C ILE F 55 -35.19 3.39 -15.05
N SER F 56 -35.13 2.15 -14.57
CA SER F 56 -36.28 1.26 -14.55
C SER F 56 -36.89 1.15 -13.16
N ASN F 57 -36.66 2.16 -12.32
CA ASN F 57 -36.97 2.12 -10.91
C ASN F 57 -38.12 3.07 -10.63
N ARG F 58 -38.75 2.91 -9.46
CA ARG F 58 -39.82 3.82 -9.12
C ARG F 58 -39.24 5.20 -8.78
N LEU F 59 -40.12 6.19 -8.86
CA LEU F 59 -39.74 7.58 -8.67
C LEU F 59 -40.37 8.10 -7.39
N LYS F 60 -39.55 8.69 -6.52
CA LYS F 60 -40.13 9.46 -5.44
C LYS F 60 -40.58 10.82 -5.96
N THR F 61 -41.35 11.54 -5.13
CA THR F 61 -41.95 12.80 -5.55
C THR F 61 -41.75 13.91 -4.51
N LYS F 62 -40.77 13.75 -3.61
CA LYS F 62 -40.45 14.82 -2.68
C LYS F 62 -39.65 15.95 -3.33
N ASP F 63 -39.20 15.76 -4.57
CA ASP F 63 -38.54 16.77 -5.38
C ASP F 63 -39.29 16.97 -6.69
N ARG F 64 -40.60 17.09 -6.60
CA ARG F 64 -41.48 17.06 -7.77
C ARG F 64 -41.34 18.36 -8.56
N ASP F 65 -41.00 18.22 -9.84
CA ASP F 65 -40.90 19.31 -10.80
C ASP F 65 -40.94 18.71 -12.19
N PRO F 66 -41.51 19.40 -13.18
CA PRO F 66 -41.65 18.80 -14.52
C PRO F 66 -40.34 18.61 -15.26
N ALA F 67 -39.26 19.28 -14.85
CA ALA F 67 -37.97 19.15 -15.51
C ALA F 67 -37.02 18.20 -14.80
N LYS F 68 -37.22 17.94 -13.50
CA LYS F 68 -36.33 17.04 -12.77
C LYS F 68 -36.55 15.59 -13.18
N LEU F 69 -37.81 15.14 -13.11
CA LEU F 69 -38.09 13.72 -13.26
C LEU F 69 -38.04 13.29 -14.72
N ASP F 70 -38.43 14.18 -15.64
CA ASP F 70 -38.32 13.89 -17.06
C ASP F 70 -36.86 13.74 -17.47
N ALA F 71 -35.99 14.59 -16.94
CA ALA F 71 -34.56 14.47 -17.22
C ALA F 71 -33.97 13.24 -16.56
N SER F 72 -34.50 12.85 -15.39
CA SER F 72 -33.97 11.67 -14.73
C SER F 72 -34.38 10.39 -15.46
N ILE F 73 -35.58 10.36 -16.03
CA ILE F 73 -35.99 9.19 -16.82
C ILE F 73 -35.22 9.14 -18.13
N GLN F 74 -35.20 10.25 -18.87
CA GLN F 74 -34.65 10.23 -20.23
C GLN F 74 -33.12 10.08 -20.26
N SER F 75 -32.46 10.26 -19.15
CA SER F 75 -31.02 10.05 -19.10
C SER F 75 -30.70 8.59 -18.80
N PRO F 76 -29.54 8.10 -19.21
CA PRO F 76 -29.20 6.69 -18.95
C PRO F 76 -28.83 6.45 -17.50
N ASN F 77 -28.66 5.16 -17.20
CA ASN F 77 -28.27 4.68 -15.89
C ASN F 77 -26.99 3.88 -16.03
N LEU F 78 -26.05 4.10 -15.12
CA LEU F 78 -24.71 3.53 -15.22
C LEU F 78 -24.41 2.74 -13.96
N GLN F 79 -24.25 1.42 -14.11
CA GLN F 79 -24.08 0.54 -12.97
C GLN F 79 -23.00 -0.48 -13.25
N THR F 80 -22.55 -1.13 -12.18
CA THR F 80 -21.37 -1.99 -12.21
C THR F 80 -21.66 -3.21 -11.35
N VAL F 81 -21.75 -4.39 -11.97
CA VAL F 81 -22.21 -5.61 -11.31
C VAL F 81 -21.21 -6.73 -11.56
N ASP F 82 -21.44 -7.85 -10.87
CA ASP F 82 -20.72 -9.09 -11.08
C ASP F 82 -21.57 -10.10 -11.83
N VAL F 83 -20.90 -11.06 -12.46
CA VAL F 83 -21.56 -12.03 -13.32
C VAL F 83 -20.69 -13.27 -13.37
N ALA F 84 -21.34 -14.43 -13.40
CA ALA F 84 -20.67 -15.71 -13.61
C ALA F 84 -21.36 -16.44 -14.75
N ASN F 85 -20.57 -17.00 -15.66
CA ASN F 85 -21.10 -17.65 -16.85
C ASN F 85 -20.39 -18.97 -17.07
N LEU F 86 -21.11 -19.92 -17.65
CA LEU F 86 -20.45 -21.07 -18.24
C LEU F 86 -19.63 -20.61 -19.44
N PRO F 87 -18.54 -21.28 -19.77
CA PRO F 87 -17.74 -20.88 -20.93
C PRO F 87 -18.43 -21.13 -22.26
N SER F 88 -17.79 -20.73 -23.36
CA SER F 88 -18.38 -20.81 -24.69
C SER F 88 -18.22 -22.17 -25.34
N ASP F 89 -17.82 -23.19 -24.57
CA ASP F 89 -17.75 -24.55 -25.06
C ASP F 89 -18.28 -25.59 -24.07
N ALA F 90 -18.50 -25.23 -22.82
CA ALA F 90 -19.02 -26.11 -21.79
C ALA F 90 -20.52 -25.93 -21.64
N ASP F 91 -21.18 -26.96 -21.10
CA ASP F 91 -22.62 -26.89 -20.92
C ASP F 91 -23.10 -27.47 -19.59
N THR F 92 -22.21 -27.88 -18.70
CA THR F 92 -22.61 -28.53 -17.46
C THR F 92 -21.97 -27.82 -16.28
N LEU F 93 -22.76 -27.57 -15.24
CA LEU F 93 -22.29 -26.97 -14.01
C LEU F 93 -22.00 -28.06 -12.98
N LYS F 94 -20.73 -28.23 -12.63
CA LYS F 94 -20.34 -29.17 -11.58
C LYS F 94 -20.27 -28.45 -10.23
N VAL F 95 -21.02 -28.95 -9.26
CA VAL F 95 -21.08 -28.37 -7.92
C VAL F 95 -20.74 -29.44 -6.91
N ARG F 96 -19.73 -29.20 -6.07
CA ARG F 96 -19.14 -30.22 -5.22
C ARG F 96 -18.92 -29.71 -3.80
N PHE F 97 -19.42 -30.44 -2.81
CA PHE F 97 -19.16 -30.13 -1.41
C PHE F 97 -19.12 -31.43 -0.62
N THR F 98 -18.66 -31.34 0.63
CA THR F 98 -18.61 -32.48 1.54
C THR F 98 -19.56 -32.26 2.70
N LEU F 99 -19.93 -33.35 3.36
CA LEU F 99 -20.94 -33.34 4.42
C LEU F 99 -20.54 -34.29 5.52
N ARG F 100 -20.43 -33.79 6.75
CA ARG F 100 -20.15 -34.61 7.91
C ARG F 100 -21.41 -34.77 8.74
N VAL F 101 -21.61 -35.98 9.28
CA VAL F 101 -22.72 -36.27 10.18
C VAL F 101 -22.12 -36.71 11.51
N LEU F 102 -22.58 -36.10 12.60
CA LEU F 102 -21.85 -36.21 13.85
C LEU F 102 -22.50 -37.15 14.85
N GLY F 103 -23.76 -36.95 15.20
CA GLY F 103 -24.40 -37.77 16.19
C GLY F 103 -24.24 -37.25 17.61
N GLY F 104 -25.13 -37.69 18.48
CA GLY F 104 -25.20 -37.10 19.81
C GLY F 104 -26.09 -35.88 19.79
N ALA F 105 -27.35 -36.06 19.40
CA ALA F 105 -28.19 -34.94 19.00
C ALA F 105 -28.68 -34.13 20.20
N GLY F 106 -29.34 -34.78 21.14
CA GLY F 106 -29.98 -34.03 22.21
C GLY F 106 -29.11 -33.59 23.36
N THR F 107 -27.80 -33.87 23.29
CA THR F 107 -26.90 -33.53 24.38
C THR F 107 -26.37 -32.12 24.18
N PRO F 108 -26.65 -31.19 25.08
CA PRO F 108 -26.20 -29.81 24.87
C PRO F 108 -24.73 -29.64 25.19
N SER F 109 -24.13 -28.66 24.54
CA SER F 109 -22.71 -28.36 24.73
C SER F 109 -22.45 -27.36 25.85
N ALA F 110 -23.48 -26.67 26.33
CA ALA F 110 -23.35 -25.77 27.46
C ALA F 110 -24.71 -25.64 28.13
N CYS F 111 -24.73 -25.67 29.46
CA CYS F 111 -25.98 -25.58 30.19
C CYS F 111 -25.71 -24.98 31.56
N ASN F 112 -26.77 -24.58 32.25
CA ASN F 112 -26.68 -24.15 33.63
C ASN F 112 -27.33 -25.13 34.59
N ASP F 113 -28.62 -25.42 34.41
CA ASP F 113 -29.34 -26.29 35.33
C ASP F 113 -28.96 -27.74 35.03
N ALA F 114 -28.55 -28.47 36.07
CA ALA F 114 -28.17 -29.86 35.87
C ALA F 114 -29.39 -30.76 35.75
N ALA F 115 -30.42 -30.49 36.56
CA ALA F 115 -31.62 -31.32 36.53
C ALA F 115 -32.40 -31.13 35.24
N TYR F 116 -32.42 -29.90 34.71
CA TYR F 116 -33.01 -29.68 33.40
C TYR F 116 -32.23 -30.40 32.30
N ARG F 117 -30.90 -30.43 32.44
CA ARG F 117 -30.07 -31.16 31.47
C ARG F 117 -30.38 -32.65 31.48
N ASP F 118 -30.54 -33.22 32.68
CA ASP F 118 -30.84 -34.64 32.77
C ASP F 118 -32.26 -34.95 32.29
N LYS F 119 -33.21 -34.06 32.55
CA LYS F 119 -34.57 -34.27 32.06
C LYS F 119 -34.63 -34.13 30.54
N LEU F 120 -33.82 -33.23 29.97
CA LEU F 120 -33.75 -33.10 28.52
C LEU F 120 -33.14 -34.34 27.88
N LEU F 121 -32.08 -34.89 28.46
CA LEU F 121 -31.51 -36.12 27.92
C LEU F 121 -32.44 -37.31 28.10
N GLN F 122 -33.23 -37.32 29.17
CA GLN F 122 -34.22 -38.38 29.34
C GLN F 122 -35.31 -38.30 28.28
N THR F 123 -35.75 -37.08 27.96
CA THR F 123 -36.76 -36.88 26.92
C THR F 123 -36.24 -37.29 25.55
N VAL F 124 -35.02 -36.90 25.22
CA VAL F 124 -34.45 -37.22 23.92
C VAL F 124 -34.16 -38.72 23.80
N ALA F 125 -33.67 -39.34 24.88
CA ALA F 125 -33.44 -40.79 24.87
C ALA F 125 -34.73 -41.58 24.79
N THR F 126 -35.81 -41.05 25.35
CA THR F 126 -37.10 -41.70 25.18
C THR F 126 -37.60 -41.56 23.75
N TYR F 127 -37.27 -40.46 23.08
CA TYR F 127 -37.58 -40.33 21.65
C TYR F 127 -36.81 -41.35 20.82
N VAL F 128 -35.51 -41.47 21.05
CA VAL F 128 -34.61 -42.14 20.09
C VAL F 128 -34.91 -43.64 19.98
N ASN F 129 -35.35 -44.29 21.05
CA ASN F 129 -35.47 -45.74 20.95
C ASN F 129 -36.81 -46.21 20.36
N ASP F 130 -37.93 -45.58 20.71
CA ASP F 130 -39.17 -46.04 20.13
C ASP F 130 -39.38 -45.54 18.71
N GLN F 131 -38.72 -44.45 18.32
CA GLN F 131 -38.59 -44.06 16.92
C GLN F 131 -37.16 -43.61 16.69
N GLY F 132 -36.48 -44.25 15.76
CA GLY F 132 -35.11 -43.90 15.49
C GLY F 132 -34.99 -42.58 14.75
N PHE F 133 -33.78 -42.32 14.24
CA PHE F 133 -33.59 -41.14 13.43
C PHE F 133 -33.98 -41.36 11.97
N ALA F 134 -34.65 -42.47 11.66
CA ALA F 134 -34.83 -42.88 10.26
C ALA F 134 -35.81 -41.98 9.52
N GLU F 135 -36.84 -41.48 10.22
CA GLU F 135 -37.80 -40.59 9.58
C GLU F 135 -37.16 -39.27 9.19
N LEU F 136 -36.31 -38.71 10.05
CA LEU F 136 -35.56 -37.52 9.67
C LEU F 136 -34.49 -37.84 8.64
N ALA F 137 -33.89 -39.03 8.73
CA ALA F 137 -32.76 -39.34 7.86
C ALA F 137 -33.20 -39.60 6.43
N ARG F 138 -34.41 -40.12 6.22
CA ARG F 138 -34.83 -40.32 4.84
C ARG F 138 -35.25 -39.03 4.18
N ARG F 139 -35.67 -38.02 4.94
CA ARG F 139 -36.00 -36.73 4.33
C ARG F 139 -34.73 -35.92 4.06
N TYR F 140 -33.75 -36.01 4.96
CA TYR F 140 -32.40 -35.50 4.69
C TYR F 140 -31.80 -36.18 3.45
N ALA F 141 -32.00 -37.49 3.32
CA ALA F 141 -31.48 -38.20 2.16
C ALA F 141 -32.27 -37.87 0.89
N HIS F 142 -33.53 -37.46 1.03
CA HIS F 142 -34.25 -36.94 -0.13
C HIS F 142 -33.63 -35.64 -0.61
N ASN F 143 -33.36 -34.71 0.32
CA ASN F 143 -32.77 -33.45 -0.11
C ASN F 143 -31.33 -33.58 -0.56
N LEU F 144 -30.64 -34.65 -0.18
CA LEU F 144 -29.38 -34.99 -0.85
C LEU F 144 -29.61 -35.68 -2.18
N ALA F 145 -30.73 -36.36 -2.33
CA ALA F 145 -31.01 -37.16 -3.52
C ALA F 145 -31.40 -36.26 -4.69
N ASN F 146 -32.41 -35.41 -4.50
CA ASN F 146 -32.57 -34.34 -5.47
C ASN F 146 -31.56 -33.24 -5.17
N ALA F 147 -31.53 -32.24 -6.02
CA ALA F 147 -30.44 -31.28 -5.94
C ALA F 147 -30.99 -29.95 -5.47
N ARG F 148 -31.79 -30.00 -4.40
CA ARG F 148 -32.34 -28.82 -3.73
C ARG F 148 -31.28 -27.76 -3.42
N PHE F 149 -30.04 -28.18 -3.15
CA PHE F 149 -28.95 -27.25 -2.87
C PHE F 149 -28.52 -26.43 -4.09
N LEU F 150 -28.89 -26.85 -5.29
CA LEU F 150 -28.78 -26.01 -6.47
C LEU F 150 -29.98 -25.09 -6.45
N TRP F 151 -29.80 -23.82 -6.09
CA TRP F 151 -30.96 -23.00 -5.80
C TRP F 151 -31.63 -22.47 -7.06
N ARG F 152 -30.92 -21.64 -7.82
CA ARG F 152 -31.43 -21.20 -9.09
C ARG F 152 -30.86 -22.01 -10.25
N ASN F 153 -29.77 -22.72 -10.00
CA ASN F 153 -29.06 -23.45 -11.05
C ASN F 153 -29.75 -24.74 -11.48
N ARG F 154 -30.89 -25.09 -10.90
CA ARG F 154 -31.68 -26.20 -11.42
C ARG F 154 -33.03 -25.75 -11.96
N VAL F 155 -33.38 -24.48 -11.84
CA VAL F 155 -34.62 -23.96 -12.41
C VAL F 155 -34.47 -23.95 -13.92
N GLY F 156 -35.21 -24.82 -14.61
CA GLY F 156 -35.10 -24.92 -16.04
C GLY F 156 -33.92 -25.71 -16.55
N ALA F 157 -33.21 -26.42 -15.68
CA ALA F 157 -32.13 -27.27 -16.14
C ALA F 157 -32.68 -28.50 -16.84
N GLU F 158 -31.87 -29.05 -17.76
CA GLU F 158 -32.34 -30.13 -18.60
C GLU F 158 -32.18 -31.49 -17.94
N ALA F 159 -30.96 -31.82 -17.53
CA ALA F 159 -30.68 -33.04 -16.78
C ALA F 159 -29.89 -32.66 -15.53
N VAL F 160 -30.26 -33.27 -14.40
CA VAL F 160 -29.58 -33.06 -13.14
C VAL F 160 -29.11 -34.42 -12.64
N GLU F 161 -27.88 -34.49 -12.14
CA GLU F 161 -27.23 -35.77 -11.89
C GLU F 161 -26.41 -35.68 -10.61
N VAL F 162 -26.73 -36.51 -9.62
CA VAL F 162 -26.12 -36.43 -8.30
C VAL F 162 -25.31 -37.70 -8.06
N ARG F 163 -24.08 -37.54 -7.57
CA ARG F 163 -23.19 -38.66 -7.28
C ARG F 163 -22.64 -38.54 -5.87
N ILE F 164 -23.20 -39.31 -4.94
CA ILE F 164 -22.84 -39.24 -3.53
C ILE F 164 -21.90 -40.39 -3.20
N ASN F 165 -20.69 -40.06 -2.76
CA ASN F 165 -19.71 -41.05 -2.36
C ASN F 165 -19.59 -41.06 -0.84
N HIS F 166 -19.33 -42.24 -0.29
CA HIS F 166 -19.08 -42.40 1.14
C HIS F 166 -17.61 -42.72 1.32
N ILE F 167 -16.91 -41.91 2.10
CA ILE F 167 -15.46 -41.98 2.23
C ILE F 167 -15.13 -42.33 3.67
N ARG F 168 -14.70 -43.56 3.90
CA ARG F 168 -14.33 -44.02 5.24
C ARG F 168 -12.83 -44.23 5.38
N GLN F 169 -12.05 -43.87 4.37
CA GLN F 169 -10.60 -43.99 4.35
C GLN F 169 -10.06 -42.85 3.51
N GLY F 170 -8.86 -43.02 2.95
CA GLY F 170 -8.45 -42.14 1.88
C GLY F 170 -9.39 -42.20 0.68
N GLU F 171 -9.92 -43.38 0.39
CA GLU F 171 -10.66 -43.67 -0.83
C GLU F 171 -12.11 -44.02 -0.49
N VAL F 172 -13.00 -43.80 -1.47
CA VAL F 172 -14.40 -44.16 -1.37
C VAL F 172 -14.57 -45.66 -1.12
N ALA F 173 -15.54 -45.99 -0.26
CA ALA F 173 -15.93 -47.37 -0.03
C ALA F 173 -17.33 -47.70 -0.53
N ARG F 174 -18.08 -46.70 -0.99
CA ARG F 174 -19.50 -46.85 -1.27
C ARG F 174 -19.95 -45.72 -2.17
N ALA F 175 -20.60 -46.04 -3.28
CA ALA F 175 -20.91 -45.03 -4.28
C ALA F 175 -22.38 -45.08 -4.66
N TRP F 176 -22.99 -43.91 -4.78
CA TRP F 176 -24.36 -43.78 -5.27
C TRP F 176 -24.36 -42.99 -6.57
N ARG F 177 -25.53 -43.01 -7.20
CA ARG F 177 -25.75 -42.28 -8.44
C ARG F 177 -27.25 -42.14 -8.60
N PHE F 178 -27.75 -40.92 -8.47
CA PHE F 178 -29.17 -40.66 -8.58
C PHE F 178 -29.46 -39.94 -9.89
N ASP F 179 -30.72 -39.57 -10.08
CA ASP F 179 -31.15 -38.76 -11.22
C ASP F 179 -32.18 -37.80 -10.66
N ALA F 180 -31.73 -36.59 -10.35
CA ALA F 180 -32.42 -35.71 -9.42
C ALA F 180 -33.71 -35.12 -9.93
N LEU F 181 -34.05 -35.29 -11.20
CA LEU F 181 -35.32 -34.76 -11.70
C LEU F 181 -36.46 -35.75 -11.56
N ALA F 182 -36.18 -37.05 -11.64
CA ALA F 182 -37.20 -38.06 -11.37
C ALA F 182 -37.62 -38.04 -9.92
N ILE F 183 -36.71 -37.70 -9.02
CA ILE F 183 -37.06 -37.42 -7.63
C ILE F 183 -37.60 -36.00 -7.57
N GLY F 184 -38.75 -35.83 -6.95
CA GLY F 184 -39.41 -34.54 -6.95
C GLY F 184 -38.84 -33.56 -5.96
N LEU F 185 -39.66 -32.57 -5.62
CA LEU F 185 -39.37 -31.64 -4.53
C LEU F 185 -40.58 -31.48 -3.62
N ARG F 186 -41.59 -32.33 -3.78
CA ARG F 186 -42.87 -32.09 -3.12
C ARG F 186 -43.28 -33.27 -2.27
N ASP F 187 -42.82 -34.47 -2.64
CA ASP F 187 -43.23 -35.70 -1.98
C ASP F 187 -42.00 -36.47 -1.52
N PHE F 188 -42.15 -37.16 -0.39
CA PHE F 188 -41.09 -38.02 0.12
C PHE F 188 -41.44 -39.47 -0.18
N LYS F 189 -41.11 -39.88 -1.41
CA LYS F 189 -41.21 -41.27 -1.85
C LYS F 189 -39.81 -41.80 -2.05
N ALA F 190 -39.57 -43.03 -1.59
CA ALA F 190 -38.25 -43.63 -1.60
C ALA F 190 -38.25 -44.91 -2.43
N ASP F 191 -37.09 -45.54 -2.49
CA ASP F 191 -36.86 -46.77 -3.23
C ASP F 191 -35.69 -47.50 -2.57
N ALA F 192 -35.13 -48.49 -3.27
CA ALA F 192 -34.15 -49.36 -2.65
C ALA F 192 -32.72 -48.84 -2.73
N GLU F 193 -32.46 -47.75 -3.45
CA GLU F 193 -31.13 -47.16 -3.45
C GLU F 193 -31.04 -45.94 -2.55
N LEU F 194 -32.16 -45.24 -2.32
CA LEU F 194 -32.17 -44.08 -1.43
C LEU F 194 -32.18 -44.50 0.03
N ASP F 195 -32.79 -45.63 0.36
CA ASP F 195 -32.89 -46.03 1.76
C ASP F 195 -31.56 -46.49 2.33
N ALA F 196 -30.63 -46.93 1.48
CA ALA F 196 -29.28 -47.24 1.95
C ALA F 196 -28.56 -45.99 2.41
N LEU F 197 -28.68 -44.90 1.65
CA LEU F 197 -28.18 -43.61 2.09
C LEU F 197 -28.90 -43.13 3.34
N ALA F 198 -30.20 -43.45 3.45
CA ALA F 198 -30.96 -43.07 4.63
C ALA F 198 -30.47 -43.80 5.88
N GLU F 199 -30.16 -45.10 5.77
CA GLU F 199 -29.61 -45.80 6.93
C GLU F 199 -28.17 -45.43 7.22
N LEU F 200 -27.40 -45.00 6.22
CA LEU F 200 -26.06 -44.47 6.50
C LEU F 200 -26.15 -43.17 7.32
N ILE F 201 -27.04 -42.27 6.92
CA ILE F 201 -27.23 -41.02 7.65
C ILE F 201 -27.83 -41.30 9.03
N ALA F 202 -28.70 -42.31 9.14
CA ALA F 202 -29.30 -42.65 10.43
C ALA F 202 -28.29 -43.28 11.38
N SER F 203 -27.32 -44.04 10.85
CA SER F 203 -26.24 -44.54 11.69
C SER F 203 -25.32 -43.41 12.14
N GLY F 204 -25.11 -42.43 11.27
CA GLY F 204 -24.29 -41.29 11.65
C GLY F 204 -24.94 -40.40 12.70
N LEU F 205 -26.25 -40.24 12.64
CA LEU F 205 -26.93 -39.39 13.60
C LEU F 205 -27.07 -40.03 14.96
N SER F 206 -26.92 -41.35 15.07
CA SER F 206 -27.04 -42.04 16.34
C SER F 206 -25.69 -42.50 16.88
N GLY F 207 -24.59 -41.99 16.32
CA GLY F 207 -23.27 -42.29 16.84
C GLY F 207 -22.74 -43.67 16.55
N SER F 208 -23.43 -44.45 15.71
CA SER F 208 -23.05 -45.82 15.48
C SER F 208 -21.99 -45.99 14.40
N GLY F 209 -21.33 -44.91 13.99
CA GLY F 209 -20.32 -45.01 12.96
C GLY F 209 -19.86 -43.64 12.50
N HIS F 210 -18.92 -43.67 11.57
CA HIS F 210 -18.31 -42.48 10.99
C HIS F 210 -18.87 -42.24 9.60
N VAL F 211 -19.54 -41.10 9.42
CA VAL F 211 -20.14 -40.73 8.14
C VAL F 211 -19.45 -39.48 7.62
N LEU F 212 -18.89 -39.60 6.42
CA LEU F 212 -18.35 -38.48 5.66
C LEU F 212 -18.72 -38.69 4.21
N LEU F 213 -19.32 -37.69 3.59
CA LEU F 213 -19.80 -37.82 2.22
C LEU F 213 -19.12 -36.82 1.31
N GLU F 214 -19.22 -37.07 0.01
CA GLU F 214 -18.69 -36.18 -1.02
C GLU F 214 -19.77 -36.07 -2.09
N VAL F 215 -20.56 -35.01 -2.03
CA VAL F 215 -21.73 -34.85 -2.88
C VAL F 215 -21.34 -34.02 -4.09
N VAL F 216 -21.51 -34.60 -5.28
CA VAL F 216 -21.21 -33.93 -6.54
C VAL F 216 -22.46 -33.92 -7.39
N ALA F 217 -22.87 -32.74 -7.84
CA ALA F 217 -24.05 -32.59 -8.68
C ALA F 217 -23.65 -32.05 -10.05
N PHE F 218 -24.36 -32.52 -11.08
CA PHE F 218 -24.09 -32.16 -12.46
C PHE F 218 -25.39 -31.64 -13.07
N ALA F 219 -25.42 -30.36 -13.44
CA ALA F 219 -26.62 -29.73 -13.97
C ALA F 219 -26.35 -29.30 -15.39
N ARG F 220 -26.96 -29.99 -16.35
CA ARG F 220 -26.90 -29.57 -17.74
C ARG F 220 -27.75 -28.32 -17.93
N ILE F 221 -27.12 -27.20 -18.27
CA ILE F 221 -27.78 -25.91 -18.38
C ILE F 221 -27.78 -25.40 -19.81
N GLY F 222 -26.64 -25.46 -20.48
CA GLY F 222 -26.53 -24.99 -21.85
C GLY F 222 -25.21 -24.31 -22.08
N ASP F 223 -24.93 -23.92 -23.32
CA ASP F 223 -23.64 -23.31 -23.62
C ASP F 223 -23.68 -21.83 -23.27
N GLY F 224 -22.68 -21.38 -22.51
CA GLY F 224 -22.50 -19.97 -22.21
C GLY F 224 -23.47 -19.36 -21.25
N GLN F 225 -24.40 -20.13 -20.69
CA GLN F 225 -25.44 -19.58 -19.84
C GLN F 225 -24.87 -19.17 -18.49
N GLU F 226 -25.58 -18.27 -17.83
CA GLU F 226 -25.11 -17.72 -16.57
C GLU F 226 -25.48 -18.65 -15.42
N VAL F 227 -24.49 -18.91 -14.56
CA VAL F 227 -24.71 -19.65 -13.36
C VAL F 227 -24.84 -18.65 -12.21
N PHE F 228 -25.30 -19.13 -11.07
CA PHE F 228 -25.71 -18.25 -9.99
C PHE F 228 -25.00 -18.65 -8.70
N PRO F 229 -23.79 -18.16 -8.48
CA PRO F 229 -23.13 -18.39 -7.20
C PRO F 229 -23.77 -17.53 -6.13
N SER F 230 -23.38 -17.76 -4.89
CA SER F 230 -24.02 -17.05 -3.79
C SER F 230 -23.54 -15.62 -3.73
N GLN F 231 -24.42 -14.74 -3.29
CA GLN F 231 -24.14 -13.32 -3.14
C GLN F 231 -24.04 -13.01 -1.66
N GLU F 232 -23.15 -12.10 -1.29
CA GLU F 232 -22.92 -11.83 0.12
C GLU F 232 -23.24 -10.38 0.46
N LEU F 233 -23.38 -10.13 1.76
CA LEU F 233 -23.61 -8.77 2.24
C LEU F 233 -22.28 -8.07 2.40
N ILE F 234 -22.15 -6.90 1.78
CA ILE F 234 -21.16 -5.91 2.17
C ILE F 234 -21.97 -4.89 2.96
N LEU F 235 -22.12 -5.11 4.27
CA LEU F 235 -23.08 -4.37 5.05
C LEU F 235 -22.38 -3.55 6.12
N ASP F 236 -23.16 -2.61 6.69
CA ASP F 236 -22.77 -1.77 7.82
C ASP F 236 -21.51 -0.97 7.51
N LYS F 237 -21.51 -0.37 6.33
CA LYS F 237 -20.49 0.58 5.93
C LYS F 237 -21.02 1.98 5.67
N GLY F 238 -22.08 2.12 4.88
CA GLY F 238 -22.51 3.44 4.46
C GLY F 238 -21.52 4.01 3.46
N ASP F 239 -21.45 3.40 2.29
CA ASP F 239 -20.42 3.74 1.32
C ASP F 239 -20.77 5.02 0.56
N LYS F 240 -19.88 5.36 -0.36
CA LYS F 240 -20.09 6.45 -1.31
C LYS F 240 -20.42 5.82 -2.66
N LYS F 241 -21.33 6.49 -3.41
CA LYS F 241 -21.58 6.28 -4.83
C LYS F 241 -22.30 4.96 -5.16
N GLY F 242 -22.38 4.03 -4.20
CA GLY F 242 -22.83 2.68 -4.47
C GLY F 242 -22.05 1.99 -5.57
N GLN F 243 -20.78 1.69 -5.31
CA GLN F 243 -19.86 1.29 -6.37
C GLN F 243 -20.14 -0.09 -6.94
N LYS F 244 -20.81 -0.96 -6.20
CA LYS F 244 -21.02 -2.36 -6.60
C LYS F 244 -22.39 -2.78 -6.06
N SER F 245 -23.37 -2.87 -6.94
CA SER F 245 -24.70 -3.26 -6.49
C SER F 245 -24.82 -4.77 -6.28
N LYS F 246 -23.92 -5.56 -6.85
CA LYS F 246 -23.94 -7.01 -6.64
C LYS F 246 -22.52 -7.54 -6.62
N THR F 247 -22.20 -8.30 -5.58
CA THR F 247 -20.89 -8.91 -5.40
C THR F 247 -21.08 -10.40 -5.19
N LEU F 248 -20.43 -11.22 -6.01
CA LEU F 248 -20.60 -12.67 -5.96
C LEU F 248 -19.52 -13.30 -5.10
N TYR F 249 -19.94 -14.25 -4.26
CA TYR F 249 -19.00 -14.94 -3.38
C TYR F 249 -18.10 -15.86 -4.17
N SER F 250 -16.82 -15.88 -3.79
CA SER F 250 -15.87 -16.78 -4.39
C SER F 250 -14.89 -17.25 -3.32
N VAL F 251 -14.07 -18.21 -3.71
CA VAL F 251 -13.01 -18.80 -2.93
C VAL F 251 -11.82 -18.39 -3.79
N ARG F 252 -10.62 -18.94 -3.55
CA ARG F 252 -9.49 -18.74 -4.45
C ARG F 252 -9.93 -19.09 -5.87
N ASP F 253 -10.03 -18.06 -6.72
CA ASP F 253 -10.44 -17.99 -8.13
C ASP F 253 -11.50 -19.00 -8.56
N ALA F 254 -12.58 -19.12 -7.78
CA ALA F 254 -13.64 -20.06 -8.12
C ALA F 254 -14.94 -19.59 -7.49
N ALA F 255 -15.98 -19.44 -8.30
CA ALA F 255 -17.29 -19.05 -7.80
C ALA F 255 -17.85 -20.16 -6.90
N ALA F 256 -18.65 -19.77 -5.93
CA ALA F 256 -19.04 -20.73 -4.91
C ALA F 256 -20.37 -20.35 -4.29
N ILE F 257 -20.93 -21.29 -3.55
CA ILE F 257 -22.13 -21.11 -2.75
C ILE F 257 -21.71 -21.16 -1.28
N HIS F 258 -22.29 -20.28 -0.46
CA HIS F 258 -22.05 -20.33 0.97
C HIS F 258 -22.51 -21.66 1.54
N SER F 259 -21.81 -22.12 2.57
CA SER F 259 -22.15 -23.40 3.17
C SER F 259 -23.46 -23.34 3.92
N GLN F 260 -23.85 -22.17 4.42
CA GLN F 260 -25.11 -22.10 5.12
C GLN F 260 -26.30 -22.11 4.19
N LYS F 261 -26.12 -21.76 2.92
CA LYS F 261 -27.25 -21.86 2.00
C LYS F 261 -27.48 -23.31 1.59
N ILE F 262 -26.40 -24.06 1.42
CA ILE F 262 -26.47 -25.51 1.22
C ILE F 262 -27.11 -26.18 2.43
N GLY F 263 -26.71 -25.76 3.63
CA GLY F 263 -27.32 -26.30 4.83
C GLY F 263 -28.77 -25.93 4.99
N ASN F 264 -29.16 -24.74 4.49
CA ASN F 264 -30.56 -24.37 4.44
C ASN F 264 -31.34 -25.31 3.55
N ALA F 265 -30.79 -25.65 2.39
CA ALA F 265 -31.50 -26.54 1.48
C ALA F 265 -31.56 -27.98 2.00
N LEU F 266 -30.55 -28.40 2.78
CA LEU F 266 -30.57 -29.77 3.26
C LEU F 266 -31.59 -30.03 4.35
N ARG F 267 -32.10 -28.98 5.01
CA ARG F 267 -33.03 -29.16 6.11
C ARG F 267 -34.42 -28.61 5.80
N THR F 268 -34.79 -28.52 4.51
CA THR F 268 -36.18 -28.28 4.14
C THR F 268 -36.91 -29.60 4.28
N ILE F 269 -37.41 -29.86 5.49
CA ILE F 269 -37.91 -31.15 5.92
C ILE F 269 -39.35 -30.96 6.37
N ASP F 270 -39.65 -29.76 6.85
CA ASP F 270 -40.84 -29.50 7.63
C ASP F 270 -42.07 -29.50 6.73
N THR F 271 -42.81 -30.61 6.75
CA THR F 271 -44.12 -30.68 6.13
C THR F 271 -45.23 -30.83 7.16
N TRP F 272 -44.97 -30.40 8.39
CA TRP F 272 -45.92 -30.57 9.47
C TRP F 272 -46.47 -29.25 9.98
N TYR F 273 -46.11 -28.13 9.35
CA TYR F 273 -46.56 -26.82 9.79
C TYR F 273 -48.05 -26.65 9.49
N PRO F 274 -48.78 -25.94 10.34
CA PRO F 274 -50.26 -26.06 10.35
C PRO F 274 -50.98 -25.34 9.23
N ASP F 275 -50.31 -24.90 8.16
CA ASP F 275 -51.05 -24.34 7.04
C ASP F 275 -51.41 -25.44 6.03
N GLU F 276 -50.40 -26.09 5.47
CA GLU F 276 -50.60 -27.17 4.50
C GLU F 276 -49.29 -27.92 4.34
N ASP F 277 -49.38 -29.14 3.83
CA ASP F 277 -48.22 -29.94 3.49
C ASP F 277 -48.06 -30.14 1.99
N GLY F 278 -49.13 -29.99 1.21
CA GLY F 278 -49.06 -30.17 -0.23
C GLY F 278 -48.34 -29.06 -0.95
N LEU F 279 -48.19 -27.90 -0.31
CA LEU F 279 -47.41 -26.81 -0.90
C LEU F 279 -45.94 -27.19 -0.97
N GLY F 280 -45.45 -27.96 -0.01
CA GLY F 280 -44.08 -28.39 -0.01
C GLY F 280 -43.45 -28.18 1.35
N PRO F 281 -42.23 -28.69 1.52
CA PRO F 281 -41.54 -28.51 2.79
C PRO F 281 -40.94 -27.11 2.91
N ILE F 282 -40.69 -26.72 4.15
CA ILE F 282 -39.92 -25.53 4.46
C ILE F 282 -38.77 -25.93 5.35
N ALA F 283 -37.82 -25.02 5.51
CA ALA F 283 -36.65 -25.29 6.33
C ALA F 283 -37.03 -25.30 7.80
N VAL F 284 -36.49 -26.29 8.52
CA VAL F 284 -36.76 -26.40 9.94
C VAL F 284 -35.98 -25.32 10.68
N GLU F 285 -36.70 -24.47 11.39
CA GLU F 285 -36.15 -23.40 12.21
C GLU F 285 -37.28 -22.92 13.11
N PRO F 286 -37.01 -22.41 14.31
CA PRO F 286 -38.10 -22.05 15.22
C PRO F 286 -38.84 -20.83 14.73
N TYR F 287 -40.14 -20.80 15.04
CA TYR F 287 -41.13 -19.90 14.43
C TYR F 287 -41.03 -19.97 12.91
N GLY F 288 -41.37 -21.14 12.35
CA GLY F 288 -40.89 -21.53 11.04
C GLY F 288 -41.21 -20.60 9.88
N SER F 289 -40.21 -19.82 9.49
CA SER F 289 -40.42 -18.62 8.69
C SER F 289 -39.54 -18.66 7.46
N VAL F 290 -40.17 -18.68 6.30
CA VAL F 290 -39.52 -18.26 5.07
C VAL F 290 -39.49 -16.75 5.07
N THR F 291 -38.33 -16.18 4.77
CA THR F 291 -38.17 -14.75 4.86
C THR F 291 -38.24 -14.09 3.49
N SER F 292 -37.87 -14.82 2.44
CA SER F 292 -38.07 -14.35 1.08
C SER F 292 -39.54 -14.30 0.68
N GLN F 293 -40.44 -14.88 1.46
CA GLN F 293 -41.87 -14.77 1.23
C GLN F 293 -42.56 -13.92 2.27
N GLY F 294 -41.85 -13.50 3.32
CA GLY F 294 -42.39 -12.59 4.31
C GLY F 294 -43.42 -13.19 5.25
N LYS F 295 -43.62 -14.50 5.22
CA LYS F 295 -44.61 -15.15 6.05
C LYS F 295 -43.92 -16.10 7.02
N ALA F 296 -44.30 -16.02 8.28
CA ALA F 296 -43.81 -16.94 9.30
C ALA F 296 -44.92 -17.95 9.58
N TYR F 297 -44.77 -19.14 9.00
CA TYR F 297 -45.58 -20.27 9.42
C TYR F 297 -45.23 -20.65 10.84
N ARG F 298 -46.14 -21.35 11.51
CA ARG F 298 -45.94 -21.86 12.87
C ARG F 298 -45.64 -20.72 13.84
N GLN F 299 -46.64 -19.87 14.01
CA GLN F 299 -46.54 -18.72 14.89
C GLN F 299 -46.45 -19.17 16.35
N PRO F 300 -45.99 -18.28 17.24
CA PRO F 300 -46.16 -18.56 18.68
C PRO F 300 -47.58 -18.38 19.17
N LYS F 301 -48.50 -17.82 18.37
CA LYS F 301 -49.88 -17.65 18.79
C LYS F 301 -50.61 -18.99 18.82
N GLN F 302 -50.76 -19.63 17.66
CA GLN F 302 -51.16 -21.03 17.64
C GLN F 302 -50.00 -21.87 18.14
N LYS F 303 -50.17 -22.49 19.29
CA LYS F 303 -49.06 -22.90 20.14
C LYS F 303 -48.30 -24.09 19.55
N LEU F 304 -47.57 -23.84 18.46
CA LEU F 304 -46.90 -24.90 17.73
C LEU F 304 -45.42 -24.65 17.48
N ASP F 305 -44.85 -23.55 17.97
CA ASP F 305 -43.44 -23.30 17.74
C ASP F 305 -42.57 -24.13 18.67
N PHE F 306 -41.25 -24.07 18.42
CA PHE F 306 -40.29 -24.91 19.12
C PHE F 306 -40.18 -24.57 20.60
N TYR F 307 -40.35 -23.31 20.96
CA TYR F 307 -40.21 -22.89 22.35
C TYR F 307 -41.41 -23.25 23.19
N THR F 308 -42.53 -23.61 22.58
CA THR F 308 -43.69 -24.10 23.31
C THR F 308 -43.72 -25.63 23.33
N LEU F 309 -43.42 -26.25 22.19
CA LEU F 309 -43.36 -27.71 22.13
C LEU F 309 -42.28 -28.26 23.03
N LEU F 310 -41.10 -27.63 23.04
CA LEU F 310 -39.98 -28.14 23.81
C LEU F 310 -40.23 -28.05 25.30
N ASP F 311 -40.74 -26.92 25.80
CA ASP F 311 -40.88 -26.85 27.24
C ASP F 311 -42.17 -27.53 27.73
N ASN F 312 -43.18 -27.68 26.87
CA ASN F 312 -44.29 -28.54 27.29
C ASN F 312 -43.91 -30.01 27.25
N TRP F 313 -42.94 -30.41 26.43
CA TRP F 313 -42.57 -31.80 26.34
C TRP F 313 -41.52 -32.19 27.38
N VAL F 314 -40.62 -31.27 27.72
CA VAL F 314 -39.57 -31.55 28.68
C VAL F 314 -40.04 -31.29 30.11
N LEU F 315 -40.57 -30.09 30.39
CA LEU F 315 -40.83 -29.71 31.76
C LEU F 315 -42.08 -30.38 32.31
N ARG F 316 -43.17 -30.32 31.57
CA ARG F 316 -44.48 -30.69 32.10
C ARG F 316 -44.96 -32.04 31.61
N ASP F 317 -44.07 -32.81 30.95
CA ASP F 317 -44.30 -34.16 30.44
C ASP F 317 -45.38 -34.27 29.36
N GLU F 318 -45.93 -33.13 28.93
CA GLU F 318 -46.95 -33.11 27.90
C GLU F 318 -46.31 -33.36 26.56
N ALA F 319 -46.28 -34.61 26.12
CA ALA F 319 -45.70 -34.93 24.83
C ALA F 319 -46.54 -34.36 23.71
N PRO F 320 -45.94 -33.80 22.67
CA PRO F 320 -46.70 -33.30 21.54
C PRO F 320 -47.14 -34.45 20.65
N ALA F 321 -47.72 -34.09 19.50
CA ALA F 321 -48.03 -35.08 18.49
C ALA F 321 -46.74 -35.69 17.97
N VAL F 322 -46.86 -36.91 17.43
CA VAL F 322 -45.68 -37.64 16.97
C VAL F 322 -45.09 -36.97 15.73
N GLU F 323 -45.90 -36.21 15.00
CA GLU F 323 -45.41 -35.43 13.87
C GLU F 323 -44.51 -34.30 14.34
N GLN F 324 -44.87 -33.64 15.43
CA GLN F 324 -44.10 -32.50 15.91
C GLN F 324 -42.84 -32.91 16.67
N GLN F 325 -42.74 -34.17 17.09
CA GLN F 325 -41.51 -34.62 17.71
C GLN F 325 -40.37 -34.68 16.70
N HIS F 326 -40.67 -34.98 15.44
CA HIS F 326 -39.66 -34.88 14.39
C HIS F 326 -39.20 -33.44 14.21
N TYR F 327 -40.12 -32.49 14.37
CA TYR F 327 -39.77 -31.06 14.27
C TYR F 327 -38.87 -30.62 15.42
N VAL F 328 -39.17 -31.06 16.65
CA VAL F 328 -38.36 -30.69 17.80
C VAL F 328 -36.98 -31.31 17.73
N ILE F 329 -36.90 -32.59 17.32
CA ILE F 329 -35.59 -33.21 17.17
C ILE F 329 -34.84 -32.62 15.98
N ALA F 330 -35.54 -32.13 14.95
CA ALA F 330 -34.87 -31.49 13.83
C ALA F 330 -34.29 -30.14 14.24
N ASN F 331 -34.97 -29.43 15.14
CA ASN F 331 -34.37 -28.21 15.68
C ASN F 331 -33.20 -28.50 16.59
N LEU F 332 -33.18 -29.66 17.25
CA LEU F 332 -32.00 -30.00 18.04
C LEU F 332 -30.82 -30.38 17.14
N ILE F 333 -31.09 -31.05 16.00
CA ILE F 333 -30.03 -31.30 15.02
C ILE F 333 -29.55 -29.99 14.41
N ARG F 334 -30.43 -28.99 14.28
CA ARG F 334 -30.03 -27.68 13.78
C ARG F 334 -29.06 -26.98 14.73
N GLY F 335 -29.49 -26.71 15.95
CA GLY F 335 -28.65 -26.01 16.90
C GLY F 335 -29.30 -24.75 17.40
N GLY F 336 -28.53 -23.83 17.95
CA GLY F 336 -29.04 -22.53 18.31
C GLY F 336 -28.81 -22.19 19.77
N VAL F 337 -29.31 -21.03 20.16
CA VAL F 337 -29.12 -20.48 21.48
C VAL F 337 -30.47 -20.35 22.14
N PHE F 338 -30.69 -21.13 23.20
CA PHE F 338 -31.97 -21.21 23.89
C PHE F 338 -31.74 -20.75 25.32
N GLY F 339 -32.77 -20.21 25.97
CA GLY F 339 -32.51 -19.66 27.29
C GLY F 339 -33.67 -19.09 28.06
N GLU F 340 -33.48 -17.90 28.63
CA GLU F 340 -34.49 -17.26 29.45
C GLU F 340 -35.41 -16.43 28.56
N ALA F 341 -36.71 -16.53 28.82
CA ALA F 341 -37.72 -15.93 27.94
C ALA F 341 -37.80 -14.41 28.09
N LEU G 8 -0.94 -20.83 65.45
CA LEU G 8 -0.49 -20.99 64.08
C LEU G 8 -1.62 -20.80 63.07
N SER G 9 -1.39 -19.92 62.10
CA SER G 9 -2.33 -19.66 61.03
C SER G 9 -1.64 -19.78 59.68
N THR G 10 -2.44 -19.92 58.63
CA THR G 10 -1.93 -19.77 57.28
C THR G 10 -1.59 -18.31 57.00
N ALA G 11 -0.67 -18.10 56.08
CA ALA G 11 -0.25 -16.76 55.73
C ALA G 11 -1.37 -16.00 55.03
N SER G 12 -1.34 -14.68 55.17
CA SER G 12 -2.31 -13.83 54.49
C SER G 12 -1.96 -13.56 53.04
N VAL G 13 -0.79 -14.01 52.58
CA VAL G 13 -0.37 -13.90 51.18
C VAL G 13 0.29 -15.21 50.79
N LEU G 14 -0.26 -15.89 49.77
CA LEU G 14 0.39 -17.04 49.17
C LEU G 14 0.29 -16.94 47.65
N ALA G 15 1.40 -17.18 46.97
CA ALA G 15 1.42 -17.14 45.52
C ALA G 15 2.23 -18.33 45.02
N PHE G 16 1.59 -19.19 44.26
CA PHE G 16 2.24 -20.34 43.66
C PHE G 16 2.31 -20.12 42.15
N GLU G 17 3.51 -20.22 41.60
CA GLU G 17 3.69 -20.14 40.16
C GLU G 17 3.07 -21.35 39.49
N ARG G 18 2.68 -21.19 38.23
CA ARG G 18 2.18 -22.34 37.49
C ARG G 18 3.34 -23.25 37.10
N LYS G 19 3.10 -24.54 37.19
CA LYS G 19 3.88 -25.55 36.53
C LYS G 19 3.03 -26.09 35.40
N LEU G 20 3.64 -26.84 34.49
CA LEU G 20 3.03 -27.25 33.22
C LEU G 20 2.54 -26.03 32.45
N ASP G 21 3.52 -25.26 31.96
CA ASP G 21 3.26 -24.00 31.28
C ASP G 21 3.29 -24.20 29.77
N PRO G 22 2.14 -24.18 29.06
CA PRO G 22 2.17 -24.35 27.60
C PRO G 22 2.16 -23.03 26.85
N SER G 23 2.52 -23.06 25.57
CA SER G 23 2.42 -21.88 24.73
C SER G 23 1.06 -21.87 24.05
N ASP G 24 0.83 -20.92 23.15
CA ASP G 24 -0.35 -20.96 22.30
C ASP G 24 -0.09 -21.83 21.08
N ALA G 25 -1.14 -22.48 20.59
CA ALA G 25 -1.02 -23.41 19.48
C ALA G 25 -1.49 -22.75 18.20
N LEU G 26 -0.80 -23.04 17.10
CA LEU G 26 -1.11 -22.44 15.81
C LEU G 26 -1.52 -23.53 14.83
N MET G 27 -2.45 -23.18 13.94
CA MET G 27 -3.12 -24.12 13.06
C MET G 27 -2.59 -24.01 11.64
N SER G 28 -2.43 -25.16 10.99
CA SER G 28 -2.07 -25.23 9.58
C SER G 28 -2.76 -26.45 8.96
N ALA G 29 -2.68 -26.56 7.64
CA ALA G 29 -3.51 -27.53 6.93
C ALA G 29 -2.72 -28.22 5.82
N GLY G 30 -3.09 -29.47 5.57
CA GLY G 30 -2.47 -30.27 4.52
C GLY G 30 -3.19 -31.57 4.30
N ALA G 31 -2.50 -32.58 3.77
CA ALA G 31 -3.12 -33.87 3.53
C ALA G 31 -2.31 -34.98 4.19
N TRP G 32 -2.99 -36.08 4.50
CA TRP G 32 -2.33 -37.29 4.98
C TRP G 32 -1.39 -37.85 3.92
N ALA G 33 -0.41 -38.63 4.41
CA ALA G 33 0.80 -39.12 3.75
C ALA G 33 1.81 -38.02 3.43
N GLN G 34 1.48 -36.76 3.71
CA GLN G 34 2.46 -35.68 3.79
C GLN G 34 2.62 -35.20 5.21
N ARG G 35 2.08 -35.91 6.19
CA ARG G 35 2.07 -35.42 7.56
C ARG G 35 3.42 -35.60 8.24
N ASP G 36 4.33 -36.36 7.64
CA ASP G 36 5.71 -36.41 8.09
C ASP G 36 6.63 -35.56 7.22
N ALA G 37 6.06 -34.76 6.32
CA ALA G 37 6.74 -33.66 5.66
C ALA G 37 5.93 -32.38 5.85
N SER G 38 5.39 -32.21 7.05
CA SER G 38 4.34 -31.23 7.33
C SER G 38 4.90 -29.93 7.90
N GLN G 39 6.20 -29.74 7.80
CA GLN G 39 6.85 -28.57 8.37
C GLN G 39 6.53 -27.29 7.61
N GLU G 40 6.10 -27.38 6.36
CA GLU G 40 5.80 -26.23 5.53
C GLU G 40 4.36 -26.24 5.06
N TRP G 41 3.44 -26.54 5.97
CA TRP G 41 2.03 -26.41 5.64
C TRP G 41 1.57 -24.97 5.82
N PRO G 42 0.68 -24.47 4.98
CA PRO G 42 0.18 -23.11 5.15
C PRO G 42 -0.86 -23.04 6.25
N ALA G 43 -0.93 -21.88 6.88
CA ALA G 43 -1.78 -21.72 8.05
C ALA G 43 -3.26 -21.63 7.67
N VAL G 44 -4.10 -22.23 8.50
CA VAL G 44 -5.54 -22.01 8.43
C VAL G 44 -5.81 -20.56 8.80
N THR G 45 -6.50 -19.85 7.93
CA THR G 45 -6.64 -18.42 8.08
C THR G 45 -8.00 -18.04 8.65
N VAL G 46 -8.04 -16.86 9.22
CA VAL G 46 -9.25 -16.29 9.80
C VAL G 46 -9.95 -15.45 8.75
N ARG G 47 -11.24 -15.73 8.51
CA ARG G 47 -12.02 -15.03 7.51
C ARG G 47 -13.28 -14.46 8.13
N GLU G 48 -13.51 -13.18 7.93
CA GLU G 48 -14.73 -12.51 8.36
C GLU G 48 -15.81 -12.65 7.30
N LYS G 49 -17.01 -13.07 7.71
CA LYS G 49 -18.11 -13.17 6.78
C LYS G 49 -19.34 -12.51 7.37
N SER G 50 -20.33 -12.29 6.52
CA SER G 50 -21.57 -11.64 6.88
C SER G 50 -22.72 -12.58 6.59
N VAL G 51 -23.70 -12.58 7.49
CA VAL G 51 -24.71 -13.63 7.55
C VAL G 51 -26.09 -12.99 7.49
N ARG G 52 -26.88 -13.40 6.51
CA ARG G 52 -28.33 -13.22 6.58
C ARG G 52 -28.89 -14.43 7.32
N GLY G 53 -29.71 -14.17 8.32
CA GLY G 53 -30.22 -15.27 9.12
C GLY G 53 -31.70 -15.16 9.40
N THR G 54 -32.10 -15.50 10.62
CA THR G 54 -33.50 -15.46 11.03
C THR G 54 -33.54 -15.12 12.50
N ILE G 55 -34.58 -14.39 12.93
CA ILE G 55 -34.83 -14.18 14.35
C ILE G 55 -35.19 -15.52 14.97
N SER G 56 -34.29 -16.05 15.78
CA SER G 56 -34.44 -17.39 16.34
C SER G 56 -34.08 -17.40 17.82
N ASN G 57 -34.51 -16.37 18.54
CA ASN G 57 -34.39 -16.33 19.99
C ASN G 57 -35.76 -16.38 20.61
N ARG G 58 -35.80 -16.53 21.93
CA ARG G 58 -37.04 -16.36 22.65
C ARG G 58 -37.47 -14.90 22.60
N LEU G 59 -38.78 -14.67 22.68
CA LEU G 59 -39.35 -13.34 22.56
C LEU G 59 -39.91 -12.90 23.89
N LYS G 60 -39.52 -11.71 24.34
CA LYS G 60 -39.97 -11.21 25.63
C LYS G 60 -41.45 -10.84 25.56
N THR G 61 -42.13 -11.01 26.70
CA THR G 61 -43.54 -10.66 26.84
C THR G 61 -43.74 -9.45 27.75
N LYS G 62 -42.67 -8.68 27.98
CA LYS G 62 -42.70 -7.56 28.91
C LYS G 62 -42.98 -6.24 28.20
N ASP G 63 -42.60 -6.12 26.94
CA ASP G 63 -43.05 -5.04 26.06
C ASP G 63 -43.37 -5.64 24.70
N ARG G 64 -44.10 -6.75 24.71
CA ARG G 64 -44.40 -7.52 23.50
C ARG G 64 -45.52 -6.85 22.71
N ASP G 65 -45.18 -5.73 22.09
CA ASP G 65 -46.09 -5.09 21.16
C ASP G 65 -46.17 -5.94 19.89
N PRO G 66 -47.35 -6.44 19.50
CA PRO G 66 -47.42 -7.29 18.30
C PRO G 66 -47.23 -6.53 17.00
N ALA G 67 -47.21 -5.19 17.03
CA ALA G 67 -46.84 -4.42 15.86
C ALA G 67 -45.36 -4.62 15.52
N LYS G 68 -44.51 -4.75 16.54
CA LYS G 68 -43.09 -4.95 16.32
C LYS G 68 -42.65 -6.40 16.51
N LEU G 69 -43.26 -7.13 17.46
CA LEU G 69 -42.73 -8.44 17.82
C LEU G 69 -43.21 -9.53 16.87
N ASP G 70 -44.48 -9.48 16.49
CA ASP G 70 -45.03 -10.41 15.50
C ASP G 70 -44.55 -10.09 14.09
N ALA G 71 -44.00 -8.90 13.87
CA ALA G 71 -43.45 -8.53 12.58
C ALA G 71 -41.93 -8.69 12.51
N SER G 72 -41.25 -8.80 13.65
CA SER G 72 -39.81 -9.05 13.62
C SER G 72 -39.48 -10.47 13.19
N ILE G 73 -40.43 -11.40 13.36
CA ILE G 73 -40.19 -12.79 12.99
C ILE G 73 -40.12 -12.93 11.47
N GLN G 74 -40.96 -12.19 10.76
CA GLN G 74 -41.08 -12.34 9.32
C GLN G 74 -39.91 -11.72 8.58
N SER G 75 -39.30 -10.70 9.16
CA SER G 75 -38.20 -9.93 8.62
C SER G 75 -36.87 -10.59 8.97
N PRO G 76 -35.81 -10.41 8.17
CA PRO G 76 -34.57 -11.16 8.41
C PRO G 76 -33.73 -10.59 9.55
N ASN G 77 -32.60 -11.23 9.77
CA ASN G 77 -31.67 -10.92 10.85
C ASN G 77 -30.28 -10.91 10.26
N LEU G 78 -29.58 -9.79 10.37
CA LEU G 78 -28.29 -9.61 9.72
C LEU G 78 -27.19 -9.57 10.76
N GLN G 79 -26.26 -10.52 10.68
CA GLN G 79 -25.17 -10.62 11.63
C GLN G 79 -23.84 -10.74 10.91
N THR G 80 -22.77 -10.30 11.57
CA THR G 80 -21.42 -10.45 11.07
C THR G 80 -20.62 -11.30 12.05
N VAL G 81 -20.08 -12.41 11.57
CA VAL G 81 -19.36 -13.37 12.38
C VAL G 81 -18.00 -13.61 11.74
N ASP G 82 -17.24 -14.52 12.31
CA ASP G 82 -15.95 -14.91 11.79
C ASP G 82 -15.86 -16.42 11.72
N VAL G 83 -15.17 -16.93 10.71
CA VAL G 83 -15.16 -18.37 10.47
C VAL G 83 -13.81 -18.76 9.87
N ALA G 84 -13.33 -19.93 10.26
CA ALA G 84 -12.13 -20.51 9.67
C ALA G 84 -12.48 -21.88 9.12
N ASN G 85 -11.89 -22.23 7.99
CA ASN G 85 -12.14 -23.48 7.32
C ASN G 85 -10.82 -24.09 6.90
N LEU G 86 -10.85 -25.36 6.58
CA LEU G 86 -9.75 -25.94 5.84
C LEU G 86 -9.88 -25.54 4.38
N PRO G 87 -8.78 -25.55 3.63
CA PRO G 87 -8.90 -25.41 2.17
C PRO G 87 -9.56 -26.65 1.58
N SER G 88 -10.09 -26.47 0.37
CA SER G 88 -10.74 -27.59 -0.31
C SER G 88 -9.72 -28.62 -0.80
N ASP G 89 -8.47 -28.20 -1.00
CA ASP G 89 -7.42 -29.13 -1.38
C ASP G 89 -7.01 -30.04 -0.23
N ALA G 90 -7.14 -29.56 1.01
CA ALA G 90 -6.60 -30.22 2.19
C ALA G 90 -7.72 -30.84 3.01
N ASP G 91 -7.35 -31.80 3.87
CA ASP G 91 -8.35 -32.44 4.74
C ASP G 91 -7.86 -32.63 6.17
N THR G 92 -6.81 -31.94 6.60
CA THR G 92 -6.14 -32.31 7.84
C THR G 92 -5.80 -31.07 8.63
N LEU G 93 -6.20 -31.03 9.88
CA LEU G 93 -5.77 -29.98 10.79
C LEU G 93 -4.46 -30.37 11.44
N LYS G 94 -3.56 -29.41 11.56
CA LYS G 94 -2.33 -29.56 12.32
C LYS G 94 -2.31 -28.54 13.45
N VAL G 95 -1.99 -28.99 14.65
CA VAL G 95 -1.89 -28.13 15.83
C VAL G 95 -0.55 -28.38 16.50
N ARG G 96 0.22 -27.31 16.71
CA ARG G 96 1.57 -27.40 17.27
C ARG G 96 1.74 -26.41 18.40
N PHE G 97 2.18 -26.89 19.56
CA PHE G 97 2.50 -26.01 20.68
C PHE G 97 3.62 -26.64 21.50
N THR G 98 4.20 -25.85 22.39
CA THR G 98 5.28 -26.30 23.27
C THR G 98 4.82 -26.32 24.72
N LEU G 99 5.61 -26.99 25.56
CA LEU G 99 5.21 -27.22 26.95
C LEU G 99 6.45 -27.32 27.83
N ARG G 100 6.56 -26.44 28.82
CA ARG G 100 7.61 -26.53 29.83
C ARG G 100 7.05 -27.13 31.11
N VAL G 101 7.82 -28.05 31.71
CA VAL G 101 7.49 -28.66 32.99
C VAL G 101 8.55 -28.20 33.98
N LEU G 102 8.14 -27.48 35.02
CA LEU G 102 9.10 -26.69 35.77
C LEU G 102 9.68 -27.42 36.98
N GLY G 103 8.84 -27.82 37.92
CA GLY G 103 9.32 -28.44 39.14
C GLY G 103 9.55 -27.46 40.27
N GLY G 104 9.69 -28.01 41.47
CA GLY G 104 9.64 -27.21 42.68
C GLY G 104 8.23 -26.84 43.06
N ALA G 105 7.31 -27.80 42.98
CA ALA G 105 5.87 -27.53 42.96
C ALA G 105 5.24 -27.50 44.34
N GLY G 106 5.99 -27.15 45.37
CA GLY G 106 5.38 -27.00 46.68
C GLY G 106 5.84 -25.73 47.37
N THR G 107 6.86 -25.10 46.82
CA THR G 107 7.45 -23.90 47.41
C THR G 107 6.73 -22.66 46.89
N PRO G 108 6.06 -21.89 47.73
CA PRO G 108 5.39 -20.68 47.26
C PRO G 108 6.39 -19.59 46.91
N SER G 109 5.94 -18.66 46.07
CA SER G 109 6.77 -17.57 45.63
C SER G 109 6.56 -16.29 46.43
N ALA G 110 5.53 -16.24 47.26
CA ALA G 110 5.28 -15.09 48.09
C ALA G 110 4.61 -15.57 49.37
N CYS G 111 5.10 -15.14 50.51
CA CYS G 111 4.53 -15.57 51.77
C CYS G 111 4.67 -14.45 52.79
N ASN G 112 3.98 -14.61 53.92
CA ASN G 112 4.11 -13.71 55.06
C ASN G 112 4.71 -14.38 56.28
N ASP G 113 4.41 -15.66 56.49
CA ASP G 113 4.98 -16.41 57.61
C ASP G 113 6.24 -17.13 57.16
N ALA G 114 7.04 -17.55 58.13
CA ALA G 114 8.16 -18.44 57.89
C ALA G 114 7.96 -19.82 58.49
N ALA G 115 7.31 -19.88 59.65
CA ALA G 115 6.97 -21.17 60.24
C ALA G 115 5.96 -21.92 59.39
N TYR G 116 4.96 -21.21 58.86
CA TYR G 116 4.00 -21.84 57.95
C TYR G 116 4.66 -22.27 56.67
N ARG G 117 5.65 -21.50 56.18
CA ARG G 117 6.38 -21.92 54.99
C ARG G 117 7.17 -23.19 55.24
N ASP G 118 7.84 -23.29 56.39
CA ASP G 118 8.58 -24.52 56.69
C ASP G 118 7.64 -25.70 56.91
N LYS G 119 6.47 -25.46 57.50
CA LYS G 119 5.50 -26.53 57.70
C LYS G 119 4.95 -27.03 56.37
N LEU G 120 4.69 -26.09 55.45
CA LEU G 120 4.23 -26.45 54.11
C LEU G 120 5.29 -27.23 53.32
N LEU G 121 6.54 -26.79 53.39
CA LEU G 121 7.60 -27.48 52.66
C LEU G 121 7.86 -28.88 53.22
N GLN G 122 7.78 -29.04 54.54
CA GLN G 122 7.98 -30.39 55.07
C GLN G 122 6.75 -31.27 54.85
N THR G 123 5.55 -30.67 54.72
CA THR G 123 4.37 -31.43 54.32
C THR G 123 4.49 -31.94 52.88
N VAL G 124 4.93 -31.07 51.97
CA VAL G 124 5.11 -31.48 50.58
C VAL G 124 6.23 -32.49 50.46
N ALA G 125 7.29 -32.38 51.27
CA ALA G 125 8.35 -33.38 51.25
C ALA G 125 7.87 -34.72 51.82
N THR G 126 6.96 -34.68 52.81
CA THR G 126 6.30 -35.89 53.28
C THR G 126 5.50 -36.55 52.16
N TYR G 127 4.83 -35.73 51.33
CA TYR G 127 4.13 -36.27 50.17
C TYR G 127 5.08 -36.88 49.17
N VAL G 128 6.22 -36.24 48.92
CA VAL G 128 7.07 -36.66 47.79
C VAL G 128 7.90 -37.88 48.16
N ASN G 129 8.41 -37.95 49.39
CA ASN G 129 9.38 -39.01 49.66
C ASN G 129 8.72 -40.30 50.15
N ASP G 130 7.46 -40.54 49.78
CA ASP G 130 6.90 -41.88 49.86
C ASP G 130 6.10 -42.24 48.60
N GLN G 131 5.80 -41.24 47.78
CA GLN G 131 5.20 -41.44 46.46
C GLN G 131 5.53 -40.21 45.63
N GLY G 132 5.94 -40.42 44.39
CA GLY G 132 6.42 -39.27 43.63
C GLY G 132 5.32 -38.44 43.04
N PHE G 133 5.53 -37.97 41.82
CA PHE G 133 4.49 -37.33 41.05
C PHE G 133 3.92 -38.27 40.01
N ALA G 134 4.14 -39.57 40.17
CA ALA G 134 3.91 -40.53 39.09
C ALA G 134 2.42 -40.69 38.78
N GLU G 135 1.59 -40.67 39.81
CA GLU G 135 0.15 -40.74 39.57
C GLU G 135 -0.38 -39.47 38.92
N LEU G 136 0.23 -38.33 39.22
CA LEU G 136 -0.13 -37.11 38.52
C LEU G 136 0.47 -37.08 37.12
N ALA G 137 1.72 -37.53 36.99
CA ALA G 137 2.42 -37.42 35.72
C ALA G 137 1.83 -38.34 34.66
N ARG G 138 1.37 -39.53 35.03
CA ARG G 138 0.76 -40.35 34.00
C ARG G 138 -0.63 -39.91 33.64
N ARG G 139 -1.31 -39.16 34.49
CA ARG G 139 -2.59 -38.58 34.10
C ARG G 139 -2.39 -37.40 33.16
N TYR G 140 -1.35 -36.59 33.40
CA TYR G 140 -1.02 -35.56 32.41
C TYR G 140 -0.52 -36.18 31.12
N ALA G 141 0.16 -37.32 31.20
CA ALA G 141 0.62 -37.99 29.99
C ALA G 141 -0.54 -38.62 29.23
N HIS G 142 -1.59 -39.06 29.92
CA HIS G 142 -2.83 -39.45 29.24
C HIS G 142 -3.43 -38.29 28.49
N ASN G 143 -3.58 -37.14 29.15
CA ASN G 143 -4.20 -36.00 28.46
C ASN G 143 -3.32 -35.40 27.36
N LEU G 144 -2.02 -35.66 27.38
CA LEU G 144 -1.22 -35.35 26.19
C LEU G 144 -1.37 -36.41 25.11
N ALA G 145 -1.50 -37.67 25.51
CA ALA G 145 -1.47 -38.77 24.56
C ALA G 145 -2.75 -38.86 23.73
N ASN G 146 -3.90 -38.72 24.36
CA ASN G 146 -5.07 -38.41 23.56
C ASN G 146 -5.09 -36.92 23.29
N ALA G 147 -6.01 -36.49 22.44
CA ALA G 147 -5.91 -35.12 21.95
C ALA G 147 -7.04 -34.29 22.53
N ARG G 148 -7.22 -34.39 23.84
CA ARG G 148 -8.12 -33.59 24.66
C ARG G 148 -8.04 -32.10 24.33
N PHE G 149 -6.84 -31.60 24.05
CA PHE G 149 -6.64 -30.19 23.76
C PHE G 149 -7.24 -29.75 22.44
N LEU G 150 -7.46 -30.67 21.51
CA LEU G 150 -8.30 -30.39 20.35
C LEU G 150 -9.73 -30.49 20.86
N TRP G 151 -10.38 -29.35 21.09
CA TRP G 151 -11.62 -29.42 21.86
C TRP G 151 -12.82 -29.85 21.01
N ARG G 152 -13.22 -29.02 20.06
CA ARG G 152 -14.32 -29.40 19.19
C ARG G 152 -13.80 -30.02 17.90
N ASN G 153 -12.49 -29.94 17.67
CA ASN G 153 -11.93 -30.38 16.40
C ASN G 153 -11.88 -31.88 16.30
N ARG G 154 -11.58 -32.58 17.39
CA ARG G 154 -11.52 -34.03 17.34
C ARG G 154 -12.88 -34.68 17.34
N VAL G 155 -13.95 -33.92 17.57
CA VAL G 155 -15.29 -34.48 17.73
C VAL G 155 -15.76 -34.96 16.36
N GLY G 156 -15.86 -36.28 16.20
CA GLY G 156 -16.16 -36.85 14.91
C GLY G 156 -15.01 -36.86 13.94
N ALA G 157 -13.79 -36.58 14.39
CA ALA G 157 -12.64 -36.70 13.52
C ALA G 157 -12.38 -38.16 13.21
N GLU G 158 -11.97 -38.42 11.98
CA GLU G 158 -11.86 -39.79 11.51
C GLU G 158 -10.67 -40.49 12.14
N ALA G 159 -9.50 -39.86 12.10
CA ALA G 159 -8.29 -40.41 12.69
C ALA G 159 -7.47 -39.28 13.27
N VAL G 160 -6.99 -39.46 14.50
CA VAL G 160 -6.18 -38.46 15.20
C VAL G 160 -4.83 -39.09 15.52
N GLU G 161 -3.75 -38.38 15.22
CA GLU G 161 -2.40 -38.79 15.56
C GLU G 161 -1.72 -37.68 16.35
N VAL G 162 -1.04 -38.04 17.44
CA VAL G 162 -0.36 -37.10 18.31
C VAL G 162 1.12 -37.46 18.35
N ARG G 163 1.98 -36.52 17.99
CA ARG G 163 3.42 -36.71 18.05
C ARG G 163 4.02 -35.79 19.10
N ILE G 164 4.89 -36.35 19.95
CA ILE G 164 5.51 -35.62 21.05
C ILE G 164 7.02 -35.76 20.90
N ASN G 165 7.73 -34.64 20.91
CA ASN G 165 9.18 -34.60 20.77
C ASN G 165 9.81 -34.00 22.02
N HIS G 166 10.87 -34.62 22.51
CA HIS G 166 11.67 -34.09 23.60
C HIS G 166 12.91 -33.41 23.05
N ILE G 167 13.12 -32.16 23.46
CA ILE G 167 14.02 -31.24 22.78
C ILE G 167 15.08 -30.76 23.76
N ARG G 168 16.35 -30.97 23.42
CA ARG G 168 17.49 -30.51 24.21
C ARG G 168 18.20 -29.32 23.61
N GLN G 169 18.34 -29.29 22.30
CA GLN G 169 18.98 -28.21 21.55
C GLN G 169 18.24 -28.13 20.24
N GLY G 170 18.90 -27.63 19.19
CA GLY G 170 18.34 -27.71 17.85
C GLY G 170 17.94 -29.12 17.44
N GLU G 171 18.69 -30.12 17.89
CA GLU G 171 18.34 -31.50 17.63
C GLU G 171 17.38 -32.05 18.70
N VAL G 172 16.65 -33.09 18.31
CA VAL G 172 15.64 -33.75 19.13
C VAL G 172 16.30 -34.93 19.85
N ALA G 173 15.77 -35.28 21.03
CA ALA G 173 16.37 -36.32 21.85
C ALA G 173 15.55 -37.60 21.94
N ARG G 174 14.23 -37.53 21.77
CA ARG G 174 13.33 -38.64 22.00
C ARG G 174 12.01 -38.31 21.33
N ALA G 175 11.39 -39.31 20.69
CA ALA G 175 10.18 -39.07 19.92
C ALA G 175 9.15 -40.15 20.23
N TRP G 176 7.90 -39.71 20.42
CA TRP G 176 6.77 -40.60 20.64
C TRP G 176 5.75 -40.40 19.53
N ARG G 177 5.02 -41.46 19.23
CA ARG G 177 3.90 -41.42 18.30
C ARG G 177 2.74 -42.20 18.91
N PHE G 178 1.53 -41.78 18.61
CA PHE G 178 0.36 -42.34 19.26
C PHE G 178 -0.80 -42.47 18.28
N ASP G 179 -1.83 -43.18 18.75
CA ASP G 179 -3.15 -43.21 18.13
C ASP G 179 -4.09 -42.65 19.18
N ALA G 180 -4.50 -41.40 19.01
CA ALA G 180 -5.21 -40.70 20.07
C ALA G 180 -6.66 -41.10 20.20
N LEU G 181 -7.22 -41.83 19.24
CA LEU G 181 -8.59 -42.31 19.37
C LEU G 181 -8.69 -43.66 20.06
N ALA G 182 -7.61 -44.44 20.07
CA ALA G 182 -7.60 -45.65 20.88
C ALA G 182 -7.59 -45.31 22.37
N ILE G 183 -6.75 -44.36 22.75
CA ILE G 183 -6.76 -43.84 24.11
C ILE G 183 -8.03 -43.02 24.31
N GLY G 184 -8.67 -43.18 25.47
CA GLY G 184 -9.97 -42.59 25.70
C GLY G 184 -9.91 -41.34 26.55
N LEU G 185 -11.10 -40.80 26.82
CA LEU G 185 -11.25 -39.60 27.63
C LEU G 185 -11.77 -39.86 29.03
N ARG G 186 -12.29 -41.05 29.31
CA ARG G 186 -12.81 -41.37 30.63
C ARG G 186 -11.96 -42.38 31.37
N ASP G 187 -11.20 -43.21 30.67
CA ASP G 187 -10.30 -44.15 31.29
C ASP G 187 -8.92 -43.52 31.51
N PHE G 188 -8.14 -44.16 32.37
CA PHE G 188 -6.71 -43.93 32.49
C PHE G 188 -5.95 -45.24 32.38
N LYS G 189 -6.47 -46.16 31.56
CA LYS G 189 -5.72 -47.37 31.24
C LYS G 189 -4.61 -47.04 30.25
N ALA G 190 -3.40 -47.49 30.55
CA ALA G 190 -2.22 -47.11 29.80
C ALA G 190 -1.48 -48.35 29.30
N ASP G 191 -0.37 -48.10 28.61
CA ASP G 191 0.56 -49.16 28.20
C ASP G 191 1.96 -48.82 28.66
N ALA G 192 2.95 -49.54 28.15
CA ALA G 192 4.35 -49.27 28.49
C ALA G 192 4.91 -48.07 27.75
N GLU G 193 4.29 -47.66 26.64
CA GLU G 193 4.82 -46.55 25.86
C GLU G 193 4.50 -45.20 26.53
N LEU G 194 3.35 -45.10 27.17
CA LEU G 194 2.99 -43.87 27.86
C LEU G 194 3.73 -43.71 29.19
N ASP G 195 4.23 -44.81 29.76
CA ASP G 195 4.97 -44.70 31.01
C ASP G 195 6.34 -44.07 30.78
N ALA G 196 6.90 -44.22 29.59
CA ALA G 196 8.15 -43.53 29.26
C ALA G 196 7.94 -42.02 29.12
N LEU G 197 6.73 -41.57 28.85
CA LEU G 197 6.43 -40.14 28.88
C LEU G 197 6.13 -39.68 30.30
N ALA G 198 5.48 -40.56 31.08
CA ALA G 198 5.15 -40.23 32.45
C ALA G 198 6.39 -40.08 33.31
N GLU G 199 7.43 -40.89 33.05
CA GLU G 199 8.66 -40.74 33.83
C GLU G 199 9.41 -39.46 33.46
N LEU G 200 9.29 -39.00 32.22
CA LEU G 200 9.89 -37.73 31.84
C LEU G 200 9.19 -36.56 32.50
N ILE G 201 7.85 -36.59 32.52
CA ILE G 201 7.10 -35.53 33.18
C ILE G 201 7.31 -35.57 34.69
N ALA G 202 7.46 -36.76 35.27
CA ALA G 202 7.73 -36.86 36.70
C ALA G 202 9.17 -36.50 37.05
N SER G 203 10.10 -36.59 36.10
CA SER G 203 11.43 -36.04 36.34
C SER G 203 11.45 -34.55 36.14
N GLY G 204 10.49 -34.00 35.41
CA GLY G 204 10.36 -32.57 35.32
C GLY G 204 9.75 -31.95 36.57
N LEU G 205 8.70 -32.58 37.10
CA LEU G 205 8.01 -32.04 38.26
C LEU G 205 8.81 -32.16 39.55
N SER G 206 9.78 -33.07 39.61
CA SER G 206 10.59 -33.24 40.80
C SER G 206 11.92 -32.54 40.70
N GLY G 207 12.14 -31.74 39.67
CA GLY G 207 13.36 -30.99 39.52
C GLY G 207 14.57 -31.78 39.14
N SER G 208 14.41 -33.04 38.74
CA SER G 208 15.55 -33.88 38.39
C SER G 208 16.14 -33.51 37.05
N GLY G 209 15.34 -32.93 36.15
CA GLY G 209 15.83 -32.62 34.82
C GLY G 209 15.07 -31.47 34.20
N HIS G 210 15.51 -31.10 33.00
CA HIS G 210 14.87 -30.06 32.20
C HIS G 210 13.98 -30.72 31.16
N VAL G 211 12.73 -30.29 31.08
CA VAL G 211 11.74 -30.90 30.20
C VAL G 211 11.14 -29.82 29.33
N LEU G 212 11.32 -29.95 28.02
CA LEU G 212 10.63 -29.12 27.04
C LEU G 212 10.10 -30.02 25.95
N LEU G 213 8.81 -29.95 25.69
CA LEU G 213 8.15 -30.85 24.76
C LEU G 213 7.51 -30.06 23.63
N GLU G 214 7.44 -30.69 22.45
CA GLU G 214 6.75 -30.15 21.29
C GLU G 214 5.63 -31.10 20.91
N VAL G 215 4.39 -30.66 21.06
CA VAL G 215 3.22 -31.50 20.86
C VAL G 215 2.58 -31.13 19.54
N VAL G 216 2.51 -32.11 18.64
CA VAL G 216 1.94 -31.93 17.30
C VAL G 216 0.79 -32.92 17.15
N ALA G 217 -0.40 -32.41 16.83
CA ALA G 217 -1.58 -33.23 16.66
C ALA G 217 -2.13 -33.07 15.25
N PHE G 218 -2.39 -34.19 14.59
CA PHE G 218 -3.01 -34.22 13.28
C PHE G 218 -4.43 -34.77 13.41
N ALA G 219 -5.38 -34.16 12.70
CA ALA G 219 -6.75 -34.63 12.73
C ALA G 219 -7.28 -34.68 11.31
N ARG G 220 -7.63 -35.88 10.83
CA ARG G 220 -8.28 -36.04 9.54
C ARG G 220 -9.75 -35.69 9.69
N ILE G 221 -10.16 -34.57 9.13
CA ILE G 221 -11.51 -34.04 9.30
C ILE G 221 -12.30 -34.13 8.00
N GLY G 222 -11.83 -33.48 6.96
CA GLY G 222 -12.51 -33.49 5.69
C GLY G 222 -12.07 -32.35 4.82
N ASP G 223 -12.36 -32.48 3.53
CA ASP G 223 -12.02 -31.44 2.56
C ASP G 223 -12.89 -30.22 2.79
N GLY G 224 -12.26 -29.09 3.11
CA GLY G 224 -12.98 -27.84 3.23
C GLY G 224 -13.86 -27.72 4.44
N GLN G 225 -13.74 -28.63 5.40
CA GLN G 225 -14.57 -28.57 6.59
C GLN G 225 -14.11 -27.47 7.52
N GLU G 226 -14.96 -27.18 8.50
CA GLU G 226 -14.74 -26.06 9.40
C GLU G 226 -13.96 -26.50 10.62
N VAL G 227 -12.89 -25.78 10.91
CA VAL G 227 -12.14 -25.98 12.12
C VAL G 227 -12.56 -24.91 13.12
N PHE G 228 -12.18 -25.09 14.38
CA PHE G 228 -12.70 -24.27 15.47
C PHE G 228 -11.55 -23.73 16.29
N PRO G 229 -11.04 -22.54 15.95
CA PRO G 229 -10.05 -21.90 16.82
C PRO G 229 -10.71 -21.32 18.05
N SER G 230 -9.92 -20.72 18.92
CA SER G 230 -10.50 -20.20 20.15
C SER G 230 -11.13 -18.84 19.87
N GLN G 231 -12.21 -18.55 20.60
CA GLN G 231 -12.99 -17.34 20.38
C GLN G 231 -12.58 -16.30 21.41
N GLU G 232 -12.36 -15.08 20.94
CA GLU G 232 -11.90 -14.03 21.84
C GLU G 232 -13.04 -13.50 22.70
N LEU G 233 -12.80 -13.47 24.01
CA LEU G 233 -13.66 -12.75 24.92
C LEU G 233 -13.49 -11.26 24.69
N ILE G 234 -14.48 -10.62 24.10
CA ILE G 234 -14.47 -9.18 23.90
C ILE G 234 -15.34 -8.58 24.98
N LEU G 235 -14.73 -7.84 25.89
CA LEU G 235 -15.36 -7.42 27.14
C LEU G 235 -15.45 -5.91 27.19
N ASP G 236 -16.56 -5.42 27.76
CA ASP G 236 -16.82 -3.99 28.02
C ASP G 236 -16.79 -3.18 26.73
N LYS G 237 -17.77 -3.45 25.88
CA LYS G 237 -17.86 -2.78 24.57
C LYS G 237 -18.71 -1.52 24.63
N GLY G 238 -20.01 -1.69 24.89
CA GLY G 238 -20.95 -0.60 24.76
C GLY G 238 -21.03 -0.07 23.34
N ASP G 239 -21.53 -0.88 22.43
CA ASP G 239 -21.55 -0.54 21.01
C ASP G 239 -22.98 -0.55 20.47
N LYS G 240 -23.06 -0.43 19.15
CA LYS G 240 -24.31 -0.47 18.40
C LYS G 240 -24.59 -1.93 18.05
N LYS G 241 -25.39 -2.20 17.01
CA LYS G 241 -26.14 -3.43 16.82
C LYS G 241 -25.28 -4.65 16.48
N GLY G 242 -24.26 -4.92 17.29
CA GLY G 242 -23.39 -6.06 17.09
C GLY G 242 -22.57 -5.98 15.81
N GLN G 243 -21.59 -5.09 15.76
CA GLN G 243 -20.74 -4.98 14.58
C GLN G 243 -19.90 -6.25 14.40
N LYS G 244 -19.50 -6.88 15.49
CA LYS G 244 -18.99 -8.24 15.48
C LYS G 244 -19.60 -8.96 16.67
N SER G 245 -20.01 -10.21 16.45
CA SER G 245 -20.57 -11.02 17.52
C SER G 245 -19.77 -12.29 17.73
N LYS G 246 -18.79 -12.58 16.90
CA LYS G 246 -17.87 -13.68 17.13
C LYS G 246 -16.54 -13.31 16.50
N THR G 247 -15.52 -13.12 17.33
CA THR G 247 -14.17 -12.82 16.89
C THR G 247 -13.29 -13.99 17.25
N LEU G 248 -12.67 -14.60 16.25
CA LEU G 248 -11.84 -15.77 16.48
C LEU G 248 -10.40 -15.36 16.67
N TYR G 249 -9.75 -15.99 17.64
CA TYR G 249 -8.39 -15.62 18.01
C TYR G 249 -7.39 -16.08 16.97
N SER G 250 -6.52 -15.17 16.55
CA SER G 250 -5.43 -15.51 15.67
C SER G 250 -4.16 -14.83 16.17
N VAL G 251 -3.05 -15.29 15.64
CA VAL G 251 -1.75 -14.68 15.83
C VAL G 251 -1.53 -14.12 14.43
N ARG G 252 -0.37 -13.53 14.14
CA ARG G 252 0.00 -13.11 12.79
C ARG G 252 -0.24 -14.22 11.78
N ASP G 253 -1.22 -13.97 10.90
CA ASP G 253 -1.73 -14.82 9.80
C ASP G 253 -1.77 -16.32 10.10
N ALA G 254 -2.31 -16.66 11.27
CA ALA G 254 -2.53 -18.05 11.66
C ALA G 254 -3.58 -18.10 12.74
N ALA G 255 -4.61 -18.93 12.54
CA ALA G 255 -5.62 -19.15 13.57
C ALA G 255 -5.02 -19.91 14.75
N ALA G 256 -5.62 -19.75 15.92
CA ALA G 256 -4.93 -20.20 17.10
C ALA G 256 -5.89 -20.58 18.21
N ILE G 257 -5.33 -21.24 19.22
CA ILE G 257 -6.01 -21.60 20.45
C ILE G 257 -5.27 -20.90 21.59
N HIS G 258 -6.00 -20.39 22.57
CA HIS G 258 -5.37 -19.76 23.71
C HIS G 258 -4.56 -20.77 24.52
N SER G 259 -3.56 -20.26 25.23
CA SER G 259 -2.72 -21.15 26.04
C SER G 259 -3.48 -21.64 27.27
N GLN G 260 -4.41 -20.85 27.79
CA GLN G 260 -5.16 -21.29 28.96
C GLN G 260 -6.21 -22.34 28.63
N LYS G 261 -6.65 -22.47 27.38
CA LYS G 261 -7.60 -23.53 27.07
C LYS G 261 -6.90 -24.88 26.93
N ILE G 262 -5.70 -24.88 26.35
CA ILE G 262 -4.86 -26.06 26.34
C ILE G 262 -4.43 -26.42 27.76
N GLY G 263 -4.14 -25.40 28.58
CA GLY G 263 -3.82 -25.65 29.97
C GLY G 263 -4.98 -26.21 30.76
N ASN G 264 -6.20 -25.83 30.41
CA ASN G 264 -7.38 -26.47 30.98
C ASN G 264 -7.46 -27.94 30.57
N ALA G 265 -7.21 -28.22 29.30
CA ALA G 265 -7.39 -29.58 28.81
C ALA G 265 -6.32 -30.53 29.35
N LEU G 266 -5.14 -30.02 29.69
CA LEU G 266 -4.13 -30.92 30.24
C LEU G 266 -4.41 -31.31 31.68
N ARG G 267 -5.02 -30.43 32.47
CA ARG G 267 -5.22 -30.70 33.88
C ARG G 267 -6.63 -31.21 34.19
N THR G 268 -7.29 -31.84 33.23
CA THR G 268 -8.51 -32.59 33.54
C THR G 268 -8.08 -33.94 34.07
N ILE G 269 -7.86 -33.99 35.39
CA ILE G 269 -7.14 -35.08 36.04
C ILE G 269 -8.06 -35.69 37.10
N ASP G 270 -8.95 -34.87 37.64
CA ASP G 270 -9.68 -35.17 38.86
C ASP G 270 -10.76 -36.20 38.58
N THR G 271 -10.50 -37.46 38.93
CA THR G 271 -11.53 -38.48 39.06
C THR G 271 -11.82 -38.82 40.51
N TRP G 272 -11.52 -37.91 41.43
CA TRP G 272 -11.59 -38.20 42.85
C TRP G 272 -12.68 -37.41 43.55
N TYR G 273 -13.50 -36.70 42.80
CA TYR G 273 -14.56 -35.88 43.36
C TYR G 273 -15.73 -36.77 43.81
N PRO G 274 -16.51 -36.34 44.84
CA PRO G 274 -17.39 -37.28 45.54
C PRO G 274 -18.55 -37.90 44.77
N ASP G 275 -19.38 -37.09 44.10
CA ASP G 275 -20.69 -37.56 43.67
C ASP G 275 -20.61 -38.52 42.49
N GLU G 276 -19.88 -38.16 41.44
CA GLU G 276 -19.94 -38.87 40.17
C GLU G 276 -18.54 -39.12 39.63
N ASP G 277 -17.68 -39.71 40.47
CA ASP G 277 -16.30 -39.99 40.07
C ASP G 277 -16.22 -41.01 38.94
N GLY G 278 -17.25 -41.85 38.77
CA GLY G 278 -17.32 -42.73 37.62
C GLY G 278 -17.78 -42.07 36.34
N LEU G 279 -18.14 -40.79 36.39
CA LEU G 279 -18.69 -40.06 35.25
C LEU G 279 -17.66 -39.11 34.63
N GLY G 280 -16.40 -39.51 34.58
CA GLY G 280 -15.39 -38.78 33.82
C GLY G 280 -14.59 -37.79 34.63
N PRO G 281 -13.36 -37.53 34.18
CA PRO G 281 -12.50 -36.56 34.87
C PRO G 281 -12.89 -35.13 34.55
N ILE G 282 -12.77 -34.27 35.57
CA ILE G 282 -12.96 -32.84 35.39
C ILE G 282 -11.63 -32.15 35.68
N ALA G 283 -11.59 -30.84 35.48
CA ALA G 283 -10.36 -30.09 35.69
C ALA G 283 -10.07 -29.92 37.18
N VAL G 284 -8.84 -29.52 37.48
CA VAL G 284 -8.41 -29.35 38.86
C VAL G 284 -8.66 -27.88 39.22
N GLU G 285 -9.74 -27.63 39.94
CA GLU G 285 -10.05 -26.33 40.52
C GLU G 285 -10.05 -26.45 42.04
N PRO G 286 -9.95 -25.34 42.77
CA PRO G 286 -10.14 -25.41 44.22
C PRO G 286 -11.53 -25.84 44.63
N TYR G 287 -12.57 -25.31 43.98
CA TYR G 287 -13.93 -25.69 44.30
C TYR G 287 -14.53 -26.61 43.24
N GLY G 288 -13.69 -27.31 42.48
CA GLY G 288 -14.08 -28.31 41.49
C GLY G 288 -15.13 -27.94 40.46
N SER G 289 -15.30 -26.64 40.21
CA SER G 289 -16.45 -26.15 39.46
C SER G 289 -16.26 -26.33 37.97
N VAL G 290 -17.23 -26.95 37.31
CA VAL G 290 -17.32 -26.96 35.86
C VAL G 290 -18.36 -25.91 35.47
N THR G 291 -17.89 -24.82 34.89
CA THR G 291 -18.76 -23.67 34.70
C THR G 291 -19.67 -23.84 33.49
N SER G 292 -19.14 -24.46 32.42
CA SER G 292 -19.94 -24.67 31.21
C SER G 292 -21.08 -25.65 31.44
N GLN G 293 -20.98 -26.50 32.45
CA GLN G 293 -22.08 -27.35 32.85
C GLN G 293 -22.85 -26.81 34.05
N GLY G 294 -22.44 -25.65 34.57
CA GLY G 294 -23.24 -24.92 35.53
C GLY G 294 -23.36 -25.53 36.91
N LYS G 295 -22.35 -26.26 37.37
CA LYS G 295 -22.39 -26.83 38.71
C LYS G 295 -20.97 -26.97 39.23
N ALA G 296 -20.88 -27.28 40.52
CA ALA G 296 -19.60 -27.34 41.21
C ALA G 296 -19.55 -28.62 42.04
N TYR G 297 -18.85 -29.62 41.51
CA TYR G 297 -18.40 -30.74 42.34
C TYR G 297 -17.42 -30.19 43.36
N ARG G 298 -17.28 -30.87 44.50
CA ARG G 298 -16.48 -30.41 45.66
C ARG G 298 -16.96 -29.05 46.15
N GLN G 299 -18.20 -29.05 46.66
CA GLN G 299 -18.77 -27.91 47.35
C GLN G 299 -17.98 -27.63 48.64
N PRO G 300 -18.16 -26.46 49.26
CA PRO G 300 -17.62 -26.29 50.61
C PRO G 300 -18.36 -27.07 51.68
N LYS G 301 -19.60 -27.51 51.43
CA LYS G 301 -20.36 -28.21 52.47
C LYS G 301 -19.88 -29.65 52.65
N GLN G 302 -19.68 -30.38 51.55
CA GLN G 302 -18.96 -31.64 51.61
C GLN G 302 -17.48 -31.31 51.67
N LYS G 303 -16.81 -31.68 52.77
CA LYS G 303 -15.46 -31.18 53.05
C LYS G 303 -14.42 -31.83 52.15
N LEU G 304 -14.48 -31.56 50.85
CA LEU G 304 -13.55 -32.12 49.90
C LEU G 304 -12.92 -31.07 49.00
N ASP G 305 -13.19 -29.78 49.26
CA ASP G 305 -12.55 -28.73 48.50
C ASP G 305 -11.13 -28.48 49.02
N PHE G 306 -10.39 -27.68 48.26
CA PHE G 306 -8.96 -27.49 48.51
C PHE G 306 -8.69 -26.70 49.78
N TYR G 307 -9.56 -25.77 50.11
CA TYR G 307 -9.37 -24.87 51.25
C TYR G 307 -9.77 -25.50 52.57
N THR G 308 -10.25 -26.74 52.56
CA THR G 308 -10.44 -27.52 53.77
C THR G 308 -9.33 -28.55 53.93
N LEU G 309 -9.02 -29.26 52.85
CA LEU G 309 -8.03 -30.32 52.89
C LEU G 309 -6.63 -29.78 53.09
N LEU G 310 -6.32 -28.65 52.45
CA LEU G 310 -5.03 -28.00 52.62
C LEU G 310 -4.80 -27.58 54.07
N ASP G 311 -5.82 -26.94 54.66
CA ASP G 311 -5.68 -26.44 56.02
C ASP G 311 -5.67 -27.56 57.05
N ASN G 312 -6.38 -28.66 56.78
CA ASN G 312 -6.29 -29.79 57.70
C ASN G 312 -4.94 -30.51 57.59
N TRP G 313 -4.39 -30.60 56.38
CA TRP G 313 -3.21 -31.42 56.19
C TRP G 313 -1.94 -30.68 56.52
N VAL G 314 -1.88 -29.38 56.26
CA VAL G 314 -0.67 -28.62 56.59
C VAL G 314 -0.65 -28.24 58.05
N LEU G 315 -1.74 -27.68 58.56
CA LEU G 315 -1.72 -27.12 59.91
C LEU G 315 -1.90 -28.18 60.97
N ARG G 316 -3.06 -28.84 60.97
CA ARG G 316 -3.50 -29.64 62.10
C ARG G 316 -3.07 -31.09 62.04
N ASP G 317 -2.18 -31.44 61.10
CA ASP G 317 -1.63 -32.79 60.92
C ASP G 317 -2.74 -33.82 60.71
N GLU G 318 -3.70 -33.46 59.86
CA GLU G 318 -4.82 -34.33 59.53
C GLU G 318 -4.67 -34.69 58.06
N ALA G 319 -3.87 -35.72 57.79
CA ALA G 319 -3.61 -36.13 56.42
C ALA G 319 -4.85 -36.77 55.84
N PRO G 320 -5.27 -36.39 54.64
CA PRO G 320 -6.45 -36.99 54.02
C PRO G 320 -6.09 -38.35 53.42
N ALA G 321 -7.05 -38.93 52.71
CA ALA G 321 -6.76 -40.10 51.89
C ALA G 321 -5.81 -39.71 50.77
N VAL G 322 -5.16 -40.74 50.20
CA VAL G 322 -4.12 -40.51 49.20
C VAL G 322 -4.74 -39.92 47.94
N GLU G 323 -5.95 -40.35 47.61
CA GLU G 323 -6.68 -39.85 46.45
C GLU G 323 -7.05 -38.38 46.57
N GLN G 324 -7.10 -37.83 47.77
CA GLN G 324 -7.29 -36.40 47.93
C GLN G 324 -5.96 -35.67 48.04
N GLN G 325 -4.90 -36.36 48.46
CA GLN G 325 -3.58 -35.79 48.41
C GLN G 325 -3.15 -35.50 46.98
N HIS G 326 -3.56 -36.36 46.05
CA HIS G 326 -3.28 -36.09 44.64
C HIS G 326 -4.02 -34.84 44.16
N TYR G 327 -5.22 -34.61 44.68
CA TYR G 327 -5.97 -33.40 44.35
C TYR G 327 -5.30 -32.15 44.89
N VAL G 328 -4.76 -32.22 46.11
CA VAL G 328 -4.11 -31.05 46.70
C VAL G 328 -2.80 -30.74 45.98
N ILE G 329 -2.02 -31.76 45.65
CA ILE G 329 -0.77 -31.52 44.93
C ILE G 329 -1.04 -31.08 43.49
N ALA G 330 -2.15 -31.52 42.89
CA ALA G 330 -2.52 -31.01 41.58
C ALA G 330 -2.92 -29.53 41.64
N ASN G 331 -3.64 -29.12 42.69
CA ASN G 331 -3.92 -27.70 42.89
C ASN G 331 -2.67 -26.88 43.14
N LEU G 332 -1.61 -27.47 43.68
CA LEU G 332 -0.37 -26.71 43.83
C LEU G 332 0.50 -26.72 42.58
N ILE G 333 0.39 -27.72 41.71
CA ILE G 333 0.98 -27.62 40.37
C ILE G 333 0.26 -26.55 39.56
N ARG G 334 -1.04 -26.39 39.76
CA ARG G 334 -1.82 -25.38 39.05
C ARG G 334 -1.36 -23.96 39.39
N GLY G 335 -1.47 -23.56 40.64
CA GLY G 335 -1.13 -22.23 41.07
C GLY G 335 -2.37 -21.44 41.50
N GLY G 336 -2.11 -20.27 42.06
CA GLY G 336 -3.21 -19.39 42.43
C GLY G 336 -2.86 -18.58 43.67
N VAL G 337 -3.85 -17.81 44.11
CA VAL G 337 -3.71 -16.95 45.28
C VAL G 337 -4.47 -17.59 46.44
N PHE G 338 -3.76 -18.38 47.24
CA PHE G 338 -4.39 -19.17 48.30
C PHE G 338 -4.15 -18.53 49.67
N GLY G 339 -4.65 -17.30 49.87
CA GLY G 339 -4.37 -16.56 51.09
C GLY G 339 -5.66 -16.16 51.81
N GLU G 340 -5.49 -15.75 53.06
CA GLU G 340 -6.64 -15.38 53.90
C GLU G 340 -6.57 -13.95 54.45
N LEU H 8 30.25 13.64 71.06
CA LEU H 8 29.90 13.42 69.67
C LEU H 8 28.53 12.76 69.54
N SER H 9 27.69 13.33 68.69
CA SER H 9 26.35 12.82 68.43
C SER H 9 26.24 12.36 66.98
N THR H 10 25.26 11.50 66.73
CA THR H 10 24.96 11.13 65.35
C THR H 10 24.32 12.31 64.63
N ALA H 11 24.62 12.42 63.34
CA ALA H 11 24.11 13.55 62.57
C ALA H 11 22.62 13.36 62.31
N SER H 12 21.87 14.44 62.49
CA SER H 12 20.41 14.35 62.38
C SER H 12 19.92 14.28 60.94
N VAL H 13 20.78 14.59 59.97
CA VAL H 13 20.45 14.43 58.56
C VAL H 13 21.60 13.65 57.93
N LEU H 14 21.30 12.43 57.49
CA LEU H 14 22.23 11.63 56.70
C LEU H 14 21.52 11.19 55.43
N ALA H 15 22.24 11.26 54.32
CA ALA H 15 21.68 10.85 53.04
C ALA H 15 22.83 10.44 52.14
N PHE H 16 22.75 9.26 51.58
CA PHE H 16 23.79 8.74 50.71
C PHE H 16 23.22 8.54 49.32
N GLU H 17 23.82 9.23 48.35
CA GLU H 17 23.61 8.96 46.94
C GLU H 17 23.97 7.52 46.62
N ARG H 18 23.19 6.87 45.76
CA ARG H 18 23.46 5.49 45.45
C ARG H 18 24.66 5.39 44.52
N LYS H 19 25.32 4.25 44.57
CA LYS H 19 26.24 3.82 43.53
C LYS H 19 25.65 2.57 42.91
N LEU H 20 26.28 2.10 41.83
CA LEU H 20 25.81 0.98 41.01
C LEU H 20 24.40 1.28 40.47
N ASP H 21 24.36 2.23 39.54
CA ASP H 21 23.11 2.75 39.00
C ASP H 21 22.78 2.04 37.68
N PRO H 22 21.74 1.19 37.63
CA PRO H 22 21.41 0.51 36.37
C PRO H 22 20.33 1.22 35.58
N SER H 23 20.16 0.86 34.31
CA SER H 23 19.06 1.36 33.50
C SER H 23 17.89 0.39 33.57
N ASP H 24 16.90 0.58 32.70
CA ASP H 24 15.83 -0.38 32.53
C ASP H 24 16.22 -1.41 31.50
N ALA H 25 15.93 -2.68 31.79
CA ALA H 25 16.18 -3.74 30.84
C ALA H 25 15.20 -3.66 29.67
N LEU H 26 15.60 -4.24 28.54
CA LEU H 26 14.74 -4.30 27.37
C LEU H 26 14.75 -5.71 26.82
N MET H 27 13.58 -6.22 26.47
CA MET H 27 13.43 -7.58 25.98
C MET H 27 13.31 -7.61 24.46
N SER H 28 13.94 -8.62 23.85
CA SER H 28 13.89 -8.81 22.42
C SER H 28 14.12 -10.29 22.12
N ALA H 29 13.54 -10.75 21.02
CA ALA H 29 13.47 -12.19 20.74
C ALA H 29 14.29 -12.55 19.51
N GLY H 30 14.92 -13.71 19.56
CA GLY H 30 15.68 -14.21 18.44
C GLY H 30 15.88 -15.70 18.57
N ALA H 31 16.87 -16.20 17.85
CA ALA H 31 17.23 -17.60 17.86
C ALA H 31 18.62 -17.80 18.44
N TRP H 32 18.80 -18.89 19.16
CA TRP H 32 20.10 -19.26 19.67
C TRP H 32 21.00 -19.66 18.52
N ALA H 33 22.30 -19.38 18.66
CA ALA H 33 23.37 -19.40 17.65
C ALA H 33 23.17 -18.39 16.54
N GLN H 34 22.13 -17.56 16.61
CA GLN H 34 22.01 -16.30 15.88
C GLN H 34 22.22 -15.13 16.82
N ARG H 35 22.80 -15.37 17.98
CA ARG H 35 22.89 -14.40 19.05
C ARG H 35 24.17 -13.58 19.00
N ASP H 36 25.00 -13.80 17.99
CA ASP H 36 26.16 -12.96 17.76
C ASP H 36 25.87 -11.81 16.81
N ALA H 37 24.72 -11.87 16.12
CA ALA H 37 24.22 -10.80 15.27
C ALA H 37 22.91 -10.26 15.84
N SER H 38 22.90 -10.00 17.13
CA SER H 38 21.66 -9.77 17.87
C SER H 38 21.44 -8.28 18.13
N GLN H 39 22.07 -7.43 17.31
CA GLN H 39 21.86 -5.99 17.42
C GLN H 39 20.58 -5.54 16.74
N GLU H 40 19.90 -6.45 16.03
CA GLU H 40 18.74 -6.09 15.24
C GLU H 40 17.58 -7.07 15.43
N TRP H 41 17.52 -7.71 16.60
CA TRP H 41 16.36 -8.53 16.93
C TRP H 41 15.16 -7.63 17.21
N PRO H 42 13.95 -8.06 16.86
CA PRO H 42 12.77 -7.26 17.17
C PRO H 42 12.40 -7.35 18.64
N ALA H 43 11.72 -6.31 19.12
CA ALA H 43 11.39 -6.20 20.53
C ALA H 43 10.13 -6.96 20.88
N VAL H 44 10.13 -7.59 22.04
CA VAL H 44 8.96 -8.31 22.53
C VAL H 44 7.93 -7.30 23.01
N THR H 45 6.74 -7.34 22.44
CA THR H 45 5.70 -6.40 22.79
C THR H 45 4.76 -6.97 23.85
N VAL H 46 4.09 -6.08 24.56
CA VAL H 46 3.11 -6.45 25.55
C VAL H 46 1.75 -6.56 24.86
N ARG H 47 1.17 -7.75 24.90
CA ARG H 47 -0.13 -7.99 24.30
C ARG H 47 -1.20 -7.95 25.38
N GLU H 48 -2.35 -7.42 25.03
CA GLU H 48 -3.54 -7.45 25.88
C GLU H 48 -4.32 -8.73 25.58
N LYS H 49 -4.98 -9.27 26.59
CA LYS H 49 -5.94 -10.34 26.37
C LYS H 49 -6.99 -10.34 27.47
N SER H 50 -8.15 -10.87 27.14
CA SER H 50 -9.20 -11.14 28.11
C SER H 50 -9.31 -12.64 28.33
N VAL H 51 -9.82 -13.00 29.51
CA VAL H 51 -9.68 -14.34 30.07
C VAL H 51 -10.97 -14.70 30.78
N ARG H 52 -11.50 -15.90 30.48
CA ARG H 52 -12.60 -16.47 31.24
C ARG H 52 -12.03 -17.38 32.31
N GLY H 53 -12.60 -17.33 33.51
CA GLY H 53 -12.08 -18.14 34.59
C GLY H 53 -13.13 -18.61 35.57
N THR H 54 -12.69 -19.08 36.72
CA THR H 54 -13.57 -19.53 37.78
C THR H 54 -13.30 -18.75 39.05
N ILE H 55 -14.31 -18.67 39.92
CA ILE H 55 -14.10 -18.12 41.25
C ILE H 55 -13.29 -19.14 42.05
N SER H 56 -12.03 -18.83 42.32
CA SER H 56 -11.11 -19.76 42.96
C SER H 56 -10.38 -19.09 44.12
N ASN H 57 -11.10 -18.37 44.96
CA ASN H 57 -10.55 -17.73 46.13
C ASN H 57 -11.30 -18.17 47.37
N ARG H 58 -10.73 -17.89 48.54
CA ARG H 58 -11.42 -18.17 49.79
C ARG H 58 -12.58 -17.20 49.91
N LEU H 59 -13.80 -17.69 49.75
CA LEU H 59 -14.97 -16.84 49.85
C LEU H 59 -15.26 -16.49 51.31
N LYS H 60 -15.87 -15.34 51.52
CA LYS H 60 -16.06 -14.80 52.85
C LYS H 60 -17.40 -15.22 53.45
N THR H 61 -17.33 -16.06 54.49
CA THR H 61 -18.49 -16.47 55.24
C THR H 61 -18.88 -15.46 56.33
N LYS H 62 -18.38 -14.23 56.23
CA LYS H 62 -18.74 -13.16 57.16
C LYS H 62 -20.20 -12.76 57.00
N ASP H 63 -20.73 -12.90 55.79
CA ASP H 63 -22.08 -12.48 55.42
C ASP H 63 -22.80 -13.69 54.88
N ARG H 64 -22.82 -14.79 55.65
CA ARG H 64 -23.06 -16.13 55.14
C ARG H 64 -24.43 -16.30 54.51
N ASP H 65 -24.43 -16.37 53.19
CA ASP H 65 -25.65 -16.39 52.40
C ASP H 65 -25.82 -17.76 51.76
N PRO H 66 -26.90 -18.49 52.05
CA PRO H 66 -27.11 -19.80 51.42
C PRO H 66 -27.67 -19.73 50.01
N ALA H 67 -27.59 -18.57 49.36
CA ALA H 67 -28.13 -18.39 48.03
C ALA H 67 -27.13 -17.85 47.02
N LYS H 68 -26.21 -16.99 47.47
CA LYS H 68 -25.33 -16.24 46.56
C LYS H 68 -23.95 -16.86 46.45
N LEU H 69 -23.30 -17.13 47.59
CA LEU H 69 -21.91 -17.59 47.58
C LEU H 69 -21.76 -19.05 47.18
N ASP H 70 -22.85 -19.78 46.99
CA ASP H 70 -22.75 -21.15 46.48
C ASP H 70 -23.06 -21.25 45.00
N ALA H 71 -23.87 -20.33 44.47
CA ALA H 71 -24.13 -20.28 43.04
C ALA H 71 -23.08 -19.45 42.31
N SER H 72 -22.43 -18.52 43.01
CA SER H 72 -21.33 -17.80 42.39
C SER H 72 -20.09 -18.65 42.23
N ILE H 73 -19.99 -19.77 42.95
CA ILE H 73 -18.97 -20.77 42.66
C ILE H 73 -19.19 -21.35 41.27
N GLN H 74 -20.46 -21.52 40.89
CA GLN H 74 -20.80 -22.15 39.63
C GLN H 74 -20.63 -21.20 38.45
N SER H 75 -20.89 -19.92 38.68
CA SER H 75 -20.85 -18.87 37.66
C SER H 75 -19.42 -18.45 37.35
N PRO H 76 -19.14 -17.99 36.11
CA PRO H 76 -17.75 -17.71 35.73
C PRO H 76 -17.20 -16.39 36.22
N ASN H 77 -16.00 -16.07 35.73
CA ASN H 77 -15.21 -14.94 36.23
C ASN H 77 -14.42 -14.40 35.05
N LEU H 78 -14.74 -13.19 34.61
CA LEU H 78 -14.19 -12.61 33.39
C LEU H 78 -13.14 -11.56 33.77
N GLN H 79 -11.92 -11.72 33.28
CA GLN H 79 -10.82 -10.83 33.65
C GLN H 79 -10.05 -10.39 32.42
N THR H 80 -9.30 -9.30 32.57
CA THR H 80 -8.51 -8.70 31.49
C THR H 80 -7.10 -8.47 31.99
N VAL H 81 -6.12 -9.15 31.41
CA VAL H 81 -4.74 -9.11 31.86
C VAL H 81 -3.83 -8.76 30.68
N ASP H 82 -2.54 -8.59 30.98
CA ASP H 82 -1.50 -8.45 29.97
C ASP H 82 -0.67 -9.72 29.91
N VAL H 83 0.09 -9.86 28.81
CA VAL H 83 0.93 -11.03 28.60
C VAL H 83 1.99 -10.64 27.58
N ALA H 84 3.17 -11.25 27.71
CA ALA H 84 4.25 -11.06 26.76
C ALA H 84 4.81 -12.43 26.39
N ASN H 85 4.77 -12.76 25.11
CA ASN H 85 5.25 -14.03 24.61
C ASN H 85 6.45 -13.81 23.70
N LEU H 86 7.22 -14.87 23.50
CA LEU H 86 8.11 -14.92 22.37
C LEU H 86 7.30 -15.25 21.13
N PRO H 87 7.78 -14.91 19.94
CA PRO H 87 7.17 -15.43 18.72
C PRO H 87 7.36 -16.94 18.61
N SER H 88 6.52 -17.55 17.75
CA SER H 88 6.56 -19.00 17.58
C SER H 88 7.84 -19.49 16.94
N ASP H 89 8.60 -18.62 16.29
CA ASP H 89 9.88 -18.96 15.70
C ASP H 89 11.07 -18.36 16.43
N ALA H 90 10.93 -18.07 17.72
CA ALA H 90 12.02 -17.59 18.55
C ALA H 90 12.07 -18.39 19.83
N ASP H 91 13.27 -18.81 20.23
CA ASP H 91 13.43 -19.53 21.48
C ASP H 91 14.38 -18.87 22.46
N THR H 92 14.98 -17.74 22.12
CA THR H 92 16.01 -17.12 22.95
C THR H 92 15.58 -15.71 23.31
N LEU H 93 15.55 -15.42 24.61
CA LEU H 93 15.24 -14.10 25.11
C LEU H 93 16.52 -13.30 25.31
N LYS H 94 16.53 -12.06 24.83
CA LYS H 94 17.66 -11.15 25.00
C LYS H 94 17.25 -10.02 25.93
N VAL H 95 18.08 -9.74 26.93
CA VAL H 95 17.84 -8.67 27.90
C VAL H 95 19.10 -7.81 27.97
N ARG H 96 18.94 -6.51 27.71
CA ARG H 96 20.07 -5.59 27.61
C ARG H 96 19.85 -4.39 28.52
N PHE H 97 20.87 -4.03 29.29
CA PHE H 97 20.87 -2.79 30.04
C PHE H 97 22.31 -2.34 30.25
N THR H 98 22.46 -1.15 30.80
CA THR H 98 23.76 -0.56 31.09
C THR H 98 23.84 -0.21 32.57
N LEU H 99 25.06 -0.15 33.09
CA LEU H 99 25.29 0.03 34.52
C LEU H 99 26.38 1.08 34.72
N ARG H 100 26.04 2.21 35.31
CA ARG H 100 27.03 3.18 35.75
C ARG H 100 27.42 2.90 37.19
N VAL H 101 28.72 2.86 37.45
CA VAL H 101 29.26 2.79 38.79
C VAL H 101 30.00 4.10 39.04
N LEU H 102 29.81 4.70 40.21
CA LEU H 102 30.19 6.10 40.37
C LEU H 102 31.42 6.32 41.23
N GLY H 103 31.44 5.78 42.44
CA GLY H 103 32.58 6.00 43.31
C GLY H 103 32.42 7.22 44.19
N GLY H 104 33.14 7.22 45.30
CA GLY H 104 32.90 8.16 46.37
C GLY H 104 31.90 7.54 47.31
N ALA H 105 32.13 6.28 47.65
CA ALA H 105 31.13 5.42 48.27
C ALA H 105 31.07 5.57 49.79
N GLY H 106 31.61 6.64 50.34
CA GLY H 106 31.48 6.89 51.76
C GLY H 106 31.15 8.33 52.07
N THR H 107 31.03 9.13 51.01
CA THR H 107 30.78 10.55 51.14
C THR H 107 29.28 10.81 51.08
N PRO H 108 28.65 11.30 52.15
CA PRO H 108 27.21 11.54 52.13
C PRO H 108 26.85 12.75 51.30
N SER H 109 25.58 12.78 50.87
CA SER H 109 25.07 13.91 50.11
C SER H 109 24.50 15.00 51.00
N ALA H 110 24.25 14.71 52.27
CA ALA H 110 23.76 15.70 53.21
C ALA H 110 24.15 15.25 54.61
N CYS H 111 24.95 16.07 55.29
CA CYS H 111 25.30 15.80 56.68
C CYS H 111 25.29 17.11 57.45
N ASN H 112 24.70 17.09 58.64
CA ASN H 112 24.63 18.28 59.49
C ASN H 112 26.02 18.76 59.92
N ASP H 113 26.67 17.98 60.77
CA ASP H 113 27.94 18.41 61.33
C ASP H 113 29.08 17.92 60.45
N ALA H 114 30.07 18.79 60.26
CA ALA H 114 31.31 18.40 59.60
C ALA H 114 32.23 17.62 60.53
N ALA H 115 31.99 17.65 61.84
CA ALA H 115 32.76 16.82 62.76
C ALA H 115 32.32 15.37 62.71
N TYR H 116 31.01 15.11 62.61
CA TYR H 116 30.54 13.76 62.32
C TYR H 116 31.02 13.29 60.95
N ARG H 117 31.06 14.21 59.98
CA ARG H 117 31.57 13.89 58.66
C ARG H 117 33.05 13.52 58.71
N ASP H 118 33.82 14.21 59.55
CA ASP H 118 35.24 13.89 59.70
C ASP H 118 35.41 12.58 60.44
N LYS H 119 34.51 12.27 61.37
CA LYS H 119 34.61 11.01 62.08
C LYS H 119 34.20 9.83 61.19
N LEU H 120 33.34 10.08 60.21
CA LEU H 120 32.86 9.03 59.31
C LEU H 120 33.82 8.77 58.15
N LEU H 121 34.35 9.83 57.53
CA LEU H 121 35.11 9.67 56.29
C LEU H 121 36.48 9.03 56.53
N GLN H 122 37.11 9.29 57.67
CA GLN H 122 38.36 8.57 57.94
C GLN H 122 38.10 7.14 58.37
N THR H 123 36.93 6.85 58.93
CA THR H 123 36.55 5.46 59.20
C THR H 123 36.38 4.69 57.91
N VAL H 124 35.77 5.32 56.91
CA VAL H 124 35.60 4.69 55.61
C VAL H 124 36.96 4.51 54.92
N ALA H 125 37.86 5.50 55.04
CA ALA H 125 39.18 5.36 54.41
C ALA H 125 40.05 4.34 55.14
N THR H 126 39.88 4.19 56.45
CA THR H 126 40.49 3.12 57.21
C THR H 126 39.99 1.76 56.73
N TYR H 127 38.70 1.68 56.41
CA TYR H 127 38.18 0.46 55.79
C TYR H 127 38.78 0.25 54.41
N VAL H 128 38.98 1.31 53.63
CA VAL H 128 39.37 1.14 52.24
C VAL H 128 40.84 0.75 52.10
N ASN H 129 41.73 1.34 52.90
CA ASN H 129 43.16 1.20 52.60
C ASN H 129 43.69 -0.19 52.94
N ASP H 130 43.19 -0.81 54.02
CA ASP H 130 43.68 -2.14 54.36
C ASP H 130 43.00 -3.23 53.52
N GLN H 131 41.71 -3.05 53.23
CA GLN H 131 40.96 -4.00 52.40
C GLN H 131 40.02 -3.21 51.50
N GLY H 132 40.40 -3.10 50.22
CA GLY H 132 39.68 -2.25 49.29
C GLY H 132 38.30 -2.77 48.96
N PHE H 133 37.71 -2.14 47.95
CA PHE H 133 36.38 -2.58 47.55
C PHE H 133 36.37 -3.88 46.76
N ALA H 134 37.50 -4.60 46.65
CA ALA H 134 37.57 -5.80 45.82
C ALA H 134 36.69 -6.92 46.35
N GLU H 135 36.56 -7.03 47.68
CA GLU H 135 35.85 -8.16 48.25
C GLU H 135 34.34 -8.02 48.12
N LEU H 136 33.83 -6.80 48.05
CA LEU H 136 32.43 -6.59 47.68
C LEU H 136 32.23 -6.49 46.18
N ALA H 137 33.26 -6.06 45.44
CA ALA H 137 33.13 -6.05 43.99
C ALA H 137 33.14 -7.44 43.39
N ARG H 138 33.75 -8.42 44.08
CA ARG H 138 33.60 -9.82 43.69
C ARG H 138 32.15 -10.26 43.72
N ARG H 139 31.43 -9.88 44.77
CA ARG H 139 30.05 -10.31 44.90
C ARG H 139 29.09 -9.47 44.08
N TYR H 140 29.50 -8.26 43.68
CA TYR H 140 28.76 -7.54 42.64
C TYR H 140 28.99 -8.16 41.26
N ALA H 141 30.24 -8.54 40.97
CA ALA H 141 30.57 -9.10 39.67
C ALA H 141 29.99 -10.50 39.48
N HIS H 142 29.79 -11.24 40.58
CA HIS H 142 29.11 -12.52 40.50
C HIS H 142 27.67 -12.34 40.04
N ASN H 143 26.93 -11.45 40.71
CA ASN H 143 25.53 -11.22 40.34
C ASN H 143 25.37 -10.54 38.99
N LEU H 144 26.44 -9.92 38.48
CA LEU H 144 26.46 -9.66 37.03
C LEU H 144 26.63 -10.96 36.26
N ALA H 145 27.55 -11.83 36.69
CA ALA H 145 27.96 -12.97 35.88
C ALA H 145 26.88 -14.05 35.83
N ASN H 146 26.28 -14.39 36.98
CA ASN H 146 25.08 -15.21 36.90
C ASN H 146 23.86 -14.30 36.82
N ALA H 147 22.99 -14.60 35.86
CA ALA H 147 22.02 -13.62 35.39
C ALA H 147 20.84 -13.46 36.34
N ARG H 148 21.10 -13.09 37.61
CA ARG H 148 20.05 -13.08 38.63
C ARG H 148 18.97 -12.05 38.32
N PHE H 149 19.31 -11.01 37.56
CA PHE H 149 18.34 -10.00 37.14
C PHE H 149 17.26 -10.55 36.22
N LEU H 150 17.51 -11.67 35.56
CA LEU H 150 16.44 -12.46 34.97
C LEU H 150 15.74 -13.18 36.12
N TRP H 151 14.65 -12.62 36.62
CA TRP H 151 14.11 -13.13 37.88
C TRP H 151 13.32 -14.43 37.69
N ARG H 152 12.19 -14.36 37.02
CA ARG H 152 11.47 -15.59 36.69
C ARG H 152 11.92 -16.13 35.34
N ASN H 153 12.68 -15.36 34.60
CA ASN H 153 13.11 -15.75 33.27
C ASN H 153 14.26 -16.75 33.30
N ARG H 154 14.92 -16.96 34.45
CA ARG H 154 15.89 -18.05 34.58
C ARG H 154 15.27 -19.36 34.98
N VAL H 155 14.10 -19.33 35.60
CA VAL H 155 13.48 -20.54 36.13
C VAL H 155 13.04 -21.40 34.96
N GLY H 156 13.73 -22.53 34.77
CA GLY H 156 13.45 -23.40 33.65
C GLY H 156 14.13 -23.03 32.36
N ALA H 157 15.02 -22.07 32.36
CA ALA H 157 15.83 -21.81 31.18
C ALA H 157 16.89 -22.88 31.03
N GLU H 158 17.21 -23.22 29.79
CA GLU H 158 18.12 -24.34 29.56
C GLU H 158 19.56 -23.89 29.37
N ALA H 159 19.77 -22.77 28.68
CA ALA H 159 21.11 -22.23 28.50
C ALA H 159 21.05 -20.73 28.68
N VAL H 160 21.89 -20.19 29.55
CA VAL H 160 21.96 -18.76 29.82
C VAL H 160 23.40 -18.31 29.54
N GLU H 161 23.53 -17.20 28.82
CA GLU H 161 24.83 -16.62 28.51
C GLU H 161 24.78 -15.13 28.77
N VAL H 162 25.80 -14.61 29.47
CA VAL H 162 25.86 -13.21 29.88
C VAL H 162 27.10 -12.57 29.29
N ARG H 163 26.92 -11.48 28.56
CA ARG H 163 28.02 -10.75 27.94
C ARG H 163 28.09 -9.37 28.55
N ILE H 164 29.30 -8.98 28.98
CA ILE H 164 29.55 -7.69 29.63
C ILE H 164 30.67 -7.01 28.87
N ASN H 165 30.46 -5.74 28.51
CA ASN H 165 31.46 -4.96 27.78
C ASN H 165 31.76 -3.69 28.56
N HIS H 166 33.03 -3.50 28.91
CA HIS H 166 33.47 -2.23 29.46
C HIS H 166 33.61 -1.22 28.33
N ILE H 167 32.86 -0.12 28.44
CA ILE H 167 32.88 0.95 27.45
C ILE H 167 33.41 2.20 28.13
N ARG H 168 34.43 2.81 27.54
CA ARG H 168 35.02 4.03 28.07
C ARG H 168 34.87 5.21 27.12
N GLN H 169 34.64 4.94 25.84
CA GLN H 169 34.61 5.91 24.75
C GLN H 169 33.42 5.57 23.87
N GLY H 170 33.48 5.95 22.60
CA GLY H 170 32.48 5.50 21.65
C GLY H 170 32.35 3.98 21.58
N GLU H 171 33.46 3.25 21.74
CA GLU H 171 33.40 1.80 21.57
C GLU H 171 34.01 1.00 22.72
N VAL H 172 34.16 -0.30 22.48
CA VAL H 172 34.46 -1.28 23.53
C VAL H 172 35.92 -1.15 23.97
N ALA H 173 36.16 -1.36 25.27
CA ALA H 173 37.51 -1.49 25.81
C ALA H 173 37.87 -2.91 26.23
N ARG H 174 36.92 -3.67 26.77
CA ARG H 174 37.19 -4.99 27.32
C ARG H 174 35.88 -5.78 27.34
N ALA H 175 35.96 -7.08 27.05
CA ALA H 175 34.78 -7.91 26.85
C ALA H 175 34.87 -9.20 27.64
N TRP H 176 33.78 -9.57 28.29
CA TRP H 176 33.69 -10.81 29.05
C TRP H 176 32.53 -11.66 28.54
N ARG H 177 32.72 -12.98 28.61
CA ARG H 177 31.71 -13.97 28.25
C ARG H 177 31.56 -14.95 29.39
N PHE H 178 30.32 -15.33 29.70
CA PHE H 178 30.06 -16.21 30.84
C PHE H 178 28.96 -17.20 30.51
N ASP H 179 29.00 -18.32 31.22
CA ASP H 179 27.92 -19.29 31.27
C ASP H 179 27.30 -19.13 32.66
N ALA H 180 26.13 -18.51 32.70
CA ALA H 180 25.52 -18.11 33.96
C ALA H 180 24.90 -19.27 34.73
N LEU H 181 24.63 -20.40 34.09
CA LEU H 181 24.09 -21.53 34.82
C LEU H 181 25.19 -22.33 35.50
N ALA H 182 26.43 -22.23 35.04
CA ALA H 182 27.54 -22.86 35.73
C ALA H 182 27.94 -22.12 36.99
N ILE H 183 27.52 -20.86 37.13
CA ILE H 183 27.78 -20.06 38.32
C ILE H 183 26.51 -20.06 39.17
N GLY H 184 26.61 -20.61 40.37
CA GLY H 184 25.45 -20.77 41.21
C GLY H 184 24.96 -19.45 41.79
N LEU H 185 23.75 -19.51 42.35
CA LEU H 185 23.17 -18.36 43.02
C LEU H 185 23.55 -18.26 44.49
N ARG H 186 24.36 -19.18 45.00
CA ARG H 186 24.63 -19.22 46.44
C ARG H 186 26.10 -19.22 46.80
N ASP H 187 27.01 -19.52 45.89
CA ASP H 187 28.38 -19.85 46.22
C ASP H 187 29.32 -18.91 45.47
N PHE H 188 29.93 -17.97 46.17
CA PHE H 188 30.81 -16.98 45.55
C PHE H 188 32.22 -17.57 45.42
N LYS H 189 32.33 -18.56 44.54
CA LYS H 189 33.60 -19.21 44.22
C LYS H 189 34.29 -18.38 43.15
N ALA H 190 35.26 -17.58 43.56
CA ALA H 190 35.92 -16.67 42.64
C ALA H 190 36.85 -17.43 41.69
N ASP H 191 37.04 -16.83 40.53
CA ASP H 191 37.88 -17.39 39.48
C ASP H 191 38.34 -16.25 38.59
N ALA H 192 39.43 -16.49 37.85
CA ALA H 192 40.12 -15.40 37.16
C ALA H 192 39.40 -14.92 35.92
N GLU H 193 38.28 -15.53 35.53
CA GLU H 193 37.47 -14.95 34.47
C GLU H 193 36.78 -13.68 34.92
N LEU H 194 36.45 -13.58 36.22
CA LEU H 194 35.74 -12.42 36.73
C LEU H 194 36.48 -11.71 37.87
N ASP H 195 37.67 -12.15 38.25
CA ASP H 195 38.46 -11.29 39.13
C ASP H 195 39.00 -10.09 38.37
N ALA H 196 39.21 -10.24 37.05
CA ALA H 196 39.51 -9.09 36.21
C ALA H 196 38.32 -8.16 36.04
N LEU H 197 37.10 -8.62 36.33
CA LEU H 197 35.93 -7.76 36.40
C LEU H 197 35.76 -7.15 37.78
N ALA H 198 36.11 -7.91 38.82
CA ALA H 198 36.00 -7.43 40.18
C ALA H 198 36.97 -6.30 40.46
N GLU H 199 38.19 -6.38 39.88
CA GLU H 199 39.13 -5.29 40.05
C GLU H 199 38.65 -4.01 39.37
N LEU H 200 37.92 -4.16 38.26
CA LEU H 200 37.41 -2.99 37.55
C LEU H 200 36.26 -2.34 38.31
N ILE H 201 35.37 -3.17 38.86
CA ILE H 201 34.26 -2.60 39.64
C ILE H 201 34.78 -1.99 40.93
N ALA H 202 35.84 -2.55 41.51
CA ALA H 202 36.43 -1.96 42.71
C ALA H 202 37.15 -0.65 42.40
N SER H 203 37.85 -0.58 41.27
CA SER H 203 38.50 0.66 40.88
C SER H 203 37.52 1.71 40.41
N GLY H 204 36.29 1.31 40.07
CA GLY H 204 35.25 2.30 39.87
C GLY H 204 34.58 2.75 41.15
N LEU H 205 34.44 1.85 42.13
CA LEU H 205 33.82 2.23 43.40
C LEU H 205 34.73 3.10 44.25
N SER H 206 36.04 3.09 43.99
CA SER H 206 36.94 3.96 44.74
C SER H 206 36.78 5.42 44.33
N GLY H 207 36.50 5.67 43.07
CA GLY H 207 36.47 7.02 42.53
C GLY H 207 37.63 7.33 41.61
N SER H 208 38.43 6.32 41.23
CA SER H 208 39.69 6.56 40.54
C SER H 208 39.54 6.57 39.03
N GLY H 209 39.07 5.48 38.43
CA GLY H 209 39.00 5.41 36.99
C GLY H 209 37.58 5.31 36.50
N HIS H 210 37.44 5.36 35.18
CA HIS H 210 36.13 5.33 34.55
C HIS H 210 35.59 3.91 34.51
N VAL H 211 34.26 3.79 34.61
CA VAL H 211 33.60 2.49 34.52
C VAL H 211 32.19 2.68 33.96
N LEU H 212 31.89 1.92 32.92
CA LEU H 212 30.58 1.93 32.28
C LEU H 212 30.40 0.58 31.60
N LEU H 213 29.52 -0.24 32.15
CA LEU H 213 29.32 -1.59 31.67
C LEU H 213 28.10 -1.65 30.77
N GLU H 214 28.11 -2.58 29.82
CA GLU H 214 26.95 -2.92 29.02
C GLU H 214 26.65 -4.40 29.22
N VAL H 215 25.52 -4.69 29.84
CA VAL H 215 25.18 -6.05 30.24
C VAL H 215 24.10 -6.57 29.31
N VAL H 216 24.38 -7.70 28.66
CA VAL H 216 23.42 -8.39 27.80
C VAL H 216 23.31 -9.81 28.31
N ALA H 217 22.08 -10.30 28.43
CA ALA H 217 21.83 -11.68 28.86
C ALA H 217 20.96 -12.40 27.86
N PHE H 218 21.40 -13.58 27.45
CA PHE H 218 20.64 -14.47 26.56
C PHE H 218 20.07 -15.62 27.37
N ALA H 219 18.84 -16.03 27.06
CA ALA H 219 18.21 -17.11 27.81
C ALA H 219 17.34 -17.91 26.85
N ARG H 220 17.83 -19.08 26.45
CA ARG H 220 17.03 -20.02 25.68
C ARG H 220 15.91 -20.58 26.55
N ILE H 221 14.66 -20.38 26.11
CA ILE H 221 13.50 -20.78 26.88
C ILE H 221 12.67 -21.80 26.11
N GLY H 222 12.20 -21.43 24.93
CA GLY H 222 11.33 -22.28 24.15
C GLY H 222 10.54 -21.48 23.16
N ASP H 223 10.02 -22.17 22.16
CA ASP H 223 9.34 -21.51 21.05
C ASP H 223 7.98 -20.98 21.48
N GLY H 224 7.81 -19.66 21.43
CA GLY H 224 6.53 -19.07 21.72
C GLY H 224 6.14 -19.05 23.17
N GLN H 225 7.10 -19.26 24.07
CA GLN H 225 6.81 -19.32 25.49
C GLN H 225 6.55 -17.93 26.06
N GLU H 226 6.12 -17.90 27.31
CA GLU H 226 5.73 -16.67 27.99
C GLU H 226 6.91 -16.15 28.80
N VAL H 227 7.36 -14.95 28.49
CA VAL H 227 8.39 -14.27 29.26
C VAL H 227 7.69 -13.32 30.22
N PHE H 228 8.40 -12.91 31.27
CA PHE H 228 7.80 -12.20 32.39
C PHE H 228 8.49 -10.86 32.58
N PRO H 229 8.00 -9.80 31.96
CA PRO H 229 8.50 -8.46 32.27
C PRO H 229 7.92 -8.00 33.61
N SER H 230 8.32 -6.81 34.01
CA SER H 230 7.98 -6.34 35.34
C SER H 230 6.56 -5.80 35.37
N GLN H 231 5.89 -6.02 36.50
CA GLN H 231 4.51 -5.59 36.71
C GLN H 231 4.52 -4.42 37.67
N GLU H 232 3.90 -3.32 37.27
CA GLU H 232 3.95 -2.13 38.10
C GLU H 232 2.78 -2.08 39.08
N LEU H 233 3.07 -1.60 40.29
CA LEU H 233 2.05 -1.43 41.30
C LEU H 233 1.13 -0.30 40.89
N ILE H 234 -0.15 -0.61 40.71
CA ILE H 234 -1.16 0.42 40.50
C ILE H 234 -2.16 0.29 41.61
N LEU H 235 -2.07 1.17 42.60
CA LEU H 235 -2.89 1.08 43.79
C LEU H 235 -4.24 1.73 43.51
N ASP H 236 -5.31 0.93 43.63
CA ASP H 236 -6.71 1.35 43.47
C ASP H 236 -6.97 1.95 42.08
N LYS H 237 -6.90 1.07 41.10
CA LYS H 237 -7.26 1.38 39.71
C LYS H 237 -8.51 0.61 39.34
N GLY H 238 -9.45 1.28 38.69
CA GLY H 238 -10.58 0.60 38.12
C GLY H 238 -11.66 0.25 39.12
N ASP H 239 -12.34 1.25 39.66
CA ASP H 239 -13.48 0.96 40.53
C ASP H 239 -14.69 0.45 39.76
N LYS H 240 -14.74 0.69 38.45
CA LYS H 240 -15.64 -0.06 37.59
C LYS H 240 -15.12 -1.50 37.47
N LYS H 241 -16.04 -2.46 37.39
CA LYS H 241 -15.61 -3.84 37.28
C LYS H 241 -15.18 -4.24 35.87
N GLY H 242 -15.34 -3.37 34.88
CA GLY H 242 -14.68 -3.58 33.60
C GLY H 242 -13.25 -3.07 33.64
N GLN H 243 -12.40 -3.73 34.45
CA GLN H 243 -11.10 -3.23 34.84
C GLN H 243 -9.99 -4.04 34.18
N LYS H 244 -8.75 -3.75 34.58
CA LYS H 244 -7.58 -4.46 34.11
C LYS H 244 -6.71 -4.83 35.31
N SER H 245 -6.60 -6.13 35.58
CA SER H 245 -5.96 -6.56 36.81
C SER H 245 -4.44 -6.46 36.72
N LYS H 246 -3.83 -7.13 35.75
CA LYS H 246 -2.38 -7.10 35.60
C LYS H 246 -1.99 -6.15 34.49
N THR H 247 -1.02 -5.27 34.77
CA THR H 247 -0.51 -4.32 33.80
C THR H 247 1.00 -4.42 33.76
N LEU H 248 1.56 -4.79 32.62
CA LEU H 248 2.99 -4.97 32.52
C LEU H 248 3.69 -3.69 32.11
N TYR H 249 4.98 -3.62 32.40
CA TYR H 249 5.76 -2.40 32.20
C TYR H 249 6.43 -2.41 30.84
N SER H 250 6.23 -1.33 30.09
CA SER H 250 6.81 -1.22 28.77
C SER H 250 7.52 0.13 28.64
N VAL H 251 8.79 0.07 28.22
CA VAL H 251 9.45 1.19 27.57
C VAL H 251 9.01 1.12 26.12
N ARG H 252 9.37 2.11 25.31
CA ARG H 252 8.77 2.37 24.00
C ARG H 252 8.82 1.18 23.04
N ASP H 253 7.64 0.57 22.85
CA ASP H 253 7.42 -0.60 21.98
C ASP H 253 8.31 -1.79 22.38
N ALA H 254 8.45 -2.03 23.68
CA ALA H 254 9.25 -3.15 24.16
C ALA H 254 8.81 -3.51 25.56
N ALA H 255 8.83 -4.81 25.87
CA ALA H 255 8.68 -5.21 27.26
C ALA H 255 9.95 -4.87 28.02
N ALA H 256 9.80 -4.62 29.32
CA ALA H 256 10.92 -4.07 30.08
C ALA H 256 10.83 -4.50 31.54
N ILE H 257 11.94 -4.35 32.23
CA ILE H 257 12.03 -4.58 33.67
C ILE H 257 12.46 -3.26 34.30
N HIS H 258 11.88 -2.94 35.47
CA HIS H 258 12.24 -1.72 36.17
C HIS H 258 13.71 -1.74 36.58
N SER H 259 14.26 -0.54 36.76
CA SER H 259 15.66 -0.42 37.13
C SER H 259 15.90 -0.83 38.57
N GLN H 260 14.95 -0.55 39.45
CA GLN H 260 15.13 -0.88 40.86
C GLN H 260 15.09 -2.38 41.09
N LYS H 261 14.39 -3.13 40.25
CA LYS H 261 14.44 -4.58 40.33
C LYS H 261 15.79 -5.14 39.91
N ILE H 262 16.42 -4.55 38.90
CA ILE H 262 17.74 -4.98 38.49
C ILE H 262 18.79 -4.63 39.55
N GLY H 263 18.63 -3.46 40.18
CA GLY H 263 19.52 -3.12 41.28
C GLY H 263 19.35 -4.01 42.48
N ASN H 264 18.08 -4.38 42.78
CA ASN H 264 17.78 -5.32 43.86
C ASN H 264 18.39 -6.69 43.58
N ALA H 265 18.44 -7.09 42.31
CA ALA H 265 19.13 -8.32 41.95
C ALA H 265 20.64 -8.18 42.14
N LEU H 266 21.19 -7.00 41.87
CA LEU H 266 22.64 -6.85 41.96
C LEU H 266 23.14 -6.76 43.40
N ARG H 267 22.34 -6.27 44.33
CA ARG H 267 22.81 -6.13 45.71
C ARG H 267 22.36 -7.27 46.62
N THR H 268 22.21 -8.48 46.09
CA THR H 268 22.02 -9.66 46.93
C THR H 268 23.41 -10.13 47.37
N ILE H 269 23.90 -9.56 48.46
CA ILE H 269 25.29 -9.72 48.88
C ILE H 269 25.32 -10.37 50.27
N ASP H 270 24.30 -10.10 51.06
CA ASP H 270 24.33 -10.37 52.49
C ASP H 270 24.18 -11.86 52.76
N THR H 271 25.26 -12.50 53.17
CA THR H 271 25.25 -13.88 53.64
C THR H 271 25.43 -13.96 55.15
N TRP H 272 25.67 -12.82 55.80
CA TRP H 272 26.18 -12.81 57.15
C TRP H 272 25.11 -12.63 58.21
N TYR H 273 23.84 -12.70 57.85
CA TYR H 273 22.76 -12.37 58.75
C TYR H 273 22.57 -13.45 59.82
N PRO H 274 22.27 -13.06 61.06
CA PRO H 274 22.41 -13.98 62.20
C PRO H 274 21.23 -14.88 62.50
N ASP H 275 20.18 -14.89 61.69
CA ASP H 275 19.05 -15.78 62.00
C ASP H 275 19.36 -17.21 61.57
N GLU H 276 19.57 -17.42 60.27
CA GLU H 276 19.94 -18.73 59.75
C GLU H 276 20.70 -18.51 58.44
N ASP H 277 22.03 -18.57 58.51
CA ASP H 277 22.85 -18.13 57.38
C ASP H 277 22.90 -19.12 56.23
N GLY H 278 22.35 -20.32 56.37
CA GLY H 278 22.49 -21.33 55.33
C GLY H 278 21.33 -21.40 54.35
N LEU H 279 20.76 -20.24 54.00
CA LEU H 279 19.58 -20.21 53.16
C LEU H 279 19.76 -19.35 51.91
N GLY H 280 20.96 -18.83 51.68
CA GLY H 280 21.22 -18.05 50.48
C GLY H 280 21.41 -16.58 50.79
N PRO H 281 22.11 -15.88 49.90
CA PRO H 281 22.29 -14.44 50.10
C PRO H 281 21.01 -13.66 49.85
N ILE H 282 20.75 -12.69 50.73
CA ILE H 282 19.60 -11.82 50.59
C ILE H 282 20.08 -10.43 50.20
N ALA H 283 19.13 -9.55 49.91
CA ALA H 283 19.44 -8.20 49.48
C ALA H 283 19.85 -7.35 50.68
N VAL H 284 20.76 -6.40 50.42
CA VAL H 284 21.27 -5.54 51.48
C VAL H 284 20.22 -4.52 51.86
N GLU H 285 19.80 -4.53 53.12
CA GLU H 285 18.78 -3.63 53.62
C GLU H 285 19.14 -3.21 55.04
N PRO H 286 18.73 -2.00 55.45
CA PRO H 286 18.64 -1.70 56.88
C PRO H 286 17.46 -2.45 57.48
N TYR H 287 17.67 -3.02 58.66
CA TYR H 287 16.84 -4.06 59.25
C TYR H 287 16.61 -5.18 58.24
N GLY H 288 17.71 -5.86 57.88
CA GLY H 288 17.85 -6.52 56.60
C GLY H 288 16.79 -7.56 56.24
N SER H 289 15.87 -7.14 55.38
CA SER H 289 14.59 -7.80 55.23
C SER H 289 14.41 -8.29 53.80
N VAL H 290 13.34 -9.06 53.61
CA VAL H 290 13.02 -9.67 52.33
C VAL H 290 11.51 -9.81 52.19
N THR H 291 10.95 -9.19 51.14
CA THR H 291 9.51 -9.01 51.04
C THR H 291 8.79 -10.27 50.58
N SER H 292 9.43 -11.12 49.79
CA SER H 292 8.82 -12.37 49.38
C SER H 292 8.73 -13.33 50.56
N GLN H 293 9.74 -13.33 51.42
CA GLN H 293 9.76 -14.19 52.59
C GLN H 293 8.83 -13.67 53.68
N GLY H 294 8.50 -12.37 53.65
CA GLY H 294 7.61 -11.79 54.63
C GLY H 294 8.20 -11.65 56.00
N LYS H 295 9.52 -11.51 56.10
CA LYS H 295 10.22 -11.65 57.37
C LYS H 295 11.46 -10.78 57.32
N ALA H 296 11.79 -10.15 58.44
CA ALA H 296 12.97 -9.30 58.56
C ALA H 296 14.05 -10.04 59.32
N TYR H 297 15.06 -10.51 58.61
CA TYR H 297 16.29 -10.94 59.26
C TYR H 297 17.01 -9.73 59.81
N ARG H 298 18.03 -10.00 60.65
CA ARG H 298 18.99 -8.99 61.11
C ARG H 298 18.29 -7.83 61.83
N GLN H 299 17.66 -8.18 62.94
CA GLN H 299 16.75 -7.56 63.90
C GLN H 299 17.56 -6.85 64.98
N PRO H 300 17.18 -5.63 65.40
CA PRO H 300 18.01 -4.86 66.35
C PRO H 300 18.05 -5.42 67.76
N LYS H 301 17.18 -6.39 68.12
CA LYS H 301 17.36 -7.09 69.39
C LYS H 301 18.60 -7.98 69.36
N GLN H 302 19.02 -8.39 68.18
CA GLN H 302 20.23 -9.19 67.97
C GLN H 302 21.16 -8.25 67.21
N LYS H 303 21.95 -7.49 67.97
CA LYS H 303 22.38 -6.14 67.59
C LYS H 303 23.36 -6.20 66.44
N LEU H 304 22.83 -6.42 65.24
CA LEU H 304 23.65 -6.50 64.04
C LEU H 304 23.03 -5.82 62.82
N ASP H 305 22.04 -4.95 63.01
CA ASP H 305 21.48 -4.19 61.89
C ASP H 305 22.39 -3.00 61.56
N PHE H 306 21.94 -2.10 60.70
CA PHE H 306 22.83 -1.05 60.20
C PHE H 306 22.97 0.13 61.15
N TYR H 307 21.90 0.51 61.87
CA TYR H 307 21.97 1.66 62.77
C TYR H 307 22.89 1.39 63.95
N THR H 308 22.73 0.21 64.57
CA THR H 308 23.54 -0.16 65.73
C THR H 308 25.03 -0.23 65.38
N LEU H 309 25.34 -0.94 64.29
CA LEU H 309 26.73 -1.11 63.90
C LEU H 309 27.36 0.18 63.44
N LEU H 310 26.60 1.03 62.73
CA LEU H 310 27.12 2.31 62.29
C LEU H 310 27.41 3.23 63.47
N ASP H 311 26.53 3.25 64.47
CA ASP H 311 26.75 4.09 65.63
C ASP H 311 27.88 3.57 66.51
N ASN H 312 28.00 2.26 66.67
CA ASN H 312 29.12 1.71 67.43
C ASN H 312 30.45 1.89 66.69
N TRP H 313 30.42 1.94 65.37
CA TRP H 313 31.65 1.98 64.61
C TRP H 313 32.07 3.38 64.21
N VAL H 314 31.22 4.38 64.41
CA VAL H 314 31.56 5.78 64.20
C VAL H 314 31.60 6.56 65.51
N LEU H 315 30.52 6.48 66.29
CA LEU H 315 30.44 7.33 67.47
C LEU H 315 31.24 6.79 68.64
N ARG H 316 31.26 5.48 68.82
CA ARG H 316 31.86 4.84 69.97
C ARG H 316 33.15 4.10 69.65
N ASP H 317 33.51 4.01 68.37
CA ASP H 317 34.69 3.33 67.82
C ASP H 317 34.72 1.83 68.13
N GLU H 318 33.62 1.26 68.61
CA GLU H 318 33.49 -0.17 68.80
C GLU H 318 33.38 -0.82 67.43
N ALA H 319 34.50 -1.32 66.94
CA ALA H 319 34.51 -1.90 65.60
C ALA H 319 33.83 -3.26 65.62
N PRO H 320 32.85 -3.50 64.76
CA PRO H 320 32.31 -4.86 64.64
C PRO H 320 33.26 -5.77 63.89
N ALA H 321 32.85 -7.01 63.67
CA ALA H 321 33.63 -7.93 62.86
C ALA H 321 33.68 -7.46 61.41
N VAL H 322 34.67 -7.95 60.68
CA VAL H 322 34.89 -7.58 59.29
C VAL H 322 33.69 -7.90 58.41
N GLU H 323 32.97 -8.98 58.74
CA GLU H 323 31.83 -9.40 57.93
C GLU H 323 30.64 -8.47 58.13
N GLN H 324 30.47 -7.96 59.34
CA GLN H 324 29.46 -6.93 59.53
C GLN H 324 29.90 -5.59 58.96
N GLN H 325 31.20 -5.36 58.84
CA GLN H 325 31.69 -4.13 58.24
C GLN H 325 31.43 -4.10 56.74
N HIS H 326 31.51 -5.26 56.08
CA HIS H 326 31.13 -5.33 54.66
C HIS H 326 29.66 -4.98 54.47
N TYR H 327 28.80 -5.40 55.40
CA TYR H 327 27.40 -5.02 55.37
C TYR H 327 27.20 -3.52 55.55
N VAL H 328 27.91 -2.93 56.51
CA VAL H 328 27.79 -1.49 56.79
C VAL H 328 28.25 -0.66 55.59
N ILE H 329 29.31 -1.10 54.92
CA ILE H 329 29.76 -0.39 53.72
C ILE H 329 28.81 -0.63 52.54
N ALA H 330 28.21 -1.82 52.47
CA ALA H 330 27.25 -2.11 51.40
C ALA H 330 26.01 -1.27 51.52
N ASN H 331 25.62 -0.90 52.73
CA ASN H 331 24.54 0.08 52.86
C ASN H 331 24.95 1.49 52.45
N LEU H 332 26.24 1.77 52.32
CA LEU H 332 26.67 3.06 51.82
C LEU H 332 26.80 3.07 50.32
N ILE H 333 27.13 1.92 49.72
CA ILE H 333 27.00 1.81 48.27
C ILE H 333 25.52 1.82 47.87
N ARG H 334 24.66 1.20 48.68
CA ARG H 334 23.22 1.22 48.41
C ARG H 334 22.63 2.62 48.59
N GLY H 335 23.01 3.32 49.64
CA GLY H 335 22.48 4.63 49.90
C GLY H 335 21.17 4.58 50.67
N GLY H 336 20.85 5.70 51.30
CA GLY H 336 19.62 5.76 52.07
C GLY H 336 19.34 7.16 52.54
N VAL H 337 18.34 7.27 53.41
CA VAL H 337 17.90 8.54 54.00
C VAL H 337 17.64 8.29 55.48
N PHE H 338 18.38 8.98 56.34
CA PHE H 338 18.43 8.71 57.77
C PHE H 338 18.05 9.99 58.52
N GLY H 339 17.83 9.85 59.82
CA GLY H 339 17.34 10.96 60.62
C GLY H 339 17.62 10.88 62.11
N GLU H 340 16.79 11.55 62.89
CA GLU H 340 16.93 11.65 64.34
C GLU H 340 15.75 10.99 65.04
N MET I 1 74.57 4.15 -52.48
CA MET I 1 73.65 5.10 -53.07
C MET I 1 74.10 5.54 -54.45
N ALA I 2 74.17 4.58 -55.39
CA ALA I 2 74.63 4.87 -56.74
C ALA I 2 73.50 5.25 -57.68
N MET I 3 72.31 4.73 -57.46
CA MET I 3 71.16 5.07 -58.30
C MET I 3 70.65 6.47 -57.95
N ASP I 4 69.98 7.09 -58.92
CA ASP I 4 69.44 8.43 -58.80
C ASP I 4 68.00 8.47 -59.30
N HIS I 5 67.18 7.55 -58.81
CA HIS I 5 65.79 7.41 -59.26
C HIS I 5 64.88 7.80 -58.10
N TYR I 6 64.59 9.09 -57.98
CA TYR I 6 63.65 9.61 -57.00
C TYR I 6 62.45 10.17 -57.75
N LEU I 7 61.30 9.52 -57.61
CA LEU I 7 60.08 9.89 -58.31
C LEU I 7 59.01 10.24 -57.29
N ASP I 8 58.77 11.54 -57.12
CA ASP I 8 57.82 12.02 -56.11
C ASP I 8 56.44 12.19 -56.71
N ILE I 9 55.42 12.00 -55.87
CA ILE I 9 54.03 12.07 -56.27
C ILE I 9 53.16 12.36 -55.06
N ARG I 10 51.93 12.79 -55.28
CA ARG I 10 51.03 13.18 -54.20
C ARG I 10 49.80 12.27 -54.17
N LEU I 11 48.85 12.65 -53.30
CA LEU I 11 47.62 11.91 -53.12
C LEU I 11 46.46 12.61 -53.80
N ARG I 12 45.31 11.95 -53.81
CA ARG I 12 44.08 12.49 -54.37
C ARG I 12 42.94 12.12 -53.43
N PRO I 13 41.92 12.97 -53.32
CA PRO I 13 40.83 12.69 -52.39
C PRO I 13 39.65 12.01 -53.06
N ASP I 14 39.06 11.05 -52.34
CA ASP I 14 37.92 10.30 -52.84
C ASP I 14 37.02 10.03 -51.65
N PRO I 15 35.72 9.87 -51.85
CA PRO I 15 34.82 9.64 -50.72
C PRO I 15 34.45 8.18 -50.52
N GLU I 16 34.80 7.32 -51.47
CA GLU I 16 34.39 5.92 -51.44
C GLU I 16 35.46 4.99 -50.91
N PHE I 17 36.39 5.49 -50.11
CA PHE I 17 37.43 4.64 -49.56
C PHE I 17 38.23 5.36 -48.48
N PRO I 18 38.49 4.69 -47.37
CA PRO I 18 39.39 5.24 -46.34
C PRO I 18 40.83 4.96 -46.69
N PRO I 19 41.77 5.23 -45.77
CA PRO I 19 43.18 4.90 -46.04
C PRO I 19 43.42 3.42 -46.26
N ALA I 20 42.76 2.55 -45.49
CA ALA I 20 42.84 1.12 -45.77
C ALA I 20 42.07 0.76 -47.06
N GLN I 21 41.02 1.52 -47.39
CA GLN I 21 40.17 1.23 -48.53
C GLN I 21 40.87 1.45 -49.87
N LEU I 22 41.99 2.18 -49.88
CA LEU I 22 42.89 2.22 -51.02
C LEU I 22 44.23 1.54 -50.73
N MET I 23 44.57 1.32 -49.46
CA MET I 23 45.83 0.67 -49.11
C MET I 23 45.81 -0.82 -49.43
N SER I 24 44.66 -1.47 -49.24
CA SER I 24 44.53 -2.87 -49.64
C SER I 24 44.55 -3.02 -51.16
N VAL I 25 44.00 -2.05 -51.88
CA VAL I 25 44.10 -2.05 -53.33
C VAL I 25 45.53 -1.77 -53.78
N LEU I 26 46.28 -0.99 -53.00
CA LEU I 26 47.69 -0.79 -53.30
C LEU I 26 48.49 -2.07 -53.07
N PHE I 27 48.16 -2.80 -52.00
CA PHE I 27 48.77 -4.11 -51.76
C PHE I 27 48.37 -5.14 -52.81
N GLY I 28 47.21 -4.97 -53.44
CA GLY I 28 46.81 -5.85 -54.52
C GLY I 28 47.41 -5.49 -55.87
N LYS I 29 47.62 -4.20 -56.11
CA LYS I 29 48.11 -3.71 -57.40
C LYS I 29 49.57 -3.27 -57.37
N LEU I 30 50.32 -3.61 -56.33
CA LEU I 30 51.76 -3.40 -56.33
C LEU I 30 52.56 -4.69 -56.28
N HIS I 31 52.10 -5.70 -55.54
CA HIS I 31 52.87 -6.92 -55.36
C HIS I 31 52.92 -7.78 -56.62
N GLN I 32 51.78 -7.94 -57.30
CA GLN I 32 51.73 -8.67 -58.55
C GLN I 32 52.49 -7.97 -59.67
N ALA I 33 52.49 -6.64 -59.70
CA ALA I 33 53.33 -5.91 -60.65
C ALA I 33 54.80 -6.02 -60.28
N LEU I 34 55.10 -6.22 -59.00
CA LEU I 34 56.46 -6.49 -58.55
C LEU I 34 56.78 -7.97 -58.49
N VAL I 35 55.87 -8.85 -58.91
CA VAL I 35 56.10 -10.29 -58.90
C VAL I 35 55.88 -10.87 -60.28
N ALA I 36 54.64 -10.75 -60.79
CA ALA I 36 54.35 -11.25 -62.14
C ALA I 36 54.95 -10.34 -63.20
N GLN I 37 55.01 -9.04 -62.93
CA GLN I 37 55.81 -8.14 -63.74
C GLN I 37 57.27 -8.14 -63.28
N GLY I 38 57.50 -7.75 -62.03
CA GLY I 38 58.81 -7.88 -61.41
C GLY I 38 59.79 -6.77 -61.72
N GLY I 39 61.07 -7.07 -61.55
CA GLY I 39 62.13 -6.10 -61.75
C GLY I 39 62.93 -5.82 -60.50
N ASP I 40 64.16 -6.34 -60.44
CA ASP I 40 65.01 -6.10 -59.29
C ASP I 40 65.54 -4.68 -59.27
N ARG I 41 65.60 -4.02 -60.42
CA ARG I 41 65.92 -2.60 -60.49
C ARG I 41 64.67 -1.73 -60.41
N ILE I 42 63.85 -2.01 -59.39
CA ILE I 42 62.63 -1.27 -59.10
C ILE I 42 62.13 -1.68 -57.72
N GLY I 43 61.59 -0.72 -56.98
CA GLY I 43 61.07 -1.01 -55.65
C GLY I 43 60.44 0.20 -54.99
N VAL I 44 60.52 0.28 -53.66
CA VAL I 44 59.99 1.41 -52.92
C VAL I 44 60.76 1.59 -51.62
N SER I 45 60.53 2.71 -50.94
CA SER I 45 61.15 2.98 -49.65
C SER I 45 60.09 3.45 -48.65
N PHE I 46 60.52 3.89 -47.48
CA PHE I 46 59.60 4.39 -46.44
C PHE I 46 60.33 5.42 -45.59
N PRO I 47 60.62 6.59 -46.14
CA PRO I 47 61.38 7.61 -45.41
C PRO I 47 60.55 8.69 -44.73
N ASP I 48 59.22 8.58 -44.69
CA ASP I 48 58.39 9.63 -44.12
C ASP I 48 57.33 9.09 -43.17
N LEU I 49 57.73 8.23 -42.24
CA LEU I 49 56.82 7.63 -41.29
C LEU I 49 57.14 8.07 -39.87
N ASP I 50 56.36 7.56 -38.92
CA ASP I 50 56.54 7.83 -37.50
C ASP I 50 56.02 6.65 -36.71
N GLU I 51 56.49 6.54 -35.46
CA GLU I 51 56.09 5.40 -34.62
C GLU I 51 54.70 5.60 -34.01
N SER I 52 54.52 6.62 -33.18
CA SER I 52 53.24 6.89 -32.55
C SER I 52 52.19 7.46 -33.49
N ARG I 53 52.57 8.33 -34.42
CA ARG I 53 51.63 8.91 -35.37
C ARG I 53 51.11 7.89 -36.37
N SER I 54 51.90 6.88 -36.71
CA SER I 54 51.47 5.79 -37.60
C SER I 54 51.34 6.23 -39.05
N ARG I 55 52.25 7.10 -39.49
CA ARG I 55 52.28 7.57 -40.87
C ARG I 55 52.72 6.43 -41.77
N LEU I 56 51.81 5.92 -42.59
CA LEU I 56 52.09 4.82 -43.50
C LEU I 56 52.30 5.29 -44.94
N GLY I 57 51.54 6.30 -45.38
CA GLY I 57 51.73 6.88 -46.69
C GLY I 57 51.44 8.37 -46.71
N GLU I 58 52.42 9.16 -47.13
CA GLU I 58 52.27 10.60 -47.17
C GLU I 58 52.86 11.27 -48.41
N ARG I 59 53.46 10.53 -49.34
CA ARG I 59 54.04 11.11 -50.54
C ARG I 59 54.63 10.03 -51.43
N LEU I 60 54.95 10.38 -52.67
CA LEU I 60 55.58 9.44 -53.59
C LEU I 60 57.05 9.31 -53.25
N ARG I 61 57.49 8.06 -53.04
CA ARG I 61 58.89 7.74 -52.72
C ARG I 61 59.18 6.36 -53.31
N ILE I 62 59.81 6.34 -54.47
CA ILE I 62 60.11 5.10 -55.17
C ILE I 62 61.60 5.04 -55.48
N HIS I 63 62.04 3.86 -55.92
CA HIS I 63 63.44 3.62 -56.27
C HIS I 63 63.47 2.91 -57.61
N ALA I 64 63.86 3.64 -58.66
CA ALA I 64 63.89 3.11 -60.02
C ALA I 64 65.15 3.62 -60.70
N SER I 65 65.21 3.46 -62.02
CA SER I 65 66.37 3.86 -62.80
C SER I 65 65.90 4.30 -64.18
N ALA I 66 66.86 4.42 -65.11
CA ALA I 66 66.56 4.90 -66.45
C ALA I 66 65.90 3.84 -67.33
N ASP I 67 66.03 2.58 -66.99
CA ASP I 67 65.42 1.51 -67.78
C ASP I 67 64.56 0.56 -66.97
N ASP I 68 64.97 0.24 -65.73
CA ASP I 68 64.20 -0.70 -64.91
C ASP I 68 62.95 -0.06 -64.36
N LEU I 69 63.06 1.13 -63.78
CA LEU I 69 61.92 1.89 -63.30
C LEU I 69 61.49 2.97 -64.28
N ARG I 70 61.94 2.90 -65.53
CA ARG I 70 61.57 3.88 -66.54
C ARG I 70 60.19 3.64 -67.11
N ALA I 71 59.56 2.51 -66.80
CA ALA I 71 58.18 2.24 -67.20
C ALA I 71 57.19 2.63 -66.12
N LEU I 72 57.59 3.50 -65.19
CA LEU I 72 56.72 4.01 -64.13
C LEU I 72 56.06 5.34 -64.50
N LEU I 73 56.19 5.77 -65.75
CA LEU I 73 55.52 6.96 -66.25
C LEU I 73 54.66 6.71 -67.47
N ALA I 74 54.66 5.49 -68.00
CA ALA I 74 53.82 5.09 -69.13
C ALA I 74 53.25 3.71 -68.88
N ARG I 75 52.76 3.49 -67.65
CA ARG I 75 52.28 2.19 -67.22
C ARG I 75 50.77 2.22 -67.07
N PRO I 76 50.03 1.41 -67.84
CA PRO I 76 48.57 1.35 -67.65
C PRO I 76 48.15 0.27 -66.67
N TRP I 77 49.11 -0.28 -65.92
CA TRP I 77 48.79 -1.26 -64.89
C TRP I 77 48.26 -0.61 -63.62
N LEU I 78 48.62 0.65 -63.38
CA LEU I 78 48.17 1.40 -62.22
C LEU I 78 47.08 2.40 -62.58
N GLU I 79 46.19 2.04 -63.49
CA GLU I 79 45.13 2.92 -63.98
C GLU I 79 43.83 2.59 -63.25
N GLY I 80 43.22 3.60 -62.65
CA GLY I 80 41.99 3.41 -61.90
C GLY I 80 41.93 4.29 -60.67
N LEU I 81 43.11 4.65 -60.15
CA LEU I 81 43.25 5.55 -59.01
C LEU I 81 43.30 7.02 -59.42
N ARG I 82 42.73 7.36 -60.56
CA ARG I 82 42.59 8.74 -61.01
C ARG I 82 41.49 9.50 -60.30
N ASP I 83 40.74 8.83 -59.42
CA ASP I 83 39.89 9.48 -58.44
C ASP I 83 40.51 9.51 -57.06
N HIS I 84 41.70 8.93 -56.87
CA HIS I 84 42.29 8.91 -55.54
C HIS I 84 43.81 9.04 -55.47
N LEU I 85 44.54 9.25 -56.56
CA LEU I 85 45.99 9.31 -56.47
C LEU I 85 46.60 9.72 -57.80
N GLN I 86 47.92 9.82 -57.83
CA GLN I 86 48.70 10.19 -59.02
C GLN I 86 50.13 9.69 -58.83
N PHE I 87 51.03 10.11 -59.73
CA PHE I 87 52.41 9.64 -59.70
C PHE I 87 53.31 10.67 -60.38
N GLY I 88 54.61 10.37 -60.38
CA GLY I 88 55.60 11.27 -60.96
C GLY I 88 56.65 10.58 -61.82
N GLU I 89 57.84 11.17 -61.91
CA GLU I 89 58.92 10.66 -62.75
C GLU I 89 60.23 10.91 -62.04
N PRO I 90 61.29 10.19 -62.41
CA PRO I 90 62.56 10.29 -61.69
C PRO I 90 63.33 11.56 -62.02
N ALA I 91 64.11 12.02 -61.03
CA ALA I 91 64.85 13.27 -61.13
C ALA I 91 66.31 13.03 -60.75
N VAL I 92 67.15 14.01 -61.09
CA VAL I 92 68.59 13.89 -60.94
C VAL I 92 68.96 14.06 -59.48
N VAL I 93 69.42 12.98 -58.84
CA VAL I 93 69.79 13.00 -57.43
C VAL I 93 71.18 13.61 -57.27
N PRO I 94 71.50 14.18 -56.11
CA PRO I 94 72.83 14.75 -55.90
C PRO I 94 73.83 13.75 -55.38
N HIS I 95 75.05 14.20 -55.05
CA HIS I 95 76.06 13.30 -54.51
C HIS I 95 75.74 12.82 -53.11
N PRO I 96 75.69 13.67 -52.09
CA PRO I 96 75.39 13.18 -50.73
C PRO I 96 73.90 13.02 -50.47
N THR I 97 73.45 11.77 -50.38
CA THR I 97 72.04 11.43 -50.17
C THR I 97 71.94 10.47 -49.00
N PRO I 98 70.76 10.38 -48.38
CA PRO I 98 70.60 9.48 -47.23
C PRO I 98 70.13 8.09 -47.62
N TYR I 99 69.89 7.25 -46.62
CA TYR I 99 69.37 5.90 -46.87
C TYR I 99 68.72 5.42 -45.58
N ARG I 100 67.39 5.28 -45.62
CA ARG I 100 66.62 4.93 -44.43
C ARG I 100 66.51 3.42 -44.28
N GLN I 101 66.12 2.97 -43.09
CA GLN I 101 65.99 1.55 -42.79
C GLN I 101 64.51 1.18 -42.78
N VAL I 102 64.16 0.10 -43.46
CA VAL I 102 62.78 -0.37 -43.52
C VAL I 102 62.79 -1.88 -43.60
N SER I 103 61.61 -2.49 -43.58
CA SER I 103 61.48 -3.93 -43.77
C SER I 103 60.03 -4.31 -44.03
N ARG I 104 59.78 -4.99 -45.16
CA ARG I 104 58.47 -5.54 -45.47
C ARG I 104 58.46 -7.00 -45.06
N VAL I 105 58.58 -7.23 -43.75
CA VAL I 105 58.76 -8.56 -43.21
C VAL I 105 57.45 -9.03 -42.58
N GLN I 106 57.41 -10.31 -42.21
CA GLN I 106 56.23 -10.93 -41.62
C GLN I 106 56.49 -11.13 -40.12
N ALA I 107 55.70 -10.45 -39.30
CA ALA I 107 55.77 -10.61 -37.85
C ALA I 107 54.68 -11.59 -37.41
N LYS I 108 55.02 -12.44 -36.44
CA LYS I 108 54.13 -13.49 -35.97
C LYS I 108 53.85 -13.28 -34.49
N SER I 109 52.58 -13.45 -34.11
CA SER I 109 52.12 -13.23 -32.74
C SER I 109 51.20 -14.35 -32.30
N ASN I 110 51.61 -15.60 -32.54
CA ASN I 110 50.79 -16.75 -32.22
C ASN I 110 51.12 -17.23 -30.81
N PRO I 111 50.19 -17.11 -29.85
CA PRO I 111 50.43 -17.70 -28.52
C PRO I 111 50.02 -19.16 -28.49
N GLU I 112 49.13 -19.53 -29.42
CA GLU I 112 48.75 -20.93 -29.64
C GLU I 112 49.38 -21.50 -30.89
N ARG I 113 50.42 -20.86 -31.42
CA ARG I 113 51.13 -21.41 -32.57
C ARG I 113 51.91 -22.66 -32.20
N LEU I 114 52.33 -22.79 -30.94
CA LEU I 114 52.92 -24.02 -30.46
C LEU I 114 51.92 -25.18 -30.48
N ARG I 115 50.64 -24.89 -30.18
CA ARG I 115 49.62 -25.93 -30.21
C ARG I 115 49.30 -26.36 -31.63
N ARG I 116 49.20 -25.40 -32.56
CA ARG I 116 48.96 -25.74 -33.96
C ARG I 116 50.19 -26.32 -34.64
N ARG I 117 51.38 -26.14 -34.06
CA ARG I 117 52.56 -26.83 -34.55
C ARG I 117 52.67 -28.23 -33.98
N LEU I 118 52.33 -28.40 -32.71
CA LEU I 118 52.36 -29.70 -32.04
C LEU I 118 51.22 -30.61 -32.46
N MET I 119 50.17 -30.06 -33.07
CA MET I 119 49.11 -30.90 -33.63
C MET I 119 49.59 -31.77 -34.78
N ARG I 120 50.63 -31.34 -35.50
CA ARG I 120 51.27 -32.15 -36.53
C ARG I 120 52.71 -32.53 -36.21
N ARG I 121 53.25 -32.04 -35.09
CA ARG I 121 54.63 -32.34 -34.73
C ARG I 121 54.80 -32.97 -33.36
N HIS I 122 53.86 -32.78 -32.43
CA HIS I 122 54.05 -33.26 -31.07
C HIS I 122 52.91 -34.10 -30.54
N ASP I 123 51.67 -33.79 -30.93
CA ASP I 123 50.47 -34.41 -30.39
C ASP I 123 50.01 -33.80 -29.08
N LEU I 124 50.69 -32.77 -28.60
CA LEU I 124 50.28 -32.08 -27.38
C LEU I 124 49.09 -31.18 -27.68
N SER I 125 47.93 -31.54 -27.16
CA SER I 125 46.68 -30.83 -27.44
C SER I 125 46.55 -29.61 -26.55
N GLU I 126 45.35 -29.00 -26.59
CA GLU I 126 45.10 -27.76 -25.84
C GLU I 126 44.76 -28.03 -24.37
N GLU I 127 44.61 -29.30 -23.98
CA GLU I 127 44.35 -29.62 -22.58
C GLU I 127 45.58 -29.39 -21.72
N GLU I 128 46.68 -30.10 -22.02
CA GLU I 128 47.92 -29.96 -21.28
C GLU I 128 48.93 -29.05 -21.97
N ALA I 129 48.49 -28.23 -22.93
CA ALA I 129 49.41 -27.44 -23.74
C ALA I 129 49.83 -26.13 -23.10
N ARG I 130 49.50 -25.91 -21.83
CA ARG I 130 49.84 -24.67 -21.13
C ARG I 130 50.98 -24.83 -20.13
N LYS I 131 51.86 -25.81 -20.33
CA LYS I 131 52.95 -26.06 -19.40
C LYS I 131 54.19 -25.22 -19.70
N ARG I 132 54.66 -25.23 -20.95
CA ARG I 132 55.84 -24.46 -21.34
C ARG I 132 55.75 -23.78 -22.69
N ILE I 133 54.57 -23.69 -23.29
CA ILE I 133 54.40 -23.06 -24.59
C ILE I 133 54.49 -21.55 -24.44
N PRO I 134 54.74 -20.80 -25.51
CA PRO I 134 54.84 -19.34 -25.40
C PRO I 134 53.45 -18.72 -25.24
N ASP I 135 53.15 -18.27 -24.02
CA ASP I 135 51.84 -17.69 -23.74
C ASP I 135 51.75 -16.22 -24.09
N THR I 136 52.87 -15.49 -24.04
CA THR I 136 52.87 -14.06 -24.35
C THR I 136 54.09 -13.63 -25.16
N VAL I 137 54.94 -14.58 -25.58
CA VAL I 137 56.13 -14.22 -26.36
C VAL I 137 55.75 -13.80 -27.77
N ALA I 138 54.65 -14.35 -28.29
CA ALA I 138 54.14 -13.95 -29.60
C ALA I 138 53.47 -12.59 -29.50
N ARG I 139 54.27 -11.52 -29.49
CA ARG I 139 53.75 -10.17 -29.38
C ARG I 139 53.25 -9.68 -30.73
N ALA I 140 52.56 -8.55 -30.71
CA ALA I 140 52.01 -7.95 -31.91
C ALA I 140 52.87 -6.77 -32.33
N LEU I 141 53.00 -6.59 -33.65
CA LEU I 141 53.76 -5.48 -34.22
C LEU I 141 52.76 -4.40 -34.66
N ASP I 142 52.39 -3.55 -33.70
CA ASP I 142 51.42 -2.49 -33.96
C ASP I 142 52.05 -1.41 -34.82
N LEU I 143 51.39 -1.11 -35.94
CA LEU I 143 51.88 -0.10 -36.88
C LEU I 143 50.76 0.24 -37.85
N PRO I 144 50.83 1.37 -38.54
CA PRO I 144 49.74 1.77 -39.44
C PRO I 144 49.90 1.24 -40.85
N PHE I 145 48.89 0.54 -41.34
CA PHE I 145 48.94 -0.05 -42.68
C PHE I 145 47.51 -0.14 -43.21
N VAL I 146 47.32 -0.95 -44.25
CA VAL I 146 46.01 -1.16 -44.84
C VAL I 146 45.40 -2.42 -44.26
N THR I 147 44.10 -2.59 -44.46
CA THR I 147 43.34 -3.70 -43.88
C THR I 147 42.99 -4.69 -44.99
N LEU I 148 43.93 -5.58 -45.28
CA LEU I 148 43.77 -6.59 -46.32
C LEU I 148 42.94 -7.74 -45.75
N ARG I 149 41.70 -7.86 -46.22
CA ARG I 149 40.76 -8.88 -45.77
C ARG I 149 40.87 -10.08 -46.70
N SER I 150 41.56 -11.11 -46.24
CA SER I 150 41.69 -12.37 -46.97
C SER I 150 40.44 -13.22 -46.75
N GLN I 151 40.50 -14.51 -47.14
CA GLN I 151 39.36 -15.40 -46.99
C GLN I 151 39.02 -15.74 -45.54
N SER I 152 39.86 -15.35 -44.57
CA SER I 152 39.55 -15.62 -43.17
C SER I 152 38.42 -14.74 -42.66
N THR I 153 38.28 -13.52 -43.19
CA THR I 153 37.19 -12.65 -42.77
C THR I 153 37.28 -11.35 -43.55
N GLY I 154 36.24 -10.54 -43.43
CA GLY I 154 36.19 -9.25 -44.07
C GLY I 154 36.73 -8.09 -43.27
N GLN I 155 37.16 -8.31 -42.03
CA GLN I 155 37.68 -7.25 -41.18
C GLN I 155 39.05 -6.80 -41.66
N HIS I 156 39.47 -5.64 -41.18
CA HIS I 156 40.72 -5.00 -41.61
C HIS I 156 41.86 -5.46 -40.71
N PHE I 157 42.76 -6.27 -41.26
CA PHE I 157 43.89 -6.79 -40.51
C PHE I 157 45.04 -5.79 -40.50
N ARG I 158 45.74 -5.74 -39.38
CA ARG I 158 46.81 -4.77 -39.19
C ARG I 158 48.04 -5.17 -40.01
N LEU I 159 48.74 -4.15 -40.51
CA LEU I 159 49.91 -4.35 -41.37
C LEU I 159 51.15 -4.14 -40.52
N PHE I 160 51.70 -5.23 -40.00
CA PHE I 160 52.89 -5.17 -39.17
C PHE I 160 54.11 -4.88 -40.05
N ILE I 161 55.02 -4.06 -39.52
CA ILE I 161 56.25 -3.71 -40.23
C ILE I 161 57.22 -3.06 -39.26
N ARG I 162 58.51 -3.33 -39.43
CA ARG I 162 59.55 -2.78 -38.58
C ARG I 162 60.33 -1.72 -39.34
N HIS I 163 60.60 -0.60 -38.67
CA HIS I 163 61.40 0.48 -39.23
C HIS I 163 62.88 0.20 -38.96
N GLY I 164 63.74 1.18 -39.28
CA GLY I 164 65.17 1.00 -39.13
C GLY I 164 65.92 2.28 -38.84
N PRO I 165 67.24 2.17 -38.67
CA PRO I 165 68.06 3.34 -38.38
C PRO I 165 68.42 4.15 -39.62
N LEU I 166 69.28 5.15 -39.46
CA LEU I 166 69.71 6.00 -40.56
C LEU I 166 71.24 6.02 -40.60
N GLN I 167 71.80 5.54 -41.69
CA GLN I 167 73.25 5.50 -41.88
C GLN I 167 73.64 6.38 -43.05
N VAL I 168 74.84 6.96 -42.96
CA VAL I 168 75.34 7.80 -44.05
C VAL I 168 75.79 6.95 -45.24
N THR I 169 76.32 5.77 -44.99
CA THR I 169 76.74 4.88 -46.07
C THR I 169 75.52 4.24 -46.72
N ALA I 170 75.72 3.74 -47.94
CA ALA I 170 74.66 3.14 -48.72
C ALA I 170 75.03 1.72 -49.13
N GLU I 171 74.10 1.06 -49.82
CA GLU I 171 74.29 -0.30 -50.32
C GLU I 171 73.37 -0.49 -51.51
N GLU I 172 73.96 -0.47 -52.71
CA GLU I 172 73.20 -0.65 -53.95
C GLU I 172 73.08 -2.14 -54.28
N GLY I 173 71.97 -2.49 -54.93
CA GLY I 173 71.74 -3.88 -55.29
C GLY I 173 70.28 -4.27 -55.30
N GLY I 174 69.95 -5.36 -54.61
CA GLY I 174 68.60 -5.88 -54.61
C GLY I 174 68.06 -6.09 -53.22
N PHE I 175 66.76 -5.87 -53.08
CA PHE I 175 66.02 -6.03 -51.83
C PHE I 175 64.94 -7.10 -52.02
N THR I 176 64.06 -7.21 -51.03
CA THR I 176 62.95 -8.15 -51.11
C THR I 176 61.92 -7.65 -52.14
N CYS I 177 60.92 -8.50 -52.39
CA CYS I 177 59.91 -8.18 -53.40
C CYS I 177 59.01 -7.03 -52.96
N TYR I 178 58.84 -6.83 -51.66
CA TYR I 178 58.03 -5.74 -51.14
C TYR I 178 58.78 -4.41 -51.06
N GLY I 179 60.09 -4.42 -51.33
CA GLY I 179 60.89 -3.21 -51.26
C GLY I 179 61.54 -2.96 -49.92
N LEU I 180 61.14 -3.69 -48.88
CA LEU I 180 61.76 -3.56 -47.58
C LEU I 180 63.14 -4.19 -47.60
N SER I 181 64.05 -3.62 -46.80
CA SER I 181 65.45 -4.02 -46.82
C SER I 181 65.63 -5.35 -46.12
N LYS I 182 65.83 -6.42 -46.91
CA LYS I 182 66.18 -7.73 -46.40
C LYS I 182 67.69 -7.96 -46.42
N GLY I 183 68.46 -6.88 -46.32
CA GLY I 183 69.90 -6.93 -46.39
C GLY I 183 70.46 -5.70 -47.08
N GLY I 184 69.63 -5.00 -47.84
CA GLY I 184 70.03 -3.79 -48.54
C GLY I 184 69.51 -2.56 -47.85
N PHE I 185 70.36 -1.53 -47.78
CA PHE I 185 69.98 -0.24 -47.20
C PHE I 185 68.96 0.42 -48.11
N VAL I 186 67.73 0.56 -47.63
CA VAL I 186 66.61 1.07 -48.41
C VAL I 186 66.74 2.57 -48.61
N PRO I 187 65.95 3.18 -49.48
CA PRO I 187 66.08 4.62 -49.73
C PRO I 187 65.14 5.43 -48.85
N TRP I 188 65.65 6.59 -48.40
CA TRP I 188 64.85 7.52 -47.62
C TRP I 188 65.34 8.93 -47.97
N PHE I 189 64.69 9.56 -48.93
CA PHE I 189 65.07 10.89 -49.37
C PHE I 189 64.34 11.98 -48.59
#